data_7TCN
#
_entry.id   7TCN
#
_cell.length_a   1.00
_cell.length_b   1.00
_cell.length_c   1.00
_cell.angle_alpha   90.00
_cell.angle_beta   90.00
_cell.angle_gamma   90.00
#
_symmetry.space_group_name_H-M   'P 1'
#
loop_
_entity.id
_entity.type
_entity.pdbx_description
1 polymer 'Envelope glycoprotein gp160'
2 polymer 'Glycoprotein 41'
3 polymer 'CH235.12 Fab Heavy Chain'
4 polymer 'CH235.12 Fab Light Chain'
5 branched beta-D-mannopyranose-(1-4)-2-acetamido-2-deoxy-beta-D-glucopyranose-(1-4)-2-acetamido-2-deoxy-beta-D-glucopyranose
6 branched alpha-D-mannopyranose-(1-3)-beta-D-mannopyranose-(1-4)-2-acetamido-2-deoxy-beta-D-glucopyranose-(1-4)-2-acetamido-2-deoxy-beta-D-glucopyranose
7 branched 2-acetamido-2-deoxy-beta-D-glucopyranose-(1-4)-2-acetamido-2-deoxy-beta-D-glucopyranose
8 non-polymer 2-acetamido-2-deoxy-beta-D-glucopyranose
9 non-polymer alpha-D-mannopyranose
#
loop_
_entity_poly.entity_id
_entity_poly.type
_entity_poly.pdbx_seq_one_letter_code
_entity_poly.pdbx_strand_id
1 'polypeptide(L)'
;MPMGSLQPLATLYLLGMLVASVLAAENLWVTVYYGVPVWKEAKTTLFCASDAKAYEKKVHNVWATHACVPTDPNPQEMVL
KNVTENFNMWKNDMVDQMHEDVISLWDQSLKPCVKLTPLCVTLNCTNATASNSSIIEGMKNCSFNITTELRDKREKKNAL
FYKLDIVQLDGNSSQYRLINCNTSVITQACPKVSFDPIPIHYCAPAGYAILKCNNKTFTGTGPCNNVSTVQCTHGIKPVV
STQLLLNGSLAEGEIIIRSENITKNVKTIIVHLNESVKIECTRPNNKTRTSIRIGPGQWFYATGQVIGDIREAYCNINES
KWNETLQRVSKKLKEYFPHKNITFQPSSGGDLEITTHSFNCGGEFFYCNTSSLFNRTYMANSTDMANSTETNSTRTITIH
CRIKQIINMWQEVGRAMYAPPIAGNITCISNITGLLLTRDGGKNNTETFRPGGGNMKDNWRSELYKYKVVKIEPLGVAPT
RCKRRV
;
A,E,I
2 'polypeptide(L)'
;GRRRRRRAVGIGAVFLGFLGAAGSTMGAASMTLTVQARNLLSGIVQQQSNLLRAPEAQQHLLKLTVWGIKQLQARVLAVE
RYLRDQQLLGIWGCSGKLICCTNVPWNSSWSNRNLSEIWDNMTWLQWDKEISNYTQIIYGLLEESQNQQEKNEQDLLALD
;
B,F,J
3 'polypeptide(L)'
;QVRLAQYGGGVKRLGATMTLSCVASGYTFNDYYIHWVRQAPGQGFELLGYIDPANGRPDYAGALRERLSFYRDKSMETLY
MDLRSLRYDDTAMYYCVRNVGTAGSLLHYDHWGSGSPVIVSSASTKGPSVFPLAPSSKSTSGGTAALGCLVKDYFPEPVT
VSWNSGALTSGVHTFPAVLQSSGLYSLSSVVTVPSSSLGTQTYICNVNHKPSNTKVDKRVEPKSC
;
C,G,K
4 'polypeptide(L)'
;EIVLTQSPATLSASPGERVTLTCRASRSVRNNVAWYQHKGGQSPRLLIYDASTRAAGVPARFSGSASGTEFTLAISNLES
EDFTVYFCLQYNNWWTFGQGTRVDIKRTVAAPSVFIFPPSDEQLKSGTASVVCLLNNFYPREAKVQWKVDNALQSGNSQE
SVTEQDSKDSTYSLSSTLTLSKADYEKHKVYACEVTHQGLSSPVTKSFNRGEC
;
D,H,L
#
loop_
_chem_comp.id
_chem_comp.type
_chem_comp.name
_chem_comp.formula
BMA D-saccharide, beta linking beta-D-mannopyranose 'C6 H12 O6'
MAN D-saccharide, alpha linking alpha-D-mannopyranose 'C6 H12 O6'
NAG D-saccharide, beta linking 2-acetamido-2-deoxy-beta-D-glucopyranose 'C8 H15 N O6'
#
# COMPACT_ATOMS: atom_id res chain seq x y z
N GLU A 26 -38.88 -49.22 -12.85
CA GLU A 26 -38.60 -48.90 -14.28
C GLU A 26 -39.28 -47.60 -14.70
N ASN A 27 -38.87 -47.05 -15.84
CA ASN A 27 -39.41 -45.82 -16.40
C ASN A 27 -39.19 -44.62 -15.48
N LEU A 28 -38.30 -44.73 -14.48
CA LEU A 28 -38.02 -43.62 -13.59
C LEU A 28 -37.08 -42.67 -14.32
N TRP A 29 -37.67 -41.66 -14.94
CA TRP A 29 -36.90 -40.64 -15.63
C TRP A 29 -36.22 -39.70 -14.65
N VAL A 30 -35.03 -39.23 -15.03
CA VAL A 30 -34.32 -38.27 -14.21
C VAL A 30 -35.13 -36.99 -14.10
N THR A 31 -35.02 -36.32 -12.96
CA THR A 31 -35.56 -34.99 -12.78
C THR A 31 -34.60 -34.18 -11.92
N VAL A 32 -34.69 -32.87 -12.03
CA VAL A 32 -33.76 -31.95 -11.39
C VAL A 32 -34.55 -31.00 -10.49
N TYR A 33 -33.95 -30.66 -9.35
CA TYR A 33 -34.55 -29.77 -8.38
C TYR A 33 -33.54 -28.69 -8.00
N TYR A 34 -34.02 -27.46 -7.90
CA TYR A 34 -33.22 -26.31 -7.52
C TYR A 34 -33.73 -25.76 -6.19
N GLY A 35 -32.84 -25.10 -5.46
CA GLY A 35 -33.18 -24.58 -4.13
C GLY A 35 -33.17 -25.61 -3.04
N VAL A 36 -32.49 -26.73 -3.25
CA VAL A 36 -32.51 -27.85 -2.30
C VAL A 36 -31.84 -27.41 -0.99
N PRO A 37 -32.44 -27.69 0.19
CA PRO A 37 -31.67 -27.52 1.45
C PRO A 37 -30.73 -28.69 1.75
N VAL A 38 -29.54 -28.64 1.16
CA VAL A 38 -28.44 -29.53 1.54
C VAL A 38 -27.15 -28.75 1.41
N TRP A 39 -26.19 -29.06 2.29
CA TRP A 39 -25.00 -28.26 2.45
C TRP A 39 -23.80 -29.14 2.74
N LYS A 40 -22.62 -28.52 2.75
CA LYS A 40 -21.37 -29.20 3.07
C LYS A 40 -20.48 -28.22 3.81
N GLU A 41 -19.53 -28.77 4.57
CA GLU A 41 -18.56 -27.95 5.28
C GLU A 41 -17.50 -27.43 4.31
N ALA A 42 -17.05 -26.21 4.54
CA ALA A 42 -16.04 -25.59 3.70
C ALA A 42 -15.59 -24.29 4.34
N LYS A 43 -14.37 -23.87 4.00
CA LYS A 43 -13.85 -22.59 4.44
C LYS A 43 -14.34 -21.48 3.53
N THR A 44 -14.42 -20.27 4.08
CA THR A 44 -14.81 -19.11 3.29
C THR A 44 -14.45 -17.86 4.07
N THR A 45 -14.50 -16.72 3.37
CA THR A 45 -14.18 -15.43 3.95
C THR A 45 -15.46 -14.81 4.51
N LEU A 46 -15.44 -14.49 5.80
CA LEU A 46 -16.62 -14.01 6.51
C LEU A 46 -16.57 -12.50 6.67
N PHE A 47 -17.74 -11.86 6.57
CA PHE A 47 -17.84 -10.45 6.87
C PHE A 47 -17.79 -10.21 8.37
N CYS A 48 -17.10 -9.14 8.76
CA CYS A 48 -17.24 -8.59 10.09
C CYS A 48 -18.43 -7.64 10.10
N ALA A 49 -18.70 -7.02 11.25
CA ALA A 49 -19.76 -6.03 11.35
C ALA A 49 -19.57 -5.23 12.62
N SER A 50 -19.48 -3.92 12.48
CA SER A 50 -19.16 -3.01 13.58
C SER A 50 -20.43 -2.40 14.15
N VAL A 69 -18.06 0.96 9.22
CA VAL A 69 -18.46 -0.21 8.43
C VAL A 69 -17.85 -1.46 9.05
N PRO A 70 -18.43 -2.64 8.76
CA PRO A 70 -19.66 -2.92 8.01
C PRO A 70 -20.91 -2.59 8.82
N THR A 71 -22.07 -2.56 8.17
CA THR A 71 -23.29 -2.06 8.79
C THR A 71 -23.70 -2.94 9.97
N ASP A 72 -24.27 -2.30 10.99
CA ASP A 72 -24.75 -3.02 12.16
C ASP A 72 -25.95 -3.87 11.75
N PRO A 73 -25.92 -5.20 11.91
CA PRO A 73 -27.00 -6.03 11.39
C PRO A 73 -28.18 -6.08 12.37
N ASN A 74 -29.22 -6.81 11.95
CA ASN A 74 -30.36 -7.17 12.78
C ASN A 74 -30.56 -8.67 12.65
N PRO A 75 -29.67 -9.48 13.24
CA PRO A 75 -29.71 -10.92 12.97
C PRO A 75 -30.95 -11.59 13.55
N GLN A 76 -31.53 -12.50 12.77
CA GLN A 76 -32.64 -13.32 13.18
C GLN A 76 -32.15 -14.76 13.40
N GLU A 77 -33.08 -15.65 13.72
CA GLU A 77 -32.71 -17.03 14.02
C GLU A 77 -33.95 -17.91 14.02
N MET A 78 -33.85 -19.05 13.34
CA MET A 78 -34.87 -20.11 13.39
C MET A 78 -34.26 -21.36 14.01
N VAL A 79 -35.04 -22.03 14.84
CA VAL A 79 -34.72 -23.39 15.25
C VAL A 79 -35.25 -24.34 14.20
N LEU A 80 -34.41 -25.26 13.74
CA LEU A 80 -34.76 -26.18 12.67
C LEU A 80 -35.20 -27.50 13.29
N LYS A 81 -36.23 -28.11 12.68
CA LYS A 81 -36.97 -29.21 13.30
C LYS A 81 -36.09 -30.40 13.62
N ASN A 82 -35.56 -31.07 12.59
CA ASN A 82 -34.89 -32.36 12.74
C ASN A 82 -33.46 -32.32 12.23
N VAL A 83 -32.86 -31.13 12.15
CA VAL A 83 -31.51 -31.01 11.59
C VAL A 83 -30.51 -31.54 12.60
N THR A 84 -29.74 -32.55 12.18
CA THR A 84 -28.71 -33.18 13.00
C THR A 84 -27.36 -32.91 12.36
N GLU A 85 -26.54 -32.07 13.00
CA GLU A 85 -25.26 -31.67 12.48
C GLU A 85 -24.20 -31.81 13.55
N ASN A 86 -23.01 -32.24 13.14
CA ASN A 86 -21.86 -32.35 14.03
C ASN A 86 -21.11 -31.03 14.08
N PHE A 87 -20.49 -30.77 15.23
CA PHE A 87 -19.67 -29.59 15.46
C PHE A 87 -18.32 -30.00 15.98
N ASN A 88 -17.33 -29.14 15.78
CA ASN A 88 -15.98 -29.37 16.29
C ASN A 88 -15.35 -28.01 16.52
N MET A 89 -15.22 -27.62 17.78
CA MET A 89 -14.76 -26.28 18.13
C MET A 89 -13.25 -26.14 18.10
N TRP A 90 -12.49 -27.22 17.87
CA TRP A 90 -11.06 -27.12 17.63
C TRP A 90 -10.72 -26.99 16.15
N LYS A 91 -11.44 -27.72 15.29
CA LYS A 91 -11.08 -27.80 13.87
C LYS A 91 -11.50 -26.57 13.08
N ASN A 92 -12.59 -25.91 13.46
CA ASN A 92 -13.26 -24.98 12.55
C ASN A 92 -12.37 -23.81 12.19
N ASP A 93 -12.49 -23.36 10.93
CA ASP A 93 -11.51 -22.46 10.34
C ASP A 93 -11.69 -21.02 10.78
N MET A 94 -12.93 -20.57 11.00
CA MET A 94 -13.21 -19.15 11.16
C MET A 94 -12.48 -18.53 12.34
N VAL A 95 -12.05 -19.32 13.32
CA VAL A 95 -11.27 -18.78 14.42
C VAL A 95 -9.97 -18.18 13.90
N ASP A 96 -9.30 -18.89 13.00
CA ASP A 96 -8.05 -18.40 12.45
C ASP A 96 -8.27 -17.15 11.62
N GLN A 97 -9.34 -17.11 10.82
CA GLN A 97 -9.63 -15.93 10.02
C GLN A 97 -9.89 -14.72 10.91
N MET A 98 -10.67 -14.91 11.97
CA MET A 98 -10.94 -13.82 12.90
C MET A 98 -9.67 -13.38 13.61
N HIS A 99 -8.80 -14.33 13.94
CA HIS A 99 -7.51 -14.01 14.56
C HIS A 99 -6.68 -13.12 13.65
N GLU A 100 -6.59 -13.50 12.37
CA GLU A 100 -5.87 -12.68 11.40
C GLU A 100 -6.50 -11.30 11.27
N ASP A 101 -7.83 -11.25 11.29
CA ASP A 101 -8.52 -9.97 11.18
C ASP A 101 -8.19 -9.07 12.36
N VAL A 102 -8.14 -9.63 13.57
CA VAL A 102 -7.81 -8.84 14.75
C VAL A 102 -6.40 -8.27 14.62
N ILE A 103 -5.44 -9.12 14.22
CA ILE A 103 -4.07 -8.63 14.09
C ILE A 103 -4.00 -7.54 13.02
N SER A 104 -4.67 -7.74 11.88
CA SER A 104 -4.63 -6.76 10.82
C SER A 104 -5.24 -5.44 11.25
N LEU A 105 -6.35 -5.49 12.00
CA LEU A 105 -6.98 -4.26 12.44
C LEU A 105 -6.09 -3.52 13.43
N TRP A 106 -5.44 -4.25 14.33
CA TRP A 106 -4.48 -3.60 15.22
C TRP A 106 -3.35 -2.96 14.44
N ASP A 107 -2.85 -3.64 13.42
CA ASP A 107 -1.77 -3.08 12.61
C ASP A 107 -2.21 -1.79 11.93
N GLN A 108 -3.42 -1.81 11.35
CA GLN A 108 -3.92 -0.62 10.68
C GLN A 108 -4.10 0.54 11.65
N SER A 109 -4.63 0.26 12.84
CA SER A 109 -4.82 1.32 13.83
C SER A 109 -3.48 1.88 14.28
N LEU A 110 -2.47 1.01 14.44
CA LEU A 110 -1.17 1.44 14.91
C LEU A 110 -0.33 2.11 13.83
N LYS A 111 -0.69 1.93 12.56
CA LYS A 111 0.18 2.32 11.46
C LYS A 111 0.54 3.80 11.46
N PRO A 112 -0.40 4.76 11.59
CA PRO A 112 -0.01 6.17 11.50
C PRO A 112 0.67 6.73 12.74
N CYS A 113 0.74 5.99 13.84
CA CYS A 113 1.26 6.57 15.07
C CYS A 113 2.77 6.78 14.98
N VAL A 114 3.27 7.64 15.88
CA VAL A 114 4.69 7.98 15.91
C VAL A 114 5.52 6.75 16.26
N LYS A 115 6.77 6.75 15.77
CA LYS A 115 7.77 5.75 16.13
C LYS A 115 8.77 6.37 17.09
N LEU A 116 9.14 5.60 18.12
CA LEU A 116 9.95 6.09 19.23
C LEU A 116 11.43 5.78 19.05
N THR A 117 11.90 5.61 17.81
CA THR A 117 13.30 5.24 17.60
C THR A 117 14.29 6.28 18.14
N PRO A 118 14.11 7.60 17.95
CA PRO A 118 15.11 8.54 18.49
C PRO A 118 15.22 8.50 20.01
N LEU A 119 14.22 7.97 20.71
CA LEU A 119 14.23 7.88 22.16
C LEU A 119 15.14 6.77 22.69
N CYS A 120 15.83 6.03 21.82
CA CYS A 120 16.63 4.87 22.20
C CYS A 120 17.95 5.24 22.84
N VAL A 121 18.24 6.51 23.09
CA VAL A 121 19.55 6.95 23.55
C VAL A 121 19.84 6.39 24.93
N THR A 122 21.11 6.44 25.34
CA THR A 122 21.51 5.91 26.64
C THR A 122 20.87 6.70 27.77
N LEU A 123 20.27 5.99 28.71
CA LEU A 123 19.69 6.59 29.90
C LEU A 123 20.71 6.62 31.03
N ASN A 124 20.77 7.75 31.73
CA ASN A 124 21.65 7.92 32.91
C ASN A 124 20.75 8.40 34.03
N CYS A 125 20.25 7.46 34.83
CA CYS A 125 19.22 7.73 35.82
C CYS A 125 19.56 7.03 37.12
N THR A 126 19.31 7.72 38.24
CA THR A 126 19.60 7.21 39.59
C THR A 126 18.35 7.01 40.42
N ASN A 127 17.33 7.85 40.25
CA ASN A 127 15.97 7.53 40.67
C ASN A 127 15.85 7.35 42.19
N ALA A 128 16.13 8.45 42.91
CA ALA A 128 15.97 8.48 44.36
C ALA A 128 15.34 9.78 44.84
N THR A 129 14.49 10.39 44.00
CA THR A 129 13.94 11.70 44.35
C THR A 129 12.72 11.57 45.26
N ALA A 130 11.65 10.95 44.77
CA ALA A 130 10.41 10.88 45.53
C ALA A 130 10.56 9.90 46.69
N SER A 131 9.74 10.12 47.72
CA SER A 131 9.84 9.30 48.93
C SER A 131 9.52 7.83 48.64
N ASN A 132 8.47 7.57 47.86
CA ASN A 132 8.11 6.21 47.48
C ASN A 132 8.93 5.76 46.27
N SER A 133 10.23 5.62 46.51
CA SER A 133 11.18 5.49 45.41
C SER A 133 11.13 4.12 44.75
N SER A 134 11.01 3.05 45.55
CA SER A 134 11.40 1.72 45.08
C SER A 134 10.47 1.17 44.00
N ILE A 135 9.17 1.49 44.05
CA ILE A 135 8.19 0.78 43.23
C ILE A 135 8.45 1.00 41.75
N ILE A 136 8.70 2.25 41.34
CA ILE A 136 8.85 2.60 39.94
C ILE A 136 10.32 2.64 39.54
N GLU A 137 11.17 3.26 40.35
CA GLU A 137 12.62 3.28 40.21
C GLU A 137 13.11 3.90 38.91
N GLY A 138 12.24 4.60 38.17
CA GLY A 138 12.65 5.48 37.10
C GLY A 138 12.06 6.84 37.37
N CYS A 142 13.83 10.42 34.56
CA CYS A 142 14.97 9.62 34.08
C CYS A 142 15.51 10.30 32.82
N SER A 143 16.75 10.76 32.88
CA SER A 143 17.27 11.74 31.95
C SER A 143 17.99 11.12 30.76
N PHE A 144 18.09 11.90 29.68
CA PHE A 144 18.59 11.43 28.40
C PHE A 144 18.68 12.63 27.45
N ASN A 145 19.28 12.40 26.28
CA ASN A 145 19.43 13.41 25.24
C ASN A 145 18.44 13.15 24.12
N ILE A 146 17.79 14.21 23.63
CA ILE A 146 16.89 14.12 22.49
C ILE A 146 17.02 15.40 21.68
N THR A 147 16.95 15.27 20.36
CA THR A 147 16.95 16.40 19.43
C THR A 147 15.51 16.69 19.05
N THR A 148 15.02 17.87 19.42
CA THR A 148 13.57 18.11 19.40
C THR A 148 13.07 18.64 18.05
N GLU A 149 13.54 19.81 17.60
CA GLU A 149 13.11 20.39 16.33
C GLU A 149 14.27 20.90 15.49
N LEU A 150 15.29 21.49 16.12
CA LEU A 150 16.47 21.96 15.41
C LEU A 150 17.53 20.86 15.46
N ARG A 151 17.92 20.35 14.29
CA ARG A 151 18.77 19.19 14.24
C ARG A 151 20.17 19.45 14.78
N ASP A 152 20.55 20.71 14.97
CA ASP A 152 21.81 21.07 15.60
C ASP A 152 21.72 21.19 17.11
N LYS A 153 20.54 20.95 17.70
CA LYS A 153 20.28 21.22 19.11
C LYS A 153 19.83 19.96 19.82
N ARG A 154 20.79 19.22 20.37
CA ARG A 154 20.48 18.18 21.34
C ARG A 154 20.20 18.81 22.69
N GLU A 155 19.18 18.29 23.37
CA GLU A 155 18.68 18.90 24.60
C GLU A 155 18.37 17.82 25.62
N LYS A 156 18.62 18.15 26.88
CA LYS A 156 18.35 17.22 27.98
C LYS A 156 16.90 17.30 28.40
N LYS A 157 16.33 16.14 28.73
CA LYS A 157 14.98 16.02 29.25
C LYS A 157 15.01 14.97 30.35
N ASN A 158 13.85 14.66 30.92
CA ASN A 158 13.72 13.52 31.80
C ASN A 158 12.24 13.18 31.98
N ALA A 159 11.99 11.93 32.38
CA ALA A 159 10.64 11.46 32.65
C ALA A 159 10.74 10.19 33.48
N LEU A 160 9.59 9.63 33.84
CA LEU A 160 9.52 8.45 34.68
C LEU A 160 9.29 7.19 33.84
N PHE A 161 9.81 6.07 34.35
CA PHE A 161 9.58 4.77 33.75
C PHE A 161 9.53 3.72 34.86
N TYR A 162 8.68 2.71 34.65
CA TYR A 162 8.70 1.53 35.50
C TYR A 162 9.84 0.61 35.06
N LYS A 163 10.55 0.05 36.06
CA LYS A 163 11.77 -0.70 35.77
C LYS A 163 11.52 -1.91 34.89
N LEU A 164 10.28 -2.42 34.84
CA LEU A 164 9.97 -3.50 33.92
C LEU A 164 10.07 -3.05 32.47
N ASP A 165 10.05 -1.76 32.20
CA ASP A 165 10.32 -1.21 30.88
C ASP A 165 11.80 -0.86 30.68
N ILE A 166 12.67 -1.29 31.60
CA ILE A 166 14.05 -0.84 31.67
C ILE A 166 14.93 -2.07 31.81
N VAL A 167 16.12 -2.01 31.21
CA VAL A 167 17.14 -3.05 31.35
C VAL A 167 18.46 -2.38 31.68
N GLN A 168 19.22 -2.99 32.58
CA GLN A 168 20.47 -2.43 33.06
C GLN A 168 21.61 -2.74 32.11
N LEU A 169 22.42 -1.74 31.83
CA LEU A 169 23.65 -1.90 31.06
C LEU A 169 24.81 -2.22 31.99
N ASP A 170 25.92 -2.66 31.41
CA ASP A 170 27.06 -3.07 32.20
C ASP A 170 27.71 -1.87 32.88
N GLY A 171 28.54 -2.17 33.88
CA GLY A 171 29.25 -1.12 34.58
C GLY A 171 28.36 -0.44 35.59
N ASN A 172 28.33 0.89 35.55
CA ASN A 172 27.49 1.66 36.45
C ASN A 172 26.03 1.31 36.20
N SER A 173 25.29 1.08 37.29
CA SER A 173 23.87 0.78 37.17
C SER A 173 23.08 1.96 36.62
N SER A 174 23.61 3.17 36.70
CA SER A 174 22.92 4.33 36.16
C SER A 174 22.66 4.19 34.66
N GLN A 175 23.49 3.43 33.96
CA GLN A 175 23.31 3.22 32.53
C GLN A 175 22.21 2.19 32.32
N TYR A 176 21.13 2.61 31.65
CA TYR A 176 20.05 1.73 31.25
C TYR A 176 19.74 1.90 29.77
N ARG A 177 18.81 1.07 29.31
CA ARG A 177 18.35 1.06 27.93
C ARG A 177 16.88 0.71 27.93
N LEU A 178 16.16 1.12 26.89
CA LEU A 178 14.81 0.61 26.69
C LEU A 178 14.86 -0.89 26.44
N ILE A 179 13.82 -1.58 26.94
CA ILE A 179 13.89 -3.04 27.03
C ILE A 179 13.98 -3.67 25.64
N ASN A 180 13.17 -3.20 24.69
CA ASN A 180 13.03 -3.84 23.39
C ASN A 180 13.83 -3.14 22.29
N CYS A 181 14.54 -2.06 22.61
CA CYS A 181 15.14 -1.28 21.54
C CYS A 181 16.30 -1.99 20.86
N ASN A 182 16.96 -2.93 21.54
CA ASN A 182 17.97 -3.73 20.87
C ASN A 182 17.39 -4.75 19.91
N THR A 183 16.07 -4.96 19.93
CA THR A 183 15.45 -6.03 19.16
C THR A 183 14.29 -5.64 18.25
N SER A 184 13.65 -4.49 18.46
CA SER A 184 12.49 -4.11 17.66
C SER A 184 12.34 -2.59 17.72
N VAL A 185 11.40 -2.09 16.93
CA VAL A 185 11.08 -0.66 16.85
C VAL A 185 9.75 -0.44 17.54
N ILE A 186 9.70 0.57 18.41
CA ILE A 186 8.59 0.76 19.34
C ILE A 186 7.71 1.89 18.79
N THR A 187 6.41 1.62 18.70
CA THR A 187 5.43 2.60 18.28
C THR A 187 4.57 3.01 19.46
N GLN A 188 4.53 4.31 19.75
CA GLN A 188 3.60 4.81 20.75
C GLN A 188 2.18 4.68 20.24
N ALA A 189 1.28 4.24 21.12
CA ALA A 189 -0.11 4.11 20.74
C ALA A 189 -0.73 5.47 20.49
N CYS A 190 -1.52 5.57 19.42
CA CYS A 190 -2.23 6.79 19.12
C CYS A 190 -3.25 7.06 20.22
N PRO A 191 -3.08 8.06 21.08
CA PRO A 191 -4.05 8.24 22.18
C PRO A 191 -5.45 8.54 21.71
N LYS A 192 -5.60 9.24 20.57
CA LYS A 192 -6.93 9.57 20.10
C LYS A 192 -7.70 8.35 19.63
N VAL A 193 -6.99 7.30 19.21
CA VAL A 193 -7.67 6.08 18.77
C VAL A 193 -8.36 5.41 19.95
N SER A 194 -7.57 4.98 20.95
CA SER A 194 -8.11 4.40 22.17
C SER A 194 -8.98 3.18 21.88
N PHE A 195 -8.44 2.25 21.09
CA PHE A 195 -9.21 1.08 20.67
C PHE A 195 -9.40 0.15 21.87
N ASP A 196 -10.62 0.07 22.36
CA ASP A 196 -11.06 -0.77 23.45
C ASP A 196 -12.16 -1.69 22.92
N PRO A 197 -12.40 -2.83 23.58
CA PRO A 197 -13.25 -3.87 22.96
C PRO A 197 -14.65 -3.38 22.61
N ILE A 198 -15.09 -3.75 21.41
CA ILE A 198 -16.38 -3.38 20.85
C ILE A 198 -16.97 -4.68 20.32
N PRO A 199 -18.25 -4.99 20.56
CA PRO A 199 -18.77 -6.29 20.07
C PRO A 199 -18.82 -6.32 18.55
N ILE A 200 -18.43 -7.47 17.99
CA ILE A 200 -18.34 -7.68 16.56
C ILE A 200 -19.24 -8.84 16.17
N HIS A 201 -20.06 -8.64 15.14
CA HIS A 201 -20.92 -9.68 14.61
C HIS A 201 -20.34 -10.18 13.30
N TYR A 202 -20.21 -11.49 13.16
CA TYR A 202 -19.68 -12.11 11.95
C TYR A 202 -20.81 -12.64 11.09
N CYS A 203 -20.80 -12.27 9.82
CA CYS A 203 -21.86 -12.58 8.86
C CYS A 203 -21.27 -13.33 7.68
N ALA A 204 -21.91 -14.42 7.29
CA ALA A 204 -21.47 -15.19 6.14
C ALA A 204 -21.94 -14.51 4.86
N PRO A 205 -21.31 -14.82 3.73
CA PRO A 205 -21.78 -14.31 2.45
C PRO A 205 -22.89 -15.19 1.87
N ALA A 206 -23.46 -14.72 0.76
CA ALA A 206 -24.52 -15.46 0.10
C ALA A 206 -24.00 -16.82 -0.38
N GLY A 207 -24.84 -17.85 -0.22
CA GLY A 207 -24.46 -19.21 -0.53
C GLY A 207 -23.87 -19.97 0.64
N TYR A 208 -23.53 -19.28 1.73
CA TYR A 208 -23.00 -19.90 2.95
C TYR A 208 -23.88 -19.52 4.13
N ALA A 209 -24.15 -20.49 4.99
CA ALA A 209 -24.99 -20.32 6.16
C ALA A 209 -24.23 -20.72 7.41
N ILE A 210 -24.47 -20.00 8.49
CA ILE A 210 -23.80 -20.22 9.77
C ILE A 210 -24.73 -21.06 10.63
N LEU A 211 -24.25 -22.21 11.10
CA LEU A 211 -25.05 -23.14 11.88
C LEU A 211 -24.74 -22.94 13.36
N LYS A 212 -25.72 -22.39 14.08
CA LYS A 212 -25.63 -22.19 15.51
C LYS A 212 -26.21 -23.39 16.25
N CYS A 213 -25.51 -23.87 17.26
CA CYS A 213 -25.95 -24.99 18.08
C CYS A 213 -26.46 -24.42 19.40
N ASN A 214 -27.76 -24.62 19.66
CA ASN A 214 -28.40 -24.15 20.88
C ASN A 214 -28.35 -25.18 22.01
N ASN A 215 -27.59 -26.26 21.82
CA ASN A 215 -27.57 -27.35 22.79
C ASN A 215 -26.94 -26.84 24.08
N LYS A 216 -27.58 -27.12 25.22
CA LYS A 216 -27.18 -26.50 26.48
C LYS A 216 -26.05 -27.20 27.20
N THR A 217 -25.62 -28.38 26.73
CA THR A 217 -24.57 -29.15 27.39
C THR A 217 -23.58 -29.68 26.38
N PHE A 218 -23.21 -28.85 25.41
CA PHE A 218 -22.27 -29.26 24.37
C PHE A 218 -20.85 -29.14 24.88
N THR A 219 -20.07 -30.21 24.66
CA THR A 219 -18.70 -30.32 25.17
C THR A 219 -17.64 -29.91 24.15
N GLY A 220 -18.05 -29.34 23.02
CA GLY A 220 -17.15 -28.90 21.98
C GLY A 220 -17.00 -29.86 20.82
N THR A 221 -17.28 -31.14 21.03
CA THR A 221 -17.18 -32.13 19.96
C THR A 221 -18.32 -33.13 20.12
N GLY A 222 -18.96 -33.45 18.99
CA GLY A 222 -20.07 -34.38 18.98
C GLY A 222 -21.29 -33.79 18.30
N PRO A 223 -22.33 -34.59 18.11
CA PRO A 223 -23.52 -34.12 17.40
C PRO A 223 -24.28 -33.06 18.17
N CYS A 224 -24.87 -32.12 17.44
CA CYS A 224 -25.85 -31.18 17.96
C CYS A 224 -27.19 -31.50 17.31
N ASN A 225 -28.17 -31.86 18.14
CA ASN A 225 -29.52 -32.16 17.67
C ASN A 225 -30.46 -30.97 17.74
N ASN A 226 -29.95 -29.78 18.09
CA ASN A 226 -30.74 -28.57 18.29
C ASN A 226 -30.27 -27.46 17.36
N VAL A 227 -29.93 -27.82 16.12
CA VAL A 227 -29.28 -26.90 15.18
C VAL A 227 -30.18 -25.71 14.91
N SER A 228 -29.59 -24.52 14.88
CA SER A 228 -30.27 -23.29 14.49
C SER A 228 -29.35 -22.46 13.61
N THR A 229 -29.94 -21.73 12.67
CA THR A 229 -29.20 -20.95 11.67
C THR A 229 -29.50 -19.47 11.84
N VAL A 230 -28.55 -18.63 11.43
CA VAL A 230 -28.62 -17.19 11.63
C VAL A 230 -28.00 -16.48 10.45
N GLN A 231 -28.38 -15.20 10.28
CA GLN A 231 -27.64 -14.34 9.36
C GLN A 231 -26.23 -14.12 9.86
N CYS A 232 -26.09 -13.83 11.15
CA CYS A 232 -24.84 -13.37 11.73
C CYS A 232 -24.72 -13.91 13.15
N THR A 233 -23.50 -13.96 13.64
CA THR A 233 -23.26 -14.29 15.03
C THR A 233 -23.61 -13.10 15.93
N HIS A 234 -23.78 -13.39 17.22
CA HIS A 234 -23.98 -12.31 18.17
C HIS A 234 -22.71 -11.47 18.28
N GLY A 235 -22.80 -10.41 19.08
CA GLY A 235 -21.70 -9.47 19.17
C GLY A 235 -20.60 -9.95 20.08
N ILE A 236 -19.51 -10.46 19.49
CA ILE A 236 -18.36 -10.94 20.23
C ILE A 236 -17.39 -9.79 20.42
N LYS A 237 -16.91 -9.61 21.66
CA LYS A 237 -15.91 -8.58 21.93
C LYS A 237 -14.51 -9.16 21.74
N PRO A 238 -13.51 -8.33 21.37
CA PRO A 238 -12.12 -8.84 21.31
C PRO A 238 -11.42 -8.75 22.65
N VAL A 239 -11.82 -9.61 23.59
CA VAL A 239 -11.24 -9.59 24.92
C VAL A 239 -9.77 -10.01 24.84
N VAL A 240 -8.96 -9.43 25.71
CA VAL A 240 -7.52 -9.66 25.72
C VAL A 240 -7.05 -9.87 27.15
N SER A 241 -6.78 -11.13 27.52
CA SER A 241 -6.37 -11.43 28.88
C SER A 241 -5.68 -12.79 28.90
N THR A 242 -5.10 -13.11 30.06
CA THR A 242 -4.39 -14.36 30.28
C THR A 242 -4.79 -14.93 31.63
N GLN A 243 -4.78 -16.27 31.70
CA GLN A 243 -5.15 -17.09 32.86
C GLN A 243 -6.66 -17.15 33.10
N LEU A 244 -7.43 -16.29 32.44
CA LEU A 244 -8.89 -16.23 32.59
C LEU A 244 -9.40 -15.17 31.61
N LEU A 245 -10.65 -15.30 31.17
CA LEU A 245 -11.24 -14.34 30.25
C LEU A 245 -12.24 -13.48 31.00
N LEU A 246 -12.13 -12.16 30.85
CA LEU A 246 -12.78 -11.22 31.75
C LEU A 246 -14.20 -10.88 31.32
N ASN A 247 -14.44 -10.71 30.02
CA ASN A 247 -15.78 -10.55 29.46
C ASN A 247 -16.14 -11.75 28.61
N GLY A 248 -17.37 -12.23 28.76
CA GLY A 248 -17.90 -13.24 27.87
C GLY A 248 -19.22 -13.79 28.37
N SER A 249 -19.99 -14.39 27.48
CA SER A 249 -21.30 -14.91 27.83
C SER A 249 -21.15 -16.16 28.69
N LEU A 250 -22.17 -16.43 29.50
CA LEU A 250 -22.15 -17.52 30.46
C LEU A 250 -22.76 -18.77 29.84
N ALA A 251 -22.52 -19.90 30.50
CA ALA A 251 -23.03 -21.17 30.03
C ALA A 251 -24.50 -21.34 30.42
N GLU A 252 -25.18 -22.25 29.73
CA GLU A 252 -26.59 -22.51 30.01
C GLU A 252 -26.75 -23.49 31.16
N GLY A 253 -26.04 -24.61 31.12
CA GLY A 253 -26.06 -25.56 32.21
C GLY A 253 -25.21 -25.08 33.37
N GLU A 254 -24.58 -26.01 34.09
CA GLU A 254 -23.63 -25.66 35.13
C GLU A 254 -22.30 -25.33 34.45
N ILE A 255 -21.21 -25.24 35.24
CA ILE A 255 -19.91 -24.93 34.66
C ILE A 255 -19.52 -26.04 33.70
N ILE A 256 -19.13 -25.66 32.49
CA ILE A 256 -18.86 -26.59 31.40
C ILE A 256 -17.35 -26.77 31.26
N ILE A 257 -16.94 -28.01 31.01
CA ILE A 257 -15.53 -28.35 30.73
C ILE A 257 -15.43 -28.69 29.24
N ARG A 258 -14.54 -28.00 28.55
CA ARG A 258 -14.24 -28.28 27.14
C ARG A 258 -12.75 -28.48 26.97
N SER A 259 -12.38 -29.57 26.32
CA SER A 259 -10.98 -29.86 26.04
C SER A 259 -10.92 -30.78 24.83
N GLU A 260 -9.76 -30.80 24.19
CA GLU A 260 -9.55 -31.74 23.11
C GLU A 260 -9.44 -33.15 23.68
N ASN A 261 -9.73 -34.15 22.83
CA ASN A 261 -9.85 -35.54 23.28
C ASN A 261 -9.08 -36.49 22.38
N ILE A 262 -8.08 -36.01 21.63
CA ILE A 262 -7.22 -36.92 20.89
C ILE A 262 -6.34 -37.70 21.86
N THR A 263 -5.78 -37.00 22.85
CA THR A 263 -4.95 -37.62 23.88
C THR A 263 -5.12 -36.84 25.17
N LYS A 264 -4.93 -37.52 26.29
CA LYS A 264 -4.96 -36.84 27.58
C LYS A 264 -3.88 -35.78 27.69
N ASN A 265 -2.79 -35.90 26.94
CA ASN A 265 -1.70 -34.94 27.00
C ASN A 265 -2.09 -33.66 26.28
N VAL A 266 -3.04 -32.92 26.86
CA VAL A 266 -3.65 -31.78 26.19
C VAL A 266 -2.82 -30.53 26.44
N LYS A 267 -3.02 -29.54 25.57
CA LYS A 267 -2.36 -28.24 25.73
C LYS A 267 -3.11 -27.38 26.74
N THR A 268 -4.39 -27.11 26.47
CA THR A 268 -5.22 -26.24 27.28
C THR A 268 -6.57 -26.88 27.51
N ILE A 269 -7.13 -26.64 28.69
CA ILE A 269 -8.47 -27.06 29.06
C ILE A 269 -9.28 -25.82 29.35
N ILE A 270 -10.45 -25.71 28.72
CA ILE A 270 -11.33 -24.55 28.87
C ILE A 270 -12.42 -24.91 29.87
N VAL A 271 -12.58 -24.07 30.89
CA VAL A 271 -13.65 -24.18 31.87
C VAL A 271 -14.50 -22.93 31.75
N HIS A 272 -15.81 -23.11 31.57
CA HIS A 272 -16.73 -22.04 31.23
C HIS A 272 -17.78 -21.92 32.33
N LEU A 273 -17.81 -20.77 33.00
CA LEU A 273 -18.69 -20.60 34.15
C LEU A 273 -20.15 -20.43 33.74
N ASN A 274 -21.04 -20.99 34.57
CA ASN A 274 -22.46 -20.66 34.50
C ASN A 274 -22.81 -19.50 35.40
N GLU A 275 -22.08 -19.34 36.50
CA GLU A 275 -22.26 -18.23 37.44
C GLU A 275 -21.12 -17.24 37.24
N SER A 276 -21.47 -15.99 36.97
CA SER A 276 -20.46 -14.95 36.84
C SER A 276 -19.97 -14.51 38.22
N VAL A 277 -18.72 -14.08 38.27
CA VAL A 277 -18.11 -13.55 39.48
C VAL A 277 -17.46 -12.22 39.16
N LYS A 278 -17.86 -11.18 39.87
CA LYS A 278 -17.33 -9.86 39.62
C LYS A 278 -15.89 -9.75 40.09
N ILE A 279 -15.07 -9.04 39.30
CA ILE A 279 -13.69 -8.73 39.65
C ILE A 279 -13.49 -7.23 39.47
N GLU A 280 -12.83 -6.60 40.44
CA GLU A 280 -12.66 -5.16 40.49
C GLU A 280 -11.18 -4.85 40.71
N CYS A 281 -10.70 -3.80 40.07
CA CYS A 281 -9.29 -3.44 40.12
C CYS A 281 -9.15 -1.92 40.11
N THR A 282 -8.01 -1.46 40.61
CA THR A 282 -7.78 -0.03 40.78
C THR A 282 -6.30 0.30 40.63
N ARG A 283 -6.05 1.53 40.20
CA ARG A 283 -4.72 2.12 40.15
C ARG A 283 -4.82 3.46 40.87
N PRO A 284 -4.92 3.45 42.21
CA PRO A 284 -5.41 4.63 42.91
C PRO A 284 -4.53 5.85 42.83
N ASN A 285 -3.25 5.71 42.46
CA ASN A 285 -2.39 6.89 42.42
C ASN A 285 -2.75 7.76 41.22
N ASN A 286 -2.48 9.07 41.37
CA ASN A 286 -2.79 10.05 40.34
C ASN A 286 -1.56 10.30 39.49
N LYS A 287 -1.68 10.10 38.19
CA LYS A 287 -0.58 10.27 37.25
C LYS A 287 -0.61 11.66 36.64
N THR A 288 0.57 12.10 36.18
CA THR A 288 0.73 13.37 35.49
C THR A 288 1.30 13.11 34.11
N ARG A 289 0.61 13.59 33.08
CA ARG A 289 1.11 13.46 31.72
C ARG A 289 2.08 14.59 31.41
N THR A 290 3.14 14.25 30.67
CA THR A 290 4.07 15.23 30.14
C THR A 290 4.35 14.88 28.68
N SER A 291 4.70 15.91 27.90
CA SER A 291 4.82 15.80 26.46
C SER A 291 6.20 16.21 26.00
N ILE A 292 6.75 15.44 25.07
CA ILE A 292 8.01 15.76 24.39
C ILE A 292 7.76 15.66 22.90
N ARG A 293 8.21 16.67 22.16
CA ARG A 293 8.06 16.71 20.70
C ARG A 293 9.33 16.22 20.04
N ILE A 294 9.15 15.44 18.97
CA ILE A 294 10.25 15.02 18.11
C ILE A 294 10.16 15.80 16.81
N GLY A 297 7.59 17.29 14.47
CA GLY A 297 6.43 17.57 15.28
C GLY A 297 5.51 16.40 15.55
N GLN A 298 6.07 15.31 16.07
CA GLN A 298 5.29 14.24 16.68
C GLN A 298 5.39 14.36 18.19
N TRP A 299 4.24 14.33 18.86
CA TRP A 299 4.17 14.58 20.29
C TRP A 299 4.30 13.26 21.03
N PHE A 300 5.48 13.01 21.60
CA PHE A 300 5.68 11.87 22.47
C PHE A 300 5.22 12.18 23.88
N TYR A 301 4.54 11.22 24.51
CA TYR A 301 4.00 11.36 25.84
C TYR A 301 4.73 10.44 26.80
N ALA A 302 5.07 10.98 27.98
CA ALA A 302 5.75 10.25 29.04
C ALA A 302 5.03 10.52 30.34
N THR A 303 5.50 9.87 31.42
CA THR A 303 4.89 10.00 32.73
C THR A 303 5.57 11.14 33.50
N GLY A 304 4.78 12.14 33.89
CA GLY A 304 5.25 13.21 34.74
C GLY A 304 5.12 12.84 36.21
N GLN A 305 5.44 13.82 37.06
CA GLN A 305 5.52 13.58 38.50
C GLN A 305 4.19 13.09 39.05
N VAL A 306 4.25 12.03 39.85
CA VAL A 306 3.05 11.42 40.40
C VAL A 306 2.51 12.30 41.53
N ILE A 307 1.19 12.39 41.61
CA ILE A 307 0.50 13.24 42.56
C ILE A 307 -0.15 12.37 43.62
N GLY A 308 -0.04 12.80 44.88
CA GLY A 308 -0.67 12.09 45.98
C GLY A 308 0.21 10.97 46.51
N ASP A 309 -0.16 10.47 47.67
CA ASP A 309 0.58 9.38 48.28
C ASP A 309 0.36 8.10 47.49
N ILE A 310 1.32 7.18 47.60
CA ILE A 310 1.48 6.08 46.65
C ILE A 310 0.95 4.80 47.27
N ARG A 311 0.17 4.06 46.48
CA ARG A 311 -0.26 2.71 46.78
C ARG A 311 0.12 1.81 45.62
N GLU A 312 0.25 0.51 45.90
CA GLU A 312 0.45 -0.48 44.85
C GLU A 312 -0.91 -0.87 44.27
N ALA A 313 -1.01 -0.87 42.96
CA ALA A 313 -2.26 -1.22 42.30
C ALA A 313 -2.64 -2.66 42.64
N TYR A 314 -3.93 -2.89 42.84
CA TYR A 314 -4.42 -4.15 43.37
C TYR A 314 -5.82 -4.42 42.82
N CYS A 315 -6.35 -5.58 43.17
CA CYS A 315 -7.68 -6.01 42.74
C CYS A 315 -8.42 -6.60 43.93
N ASN A 316 -9.69 -6.93 43.71
CA ASN A 316 -10.56 -7.45 44.76
C ASN A 316 -11.44 -8.55 44.20
N ILE A 317 -11.75 -9.53 45.05
CA ILE A 317 -12.61 -10.64 44.69
C ILE A 317 -13.45 -11.01 45.91
N ASN A 318 -14.76 -11.14 45.72
CA ASN A 318 -15.62 -11.65 46.78
C ASN A 318 -15.16 -13.05 47.17
N GLU A 319 -14.78 -13.20 48.43
CA GLU A 319 -14.08 -14.42 48.86
C GLU A 319 -14.96 -15.65 48.66
N SER A 320 -16.15 -15.66 49.25
CA SER A 320 -16.98 -16.85 49.24
C SER A 320 -17.38 -17.24 47.83
N LYS A 321 -17.56 -16.26 46.94
CA LYS A 321 -17.95 -16.56 45.56
C LYS A 321 -16.89 -17.41 44.88
N TRP A 322 -15.63 -16.95 44.91
CA TRP A 322 -14.53 -17.73 44.34
C TRP A 322 -14.34 -19.04 45.10
N ASN A 323 -14.49 -18.98 46.42
CA ASN A 323 -14.21 -20.12 47.28
C ASN A 323 -15.16 -21.26 46.99
N GLU A 324 -16.38 -20.94 46.56
CA GLU A 324 -17.37 -21.92 46.14
C GLU A 324 -17.27 -22.24 44.64
N THR A 325 -16.87 -21.28 43.81
CA THR A 325 -16.72 -21.55 42.39
C THR A 325 -15.63 -22.58 42.15
N LEU A 326 -14.53 -22.50 42.89
CA LEU A 326 -13.50 -23.51 42.77
C LEU A 326 -14.02 -24.87 43.19
N GLN A 327 -14.88 -24.92 44.20
CA GLN A 327 -15.47 -26.20 44.61
C GLN A 327 -16.32 -26.78 43.50
N ARG A 328 -17.15 -25.95 42.86
CA ARG A 328 -17.95 -26.44 41.74
C ARG A 328 -17.06 -26.92 40.60
N VAL A 329 -16.00 -26.17 40.29
CA VAL A 329 -15.13 -26.56 39.18
C VAL A 329 -14.42 -27.87 39.52
N SER A 330 -14.04 -28.06 40.78
CA SER A 330 -13.43 -29.32 41.18
C SER A 330 -14.41 -30.48 41.02
N LYS A 331 -15.67 -30.25 41.41
CA LYS A 331 -16.68 -31.30 41.26
C LYS A 331 -16.90 -31.66 39.80
N LYS A 332 -16.94 -30.67 38.93
CA LYS A 332 -17.03 -30.95 37.49
C LYS A 332 -15.78 -31.67 36.99
N LEU A 333 -14.61 -31.24 37.47
CA LEU A 333 -13.36 -31.71 36.87
C LEU A 333 -13.08 -33.16 37.24
N LYS A 334 -13.43 -33.58 38.46
CA LYS A 334 -13.22 -34.97 38.81
C LYS A 334 -14.25 -35.90 38.19
N GLU A 335 -15.21 -35.38 37.41
CA GLU A 335 -16.04 -36.25 36.58
C GLU A 335 -15.20 -36.91 35.49
N TYR A 336 -14.43 -36.10 34.75
CA TYR A 336 -13.59 -36.64 33.68
C TYR A 336 -12.55 -37.60 34.23
N PHE A 337 -11.86 -37.18 35.28
CA PHE A 337 -10.74 -37.94 35.82
C PHE A 337 -11.24 -38.79 36.98
N PRO A 338 -11.13 -40.13 36.93
CA PRO A 338 -11.98 -40.96 37.79
C PRO A 338 -11.77 -40.83 39.29
N HIS A 339 -10.55 -41.10 39.78
CA HIS A 339 -10.36 -41.41 41.19
C HIS A 339 -9.07 -40.81 41.75
N LYS A 340 -8.69 -39.62 41.29
CA LYS A 340 -7.45 -38.98 41.70
C LYS A 340 -7.72 -37.59 42.26
N ASN A 341 -6.89 -37.18 43.22
CA ASN A 341 -7.06 -35.89 43.86
C ASN A 341 -6.87 -34.77 42.85
N ILE A 342 -7.51 -33.63 43.12
CA ILE A 342 -7.41 -32.43 42.30
C ILE A 342 -6.83 -31.33 43.17
N THR A 343 -5.86 -30.61 42.60
CA THR A 343 -5.14 -29.58 43.35
C THR A 343 -4.72 -28.48 42.38
N PHE A 344 -4.68 -27.26 42.89
CA PHE A 344 -4.27 -26.09 42.12
C PHE A 344 -2.99 -25.50 42.71
N GLN A 345 -2.16 -24.96 41.84
CA GLN A 345 -1.01 -24.16 42.22
C GLN A 345 -0.86 -23.06 41.17
N PRO A 346 -0.20 -21.96 41.51
CA PRO A 346 0.02 -20.91 40.51
C PRO A 346 0.97 -21.39 39.44
N SER A 347 0.95 -20.68 38.31
CA SER A 347 1.82 -21.02 37.21
C SER A 347 3.29 -20.82 37.61
N SER A 348 4.17 -21.56 36.95
CA SER A 348 5.60 -21.50 37.18
C SER A 348 6.29 -21.18 35.87
N GLY A 349 7.36 -20.40 35.94
CA GLY A 349 8.12 -20.04 34.77
C GLY A 349 7.33 -19.24 33.76
N GLY A 350 7.96 -18.89 32.64
CA GLY A 350 7.31 -18.13 31.60
C GLY A 350 7.37 -16.63 31.85
N ASP A 351 6.91 -15.89 30.85
CA ASP A 351 6.97 -14.43 30.91
C ASP A 351 5.95 -13.91 31.91
N LEU A 352 5.94 -12.58 32.07
CA LEU A 352 4.95 -11.95 32.95
C LEU A 352 3.54 -12.13 32.42
N GLU A 353 3.37 -12.36 31.12
CA GLU A 353 2.03 -12.53 30.55
C GLU A 353 1.35 -13.79 31.03
N ILE A 354 2.10 -14.80 31.50
CA ILE A 354 1.52 -16.07 31.89
C ILE A 354 1.72 -16.33 33.38
N THR A 355 2.81 -15.80 33.95
CA THR A 355 3.01 -15.98 35.39
C THR A 355 1.96 -15.25 36.21
N THR A 356 1.35 -14.22 35.64
CA THR A 356 0.33 -13.43 36.32
C THR A 356 -0.85 -13.25 35.39
N HIS A 357 -2.02 -13.04 35.98
CA HIS A 357 -3.18 -12.67 35.18
C HIS A 357 -2.96 -11.28 34.60
N SER A 358 -3.05 -11.16 33.28
CA SER A 358 -2.73 -9.95 32.57
C SER A 358 -3.98 -9.41 31.88
N PHE A 359 -4.15 -8.09 31.95
CA PHE A 359 -5.31 -7.42 31.36
C PHE A 359 -5.05 -5.93 31.40
N ASN A 360 -6.06 -5.15 31.01
CA ASN A 360 -5.94 -3.69 30.92
C ASN A 360 -7.20 -3.00 31.44
N CYS A 361 -7.00 -1.89 32.16
CA CYS A 361 -8.08 -0.98 32.55
C CYS A 361 -8.02 0.15 31.54
N GLY A 362 -8.71 -0.02 30.42
CA GLY A 362 -8.63 0.99 29.38
C GLY A 362 -7.22 1.09 28.83
N GLY A 363 -6.64 2.29 28.89
CA GLY A 363 -5.35 2.54 28.30
C GLY A 363 -4.16 2.29 29.20
N GLU A 364 -4.30 1.37 30.16
CA GLU A 364 -3.20 0.94 31.01
C GLU A 364 -3.26 -0.57 31.16
N PHE A 365 -2.09 -1.20 31.20
CA PHE A 365 -1.97 -2.65 31.24
C PHE A 365 -1.58 -3.11 32.64
N PHE A 366 -2.04 -4.32 32.99
CA PHE A 366 -1.92 -4.84 34.35
C PHE A 366 -1.39 -6.26 34.34
N TYR A 367 -0.71 -6.62 35.43
CA TYR A 367 -0.17 -7.95 35.69
C TYR A 367 -0.37 -8.24 37.17
N CYS A 368 -1.45 -8.96 37.48
CA CYS A 368 -1.85 -9.23 38.86
C CYS A 368 -1.48 -10.66 39.24
N ASN A 369 -0.70 -10.80 40.31
CA ASN A 369 -0.25 -12.09 40.80
C ASN A 369 -1.43 -12.84 41.39
N THR A 370 -1.78 -13.97 40.78
CA THR A 370 -2.92 -14.78 41.18
C THR A 370 -2.53 -15.95 42.08
N SER A 371 -1.50 -15.78 42.90
CA SER A 371 -1.01 -16.89 43.72
C SER A 371 -2.07 -17.36 44.71
N SER A 372 -2.68 -16.43 45.43
CA SER A 372 -3.61 -16.81 46.49
C SER A 372 -4.85 -17.51 45.95
N LEU A 373 -5.22 -17.23 44.69
CA LEU A 373 -6.49 -17.74 44.18
C LEU A 373 -6.42 -19.23 43.90
N PHE A 374 -5.29 -19.70 43.37
CA PHE A 374 -5.16 -21.08 42.87
C PHE A 374 -4.37 -21.97 43.81
N ASN A 375 -4.58 -21.87 45.13
CA ASN A 375 -3.84 -22.67 46.11
C ASN A 375 -4.73 -23.66 46.86
N ARG A 376 -5.91 -23.98 46.34
CA ARG A 376 -6.75 -24.97 47.00
C ARG A 376 -6.27 -26.38 46.69
N THR A 377 -6.86 -27.35 47.40
CA THR A 377 -6.63 -28.76 47.13
C THR A 377 -7.89 -29.53 47.55
N TYR A 378 -8.14 -30.63 46.85
CA TYR A 378 -9.37 -31.40 47.03
C TYR A 378 -9.06 -32.89 46.92
N MET A 379 -10.05 -33.70 47.30
CA MET A 379 -9.93 -35.14 47.23
C MET A 379 -11.33 -35.74 47.13
N ASN A 392 -21.47 -13.68 50.22
CA ASN A 392 -21.09 -13.25 48.88
C ASN A 392 -20.31 -11.93 48.88
N SER A 393 -20.06 -11.36 50.07
CA SER A 393 -19.26 -10.15 50.20
C SER A 393 -18.30 -10.17 51.37
N THR A 394 -18.43 -11.09 52.32
CA THR A 394 -17.56 -11.11 53.48
C THR A 394 -16.17 -11.63 53.12
N ARG A 395 -15.19 -11.26 53.93
CA ARG A 395 -13.83 -11.78 53.85
C ARG A 395 -13.15 -11.45 52.52
N THR A 396 -13.60 -10.36 51.88
CA THR A 396 -13.26 -10.07 50.48
C THR A 396 -11.76 -10.06 50.24
N ILE A 397 -11.33 -10.85 49.25
CA ILE A 397 -9.91 -11.05 48.96
C ILE A 397 -9.37 -9.81 48.27
N THR A 398 -8.07 -9.56 48.47
CA THR A 398 -7.33 -8.60 47.68
C THR A 398 -6.02 -9.23 47.23
N ILE A 399 -5.54 -8.79 46.07
CA ILE A 399 -4.33 -9.33 45.45
C ILE A 399 -3.51 -8.20 44.87
N HIS A 400 -2.19 -8.28 45.04
CA HIS A 400 -1.30 -7.25 44.54
C HIS A 400 -1.19 -7.32 43.02
N CYS A 401 -0.70 -6.24 42.43
CA CYS A 401 -0.67 -6.15 40.97
C CYS A 401 0.36 -5.12 40.54
N ARG A 402 0.91 -5.31 39.35
CA ARG A 402 1.88 -4.42 38.75
C ARG A 402 1.40 -3.99 37.37
N ILE A 403 1.89 -2.84 36.93
CA ILE A 403 1.57 -2.29 35.62
C ILE A 403 2.86 -1.93 34.90
N LYS A 404 2.86 -2.13 33.59
CA LYS A 404 4.00 -1.79 32.74
C LYS A 404 3.47 -1.24 31.42
N GLN A 405 4.31 -0.43 30.78
CA GLN A 405 3.92 0.32 29.59
C GLN A 405 4.31 -0.38 28.30
N ILE A 406 5.53 -0.89 28.19
CA ILE A 406 6.04 -1.44 26.95
C ILE A 406 5.54 -2.87 26.84
N ILE A 407 4.54 -3.07 26.00
CA ILE A 407 3.88 -4.36 25.80
C ILE A 407 4.32 -4.93 24.46
N ASN A 408 4.96 -6.09 24.48
CA ASN A 408 5.16 -6.86 23.28
C ASN A 408 3.80 -7.21 22.69
N MET A 409 3.66 -7.10 21.37
CA MET A 409 2.35 -7.25 20.76
C MET A 409 1.83 -8.64 21.07
N TRP A 410 0.52 -8.72 21.28
CA TRP A 410 -0.06 -9.78 22.08
C TRP A 410 0.20 -11.15 21.47
N GLN A 411 -0.08 -11.30 20.18
CA GLN A 411 -0.03 -12.62 19.58
C GLN A 411 1.40 -13.10 19.36
N GLU A 412 2.32 -12.22 18.95
CA GLU A 412 3.66 -12.67 18.59
C GLU A 412 4.66 -11.54 18.79
N VAL A 413 5.84 -11.91 19.31
CA VAL A 413 6.86 -10.98 19.77
C VAL A 413 7.76 -10.54 18.62
N GLY A 414 8.55 -9.49 18.85
CA GLY A 414 9.40 -8.89 17.84
C GLY A 414 8.90 -7.54 17.33
N ARG A 415 7.66 -7.18 17.64
CA ARG A 415 7.10 -5.87 17.36
C ARG A 415 6.53 -5.31 18.65
N ALA A 416 6.88 -4.07 18.97
CA ALA A 416 6.65 -3.49 20.29
C ALA A 416 5.62 -2.38 20.23
N MET A 417 5.03 -2.12 21.39
CA MET A 417 4.04 -1.07 21.59
C MET A 417 4.40 -0.31 22.86
N TYR A 418 4.12 0.99 22.88
CA TYR A 418 4.25 1.80 24.08
C TYR A 418 2.92 2.47 24.36
N ALA A 419 2.40 2.26 25.57
CA ALA A 419 1.13 2.84 25.99
C ALA A 419 1.39 4.13 26.74
N PRO A 420 0.91 5.30 26.28
CA PRO A 420 1.18 6.52 27.03
C PRO A 420 0.43 6.52 28.36
N PRO A 421 0.91 7.23 29.37
CA PRO A 421 0.26 7.18 30.68
C PRO A 421 -1.13 7.82 30.65
N ILE A 422 -1.99 7.31 31.53
CA ILE A 422 -3.34 7.83 31.72
C ILE A 422 -3.33 8.66 32.99
N ALA A 423 -3.73 9.93 32.88
CA ALA A 423 -3.69 10.83 34.02
C ALA A 423 -4.73 10.44 35.07
N GLY A 424 -4.43 10.77 36.32
CA GLY A 424 -5.34 10.53 37.41
C GLY A 424 -5.39 9.07 37.83
N ASN A 425 -6.27 8.79 38.78
CA ASN A 425 -6.48 7.45 39.30
C ASN A 425 -7.50 6.71 38.45
N ILE A 426 -7.40 5.39 38.45
CA ILE A 426 -8.18 4.54 37.55
C ILE A 426 -8.76 3.37 38.34
N THR A 427 -10.01 3.02 38.03
CA THR A 427 -10.62 1.80 38.50
C THR A 427 -11.34 1.16 37.32
N CYS A 428 -11.40 -0.17 37.34
CA CYS A 428 -12.06 -0.90 36.26
C CYS A 428 -12.68 -2.15 36.86
N ILE A 429 -13.97 -2.36 36.60
CA ILE A 429 -14.75 -3.45 37.18
C ILE A 429 -15.26 -4.32 36.04
N SER A 430 -14.93 -5.61 36.09
CA SER A 430 -15.34 -6.59 35.09
C SER A 430 -15.90 -7.82 35.79
N ASN A 431 -16.51 -8.70 34.99
CA ASN A 431 -17.16 -9.92 35.49
C ASN A 431 -16.78 -11.14 34.66
N ILE A 432 -15.96 -12.02 35.25
CA ILE A 432 -15.35 -13.11 34.51
C ILE A 432 -16.39 -14.18 34.18
N THR A 433 -16.02 -15.08 33.26
CA THR A 433 -16.91 -16.15 32.81
C THR A 433 -16.24 -17.50 32.64
N GLY A 434 -14.92 -17.62 32.74
CA GLY A 434 -14.28 -18.90 32.49
C GLY A 434 -12.81 -18.84 32.87
N LEU A 435 -12.21 -20.03 32.88
CA LEU A 435 -10.80 -20.19 33.20
C LEU A 435 -10.11 -20.97 32.09
N LEU A 436 -8.81 -20.69 31.91
CA LEU A 436 -7.96 -21.42 30.99
C LEU A 436 -6.94 -22.19 31.82
N LEU A 437 -7.06 -23.51 31.82
CA LEU A 437 -6.22 -24.38 32.64
C LEU A 437 -5.40 -25.31 31.76
N THR A 438 -4.33 -25.85 32.34
CA THR A 438 -3.50 -26.86 31.71
C THR A 438 -3.02 -27.84 32.77
N ARG A 439 -2.91 -29.10 32.39
CA ARG A 439 -2.63 -30.18 33.33
C ARG A 439 -1.16 -30.55 33.29
N ASP A 440 -0.54 -30.64 34.47
CA ASP A 440 0.83 -31.09 34.59
C ASP A 440 0.85 -32.62 34.64
N GLY A 441 1.33 -33.24 33.58
CA GLY A 441 1.47 -34.69 33.55
C GLY A 441 2.69 -35.13 34.32
N GLY A 442 3.07 -36.38 34.10
CA GLY A 442 4.29 -36.90 34.71
C GLY A 442 4.24 -36.97 36.22
N LYS A 443 3.05 -37.08 36.80
CA LYS A 443 2.91 -37.30 38.24
C LYS A 443 1.86 -38.37 38.45
N ASN A 444 2.19 -39.35 39.30
CA ASN A 444 1.42 -40.59 39.34
C ASN A 444 0.05 -40.39 39.96
N ASN A 445 -0.04 -39.66 41.08
CA ASN A 445 -1.19 -39.73 41.96
C ASN A 445 -1.73 -38.35 42.31
N THR A 446 -1.56 -37.37 41.42
CA THR A 446 -2.12 -36.04 41.66
C THR A 446 -2.28 -35.34 40.32
N GLU A 447 -3.53 -35.16 39.89
CA GLU A 447 -3.82 -34.39 38.68
C GLU A 447 -3.74 -32.92 39.04
N THR A 448 -2.60 -32.30 38.78
CA THR A 448 -2.35 -30.90 39.13
C THR A 448 -2.73 -30.01 37.95
N PHE A 449 -3.53 -28.98 38.23
CA PHE A 449 -4.00 -28.04 37.22
C PHE A 449 -3.57 -26.64 37.62
N ARG A 450 -3.02 -25.89 36.67
CA ARG A 450 -2.42 -24.60 36.92
C ARG A 450 -2.80 -23.64 35.80
N PRO A 451 -2.89 -22.34 36.08
CA PRO A 451 -3.34 -21.40 35.06
C PRO A 451 -2.34 -21.27 33.93
N GLY A 452 -2.86 -21.08 32.72
CA GLY A 452 -2.03 -20.90 31.55
C GLY A 452 -2.71 -20.03 30.50
N GLY A 453 -2.71 -20.51 29.27
CA GLY A 453 -3.43 -19.84 28.19
C GLY A 453 -2.86 -18.49 27.84
N GLY A 454 -1.55 -18.39 27.74
CA GLY A 454 -0.94 -17.16 27.24
C GLY A 454 -1.20 -16.92 25.78
N ASN A 455 -1.52 -17.96 25.02
CA ASN A 455 -1.80 -17.80 23.60
C ASN A 455 -3.15 -17.11 23.44
N MET A 456 -3.17 -16.05 22.64
CA MET A 456 -4.38 -15.25 22.49
C MET A 456 -5.49 -16.04 21.81
N LYS A 457 -5.15 -16.99 20.94
CA LYS A 457 -6.16 -17.67 20.15
C LYS A 457 -7.13 -18.47 21.03
N ASP A 458 -6.67 -18.97 22.18
CA ASP A 458 -7.53 -19.78 23.02
C ASP A 458 -8.65 -18.96 23.64
N ASN A 459 -8.39 -17.68 23.93
CA ASN A 459 -9.42 -16.82 24.52
C ASN A 459 -10.65 -16.74 23.64
N TRP A 460 -10.48 -16.78 22.33
CA TRP A 460 -11.60 -16.76 21.38
C TRP A 460 -12.03 -18.15 20.97
N ARG A 461 -11.12 -19.11 21.05
CA ARG A 461 -11.49 -20.52 20.92
C ARG A 461 -12.56 -20.89 21.93
N SER A 462 -12.47 -20.33 23.14
CA SER A 462 -13.46 -20.57 24.18
C SER A 462 -14.80 -19.90 23.90
N GLU A 463 -14.90 -19.04 22.89
CA GLU A 463 -16.11 -18.27 22.62
C GLU A 463 -16.80 -18.67 21.32
N LEU A 464 -16.04 -18.93 20.25
CA LEU A 464 -16.61 -19.27 18.96
C LEU A 464 -16.91 -20.76 18.81
N TYR A 465 -17.06 -21.48 19.93
CA TYR A 465 -17.51 -22.87 19.86
C TYR A 465 -18.94 -23.00 19.36
N LYS A 466 -19.71 -21.90 19.40
CA LYS A 466 -21.13 -21.97 19.06
C LYS A 466 -21.36 -22.41 17.62
N TYR A 467 -20.55 -21.91 16.69
CA TYR A 467 -20.93 -21.82 15.29
C TYR A 467 -20.15 -22.77 14.40
N LYS A 468 -20.68 -22.96 13.20
CA LYS A 468 -20.00 -23.61 12.09
C LYS A 468 -20.53 -23.00 10.80
N VAL A 469 -19.72 -23.09 9.74
CA VAL A 469 -20.06 -22.52 8.44
C VAL A 469 -20.12 -23.66 7.43
N VAL A 470 -21.12 -23.61 6.55
CA VAL A 470 -21.36 -24.66 5.56
C VAL A 470 -21.67 -24.02 4.22
N LYS A 471 -21.19 -24.66 3.15
CA LYS A 471 -21.50 -24.26 1.78
C LYS A 471 -22.80 -24.91 1.35
N ILE A 472 -23.65 -24.12 0.70
CA ILE A 472 -24.95 -24.61 0.25
C ILE A 472 -24.78 -25.33 -1.08
N GLU A 473 -25.60 -26.37 -1.29
CA GLU A 473 -25.60 -27.17 -2.50
C GLU A 473 -27.01 -27.18 -3.08
N PRO A 474 -27.44 -26.07 -3.69
CA PRO A 474 -28.86 -25.94 -4.07
C PRO A 474 -29.31 -26.94 -5.11
N LEU A 475 -28.42 -27.47 -5.92
CA LEU A 475 -28.77 -28.28 -7.08
C LEU A 475 -28.73 -29.76 -6.72
N GLY A 476 -29.80 -30.47 -7.05
CA GLY A 476 -29.88 -31.89 -6.80
C GLY A 476 -30.78 -32.55 -7.83
N VAL A 477 -30.70 -33.89 -7.88
CA VAL A 477 -31.43 -34.69 -8.84
C VAL A 477 -32.19 -35.77 -8.08
N ALA A 478 -33.11 -36.42 -8.79
CA ALA A 478 -33.87 -37.53 -8.23
C ALA A 478 -34.50 -38.30 -9.38
N PRO A 479 -34.80 -39.58 -9.19
CA PRO A 479 -35.58 -40.31 -10.19
C PRO A 479 -37.08 -40.05 -10.03
N THR A 480 -37.76 -40.01 -11.17
CA THR A 480 -39.22 -39.89 -11.18
C THR A 480 -39.76 -40.51 -12.46
N ARG A 481 -41.05 -40.86 -12.42
CA ARG A 481 -41.69 -41.60 -13.50
C ARG A 481 -42.37 -40.64 -14.49
N CYS A 482 -41.56 -39.75 -15.07
CA CYS A 482 -42.07 -38.84 -16.09
C CYS A 482 -40.97 -38.13 -16.86
N LYS A 483 -41.10 -38.08 -18.18
CA LYS A 483 -40.13 -37.46 -19.07
C LYS A 483 -40.70 -36.20 -19.71
N ARG A 484 -39.82 -35.50 -20.42
CA ARG A 484 -40.19 -34.36 -21.24
C ARG A 484 -41.22 -34.75 -22.29
N ARG A 485 -41.86 -33.72 -22.85
CA ARG A 485 -42.70 -33.86 -24.03
C ARG A 485 -42.02 -33.16 -25.19
N VAL A 486 -42.05 -33.80 -26.36
CA VAL A 486 -41.33 -33.30 -27.53
C VAL A 486 -41.94 -31.98 -27.98
N VAL B 14 -35.00 -10.34 2.65
CA VAL B 14 -35.90 -11.52 2.66
C VAL B 14 -35.15 -12.72 3.22
N PHE B 15 -35.50 -13.10 4.45
CA PHE B 15 -34.75 -14.14 5.15
C PHE B 15 -35.69 -14.74 6.20
N LEU B 16 -36.15 -15.96 5.96
CA LEU B 16 -37.10 -16.61 6.87
C LEU B 16 -37.11 -18.10 6.56
N GLY B 17 -36.77 -18.92 7.55
CA GLY B 17 -36.77 -20.36 7.37
C GLY B 17 -35.86 -20.78 6.24
N PHE B 18 -34.64 -20.23 6.23
CA PHE B 18 -33.80 -20.28 5.05
C PHE B 18 -33.50 -21.71 4.62
N LEU B 19 -33.07 -22.55 5.57
CA LEU B 19 -32.86 -23.98 5.34
C LEU B 19 -33.83 -24.82 6.16
N GLY B 20 -34.91 -24.24 6.67
CA GLY B 20 -35.80 -24.95 7.57
C GLY B 20 -36.53 -26.11 6.93
N ALA B 21 -36.62 -26.14 5.61
CA ALA B 21 -37.30 -27.24 4.93
C ALA B 21 -36.57 -28.56 5.06
N ALA B 22 -35.30 -28.55 5.48
CA ALA B 22 -34.60 -29.79 5.74
C ALA B 22 -35.31 -30.60 6.82
N GLY B 23 -35.07 -31.91 6.83
CA GLY B 23 -35.74 -32.82 7.71
C GLY B 23 -37.01 -33.43 7.12
N SER B 24 -37.68 -32.71 6.24
CA SER B 24 -39.02 -33.07 5.80
C SER B 24 -38.99 -33.86 4.49
N THR B 25 -40.17 -34.34 4.09
CA THR B 25 -40.37 -35.04 2.83
C THR B 25 -39.84 -34.26 1.65
N MET B 26 -39.53 -34.99 0.57
CA MET B 26 -39.18 -34.37 -0.71
C MET B 26 -40.24 -33.36 -1.14
N GLY B 27 -41.50 -33.79 -1.18
CA GLY B 27 -42.57 -32.96 -1.71
C GLY B 27 -42.75 -31.64 -0.97
N ALA B 28 -43.10 -31.72 0.32
CA ALA B 28 -43.31 -30.51 1.11
C ALA B 28 -42.06 -29.65 1.17
N ALA B 29 -40.89 -30.28 1.35
CA ALA B 29 -39.66 -29.49 1.40
C ALA B 29 -39.37 -28.80 0.08
N SER B 30 -39.87 -29.35 -1.03
CA SER B 30 -39.74 -28.68 -2.31
C SER B 30 -40.69 -27.49 -2.45
N MET B 31 -41.52 -27.20 -1.46
CA MET B 31 -42.41 -26.05 -1.56
C MET B 31 -41.67 -24.74 -1.33
N THR B 32 -40.61 -24.77 -0.53
CA THR B 32 -39.93 -23.57 -0.07
C THR B 32 -38.73 -23.20 -0.94
N LEU B 33 -38.58 -23.82 -2.11
CA LEU B 33 -37.34 -23.68 -2.87
C LEU B 33 -37.11 -22.24 -3.32
N THR B 34 -38.18 -21.46 -3.48
CA THR B 34 -38.02 -20.04 -3.79
C THR B 34 -37.34 -19.29 -2.66
N VAL B 35 -37.56 -19.71 -1.41
CA VAL B 35 -36.97 -19.02 -0.28
C VAL B 35 -35.45 -19.07 -0.37
N GLN B 36 -34.91 -20.19 -0.85
CA GLN B 36 -33.47 -20.34 -1.03
C GLN B 36 -32.99 -19.78 -2.35
N ALA B 37 -33.81 -19.87 -3.40
CA ALA B 37 -33.38 -19.40 -4.72
C ALA B 37 -33.13 -17.89 -4.71
N ARG B 38 -33.81 -17.15 -3.85
CA ARG B 38 -33.69 -15.70 -3.86
C ARG B 38 -32.30 -15.24 -3.43
N ASN B 39 -31.57 -16.05 -2.66
CA ASN B 39 -30.42 -15.53 -1.95
C ASN B 39 -29.24 -15.23 -2.86
N LEU B 40 -29.19 -13.99 -3.35
CA LEU B 40 -27.98 -13.38 -3.90
C LEU B 40 -28.12 -11.89 -3.55
N LEU B 41 -27.59 -11.51 -2.40
CA LEU B 41 -28.04 -10.33 -1.67
C LEU B 41 -26.86 -9.43 -1.31
N SER B 42 -27.21 -8.22 -0.89
CA SER B 42 -26.24 -7.24 -0.41
C SER B 42 -25.18 -6.93 -1.46
N GLY B 68 -12.21 -4.70 6.50
CA GLY B 68 -11.25 -4.04 5.64
C GLY B 68 -11.69 -4.00 4.18
N ILE B 69 -10.88 -3.33 3.35
CA ILE B 69 -11.18 -3.25 1.93
C ILE B 69 -10.99 -4.60 1.24
N LYS B 70 -10.25 -5.52 1.87
CA LYS B 70 -9.98 -6.81 1.24
C LYS B 70 -11.22 -7.70 1.15
N GLN B 71 -12.32 -7.34 1.82
CA GLN B 71 -13.50 -8.19 1.95
C GLN B 71 -14.39 -8.19 0.72
N LEU B 72 -14.01 -7.49 -0.35
CA LEU B 72 -14.89 -7.34 -1.51
C LEU B 72 -15.14 -8.65 -2.23
N GLN B 73 -14.21 -9.60 -2.13
CA GLN B 73 -14.26 -10.80 -2.98
C GLN B 73 -15.45 -11.70 -2.69
N ALA B 74 -16.11 -11.53 -1.53
CA ALA B 74 -17.27 -12.35 -1.23
C ALA B 74 -18.39 -12.14 -2.24
N ARG B 75 -18.56 -10.89 -2.69
CA ARG B 75 -19.56 -10.58 -3.71
C ARG B 75 -19.28 -11.38 -4.97
N VAL B 76 -18.02 -11.39 -5.40
CA VAL B 76 -17.63 -12.12 -6.60
C VAL B 76 -17.86 -13.62 -6.41
N LEU B 77 -17.54 -14.14 -5.23
CA LEU B 77 -17.74 -15.56 -4.98
C LEU B 77 -19.21 -15.94 -5.09
N ALA B 78 -20.09 -15.14 -4.49
CA ALA B 78 -21.52 -15.42 -4.55
C ALA B 78 -22.02 -15.36 -5.99
N VAL B 79 -21.58 -14.34 -6.73
CA VAL B 79 -22.01 -14.20 -8.12
C VAL B 79 -21.54 -15.40 -8.93
N GLU B 80 -20.30 -15.83 -8.70
CA GLU B 80 -19.76 -16.98 -9.42
C GLU B 80 -20.60 -18.23 -9.17
N ARG B 81 -20.92 -18.49 -7.90
CA ARG B 81 -21.74 -19.65 -7.57
C ARG B 81 -23.08 -19.60 -8.28
N TYR B 82 -23.78 -18.46 -8.15
CA TYR B 82 -25.11 -18.35 -8.73
C TYR B 82 -25.06 -18.51 -10.24
N LEU B 83 -24.11 -17.86 -10.89
CA LEU B 83 -24.06 -17.92 -12.35
C LEU B 83 -23.70 -19.31 -12.83
N ARG B 84 -22.79 -20.01 -12.15
CA ARG B 84 -22.42 -21.33 -12.60
C ARG B 84 -23.60 -22.29 -12.49
N ASP B 85 -24.34 -22.23 -11.37
CA ASP B 85 -25.52 -23.09 -11.24
C ASP B 85 -26.56 -22.73 -12.29
N GLN B 86 -26.77 -21.44 -12.53
CA GLN B 86 -27.80 -21.02 -13.47
C GLN B 86 -27.45 -21.47 -14.89
N GLN B 87 -26.19 -21.32 -15.30
CA GLN B 87 -25.83 -21.75 -16.64
C GLN B 87 -25.90 -23.26 -16.78
N LEU B 88 -25.59 -24.00 -15.71
CA LEU B 88 -25.74 -25.45 -15.79
C LEU B 88 -27.20 -25.84 -16.03
N LEU B 89 -28.12 -25.19 -15.31
CA LEU B 89 -29.54 -25.44 -15.57
C LEU B 89 -29.92 -25.02 -16.98
N GLY B 90 -29.31 -23.96 -17.50
CA GLY B 90 -29.55 -23.60 -18.89
C GLY B 90 -29.08 -24.66 -19.86
N ILE B 91 -27.88 -25.21 -19.63
CA ILE B 91 -27.33 -26.24 -20.49
C ILE B 91 -28.21 -27.48 -20.47
N TRP B 92 -28.85 -27.77 -19.34
CA TRP B 92 -29.81 -28.86 -19.30
C TRP B 92 -31.20 -28.47 -19.77
N GLY B 93 -31.36 -27.26 -20.31
CA GLY B 93 -32.67 -26.83 -20.74
C GLY B 93 -33.68 -26.69 -19.63
N CYS B 94 -33.22 -26.49 -18.40
CA CYS B 94 -34.09 -26.40 -17.22
C CYS B 94 -33.83 -25.10 -16.46
N SER B 95 -33.47 -24.03 -17.18
CA SER B 95 -33.26 -22.74 -16.53
C SER B 95 -34.58 -22.13 -16.07
N GLY B 96 -35.62 -22.26 -16.88
CA GLY B 96 -36.87 -21.56 -16.64
C GLY B 96 -37.76 -22.13 -15.57
N LYS B 97 -37.32 -23.16 -14.85
CA LYS B 97 -38.16 -23.80 -13.85
C LYS B 97 -37.32 -24.17 -12.64
N LEU B 98 -38.00 -24.33 -11.50
CA LEU B 98 -37.39 -24.90 -10.31
C LEU B 98 -37.48 -26.41 -10.29
N ILE B 99 -38.43 -27.00 -11.00
CA ILE B 99 -38.54 -28.44 -11.18
C ILE B 99 -38.82 -28.72 -12.64
N CYS B 100 -38.23 -29.79 -13.17
CA CYS B 100 -38.49 -30.19 -14.55
C CYS B 100 -37.98 -31.61 -14.74
N CYS B 101 -38.44 -32.24 -15.82
CA CYS B 101 -38.10 -33.61 -16.17
C CYS B 101 -37.21 -33.63 -17.41
N THR B 102 -36.56 -34.76 -17.63
CA THR B 102 -35.59 -34.92 -18.71
C THR B 102 -35.66 -36.36 -19.24
N ASN B 103 -34.69 -36.71 -20.06
CA ASN B 103 -34.58 -38.01 -20.73
C ASN B 103 -33.73 -38.95 -19.86
N VAL B 104 -33.15 -39.97 -20.49
CA VAL B 104 -32.11 -40.85 -19.91
C VAL B 104 -32.59 -41.51 -18.62
N PRO B 105 -33.42 -42.56 -18.70
CA PRO B 105 -34.11 -43.06 -17.50
C PRO B 105 -33.16 -43.56 -16.43
N TRP B 106 -33.73 -43.86 -15.27
CA TRP B 106 -32.93 -44.32 -14.15
C TRP B 106 -32.49 -45.76 -14.39
N ASN B 107 -31.33 -46.11 -13.84
CA ASN B 107 -30.72 -47.42 -14.02
C ASN B 107 -30.66 -48.15 -12.68
N SER B 108 -30.56 -49.48 -12.76
CA SER B 108 -30.16 -50.24 -11.59
C SER B 108 -28.77 -49.83 -11.13
N SER B 109 -27.93 -49.38 -12.06
CA SER B 109 -26.70 -48.69 -11.73
C SER B 109 -27.01 -47.37 -11.06
N TRP B 110 -25.98 -46.62 -10.68
CA TRP B 110 -26.14 -45.42 -9.85
C TRP B 110 -26.75 -45.90 -8.53
N SER B 111 -27.62 -45.12 -7.89
CA SER B 111 -28.21 -45.56 -6.63
C SER B 111 -29.17 -46.69 -6.92
N ASN B 112 -28.71 -47.92 -6.70
CA ASN B 112 -29.54 -49.10 -6.89
C ASN B 112 -30.56 -49.18 -5.77
N ARG B 113 -31.57 -48.32 -5.83
CA ARG B 113 -32.43 -48.04 -4.69
C ARG B 113 -33.88 -47.94 -5.13
N ASN B 114 -34.77 -48.27 -4.21
CA ASN B 114 -36.18 -47.89 -4.29
C ASN B 114 -36.40 -46.75 -3.31
N LEU B 115 -36.86 -45.62 -3.83
CA LEU B 115 -36.94 -44.38 -3.06
C LEU B 115 -38.35 -43.80 -2.98
N SER B 116 -39.30 -44.28 -3.79
CA SER B 116 -40.64 -43.71 -3.78
C SER B 116 -41.33 -43.90 -2.43
N GLU B 117 -41.05 -45.01 -1.74
CA GLU B 117 -41.56 -45.20 -0.38
C GLU B 117 -40.70 -44.49 0.65
N ILE B 118 -39.40 -44.39 0.40
CA ILE B 118 -38.50 -43.60 1.24
C ILE B 118 -38.56 -42.12 0.87
N TRP B 119 -39.16 -41.78 -0.28
CA TRP B 119 -39.31 -40.39 -0.71
C TRP B 119 -39.96 -39.55 0.38
N ASP B 120 -40.93 -40.13 1.09
CA ASP B 120 -41.70 -39.34 2.06
C ASP B 120 -40.91 -39.06 3.33
N ASN B 121 -40.17 -40.04 3.85
CA ASN B 121 -39.60 -39.97 5.18
C ASN B 121 -38.10 -39.67 5.20
N MET B 122 -37.50 -39.35 4.07
CA MET B 122 -36.06 -39.13 3.99
C MET B 122 -35.79 -37.67 3.70
N THR B 123 -34.90 -37.05 4.48
CA THR B 123 -34.50 -35.67 4.26
C THR B 123 -33.37 -35.61 3.24
N TRP B 124 -33.22 -34.43 2.61
CA TRP B 124 -32.37 -34.30 1.44
C TRP B 124 -30.91 -34.62 1.74
N LEU B 125 -30.45 -34.41 2.98
CA LEU B 125 -29.03 -34.56 3.29
C LEU B 125 -28.56 -35.98 2.98
N GLN B 126 -29.30 -36.98 3.45
CA GLN B 126 -28.96 -38.36 3.13
C GLN B 126 -29.08 -38.60 1.63
N TRP B 127 -30.07 -37.99 0.99
CA TRP B 127 -30.27 -38.26 -0.43
C TRP B 127 -29.10 -37.72 -1.25
N ASP B 128 -28.66 -36.50 -0.92
CA ASP B 128 -27.48 -35.95 -1.59
C ASP B 128 -26.25 -36.79 -1.31
N LYS B 129 -26.08 -37.23 -0.06
CA LYS B 129 -24.95 -38.08 0.28
C LYS B 129 -24.95 -39.35 -0.56
N GLU B 130 -26.14 -39.93 -0.77
CA GLU B 130 -26.24 -41.15 -1.54
C GLU B 130 -25.92 -40.90 -3.02
N ILE B 131 -26.49 -39.84 -3.60
CA ILE B 131 -26.44 -39.64 -5.05
C ILE B 131 -25.18 -38.91 -5.51
N SER B 132 -24.41 -38.32 -4.59
CA SER B 132 -23.18 -37.62 -4.96
C SER B 132 -22.20 -38.52 -5.69
N ASN B 133 -22.27 -39.83 -5.45
CA ASN B 133 -21.39 -40.76 -6.13
C ASN B 133 -21.61 -40.79 -7.64
N TYR B 134 -22.77 -40.30 -8.13
CA TYR B 134 -23.14 -40.48 -9.52
C TYR B 134 -23.70 -39.22 -10.19
N THR B 135 -23.88 -38.13 -9.44
CA THR B 135 -24.30 -36.86 -10.04
C THR B 135 -23.41 -36.48 -11.21
N GLN B 136 -22.10 -36.63 -11.03
CA GLN B 136 -21.14 -36.28 -12.08
C GLN B 136 -21.37 -37.11 -13.35
N ILE B 137 -21.74 -38.38 -13.20
CA ILE B 137 -22.04 -39.18 -14.38
C ILE B 137 -23.33 -38.70 -15.01
N ILE B 138 -24.33 -38.37 -14.18
CA ILE B 138 -25.65 -38.04 -14.71
C ILE B 138 -25.61 -36.75 -15.52
N TYR B 139 -24.78 -35.79 -15.12
CA TYR B 139 -24.81 -34.47 -15.75
C TYR B 139 -24.50 -34.54 -17.25
N GLY B 140 -23.49 -35.34 -17.63
CA GLY B 140 -23.15 -35.44 -19.04
C GLY B 140 -24.29 -36.00 -19.87
N LEU B 141 -24.98 -37.02 -19.35
CA LEU B 141 -26.14 -37.56 -20.03
C LEU B 141 -27.22 -36.50 -20.18
N LEU B 142 -27.45 -35.71 -19.15
CA LEU B 142 -28.45 -34.64 -19.24
C LEU B 142 -28.10 -33.66 -20.35
N GLU B 143 -26.84 -33.24 -20.40
CA GLU B 143 -26.40 -32.26 -21.37
C GLU B 143 -26.54 -32.80 -22.80
N GLU B 144 -26.11 -34.04 -23.02
CA GLU B 144 -26.24 -34.62 -24.35
C GLU B 144 -27.70 -34.82 -24.73
N SER B 145 -28.55 -35.13 -23.75
CA SER B 145 -29.98 -35.23 -24.02
C SER B 145 -30.53 -33.89 -24.50
N GLN B 146 -30.11 -32.80 -23.86
CA GLN B 146 -30.56 -31.49 -24.32
C GLN B 146 -30.11 -31.23 -25.75
N ASN B 147 -28.87 -31.61 -26.07
CA ASN B 147 -28.41 -31.44 -27.45
C ASN B 147 -29.25 -32.24 -28.43
N GLN B 148 -29.56 -33.49 -28.08
CA GLN B 148 -30.38 -34.32 -28.96
C GLN B 148 -31.76 -33.70 -29.17
N GLN B 149 -32.39 -33.24 -28.08
CA GLN B 149 -33.70 -32.63 -28.19
C GLN B 149 -33.65 -31.40 -29.09
N GLU B 150 -32.66 -30.53 -28.88
CA GLU B 150 -32.63 -29.28 -29.63
C GLU B 150 -32.32 -29.56 -31.10
N LYS B 151 -31.44 -30.52 -31.39
CA LYS B 151 -31.13 -30.83 -32.78
C LYS B 151 -32.32 -31.45 -33.48
N ASN B 152 -33.06 -32.33 -32.80
CA ASN B 152 -34.26 -32.89 -33.40
C ASN B 152 -35.28 -31.79 -33.69
N GLU B 153 -35.44 -30.86 -32.74
CA GLU B 153 -36.38 -29.76 -32.94
C GLU B 153 -35.95 -28.88 -34.10
N GLN B 154 -34.64 -28.62 -34.22
CA GLN B 154 -34.13 -27.82 -35.32
C GLN B 154 -34.37 -28.52 -36.66
N ASP B 155 -34.11 -29.83 -36.71
CA ASP B 155 -34.35 -30.58 -37.94
C ASP B 155 -35.83 -30.53 -38.32
N LEU B 156 -36.71 -30.65 -37.33
CA LEU B 156 -38.13 -30.45 -37.60
C LEU B 156 -38.39 -29.02 -38.06
N LEU B 157 -37.73 -28.05 -37.43
CA LEU B 157 -37.87 -26.66 -37.87
C LEU B 157 -37.35 -26.46 -39.28
N ALA B 158 -36.36 -27.24 -39.70
CA ALA B 158 -35.77 -27.06 -41.02
C ALA B 158 -36.78 -27.27 -42.15
N LEU B 159 -37.86 -28.00 -41.89
CA LEU B 159 -38.92 -28.20 -42.86
C LEU B 159 -39.86 -27.01 -42.97
N ASP B 160 -39.70 -25.98 -42.14
CA ASP B 160 -40.56 -24.81 -42.18
C ASP B 160 -40.46 -24.11 -43.53
N GLN C 1 16.15 -30.46 6.47
CA GLN C 1 16.28 -28.97 6.41
C GLN C 1 16.31 -28.42 7.83
N VAL C 2 15.28 -28.72 8.61
CA VAL C 2 15.23 -28.29 10.00
C VAL C 2 16.27 -29.06 10.80
N ARG C 3 17.02 -28.34 11.63
CA ARG C 3 18.06 -28.93 12.46
C ARG C 3 18.07 -28.25 13.82
N LEU C 4 18.38 -29.03 14.85
CA LEU C 4 18.57 -28.53 16.21
C LEU C 4 20.01 -28.82 16.61
N ALA C 5 20.87 -27.80 16.53
CA ALA C 5 22.23 -27.94 17.00
C ALA C 5 22.26 -27.93 18.52
N GLN C 6 23.40 -28.33 19.07
CA GLN C 6 23.59 -28.32 20.52
C GLN C 6 25.03 -27.93 20.82
N TYR C 7 25.24 -27.41 22.02
CA TYR C 7 26.56 -27.10 22.54
C TYR C 7 26.57 -27.48 24.02
N GLY C 8 27.66 -27.15 24.70
CA GLY C 8 27.77 -27.47 26.11
C GLY C 8 27.92 -28.95 26.34
N GLY C 9 28.23 -29.35 27.58
CA GLY C 9 28.41 -30.75 27.94
C GLY C 9 29.82 -31.02 28.41
N GLY C 10 30.39 -32.12 27.90
CA GLY C 10 31.69 -32.53 28.37
C GLY C 10 31.60 -33.11 29.78
N VAL C 11 32.68 -32.96 30.53
CA VAL C 11 32.73 -33.45 31.90
C VAL C 11 32.17 -32.38 32.82
N LYS C 12 31.50 -32.82 33.88
CA LYS C 12 31.01 -31.94 34.93
C LYS C 12 31.33 -32.58 36.27
N ARG C 13 31.74 -31.76 37.23
CA ARG C 13 32.20 -32.28 38.50
C ARG C 13 31.02 -32.55 39.42
N LEU C 14 31.21 -33.49 40.35
CA LEU C 14 30.13 -33.99 41.17
C LEU C 14 29.55 -32.87 42.04
N GLY C 15 28.22 -32.83 42.11
CA GLY C 15 27.53 -31.82 42.86
C GLY C 15 27.44 -30.47 42.18
N ALA C 16 28.06 -30.29 41.01
CA ALA C 16 28.06 -29.01 40.34
C ALA C 16 26.72 -28.77 39.66
N THR C 17 26.62 -27.65 38.95
CA THR C 17 25.47 -27.29 38.15
C THR C 17 25.95 -27.01 36.74
N MET C 18 25.13 -27.39 35.76
CA MET C 18 25.56 -27.44 34.37
C MET C 18 24.45 -26.93 33.47
N THR C 19 24.83 -26.48 32.27
CA THR C 19 23.94 -25.75 31.38
C THR C 19 24.15 -26.21 29.95
N LEU C 20 23.13 -26.83 29.37
CA LEU C 20 23.13 -27.17 27.95
C LEU C 20 22.47 -26.04 27.17
N SER C 21 22.34 -26.22 25.86
CA SER C 21 21.64 -25.25 25.04
C SER C 21 21.31 -25.88 23.70
N CYS C 22 20.32 -25.29 23.03
CA CYS C 22 19.93 -25.72 21.70
C CYS C 22 19.62 -24.50 20.87
N VAL C 23 19.90 -24.59 19.57
CA VAL C 23 19.68 -23.50 18.61
C VAL C 23 18.69 -23.99 17.58
N ALA C 24 17.59 -23.26 17.43
CA ALA C 24 16.53 -23.64 16.50
C ALA C 24 16.86 -23.10 15.12
N SER C 25 16.91 -23.99 14.13
CA SER C 25 17.23 -23.60 12.76
C SER C 25 15.99 -23.04 12.08
N GLY C 26 16.02 -22.91 10.75
CA GLY C 26 15.00 -22.17 10.04
C GLY C 26 13.64 -22.84 9.96
N TYR C 27 12.95 -22.91 11.10
CA TYR C 27 11.53 -23.19 11.14
C TYR C 27 10.89 -22.18 12.08
N THR C 28 9.61 -21.91 11.87
CA THR C 28 8.92 -20.92 12.69
C THR C 28 8.96 -21.33 14.16
N PHE C 29 9.41 -20.42 15.01
CA PHE C 29 9.89 -20.77 16.33
C PHE C 29 8.79 -20.86 17.38
N ASN C 30 7.67 -20.17 17.18
CA ASN C 30 6.63 -20.09 18.20
C ASN C 30 5.63 -21.24 18.16
N ASP C 31 5.73 -22.15 17.19
CA ASP C 31 4.64 -23.08 16.89
C ASP C 31 4.88 -24.50 17.39
N TYR C 32 6.10 -24.85 17.82
CA TYR C 32 6.47 -26.22 18.11
C TYR C 32 7.02 -26.33 19.51
N TYR C 33 6.35 -27.12 20.35
CA TYR C 33 6.88 -27.44 21.67
C TYR C 33 8.19 -28.22 21.54
N ILE C 34 9.11 -27.96 22.46
CA ILE C 34 10.43 -28.58 22.50
C ILE C 34 10.54 -29.37 23.79
N HIS C 35 11.04 -30.60 23.68
CA HIS C 35 11.16 -31.51 24.81
C HIS C 35 12.63 -31.86 25.03
N TRP C 36 12.99 -32.09 26.29
CA TRP C 36 14.34 -32.50 26.68
C TRP C 36 14.27 -33.93 27.16
N VAL C 37 14.86 -34.84 26.39
CA VAL C 37 14.88 -36.26 26.72
C VAL C 37 16.32 -36.71 26.82
N ARG C 38 16.55 -37.74 27.62
CA ARG C 38 17.90 -38.23 27.89
C ARG C 38 17.90 -39.74 27.86
N GLN C 39 19.11 -40.31 27.90
CA GLN C 39 19.31 -41.75 27.89
C GLN C 39 20.51 -42.08 28.78
N ALA C 40 20.24 -42.71 29.91
CA ALA C 40 21.34 -43.26 30.70
C ALA C 40 21.98 -44.42 29.91
N PRO C 41 23.25 -44.72 30.16
CA PRO C 41 23.88 -45.82 29.42
C PRO C 41 23.26 -47.16 29.79
N GLY C 42 23.07 -48.00 28.76
CA GLY C 42 22.46 -49.30 28.97
C GLY C 42 21.05 -49.23 29.49
N GLN C 43 20.30 -48.18 29.15
CA GLN C 43 18.93 -48.00 29.59
C GLN C 43 18.12 -47.37 28.47
N GLY C 44 16.80 -47.48 28.60
CA GLY C 44 15.92 -46.82 27.67
C GLY C 44 15.78 -45.34 27.96
N PHE C 45 15.34 -44.61 26.94
CA PHE C 45 15.13 -43.18 27.07
C PHE C 45 14.08 -42.88 28.13
N GLU C 46 14.07 -41.62 28.57
CA GLU C 46 13.03 -41.11 29.44
C GLU C 46 12.94 -39.61 29.24
N LEU C 47 11.79 -39.04 29.57
CA LEU C 47 11.54 -37.63 29.40
C LEU C 47 11.86 -36.90 30.70
N LEU C 48 12.36 -35.67 30.57
CA LEU C 48 12.62 -34.77 31.68
C LEU C 48 11.57 -33.66 31.79
N GLY C 49 11.25 -33.03 30.66
CA GLY C 49 10.23 -31.99 30.66
C GLY C 49 10.12 -31.39 29.28
N TYR C 50 9.21 -30.44 29.14
CA TYR C 50 9.00 -29.75 27.88
C TYR C 50 8.76 -28.28 28.16
N ILE C 51 9.20 -27.44 27.22
CA ILE C 51 9.10 -25.99 27.32
C ILE C 51 8.44 -25.46 26.05
N ASP C 52 7.41 -24.66 26.22
CA ASP C 52 6.78 -24.01 25.08
C ASP C 52 7.65 -22.81 24.69
N PRO C 53 8.17 -22.74 23.46
CA PRO C 53 9.03 -21.59 23.14
C PRO C 53 8.31 -20.26 23.19
N ALA C 54 7.03 -20.23 22.86
CA ALA C 54 6.31 -18.97 22.74
C ALA C 54 6.26 -18.21 24.07
N ASN C 55 5.55 -18.77 25.05
CA ASN C 55 5.36 -18.09 26.33
C ASN C 55 6.36 -18.53 27.39
N GLY C 56 7.19 -19.54 27.11
CA GLY C 56 8.19 -19.97 28.07
C GLY C 56 7.69 -20.86 29.18
N ARG C 57 6.49 -21.39 29.07
CA ARG C 57 5.95 -22.24 30.13
C ARG C 57 6.74 -23.55 30.18
N PRO C 58 7.34 -23.92 31.32
CA PRO C 58 7.93 -25.26 31.43
C PRO C 58 6.98 -26.26 32.03
N ASP C 59 7.38 -27.52 32.06
CA ASP C 59 6.70 -28.55 32.82
C ASP C 59 7.65 -29.73 32.96
N TYR C 60 7.68 -30.32 34.15
CA TYR C 60 8.77 -31.17 34.57
C TYR C 60 8.28 -32.57 34.92
N ALA C 61 9.17 -33.53 34.81
CA ALA C 61 8.90 -34.85 35.36
C ALA C 61 8.83 -34.78 36.88
N GLY C 62 8.04 -35.70 37.46
CA GLY C 62 7.78 -35.62 38.89
C GLY C 62 9.01 -35.82 39.76
N ALA C 63 9.97 -36.61 39.28
CA ALA C 63 11.12 -36.99 40.08
C ALA C 63 12.26 -35.97 40.03
N LEU C 64 12.12 -34.89 39.24
CA LEU C 64 13.19 -33.91 39.08
C LEU C 64 12.67 -32.48 39.08
N ARG C 65 11.48 -32.24 39.63
CA ARG C 65 10.93 -30.89 39.63
C ARG C 65 11.68 -29.95 40.56
N GLU C 66 12.46 -30.48 41.50
CA GLU C 66 13.24 -29.63 42.39
C GLU C 66 14.54 -29.15 41.73
N ARG C 67 15.04 -29.89 40.74
CA ARG C 67 16.39 -29.70 40.23
C ARG C 67 16.45 -29.10 38.84
N LEU C 68 15.38 -29.18 38.06
CA LEU C 68 15.39 -28.76 36.67
C LEU C 68 15.05 -27.28 36.53
N SER C 69 15.29 -26.75 35.33
CA SER C 69 14.83 -25.42 34.97
C SER C 69 15.02 -25.19 33.48
N PHE C 70 13.97 -24.75 32.79
CA PHE C 70 14.04 -24.40 31.37
C PHE C 70 13.68 -22.94 31.18
N TYR C 71 14.24 -22.34 30.14
CA TYR C 71 13.87 -20.99 29.72
C TYR C 71 14.57 -20.71 28.39
N ARG C 72 14.12 -19.66 27.73
CA ARG C 72 14.48 -19.40 26.35
C ARG C 72 14.70 -17.92 26.14
N ASP C 73 15.30 -17.59 24.99
CA ASP C 73 15.51 -16.22 24.54
C ASP C 73 14.98 -16.21 23.11
N LYS C 74 13.74 -15.74 22.94
CA LYS C 74 13.05 -15.89 21.66
C LYS C 74 13.77 -15.13 20.54
N SER C 75 14.42 -14.02 20.85
CA SER C 75 15.07 -13.23 19.80
C SER C 75 16.18 -14.03 19.12
N MET C 76 16.93 -14.81 19.89
CA MET C 76 18.01 -15.62 19.37
C MET C 76 17.57 -16.98 18.85
N GLU C 77 16.29 -17.33 19.01
CA GLU C 77 15.80 -18.67 18.68
C GLU C 77 16.64 -19.73 19.39
N THR C 78 16.92 -19.49 20.66
CA THR C 78 17.82 -20.32 21.45
C THR C 78 17.10 -20.75 22.73
N LEU C 79 17.37 -21.97 23.16
CA LEU C 79 16.83 -22.52 24.39
C LEU C 79 17.97 -22.87 25.33
N TYR C 80 17.65 -22.98 26.62
CA TYR C 80 18.62 -23.33 27.63
C TYR C 80 18.00 -24.33 28.59
N MET C 81 18.87 -25.05 29.29
CA MET C 81 18.50 -26.00 30.31
C MET C 81 19.47 -25.86 31.47
N ASP C 82 18.97 -26.05 32.69
CA ASP C 82 19.81 -26.10 33.88
C ASP C 82 19.40 -27.29 34.72
N LEU C 83 20.38 -28.08 35.13
CA LEU C 83 20.20 -29.17 36.08
C LEU C 83 21.14 -28.91 37.25
N ARG C 84 20.58 -28.84 38.45
CA ARG C 84 21.32 -28.45 39.63
C ARG C 84 21.74 -29.68 40.43
N SER C 85 22.97 -29.65 40.94
CA SER C 85 23.49 -30.69 41.83
C SER C 85 23.48 -32.06 41.13
N LEU C 86 24.34 -32.16 40.10
CA LEU C 86 24.49 -33.43 39.39
C LEU C 86 24.90 -34.54 40.34
N ARG C 87 24.21 -35.66 40.22
CA ARG C 87 24.55 -36.90 40.91
C ARG C 87 25.23 -37.84 39.93
N TYR C 88 25.72 -38.97 40.44
CA TYR C 88 26.47 -39.89 39.59
C TYR C 88 25.60 -40.46 38.48
N ASP C 89 24.37 -40.85 38.81
CA ASP C 89 23.54 -41.56 37.84
C ASP C 89 23.14 -40.69 36.66
N ASP C 90 23.26 -39.36 36.77
CA ASP C 90 22.88 -38.49 35.67
C ASP C 90 23.86 -38.50 34.52
N THR C 91 24.95 -39.27 34.61
CA THR C 91 25.81 -39.49 33.45
C THR C 91 24.99 -40.11 32.33
N ALA C 92 24.79 -39.36 31.25
CA ALA C 92 23.85 -39.74 30.21
C ALA C 92 24.04 -38.78 29.04
N MET C 93 23.30 -39.04 27.97
CA MET C 93 23.29 -38.20 26.77
C MET C 93 21.95 -37.50 26.68
N TYR C 94 21.97 -36.22 26.30
CA TYR C 94 20.80 -35.34 26.38
C TYR C 94 20.49 -34.78 25.01
N TYR C 95 19.22 -34.84 24.61
CA TYR C 95 18.75 -34.40 23.29
C TYR C 95 17.68 -33.33 23.41
N CYS C 96 17.70 -32.42 22.44
CA CYS C 96 16.53 -31.63 22.09
C CYS C 96 15.75 -32.34 21.00
N VAL C 97 14.43 -32.33 21.12
CA VAL C 97 13.54 -32.93 20.12
C VAL C 97 12.37 -32.00 19.89
N ARG C 98 12.02 -31.78 18.63
CA ARG C 98 10.86 -30.97 18.31
C ARG C 98 9.61 -31.84 18.37
N ASN C 99 8.50 -31.21 18.76
CA ASN C 99 7.21 -31.89 18.89
C ASN C 99 6.23 -31.32 17.89
N VAL C 100 5.39 -32.19 17.34
CA VAL C 100 4.34 -31.82 16.40
C VAL C 100 3.06 -31.66 17.22
N GLY C 101 2.55 -30.44 17.29
CA GLY C 101 1.38 -30.11 18.09
C GLY C 101 0.22 -29.71 17.21
N THR C 102 -0.97 -30.20 17.56
CA THR C 102 -2.20 -29.80 16.89
C THR C 102 -2.71 -28.51 17.52
N ALA C 103 -3.94 -28.13 17.21
CA ALA C 103 -4.52 -26.93 17.80
C ALA C 103 -4.73 -27.06 19.31
N GLY C 104 -4.87 -28.28 19.81
CA GLY C 104 -5.15 -28.49 21.23
C GLY C 104 -4.51 -29.72 21.84
N SER C 105 -3.57 -30.35 21.15
CA SER C 105 -2.94 -31.56 21.66
C SER C 105 -1.50 -31.65 21.16
N LEU C 106 -0.70 -32.42 21.87
CA LEU C 106 0.69 -32.69 21.53
C LEU C 106 0.82 -34.15 21.17
N LEU C 107 1.38 -34.43 19.98
CA LEU C 107 1.32 -35.77 19.41
C LEU C 107 2.61 -36.57 19.60
N HIS C 108 3.73 -36.12 19.04
CA HIS C 108 4.90 -36.98 19.00
C HIS C 108 6.12 -36.15 18.57
N TYR C 109 7.24 -36.84 18.40
CA TYR C 109 8.53 -36.22 18.07
C TYR C 109 8.90 -36.62 16.66
N ASP C 110 9.39 -35.65 15.87
CA ASP C 110 9.78 -35.90 14.48
C ASP C 110 11.26 -35.72 14.22
N HIS C 111 11.87 -34.64 14.71
CA HIS C 111 13.28 -34.33 14.48
C HIS C 111 14.00 -34.26 15.82
N TRP C 112 15.15 -34.90 15.90
CA TRP C 112 15.97 -34.95 17.10
C TRP C 112 17.22 -34.11 16.91
N GLY C 113 17.82 -33.73 18.04
CA GLY C 113 19.03 -32.94 18.00
C GLY C 113 20.26 -33.79 17.76
N SER C 114 21.40 -33.10 17.62
CA SER C 114 22.64 -33.79 17.31
C SER C 114 23.18 -34.59 18.49
N GLY C 115 22.68 -34.36 19.70
CA GLY C 115 23.10 -35.13 20.86
C GLY C 115 24.24 -34.50 21.62
N SER C 116 24.07 -34.38 22.94
CA SER C 116 25.03 -33.72 23.82
C SER C 116 25.42 -34.67 24.94
N PRO C 117 26.58 -35.31 24.90
CA PRO C 117 26.94 -36.20 26.00
C PRO C 117 27.34 -35.45 27.26
N VAL C 118 27.14 -36.09 28.39
CA VAL C 118 27.49 -35.55 29.70
C VAL C 118 28.00 -36.70 30.56
N ILE C 119 29.05 -36.43 31.34
CA ILE C 119 29.61 -37.38 32.28
C ILE C 119 29.82 -36.67 33.61
N VAL C 120 29.30 -37.26 34.68
CA VAL C 120 29.44 -36.72 36.03
C VAL C 120 30.59 -37.47 36.70
N SER C 121 31.63 -36.72 37.07
CA SER C 121 32.76 -37.31 37.78
C SER C 121 33.65 -36.18 38.26
N SER C 122 34.21 -36.34 39.45
CA SER C 122 35.15 -35.38 40.03
C SER C 122 36.60 -35.74 39.76
N ALA C 123 36.86 -36.80 39.01
CA ALA C 123 38.23 -37.27 38.83
C ALA C 123 39.05 -36.29 38.02
N SER C 124 40.29 -36.07 38.45
CA SER C 124 41.27 -35.38 37.65
C SER C 124 41.81 -36.31 36.57
N THR C 125 42.63 -35.75 35.68
CA THR C 125 43.29 -36.59 34.69
C THR C 125 44.21 -37.58 35.37
N LYS C 126 44.14 -38.84 34.94
CA LYS C 126 44.80 -39.92 35.67
C LYS C 126 44.95 -41.11 34.74
N GLY C 127 46.15 -41.71 34.72
CA GLY C 127 46.48 -42.73 33.75
C GLY C 127 46.17 -44.14 34.24
N PRO C 128 46.13 -45.10 33.31
CA PRO C 128 45.70 -46.44 33.67
C PRO C 128 46.73 -47.19 34.49
N SER C 129 46.24 -48.21 35.19
CA SER C 129 47.04 -49.34 35.63
C SER C 129 46.69 -50.53 34.76
N VAL C 130 47.67 -51.42 34.57
CA VAL C 130 47.52 -52.58 33.70
C VAL C 130 47.96 -53.81 34.49
N PHE C 131 47.19 -54.89 34.35
CA PHE C 131 47.43 -56.13 35.07
C PHE C 131 47.19 -57.30 34.13
N PRO C 132 47.83 -58.46 34.36
CA PRO C 132 47.57 -59.63 33.50
C PRO C 132 46.40 -60.45 33.97
N LEU C 133 45.43 -60.68 33.09
CA LEU C 133 44.39 -61.70 33.33
C LEU C 133 45.04 -63.03 32.98
N ALA C 134 45.64 -63.67 33.98
CA ALA C 134 46.58 -64.75 33.73
C ALA C 134 45.89 -65.95 33.10
N PRO C 135 46.57 -66.69 32.22
CA PRO C 135 45.94 -67.87 31.61
C PRO C 135 45.67 -68.94 32.65
N SER C 136 44.62 -69.71 32.42
CA SER C 136 44.31 -70.85 33.28
C SER C 136 45.43 -71.88 33.19
N SER C 137 46.19 -72.01 34.27
CA SER C 137 47.33 -72.92 34.29
C SER C 137 47.71 -73.29 35.72
N GLY C 143 43.27 -77.24 25.23
CA GLY C 143 44.46 -76.84 24.50
C GLY C 143 44.53 -75.34 24.30
N THR C 144 43.38 -74.74 23.99
CA THR C 144 43.26 -73.30 23.78
C THR C 144 42.69 -72.65 25.03
N ALA C 145 43.41 -71.68 25.57
CA ALA C 145 42.99 -70.94 26.75
C ALA C 145 43.17 -69.45 26.50
N ALA C 146 42.32 -68.65 27.11
CA ALA C 146 42.33 -67.21 26.93
C ALA C 146 43.22 -66.55 27.97
N LEU C 147 43.80 -65.42 27.58
CA LEU C 147 44.59 -64.58 28.48
C LEU C 147 44.41 -63.14 28.03
N GLY C 148 44.33 -62.23 29.00
CA GLY C 148 43.97 -60.86 28.73
C GLY C 148 44.64 -59.89 29.67
N CYS C 149 44.28 -58.62 29.52
CA CYS C 149 44.92 -57.53 30.26
C CYS C 149 43.84 -56.59 30.77
N LEU C 150 43.73 -56.50 32.09
CA LEU C 150 42.76 -55.61 32.71
C LEU C 150 43.37 -54.21 32.84
N VAL C 151 42.72 -53.23 32.22
CA VAL C 151 43.15 -51.83 32.27
C VAL C 151 42.23 -51.12 33.24
N LYS C 152 42.80 -50.65 34.36
CA LYS C 152 42.04 -50.14 35.49
C LYS C 152 42.31 -48.66 35.74
N ASP C 153 41.23 -47.92 36.02
CA ASP C 153 41.28 -46.63 36.67
C ASP C 153 42.11 -45.61 35.87
N TYR C 154 41.59 -45.28 34.70
CA TYR C 154 42.10 -44.18 33.90
C TYR C 154 41.00 -43.16 33.68
N PHE C 155 41.40 -41.91 33.47
CA PHE C 155 40.45 -40.84 33.24
C PHE C 155 41.16 -39.70 32.54
N PRO C 156 40.54 -39.04 31.55
CA PRO C 156 39.30 -39.31 30.81
C PRO C 156 39.53 -40.23 29.61
N GLU C 157 38.45 -40.56 28.90
CA GLU C 157 38.57 -41.32 27.67
C GLU C 157 39.31 -40.51 26.61
N PRO C 158 39.88 -41.18 25.59
CA PRO C 158 39.97 -42.61 25.31
C PRO C 158 41.19 -43.29 25.93
N VAL C 159 41.32 -44.59 25.69
CA VAL C 159 42.55 -45.33 26.00
C VAL C 159 42.87 -46.22 24.80
N THR C 160 44.15 -46.31 24.47
CA THR C 160 44.62 -47.07 23.32
C THR C 160 45.20 -48.39 23.79
N VAL C 161 44.81 -49.48 23.11
CA VAL C 161 45.27 -50.82 23.46
C VAL C 161 45.60 -51.58 22.18
N SER C 162 46.70 -52.33 22.22
CA SER C 162 47.06 -53.25 21.15
C SER C 162 48.00 -54.29 21.73
N TRP C 163 48.21 -55.36 20.97
CA TRP C 163 48.99 -56.52 21.41
C TRP C 163 50.26 -56.63 20.58
N ASN C 164 51.40 -56.76 21.24
CA ASN C 164 52.69 -57.05 20.61
C ASN C 164 53.03 -56.02 19.53
N SER C 165 52.96 -54.75 19.92
CA SER C 165 53.17 -53.63 18.99
C SER C 165 52.18 -53.68 17.84
N GLY C 166 50.98 -54.19 18.09
CA GLY C 166 49.97 -54.34 17.06
C GLY C 166 50.13 -55.56 16.18
N ALA C 167 51.18 -56.36 16.39
CA ALA C 167 51.40 -57.52 15.52
C ALA C 167 50.39 -58.62 15.82
N LEU C 168 50.12 -58.89 17.09
CA LEU C 168 49.27 -60.01 17.50
C LEU C 168 47.81 -59.59 17.35
N THR C 169 47.31 -59.68 16.10
CA THR C 169 45.93 -59.36 15.79
C THR C 169 44.99 -60.55 15.86
N SER C 170 45.51 -61.76 16.11
CA SER C 170 44.70 -62.97 15.99
C SER C 170 43.87 -63.18 17.26
N GLY C 171 42.57 -63.37 17.07
CA GLY C 171 41.69 -63.72 18.18
C GLY C 171 41.62 -62.68 19.28
N VAL C 172 41.71 -61.40 18.93
CA VAL C 172 41.78 -60.31 19.90
C VAL C 172 40.44 -59.61 19.97
N HIS C 173 39.97 -59.37 21.19
CA HIS C 173 38.80 -58.55 21.44
C HIS C 173 39.11 -57.57 22.56
N THR C 174 38.57 -56.35 22.44
CA THR C 174 38.72 -55.32 23.45
C THR C 174 37.35 -54.72 23.73
N PHE C 175 36.86 -54.92 24.93
CA PHE C 175 35.52 -54.48 25.29
C PHE C 175 35.49 -52.98 25.51
N PRO C 176 34.33 -52.34 25.34
CA PRO C 176 34.27 -50.88 25.52
C PRO C 176 34.50 -50.50 26.99
N ALA C 177 34.71 -49.21 27.19
CA ALA C 177 35.11 -48.69 28.50
C ALA C 177 33.93 -48.68 29.46
N VAL C 178 34.15 -49.25 30.65
CA VAL C 178 33.16 -49.24 31.72
C VAL C 178 33.47 -48.06 32.65
N LEU C 179 32.48 -47.19 32.85
CA LEU C 179 32.59 -46.12 33.84
C LEU C 179 32.19 -46.68 35.20
N GLN C 180 33.17 -46.88 36.08
CA GLN C 180 32.90 -47.44 37.39
C GLN C 180 32.13 -46.44 38.25
N SER C 181 31.81 -46.87 39.46
CA SER C 181 31.26 -45.95 40.46
C SER C 181 32.29 -44.91 40.90
N SER C 182 33.58 -45.20 40.73
CA SER C 182 34.64 -44.30 41.19
C SER C 182 34.84 -43.09 40.29
N GLY C 183 34.11 -42.96 39.20
CA GLY C 183 34.40 -41.90 38.26
C GLY C 183 35.61 -42.13 37.40
N LEU C 184 36.12 -43.36 37.35
CA LEU C 184 37.29 -43.73 36.57
C LEU C 184 36.93 -44.87 35.64
N TYR C 185 37.53 -44.84 34.45
CA TYR C 185 37.22 -45.79 33.39
C TYR C 185 38.13 -47.01 33.46
N SER C 186 37.67 -48.09 32.83
CA SER C 186 38.43 -49.33 32.75
C SER C 186 37.88 -50.17 31.61
N LEU C 187 38.69 -51.14 31.18
CA LEU C 187 38.26 -52.10 30.17
C LEU C 187 39.19 -53.30 30.23
N SER C 188 38.84 -54.33 29.47
CA SER C 188 39.60 -55.56 29.39
C SER C 188 39.78 -55.97 27.94
N SER C 189 41.00 -56.39 27.60
CA SER C 189 41.34 -56.91 26.28
C SER C 189 41.89 -58.32 26.43
N VAL C 190 41.42 -59.23 25.58
CA VAL C 190 41.71 -60.65 25.71
C VAL C 190 42.20 -61.18 24.37
N VAL C 191 42.96 -62.28 24.44
CA VAL C 191 43.40 -63.02 23.26
C VAL C 191 43.30 -64.50 23.57
N THR C 192 42.83 -65.27 22.58
CA THR C 192 42.71 -66.72 22.69
C THR C 192 43.85 -67.35 21.90
N VAL C 193 44.63 -68.20 22.57
CA VAL C 193 45.82 -68.81 21.99
C VAL C 193 45.93 -70.25 22.47
N PRO C 194 46.69 -71.08 21.75
CA PRO C 194 47.00 -72.42 22.28
C PRO C 194 47.86 -72.33 23.53
N SER C 195 47.75 -73.36 24.37
CA SER C 195 48.52 -73.41 25.61
C SER C 195 50.03 -73.47 25.35
N SER C 196 50.44 -73.94 24.18
CA SER C 196 51.88 -74.04 23.88
C SER C 196 52.54 -72.67 23.85
N SER C 197 51.79 -71.61 23.55
CA SER C 197 52.38 -70.28 23.42
C SER C 197 52.96 -69.78 24.74
N LEU C 198 52.44 -70.27 25.88
CA LEU C 198 52.90 -69.78 27.16
C LEU C 198 54.38 -70.10 27.38
N GLY C 199 54.80 -71.31 27.02
CA GLY C 199 56.18 -71.70 27.18
C GLY C 199 57.11 -71.26 26.07
N THR C 200 56.57 -70.76 24.96
CA THR C 200 57.36 -70.42 23.77
C THR C 200 57.29 -68.95 23.43
N GLN C 201 56.10 -68.39 23.27
CA GLN C 201 55.93 -67.05 22.70
C GLN C 201 56.04 -65.98 23.78
N THR C 202 56.06 -64.73 23.34
CA THR C 202 56.05 -63.56 24.20
C THR C 202 54.88 -62.67 23.78
N TYR C 203 53.86 -62.60 24.62
CA TYR C 203 52.69 -61.77 24.38
C TYR C 203 52.76 -60.51 25.23
N ILE C 204 52.30 -59.41 24.64
CA ILE C 204 52.37 -58.09 25.24
C ILE C 204 51.01 -57.43 25.06
N CYS C 205 50.65 -56.57 26.01
CA CYS C 205 49.53 -55.64 25.86
C CYS C 205 50.09 -54.23 25.84
N ASN C 206 50.20 -53.66 24.65
CA ASN C 206 50.47 -52.24 24.52
C ASN C 206 49.28 -51.47 25.08
N VAL C 207 49.56 -50.50 25.94
CA VAL C 207 48.52 -49.65 26.53
C VAL C 207 49.04 -48.22 26.50
N ASN C 208 48.20 -47.29 26.05
CA ASN C 208 48.57 -45.89 26.01
C ASN C 208 47.33 -45.05 26.26
N HIS C 209 47.50 -43.98 27.06
CA HIS C 209 46.40 -43.13 27.52
C HIS C 209 46.75 -41.70 27.13
N LYS C 210 46.10 -41.20 26.08
CA LYS C 210 46.48 -39.91 25.50
C LYS C 210 46.39 -38.74 26.47
N PRO C 211 45.35 -38.58 27.30
CA PRO C 211 45.32 -37.42 28.20
C PRO C 211 46.49 -37.38 29.17
N SER C 212 46.99 -38.54 29.61
CA SER C 212 48.15 -38.60 30.50
C SER C 212 49.45 -38.89 29.78
N ASN C 213 49.39 -39.40 28.55
CA ASN C 213 50.57 -39.79 27.76
C ASN C 213 51.41 -40.86 28.46
N THR C 214 50.80 -41.62 29.37
CA THR C 214 51.46 -42.79 29.95
C THR C 214 51.30 -43.97 29.00
N LYS C 215 52.38 -44.73 28.84
CA LYS C 215 52.35 -45.91 27.96
C LYS C 215 53.08 -47.05 28.66
N VAL C 216 52.46 -48.23 28.61
CA VAL C 216 52.99 -49.43 29.27
C VAL C 216 52.87 -50.60 28.30
N ASP C 217 53.98 -51.29 28.07
CA ASP C 217 54.00 -52.53 27.28
C ASP C 217 53.99 -53.72 28.23
N LYS C 218 52.84 -53.93 28.85
CA LYS C 218 52.72 -54.91 29.92
C LYS C 218 52.90 -56.33 29.38
N ARG C 219 53.83 -57.07 29.96
CA ARG C 219 53.96 -58.50 29.67
C ARG C 219 52.81 -59.25 30.30
N VAL C 220 52.22 -60.17 29.53
CA VAL C 220 50.90 -60.71 29.81
C VAL C 220 50.97 -62.14 30.32
N GLU C 221 51.80 -62.95 29.70
CA GLU C 221 51.99 -64.36 30.04
C GLU C 221 52.68 -64.71 31.38
N PRO C 222 53.53 -63.84 32.01
CA PRO C 222 54.43 -64.34 33.07
C PRO C 222 53.80 -65.20 34.17
N LYS C 223 52.52 -65.02 34.50
CA LYS C 223 51.82 -65.93 35.39
C LYS C 223 51.20 -67.08 34.61
N SER C 224 52.07 -67.84 33.93
CA SER C 224 51.68 -69.07 33.25
C SER C 224 51.84 -70.26 34.19
N CYS C 225 51.20 -70.14 35.34
CA CYS C 225 51.31 -71.16 36.40
C CYS C 225 50.08 -71.14 37.29
N GLU D 1 3.59 -43.89 34.39
CA GLU D 1 2.48 -44.79 34.80
C GLU D 1 2.16 -45.80 33.71
N ILE D 2 2.36 -45.41 32.45
CA ILE D 2 2.19 -46.28 31.30
C ILE D 2 3.57 -46.77 30.88
N VAL D 3 3.73 -48.10 30.83
CA VAL D 3 5.01 -48.75 30.55
C VAL D 3 4.88 -49.52 29.26
N LEU D 4 5.82 -49.30 28.34
CA LEU D 4 5.90 -50.04 27.09
C LEU D 4 6.97 -51.10 27.21
N THR D 5 6.57 -52.37 27.13
CA THR D 5 7.47 -53.50 27.10
C THR D 5 7.65 -53.91 25.64
N GLN D 6 8.83 -53.67 25.10
CA GLN D 6 9.13 -53.97 23.71
C GLN D 6 9.93 -55.26 23.65
N SER D 7 9.43 -56.24 22.91
CA SER D 7 9.95 -57.59 22.87
C SER D 7 10.04 -58.04 21.41
N PRO D 8 11.01 -58.92 21.08
CA PRO D 8 12.10 -59.50 21.86
C PRO D 8 13.31 -58.58 21.98
N ALA D 9 14.29 -58.99 22.78
CA ALA D 9 15.49 -58.18 22.95
C ALA D 9 16.25 -58.03 21.65
N THR D 10 16.39 -59.10 20.88
CA THR D 10 17.17 -59.11 19.66
C THR D 10 16.51 -60.01 18.63
N LEU D 11 16.58 -59.61 17.37
CA LEU D 11 16.03 -60.35 16.25
C LEU D 11 17.14 -60.64 15.24
N SER D 12 17.29 -61.91 14.88
CA SER D 12 18.28 -62.35 13.90
C SER D 12 17.58 -62.55 12.56
N ALA D 13 18.19 -62.03 11.50
CA ALA D 13 17.64 -62.18 10.17
C ALA D 13 18.76 -62.06 9.14
N SER D 14 18.40 -62.33 7.89
CA SER D 14 19.26 -62.24 6.73
C SER D 14 18.67 -61.23 5.74
N PRO D 15 19.47 -60.60 4.89
CA PRO D 15 18.95 -59.49 4.08
C PRO D 15 17.81 -59.90 3.16
N GLY D 16 16.85 -58.99 3.00
CA GLY D 16 15.70 -59.20 2.14
C GLY D 16 14.49 -59.82 2.82
N GLU D 17 14.60 -60.26 4.06
CA GLU D 17 13.50 -60.94 4.72
C GLU D 17 12.47 -59.95 5.26
N ARG D 18 11.30 -60.48 5.58
CA ARG D 18 10.31 -59.77 6.39
C ARG D 18 10.55 -60.13 7.86
N VAL D 19 10.56 -59.09 8.71
CA VAL D 19 10.76 -59.26 10.14
C VAL D 19 9.81 -58.34 10.88
N THR D 20 9.39 -58.79 12.06
CA THR D 20 8.34 -58.16 12.84
C THR D 20 8.87 -57.76 14.21
N LEU D 21 8.50 -56.56 14.65
CA LEU D 21 8.82 -56.05 15.98
C LEU D 21 7.52 -55.68 16.69
N THR D 22 7.46 -55.96 17.99
CA THR D 22 6.25 -55.83 18.77
C THR D 22 6.47 -54.89 19.95
N CYS D 23 5.44 -54.13 20.28
CA CYS D 23 5.44 -53.22 21.43
C CYS D 23 4.17 -53.49 22.23
N ARG D 24 4.33 -53.80 23.51
CA ARG D 24 3.23 -54.14 24.39
C ARG D 24 2.97 -52.98 25.35
N ALA D 25 1.71 -52.55 25.42
CA ALA D 25 1.31 -51.48 26.33
C ALA D 25 0.83 -52.08 27.64
N SER D 26 1.20 -51.42 28.74
CA SER D 26 0.73 -51.85 30.05
C SER D 26 -0.78 -51.77 30.15
N ARG D 27 -1.36 -50.69 29.62
CA ARG D 27 -2.80 -50.60 29.45
C ARG D 27 -3.07 -49.78 28.19
N SER D 28 -4.35 -49.55 27.91
CA SER D 28 -4.74 -49.02 26.61
C SER D 28 -4.14 -47.64 26.35
N VAL D 29 -3.70 -47.43 25.11
CA VAL D 29 -3.12 -46.16 24.69
C VAL D 29 -3.78 -45.70 23.39
N ARG D 30 -4.99 -46.20 23.10
CA ARG D 30 -5.67 -45.90 21.85
C ARG D 30 -4.78 -46.26 20.67
N ASN D 31 -4.84 -45.51 19.57
CA ASN D 31 -3.89 -45.62 18.46
C ASN D 31 -2.76 -44.61 18.58
N ASN D 32 -2.45 -44.17 19.81
CA ASN D 32 -1.48 -43.10 20.04
C ASN D 32 -0.09 -43.70 20.27
N VAL D 33 0.51 -44.18 19.17
CA VAL D 33 1.78 -44.89 19.21
C VAL D 33 2.63 -44.42 18.04
N ALA D 34 3.95 -44.59 18.18
CA ALA D 34 4.89 -44.24 17.13
C ALA D 34 6.05 -45.22 17.15
N TRP D 35 6.84 -45.19 16.07
CA TRP D 35 8.03 -46.01 15.93
C TRP D 35 9.16 -45.17 15.35
N TYR D 36 10.38 -45.46 15.79
CA TYR D 36 11.56 -44.70 15.38
C TYR D 36 12.70 -45.65 15.03
N GLN D 37 13.53 -45.21 14.09
CA GLN D 37 14.82 -45.84 13.85
C GLN D 37 15.89 -45.14 14.66
N HIS D 38 16.81 -45.93 15.21
CA HIS D 38 17.94 -45.42 15.98
C HIS D 38 19.21 -45.85 15.27
N LYS D 39 19.86 -44.90 14.59
CA LYS D 39 21.14 -45.18 13.97
C LYS D 39 22.18 -45.50 15.03
N GLY D 40 23.36 -45.90 14.58
CA GLY D 40 24.46 -46.11 15.50
C GLY D 40 25.01 -44.78 15.98
N GLY D 41 24.67 -44.40 17.21
CA GLY D 41 25.21 -43.19 17.82
C GLY D 41 24.93 -41.92 17.05
N GLN D 42 23.69 -41.70 16.63
CA GLN D 42 23.30 -40.48 15.94
C GLN D 42 21.88 -40.12 16.36
N SER D 43 21.32 -39.12 15.69
CA SER D 43 19.96 -38.70 15.96
C SER D 43 19.00 -39.83 15.59
N PRO D 44 18.03 -40.18 16.43
CA PRO D 44 16.95 -41.06 15.98
C PRO D 44 16.16 -40.42 14.85
N ARG D 45 15.31 -41.23 14.22
CA ARG D 45 14.51 -40.79 13.09
C ARG D 45 13.12 -41.42 13.19
N LEU D 46 12.14 -40.73 12.62
CA LEU D 46 10.74 -41.15 12.70
C LEU D 46 10.42 -42.12 11.56
N LEU D 47 9.66 -43.18 11.90
CA LEU D 47 9.20 -44.15 10.92
C LEU D 47 7.68 -44.16 10.79
N ILE D 48 6.96 -44.42 11.87
CA ILE D 48 5.49 -44.49 11.87
C ILE D 48 5.02 -43.78 13.13
N TYR D 49 3.88 -43.08 13.04
CA TYR D 49 3.50 -42.16 14.11
C TYR D 49 2.02 -42.15 14.48
N ASP D 50 1.19 -43.07 13.98
CA ASP D 50 -0.05 -43.40 14.68
C ASP D 50 -0.12 -44.88 15.01
N ALA D 51 -0.28 -45.75 14.02
CA ALA D 51 0.12 -47.15 14.12
C ALA D 51 0.67 -47.71 12.82
N SER D 52 0.27 -47.17 11.67
CA SER D 52 0.74 -47.60 10.36
C SER D 52 1.01 -46.43 9.42
N THR D 53 0.57 -45.22 9.73
CA THR D 53 0.80 -44.07 8.86
C THR D 53 2.29 -43.79 8.79
N ARG D 54 2.90 -44.13 7.65
CA ARG D 54 4.34 -43.98 7.53
C ARG D 54 4.72 -42.51 7.49
N ALA D 55 5.85 -42.20 8.11
CA ALA D 55 6.34 -40.83 8.10
C ALA D 55 6.84 -40.45 6.71
N ALA D 56 6.85 -39.15 6.44
CA ALA D 56 7.26 -38.66 5.14
C ALA D 56 8.72 -39.01 4.87
N GLY D 57 9.01 -39.38 3.63
CA GLY D 57 10.36 -39.66 3.20
C GLY D 57 10.89 -41.02 3.56
N VAL D 58 10.16 -41.81 4.34
CA VAL D 58 10.62 -43.13 4.76
C VAL D 58 10.44 -44.09 3.59
N PRO D 59 11.31 -45.09 3.42
CA PRO D 59 11.05 -46.09 2.36
C PRO D 59 9.77 -46.87 2.62
N ALA D 60 9.14 -47.30 1.53
CA ALA D 60 7.86 -47.99 1.61
C ALA D 60 7.94 -49.33 2.32
N ARG D 61 9.13 -49.93 2.41
CA ARG D 61 9.26 -51.23 3.05
C ARG D 61 8.90 -51.21 4.53
N PHE D 62 8.92 -50.04 5.16
CA PHE D 62 8.52 -49.92 6.56
C PHE D 62 7.00 -49.88 6.67
N SER D 63 6.47 -50.59 7.66
CA SER D 63 5.03 -50.70 7.82
C SER D 63 4.73 -51.13 9.26
N GLY D 64 3.46 -50.96 9.65
CA GLY D 64 3.03 -51.32 10.98
C GLY D 64 1.54 -51.50 11.02
N SER D 65 1.02 -51.77 12.21
CA SER D 65 -0.41 -51.97 12.39
C SER D 65 -0.72 -51.98 13.88
N ALA D 66 -1.97 -51.62 14.20
CA ALA D 66 -2.47 -51.67 15.57
C ALA D 66 -3.16 -53.00 15.82
N SER D 67 -3.15 -53.42 17.08
CA SER D 67 -3.79 -54.67 17.50
C SER D 67 -4.51 -54.47 18.83
N GLY D 68 -5.25 -53.38 18.96
CA GLY D 68 -5.98 -53.09 20.18
C GLY D 68 -5.10 -52.44 21.24
N THR D 69 -4.26 -53.26 21.87
CA THR D 69 -3.25 -52.76 22.81
C THR D 69 -1.84 -53.21 22.48
N GLU D 70 -1.67 -54.25 21.67
CA GLU D 70 -0.36 -54.56 21.09
C GLU D 70 -0.19 -53.75 19.81
N PHE D 71 1.05 -53.37 19.55
CA PHE D 71 1.42 -52.58 18.39
C PHE D 71 2.64 -53.21 17.74
N THR D 72 2.65 -53.24 16.42
CA THR D 72 3.53 -54.13 15.67
C THR D 72 4.09 -53.40 14.46
N LEU D 73 5.38 -53.09 14.51
CA LEU D 73 6.11 -52.62 13.34
C LEU D 73 6.56 -53.82 12.52
N ALA D 74 6.43 -53.68 11.19
CA ALA D 74 6.82 -54.74 10.26
C ALA D 74 7.57 -54.14 9.09
N ILE D 75 8.78 -54.65 8.85
CA ILE D 75 9.60 -54.26 7.71
C ILE D 75 9.57 -55.42 6.72
N SER D 76 9.32 -55.11 5.45
CA SER D 76 9.07 -56.16 4.46
C SER D 76 10.38 -56.75 3.92
N ASN D 77 11.29 -55.89 3.48
CA ASN D 77 12.56 -56.31 2.86
C ASN D 77 13.68 -55.73 3.71
N LEU D 78 14.04 -56.46 4.77
CA LEU D 78 15.05 -56.00 5.70
C LEU D 78 16.40 -55.96 4.99
N GLU D 79 16.93 -54.75 4.78
CA GLU D 79 18.15 -54.56 4.01
C GLU D 79 19.36 -54.58 4.94
N SER D 80 20.53 -54.34 4.37
CA SER D 80 21.77 -54.33 5.16
C SER D 80 21.75 -53.23 6.19
N GLU D 81 21.26 -52.05 5.83
CA GLU D 81 21.28 -50.92 6.73
C GLU D 81 20.33 -51.08 7.90
N ASP D 82 19.30 -51.91 7.76
CA ASP D 82 18.26 -52.01 8.78
C ASP D 82 18.67 -52.86 9.98
N PHE D 83 19.85 -53.48 9.94
CA PHE D 83 20.35 -54.22 11.10
C PHE D 83 20.83 -53.21 12.14
N THR D 84 19.87 -52.62 12.84
CA THR D 84 20.15 -51.59 13.83
C THR D 84 19.08 -51.65 14.92
N VAL D 85 19.01 -50.62 15.75
CA VAL D 85 18.11 -50.58 16.90
C VAL D 85 16.88 -49.77 16.55
N TYR D 86 15.72 -50.22 17.03
CA TYR D 86 14.45 -49.52 16.88
C TYR D 86 13.74 -49.53 18.22
N PHE D 87 13.02 -48.45 18.52
CA PHE D 87 12.27 -48.35 19.76
C PHE D 87 10.89 -47.77 19.51
N CYS D 88 9.90 -48.27 20.26
CA CYS D 88 8.53 -47.81 20.16
C CYS D 88 8.26 -46.72 21.20
N LEU D 89 7.11 -46.06 21.06
CA LEU D 89 6.79 -44.88 21.84
C LEU D 89 5.28 -44.70 21.86
N GLN D 90 4.75 -44.33 23.03
CA GLN D 90 3.32 -44.06 23.19
C GLN D 90 3.14 -42.62 23.64
N TYR D 91 1.99 -42.05 23.30
CA TYR D 91 1.69 -40.66 23.64
C TYR D 91 0.23 -40.47 24.02
N ASN D 92 -0.43 -41.53 24.50
CA ASN D 92 -1.78 -41.39 25.05
C ASN D 92 -1.79 -40.70 26.40
N ASN D 93 -0.67 -40.69 27.10
CA ASN D 93 -0.57 -40.17 28.46
C ASN D 93 0.77 -39.44 28.52
N TRP D 94 1.30 -39.22 29.73
CA TRP D 94 2.67 -38.77 29.86
C TRP D 94 3.61 -39.63 29.01
N TRP D 95 4.64 -38.98 28.50
CA TRP D 95 5.49 -39.57 27.48
C TRP D 95 6.35 -40.66 28.11
N THR D 96 6.53 -41.77 27.38
CA THR D 96 7.43 -42.82 27.85
C THR D 96 8.06 -43.49 26.65
N PHE D 97 9.14 -44.23 26.90
CA PHE D 97 9.95 -44.85 25.86
C PHE D 97 10.16 -46.32 26.19
N GLY D 98 10.18 -47.16 25.16
CA GLY D 98 10.49 -48.55 25.34
C GLY D 98 11.99 -48.80 25.37
N GLN D 99 12.36 -50.02 25.78
CA GLN D 99 13.77 -50.37 25.88
C GLN D 99 14.46 -50.44 24.53
N GLY D 100 13.70 -50.53 23.44
CA GLY D 100 14.30 -50.65 22.12
C GLY D 100 14.78 -52.06 21.84
N THR D 101 14.75 -52.46 20.57
CA THR D 101 15.12 -53.80 20.14
C THR D 101 16.19 -53.71 19.07
N ARG D 102 17.20 -54.56 19.18
CA ARG D 102 18.27 -54.65 18.20
C ARG D 102 17.91 -55.62 17.08
N VAL D 103 18.38 -55.30 15.88
CA VAL D 103 18.26 -56.16 14.71
C VAL D 103 19.67 -56.45 14.23
N ASP D 104 19.99 -57.74 14.07
CA ASP D 104 21.37 -58.16 13.84
C ASP D 104 21.42 -59.32 12.86
N ILE D 105 22.64 -59.61 12.39
CA ILE D 105 22.84 -60.61 11.34
C ILE D 105 22.56 -62.00 11.89
N LYS D 106 21.98 -62.85 11.05
CA LYS D 106 21.70 -64.23 11.41
C LYS D 106 22.84 -65.15 11.00
N ARG D 107 23.02 -66.21 11.77
CA ARG D 107 24.04 -67.22 11.49
C ARG D 107 23.64 -68.50 12.22
N THR D 108 24.56 -69.46 12.29
CA THR D 108 24.35 -70.67 13.05
C THR D 108 24.55 -70.41 14.53
N VAL D 109 23.95 -71.28 15.35
CA VAL D 109 24.16 -71.19 16.79
C VAL D 109 25.59 -71.59 17.12
N ALA D 110 26.17 -70.93 18.12
CA ALA D 110 27.54 -71.20 18.53
C ALA D 110 27.69 -70.84 20.00
N ALA D 111 28.27 -71.73 20.78
CA ALA D 111 28.44 -71.52 22.20
C ALA D 111 29.67 -70.66 22.49
N PRO D 112 29.74 -70.05 23.68
CA PRO D 112 30.97 -69.33 24.05
C PRO D 112 32.06 -70.25 24.55
N SER D 113 33.30 -69.85 24.28
CA SER D 113 34.46 -70.45 24.92
C SER D 113 34.63 -69.80 26.29
N VAL D 114 34.33 -70.54 27.34
CA VAL D 114 34.21 -69.99 28.68
C VAL D 114 35.56 -70.05 29.37
N PHE D 115 35.94 -68.96 30.04
CA PHE D 115 37.17 -68.88 30.81
C PHE D 115 36.92 -68.08 32.07
N ILE D 116 37.77 -68.30 33.07
CA ILE D 116 37.75 -67.55 34.32
C ILE D 116 39.16 -67.09 34.62
N PHE D 117 39.26 -65.97 35.34
CA PHE D 117 40.54 -65.33 35.64
C PHE D 117 40.55 -64.82 37.09
N PRO D 118 41.40 -65.34 37.97
CA PRO D 118 41.50 -64.78 39.32
C PRO D 118 42.10 -63.38 39.29
N PRO D 119 42.11 -62.68 40.42
CA PRO D 119 42.77 -61.37 40.46
C PRO D 119 44.25 -61.50 40.19
N SER D 120 44.82 -60.48 39.54
CA SER D 120 46.27 -60.38 39.45
C SER D 120 46.83 -60.12 40.84
N ASP D 121 47.77 -60.98 41.25
CA ASP D 121 48.40 -60.77 42.56
C ASP D 121 49.16 -59.46 42.60
N GLU D 122 49.62 -58.98 41.44
CA GLU D 122 50.16 -57.63 41.36
C GLU D 122 49.07 -56.60 41.71
N GLN D 123 47.85 -56.83 41.23
CA GLN D 123 46.74 -55.93 41.57
C GLN D 123 46.31 -56.12 43.01
N LEU D 124 46.30 -57.36 43.49
CA LEU D 124 45.65 -57.68 44.76
C LEU D 124 46.31 -56.99 45.94
N LYS D 125 47.58 -56.62 45.83
CA LYS D 125 48.25 -55.93 46.92
C LYS D 125 47.58 -54.58 47.22
N SER D 126 47.07 -53.91 46.20
CA SER D 126 46.29 -52.70 46.40
C SER D 126 44.91 -52.97 47.01
N GLY D 127 44.47 -54.23 47.02
CA GLY D 127 43.17 -54.57 47.57
C GLY D 127 42.01 -54.42 46.61
N THR D 128 42.24 -53.96 45.38
CA THR D 128 41.19 -53.85 44.37
C THR D 128 41.01 -55.20 43.68
N ALA D 129 40.54 -56.17 44.47
CA ALA D 129 40.38 -57.53 43.96
C ALA D 129 39.31 -57.57 42.88
N SER D 130 39.72 -57.98 41.68
CA SER D 130 38.83 -58.08 40.53
C SER D 130 38.92 -59.49 39.97
N VAL D 131 37.77 -60.03 39.56
CA VAL D 131 37.68 -61.37 39.00
C VAL D 131 36.87 -61.26 37.71
N VAL D 132 37.29 -61.99 36.68
CA VAL D 132 36.80 -61.78 35.32
C VAL D 132 36.42 -63.11 34.69
N CYS D 133 35.33 -63.10 33.93
CA CYS D 133 34.94 -64.19 33.03
C CYS D 133 35.21 -63.76 31.60
N LEU D 134 35.02 -64.72 30.67
CA LEU D 134 35.06 -64.39 29.25
C LEU D 134 34.16 -65.38 28.52
N LEU D 135 33.28 -64.85 27.66
CA LEU D 135 32.36 -65.64 26.85
C LEU D 135 32.58 -65.17 25.40
N ASN D 136 33.43 -65.88 24.68
CA ASN D 136 34.00 -65.41 23.42
C ASN D 136 33.42 -66.19 22.25
N ASN D 137 32.98 -65.46 21.22
CA ASN D 137 32.54 -66.03 19.94
C ASN D 137 31.38 -67.01 20.14
N PHE D 138 30.25 -66.46 20.57
CA PHE D 138 29.01 -67.19 20.73
C PHE D 138 27.93 -66.59 19.86
N TYR D 139 26.81 -67.31 19.78
CA TYR D 139 25.63 -66.86 19.06
C TYR D 139 24.44 -67.65 19.56
N PRO D 140 23.25 -67.05 19.70
CA PRO D 140 22.77 -65.67 19.50
C PRO D 140 23.09 -64.73 20.66
N ARG D 141 22.56 -63.50 20.58
CA ARG D 141 22.81 -62.51 21.63
C ARG D 141 22.34 -62.98 22.99
N GLU D 142 21.33 -63.85 23.03
CA GLU D 142 20.78 -64.31 24.30
C GLU D 142 21.84 -65.02 25.12
N ALA D 143 22.25 -64.41 26.23
CA ALA D 143 23.29 -64.97 27.07
C ALA D 143 23.10 -64.42 28.49
N LYS D 144 23.73 -65.10 29.45
CA LYS D 144 23.68 -64.68 30.83
C LYS D 144 24.83 -65.33 31.58
N VAL D 145 25.38 -64.60 32.55
CA VAL D 145 26.51 -65.05 33.34
C VAL D 145 26.20 -64.77 34.81
N GLN D 146 26.73 -65.64 35.68
CA GLN D 146 26.50 -65.54 37.12
C GLN D 146 27.80 -65.74 37.86
N TRP D 147 27.83 -65.20 39.08
CA TRP D 147 29.00 -65.23 39.94
C TRP D 147 28.63 -66.00 41.21
N LYS D 148 29.44 -67.01 41.56
CA LYS D 148 29.22 -67.79 42.76
C LYS D 148 30.57 -68.07 43.40
N VAL D 149 30.69 -67.75 44.69
CA VAL D 149 31.97 -67.82 45.40
C VAL D 149 31.90 -68.70 46.64
N ASP D 150 30.72 -68.81 47.24
CA ASP D 150 30.52 -69.72 48.36
C ASP D 150 29.14 -70.37 48.24
N ASN D 151 28.81 -70.81 47.02
CA ASN D 151 27.51 -71.35 46.64
C ASN D 151 26.42 -70.30 46.63
N ALA D 152 26.74 -69.03 46.88
CA ALA D 152 25.78 -67.93 46.91
C ALA D 152 25.97 -67.07 45.67
N LEU D 153 24.88 -66.79 44.97
CA LEU D 153 24.94 -65.98 43.77
C LEU D 153 25.29 -64.54 44.15
N GLN D 154 26.52 -64.13 43.88
CA GLN D 154 26.91 -62.75 44.13
C GLN D 154 26.20 -61.82 43.15
N SER D 155 25.81 -60.65 43.64
CA SER D 155 25.03 -59.71 42.85
C SER D 155 25.39 -58.29 43.25
N GLY D 156 25.10 -57.36 42.36
CA GLY D 156 25.34 -55.94 42.61
C GLY D 156 26.75 -55.47 42.37
N ASN D 157 27.75 -56.22 42.85
CA ASN D 157 29.15 -55.85 42.74
C ASN D 157 29.81 -56.40 41.48
N SER D 158 29.04 -56.62 40.41
CA SER D 158 29.56 -57.15 39.16
C SER D 158 29.04 -56.32 37.99
N GLN D 159 29.76 -56.40 36.87
CA GLN D 159 29.41 -55.65 35.68
C GLN D 159 29.84 -56.44 34.45
N GLU D 160 29.17 -56.18 33.34
CA GLU D 160 29.33 -56.93 32.10
C GLU D 160 29.65 -55.98 30.95
N SER D 161 30.13 -56.57 29.85
CA SER D 161 30.37 -55.83 28.62
C SER D 161 30.28 -56.81 27.46
N VAL D 162 29.60 -56.40 26.40
CA VAL D 162 29.32 -57.24 25.25
C VAL D 162 29.71 -56.50 23.99
N THR D 163 30.42 -57.19 23.10
CA THR D 163 30.86 -56.60 21.85
C THR D 163 29.74 -56.63 20.80
N GLU D 164 29.94 -55.88 19.73
CA GLU D 164 29.18 -56.07 18.51
C GLU D 164 29.48 -57.46 17.95
N GLN D 165 28.57 -57.96 17.11
CA GLN D 165 28.87 -59.17 16.37
C GLN D 165 30.16 -58.98 15.58
N ASP D 166 31.09 -59.92 15.75
CA ASP D 166 32.33 -59.89 15.00
C ASP D 166 32.03 -59.96 13.51
N SER D 167 32.59 -59.03 12.76
CA SER D 167 32.16 -58.80 11.38
C SER D 167 32.37 -60.03 10.50
N LYS D 168 33.41 -60.81 10.77
CA LYS D 168 33.75 -61.91 9.86
C LYS D 168 32.84 -63.12 10.08
N ASP D 169 32.59 -63.50 11.34
CA ASP D 169 31.78 -64.67 11.66
C ASP D 169 30.50 -64.35 12.43
N SER D 170 30.19 -63.08 12.67
CA SER D 170 28.91 -62.63 13.23
C SER D 170 28.66 -63.13 14.64
N THR D 171 29.67 -63.61 15.35
CA THR D 171 29.51 -64.08 16.73
C THR D 171 29.86 -62.98 17.71
N TYR D 172 29.12 -62.94 18.81
CA TYR D 172 29.40 -61.99 19.89
C TYR D 172 30.53 -62.47 20.77
N SER D 173 31.07 -61.55 21.57
CA SER D 173 31.97 -61.85 22.65
C SER D 173 31.56 -61.03 23.86
N LEU D 174 31.54 -61.66 25.03
CA LEU D 174 31.07 -61.03 26.26
C LEU D 174 32.06 -61.31 27.38
N SER D 175 32.22 -60.33 28.27
CA SER D 175 33.00 -60.49 29.48
C SER D 175 32.24 -59.94 30.66
N SER D 176 32.49 -60.51 31.82
CA SER D 176 31.90 -60.08 33.08
C SER D 176 33.02 -59.87 34.10
N THR D 177 32.81 -58.90 34.99
CA THR D 177 33.77 -58.54 36.00
C THR D 177 33.09 -58.54 37.36
N LEU D 178 33.81 -58.98 38.38
CA LEU D 178 33.38 -58.91 39.77
C LEU D 178 34.32 -57.99 40.52
N THR D 179 33.78 -57.22 41.45
CA THR D 179 34.54 -56.26 42.24
C THR D 179 34.51 -56.69 43.71
N LEU D 180 35.69 -56.78 44.32
CA LEU D 180 35.83 -57.21 45.70
C LEU D 180 36.97 -56.45 46.35
N SER D 181 36.86 -56.28 47.67
CA SER D 181 37.98 -55.78 48.47
C SER D 181 38.90 -56.95 48.83
N LYS D 182 40.08 -56.60 49.38
CA LYS D 182 41.02 -57.64 49.76
C LYS D 182 40.44 -58.53 50.87
N ALA D 183 39.82 -57.92 51.87
CA ALA D 183 39.13 -58.71 52.89
C ALA D 183 37.98 -59.49 52.28
N ASP D 184 37.22 -58.86 51.38
CA ASP D 184 36.13 -59.54 50.71
C ASP D 184 36.63 -60.70 49.88
N TYR D 185 37.75 -60.50 49.17
CA TYR D 185 38.32 -61.58 48.37
C TYR D 185 38.84 -62.71 49.26
N GLU D 186 39.44 -62.37 50.40
CA GLU D 186 40.03 -63.39 51.25
C GLU D 186 38.96 -64.20 51.97
N LYS D 187 37.87 -63.55 52.38
CA LYS D 187 36.85 -64.22 53.18
C LYS D 187 36.14 -65.34 52.44
N HIS D 188 36.10 -65.27 51.11
CA HIS D 188 35.47 -66.29 50.27
C HIS D 188 36.53 -67.06 49.51
N LYS D 189 36.28 -68.36 49.32
CA LYS D 189 37.31 -69.31 48.90
C LYS D 189 37.12 -69.77 47.46
N VAL D 190 35.96 -70.33 47.13
CA VAL D 190 35.67 -70.71 45.76
C VAL D 190 35.32 -69.46 44.97
N TYR D 191 35.55 -69.50 43.65
CA TYR D 191 35.08 -68.47 42.74
C TYR D 191 34.69 -69.15 41.45
N ALA D 192 33.53 -68.79 40.90
CA ALA D 192 32.95 -69.52 39.77
C ALA D 192 32.29 -68.57 38.78
N CYS D 193 32.62 -68.76 37.50
CA CYS D 193 31.92 -68.12 36.39
C CYS D 193 30.91 -69.12 35.84
N GLU D 194 29.64 -68.93 36.17
CA GLU D 194 28.57 -69.78 35.70
C GLU D 194 27.93 -69.13 34.48
N VAL D 195 27.76 -69.91 33.42
CA VAL D 195 27.35 -69.42 32.11
C VAL D 195 26.02 -70.04 31.72
N THR D 196 25.10 -69.22 31.23
CA THR D 196 23.84 -69.68 30.63
C THR D 196 23.70 -69.03 29.27
N HIS D 197 23.71 -69.86 28.23
CA HIS D 197 23.62 -69.37 26.87
C HIS D 197 22.90 -70.43 26.04
N GLN D 198 22.08 -69.98 25.09
CA GLN D 198 21.15 -70.89 24.41
C GLN D 198 21.88 -72.00 23.68
N GLY D 199 23.05 -71.71 23.11
CA GLY D 199 23.87 -72.72 22.48
C GLY D 199 24.51 -73.71 23.44
N LEU D 200 24.39 -73.49 24.74
CA LEU D 200 24.86 -74.41 25.76
C LEU D 200 23.67 -75.01 26.49
N SER D 201 23.82 -76.29 26.86
CA SER D 201 22.70 -77.08 27.37
C SER D 201 22.59 -77.08 28.89
N SER D 202 23.51 -76.44 29.61
CA SER D 202 23.57 -76.57 31.06
C SER D 202 24.32 -75.37 31.61
N PRO D 203 24.24 -75.12 32.93
CA PRO D 203 25.11 -74.08 33.52
C PRO D 203 26.58 -74.46 33.49
N VAL D 204 27.17 -74.42 32.30
CA VAL D 204 28.59 -74.70 32.16
C VAL D 204 29.38 -73.66 32.95
N THR D 205 30.21 -74.13 33.88
CA THR D 205 30.85 -73.26 34.86
C THR D 205 32.36 -73.47 34.85
N LYS D 206 33.10 -72.37 34.82
CA LYS D 206 34.53 -72.35 35.07
C LYS D 206 34.75 -71.75 36.44
N SER D 207 35.55 -72.43 37.27
CA SER D 207 35.72 -72.03 38.66
C SER D 207 37.13 -72.35 39.12
N PHE D 208 37.48 -71.80 40.28
CA PHE D 208 38.79 -72.00 40.88
C PHE D 208 38.69 -71.72 42.38
N ASN D 209 39.80 -71.92 43.06
CA ASN D 209 39.98 -71.50 44.44
C ASN D 209 41.25 -70.67 44.54
N ARG D 210 41.30 -69.84 45.57
CA ARG D 210 42.41 -68.90 45.74
C ARG D 210 43.71 -69.65 45.96
N GLY D 211 44.76 -69.22 45.25
CA GLY D 211 46.06 -69.85 45.34
C GLY D 211 46.22 -71.00 44.36
N GLU E 26 -33.12 -17.62 -51.62
CA GLU E 26 -34.07 -16.60 -51.08
C GLU E 26 -34.80 -17.17 -49.87
N ASN E 27 -35.50 -16.30 -49.15
CA ASN E 27 -36.21 -16.67 -47.93
C ASN E 27 -35.30 -17.31 -46.88
N LEU E 28 -34.00 -17.05 -46.94
CA LEU E 28 -33.08 -17.51 -45.91
C LEU E 28 -33.23 -16.53 -44.75
N TRP E 29 -34.22 -16.84 -43.92
CA TRP E 29 -34.46 -16.11 -42.67
C TRP E 29 -33.26 -16.26 -41.74
N VAL E 30 -33.08 -15.29 -40.85
CA VAL E 30 -31.94 -15.33 -39.94
C VAL E 30 -32.13 -16.46 -38.92
N THR E 31 -31.02 -17.08 -38.54
CA THR E 31 -30.89 -17.85 -37.31
C THR E 31 -29.64 -17.40 -36.58
N VAL E 32 -29.46 -17.90 -35.35
CA VAL E 32 -28.33 -17.54 -34.51
C VAL E 32 -27.73 -18.81 -33.92
N TYR E 33 -26.44 -18.75 -33.60
CA TYR E 33 -25.70 -19.87 -33.03
C TYR E 33 -24.83 -19.37 -31.90
N TYR E 34 -24.84 -20.11 -30.78
CA TYR E 34 -24.01 -19.82 -29.63
C TYR E 34 -22.96 -20.91 -29.45
N GLY E 35 -21.84 -20.55 -28.82
CA GLY E 35 -20.75 -21.48 -28.64
C GLY E 35 -19.95 -21.75 -29.89
N VAL E 36 -19.98 -20.83 -30.85
CA VAL E 36 -19.30 -21.06 -32.13
C VAL E 36 -17.80 -21.15 -31.90
N PRO E 37 -17.06 -22.04 -32.61
CA PRO E 37 -15.60 -21.99 -32.53
C PRO E 37 -14.99 -20.93 -33.44
N VAL E 38 -14.94 -19.69 -32.97
CA VAL E 38 -14.28 -18.60 -33.68
C VAL E 38 -13.71 -17.64 -32.64
N TRP E 39 -12.57 -17.03 -32.98
CA TRP E 39 -11.81 -16.26 -32.01
C TRP E 39 -11.12 -15.10 -32.72
N LYS E 40 -10.51 -14.23 -31.92
CA LYS E 40 -9.75 -13.10 -32.42
C LYS E 40 -8.59 -12.82 -31.48
N GLU E 41 -7.59 -12.12 -31.99
CA GLU E 41 -6.44 -11.73 -31.19
C GLU E 41 -6.79 -10.54 -30.30
N ALA E 42 -6.21 -10.53 -29.11
CA ALA E 42 -6.42 -9.45 -28.16
C ALA E 42 -5.49 -9.64 -26.98
N LYS E 43 -5.25 -8.54 -26.26
CA LYS E 43 -4.47 -8.58 -25.04
C LYS E 43 -5.37 -8.87 -23.86
N THR E 44 -4.79 -9.43 -22.80
CA THR E 44 -5.55 -9.73 -21.59
C THR E 44 -4.56 -10.00 -20.46
N THR E 45 -5.09 -10.02 -19.24
CA THR E 45 -4.29 -10.28 -18.05
C THR E 45 -4.28 -11.78 -17.78
N LEU E 46 -3.10 -12.37 -17.73
CA LEU E 46 -2.93 -13.80 -17.59
C LEU E 46 -2.61 -14.19 -16.16
N PHE E 47 -3.17 -15.31 -15.71
CA PHE E 47 -2.80 -15.86 -14.41
C PHE E 47 -1.40 -16.45 -14.46
N CYS E 48 -0.65 -16.26 -13.37
CA CYS E 48 0.52 -17.07 -13.11
C CYS E 48 0.09 -18.37 -12.44
N ALA E 49 1.05 -19.25 -12.16
CA ALA E 49 0.75 -20.47 -11.42
C ALA E 49 2.05 -21.03 -10.88
N SER E 50 2.11 -21.21 -9.57
CA SER E 50 3.32 -21.63 -8.87
C SER E 50 3.32 -23.14 -8.64
N ASP E 51 4.48 -23.65 -8.25
CA ASP E 51 4.64 -25.07 -7.96
C ASP E 51 3.90 -25.40 -6.67
N ALA E 52 3.53 -26.68 -6.54
CA ALA E 52 2.86 -27.14 -5.33
C ALA E 52 3.74 -26.96 -4.09
N LYS E 53 5.06 -27.07 -4.25
CA LYS E 53 6.03 -26.87 -3.19
C LYS E 53 6.91 -25.69 -3.55
N ALA E 54 7.34 -24.96 -2.53
CA ALA E 54 8.15 -23.76 -2.72
C ALA E 54 9.02 -23.57 -1.48
N TYR E 55 9.64 -22.39 -1.38
CA TYR E 55 10.46 -22.06 -0.22
C TYR E 55 9.66 -21.98 1.07
N THR E 65 0.86 -14.92 -2.78
CA THR E 65 1.08 -14.41 -4.13
C THR E 65 1.77 -15.44 -5.00
N HIS E 66 2.92 -15.94 -4.52
CA HIS E 66 3.73 -16.92 -5.24
C HIS E 66 3.98 -18.20 -4.48
N ALA E 67 4.22 -18.12 -3.17
CA ALA E 67 4.71 -19.29 -2.43
C ALA E 67 3.68 -20.40 -2.42
N CYS E 68 2.45 -20.09 -2.01
CA CYS E 68 1.37 -21.07 -1.94
C CYS E 68 0.42 -21.01 -3.14
N VAL E 69 0.40 -19.89 -3.87
CA VAL E 69 -0.59 -19.64 -4.91
C VAL E 69 0.09 -19.06 -6.13
N PRO E 70 -0.55 -19.17 -7.32
CA PRO E 70 -1.79 -19.89 -7.64
C PRO E 70 -1.58 -21.40 -7.73
N THR E 71 -2.67 -22.16 -7.73
CA THR E 71 -2.58 -23.61 -7.61
C THR E 71 -1.88 -24.22 -8.82
N ASP E 72 -1.16 -25.31 -8.56
CA ASP E 72 -0.42 -26.01 -9.61
C ASP E 72 -1.40 -26.69 -10.57
N PRO E 73 -1.40 -26.37 -11.88
CA PRO E 73 -2.38 -27.00 -12.77
C PRO E 73 -1.95 -28.36 -13.29
N ASN E 74 -2.83 -28.98 -14.09
CA ASN E 74 -2.52 -30.19 -14.85
C ASN E 74 -2.95 -29.96 -16.29
N PRO E 75 -2.20 -29.15 -17.04
CA PRO E 75 -2.66 -28.72 -18.37
C PRO E 75 -2.71 -29.88 -19.36
N GLN E 76 -3.81 -29.97 -20.09
CA GLN E 76 -4.01 -30.92 -21.16
C GLN E 76 -3.77 -30.23 -22.50
N GLU E 77 -4.04 -30.92 -23.60
CA GLU E 77 -3.74 -30.36 -24.91
C GLU E 77 -4.42 -31.19 -25.98
N MET E 78 -4.96 -30.52 -27.00
CA MET E 78 -5.47 -31.17 -28.21
C MET E 78 -4.74 -30.60 -29.43
N VAL E 79 -4.59 -31.45 -30.44
CA VAL E 79 -4.19 -31.01 -31.77
C VAL E 79 -5.46 -30.78 -32.58
N LEU E 80 -5.55 -29.61 -33.21
CA LEU E 80 -6.80 -29.10 -33.76
C LEU E 80 -6.86 -29.24 -35.28
N LYS E 81 -6.23 -30.29 -35.82
CA LYS E 81 -6.39 -30.71 -37.20
C LYS E 81 -6.18 -29.57 -38.22
N ASN E 82 -7.24 -29.01 -38.79
CA ASN E 82 -7.11 -28.09 -39.91
C ASN E 82 -6.85 -26.65 -39.50
N VAL E 83 -6.75 -26.36 -38.20
CA VAL E 83 -6.63 -24.97 -37.77
C VAL E 83 -5.33 -24.38 -38.27
N THR E 84 -5.42 -23.22 -38.92
CA THR E 84 -4.28 -22.49 -39.47
C THR E 84 -4.27 -21.10 -38.86
N GLU E 85 -3.26 -20.81 -38.05
CA GLU E 85 -3.15 -19.55 -37.34
C GLU E 85 -1.75 -18.98 -37.50
N ASN E 86 -1.67 -17.66 -37.62
CA ASN E 86 -0.40 -16.96 -37.71
C ASN E 86 0.11 -16.63 -36.32
N PHE E 87 1.44 -16.59 -36.19
CA PHE E 87 2.10 -16.26 -34.94
C PHE E 87 3.13 -15.17 -35.20
N ASN E 88 3.46 -14.43 -34.14
CA ASN E 88 4.50 -13.40 -34.23
C ASN E 88 5.11 -13.28 -32.84
N MET E 89 6.27 -13.89 -32.64
CA MET E 89 6.91 -13.93 -31.33
C MET E 89 7.53 -12.59 -30.94
N TRP E 90 7.70 -11.66 -31.88
CA TRP E 90 8.12 -10.31 -31.51
C TRP E 90 6.95 -9.46 -31.06
N LYS E 91 5.78 -9.63 -31.68
CA LYS E 91 4.67 -8.72 -31.45
C LYS E 91 3.89 -9.00 -30.18
N ASN E 92 3.85 -10.26 -29.73
CA ASN E 92 2.87 -10.69 -28.73
C ASN E 92 3.05 -9.95 -27.41
N ASP E 93 1.92 -9.73 -26.73
CA ASP E 93 1.90 -8.87 -25.55
C ASP E 93 2.42 -9.56 -24.30
N MET E 94 2.15 -10.86 -24.15
CA MET E 94 2.39 -11.52 -22.87
C MET E 94 3.86 -11.54 -22.47
N VAL E 95 4.78 -11.34 -23.40
CA VAL E 95 6.18 -11.20 -23.04
C VAL E 95 6.37 -9.98 -22.14
N ASP E 96 5.71 -8.88 -22.49
CA ASP E 96 5.75 -7.70 -21.63
C ASP E 96 5.16 -7.99 -20.26
N GLN E 97 4.14 -8.85 -20.21
CA GLN E 97 3.53 -9.18 -18.93
C GLN E 97 4.46 -10.04 -18.07
N MET E 98 5.16 -10.99 -18.68
CA MET E 98 6.28 -11.66 -18.01
C MET E 98 7.25 -10.65 -17.44
N HIS E 99 7.65 -9.68 -18.27
CA HIS E 99 8.65 -8.70 -17.86
C HIS E 99 8.17 -7.89 -16.67
N GLU E 100 6.90 -7.52 -16.66
CA GLU E 100 6.36 -6.75 -15.54
C GLU E 100 6.22 -7.61 -14.29
N ASP E 101 5.72 -8.84 -14.44
CA ASP E 101 5.42 -9.67 -13.29
C ASP E 101 6.69 -10.08 -12.56
N VAL E 102 7.76 -10.39 -13.31
CA VAL E 102 9.01 -10.78 -12.66
C VAL E 102 9.52 -9.64 -11.78
N ILE E 103 9.53 -8.42 -12.32
CA ILE E 103 10.04 -7.28 -11.58
C ILE E 103 9.15 -6.98 -10.39
N SER E 104 7.82 -7.09 -10.56
CA SER E 104 6.92 -6.84 -9.45
C SER E 104 7.13 -7.83 -8.32
N LEU E 105 7.30 -9.12 -8.66
CA LEU E 105 7.50 -10.12 -7.63
C LEU E 105 8.84 -9.89 -6.92
N TRP E 106 9.88 -9.53 -7.68
CA TRP E 106 11.16 -9.22 -7.05
C TRP E 106 11.04 -8.02 -6.12
N ASP E 107 10.27 -7.00 -6.52
CA ASP E 107 10.07 -5.86 -5.65
C ASP E 107 9.37 -6.26 -4.37
N GLN E 108 8.34 -7.11 -4.47
CA GLN E 108 7.65 -7.58 -3.27
C GLN E 108 8.60 -8.35 -2.37
N SER E 109 9.42 -9.22 -2.95
CA SER E 109 10.31 -10.05 -2.15
C SER E 109 11.35 -9.21 -1.41
N LEU E 110 11.91 -8.20 -2.09
CA LEU E 110 12.94 -7.36 -1.49
C LEU E 110 12.37 -6.25 -0.61
N LYS E 111 11.06 -6.05 -0.62
CA LYS E 111 10.47 -4.94 0.14
C LYS E 111 10.76 -5.01 1.64
N PRO E 112 10.57 -6.13 2.35
CA PRO E 112 10.79 -6.11 3.80
C PRO E 112 12.25 -6.14 4.23
N CYS E 113 13.19 -6.40 3.32
CA CYS E 113 14.57 -6.55 3.74
C CYS E 113 15.17 -5.23 4.21
N VAL E 114 16.28 -5.33 4.94
CA VAL E 114 16.93 -4.17 5.52
C VAL E 114 17.47 -3.26 4.43
N LYS E 115 17.51 -1.96 4.73
CA LYS E 115 18.17 -0.96 3.89
C LYS E 115 19.52 -0.62 4.49
N LEU E 116 20.52 -0.42 3.62
CA LEU E 116 21.91 -0.24 4.03
C LEU E 116 22.32 1.22 4.06
N THR E 117 21.36 2.14 4.10
CA THR E 117 21.70 3.57 4.09
C THR E 117 22.61 4.03 5.23
N PRO E 118 22.53 3.50 6.46
CA PRO E 118 23.50 3.92 7.48
C PRO E 118 24.93 3.57 7.13
N LEU E 119 25.14 2.63 6.21
CA LEU E 119 26.47 2.23 5.78
C LEU E 119 26.96 3.28 4.78
N CYS E 120 28.01 2.95 4.03
CA CYS E 120 28.63 3.82 3.00
C CYS E 120 29.15 5.11 3.61
N VAL E 121 29.56 5.06 4.88
CA VAL E 121 30.38 6.13 5.45
C VAL E 121 31.76 6.03 4.84
N THR E 122 32.59 7.06 5.04
CA THR E 122 33.92 7.10 4.45
C THR E 122 34.77 5.91 4.86
N LEU E 123 35.09 5.04 3.90
CA LEU E 123 35.91 3.88 4.18
C LEU E 123 37.39 4.26 4.16
N ASN E 124 38.13 3.74 5.15
CA ASN E 124 39.57 3.98 5.27
C ASN E 124 40.22 2.60 5.30
N CYS E 125 40.65 2.12 4.13
CA CYS E 125 41.08 0.74 3.96
C CYS E 125 42.33 0.70 3.10
N THR E 126 43.33 -0.08 3.55
CA THR E 126 44.59 -0.26 2.84
C THR E 126 44.74 -1.63 2.20
N ASN E 127 44.14 -2.65 2.78
CA ASN E 127 43.89 -3.92 2.11
C ASN E 127 45.14 -4.70 1.70
N ALA E 128 46.01 -5.06 2.66
CA ALA E 128 47.21 -5.82 2.34
C ALA E 128 47.54 -6.88 3.40
N THR E 129 46.54 -7.40 4.12
CA THR E 129 46.83 -8.28 5.26
C THR E 129 47.17 -9.70 4.80
N ALA E 130 46.20 -10.41 4.24
CA ALA E 130 46.42 -11.77 3.79
C ALA E 130 47.34 -11.79 2.57
N SER E 131 47.95 -12.96 2.34
CA SER E 131 48.93 -13.08 1.26
C SER E 131 48.29 -12.85 -0.10
N ASN E 132 47.14 -13.49 -0.35
CA ASN E 132 46.46 -13.38 -1.65
C ASN E 132 45.55 -12.15 -1.67
N SER E 133 46.19 -10.99 -1.47
CA SER E 133 45.43 -9.77 -1.25
C SER E 133 44.88 -9.17 -2.53
N SER E 134 45.65 -9.24 -3.64
CA SER E 134 45.38 -8.40 -4.79
C SER E 134 44.03 -8.69 -5.44
N ILE E 135 43.54 -9.92 -5.33
CA ILE E 135 42.32 -10.29 -6.04
C ILE E 135 41.12 -9.50 -5.52
N ILE E 136 41.02 -9.33 -4.19
CA ILE E 136 39.85 -8.73 -3.56
C ILE E 136 40.09 -7.27 -3.20
N GLU E 137 41.21 -6.97 -2.52
CA GLU E 137 41.65 -5.61 -2.17
C GLU E 137 40.57 -4.82 -1.39
N GLY E 138 39.64 -5.52 -0.73
CA GLY E 138 38.91 -4.95 0.38
C GLY E 138 39.02 -5.94 1.51
N MET E 139 39.76 -5.59 2.57
CA MET E 139 40.29 -6.59 3.47
C MET E 139 40.33 -6.03 4.89
N LYS E 140 40.14 -6.90 5.86
CA LYS E 140 40.13 -6.49 7.25
C LYS E 140 41.55 -6.21 7.76
N CYS E 142 38.17 -4.06 5.83
CA CYS E 142 38.02 -2.70 5.34
C CYS E 142 37.18 -1.92 6.36
N SER E 143 37.79 -0.93 7.00
CA SER E 143 37.27 -0.37 8.25
C SER E 143 36.45 0.89 8.02
N PHE E 144 35.65 1.22 9.03
CA PHE E 144 34.75 2.36 9.03
C PHE E 144 34.09 2.42 10.40
N ASN E 145 33.30 3.46 10.62
CA ASN E 145 32.48 3.62 11.82
C ASN E 145 31.00 3.56 11.48
N ILE E 146 30.27 2.79 12.27
CA ILE E 146 28.82 2.59 12.10
C ILE E 146 28.16 2.77 13.45
N THR E 147 27.00 3.42 13.45
CA THR E 147 26.24 3.61 14.67
C THR E 147 25.68 2.28 15.16
N THR E 148 25.94 1.95 16.42
CA THR E 148 25.56 0.68 16.99
C THR E 148 24.14 0.77 17.55
N GLU E 149 23.74 -0.23 18.34
CA GLU E 149 22.39 -0.26 18.88
C GLU E 149 22.12 0.92 19.82
N LEU E 150 23.13 1.34 20.58
CA LEU E 150 23.05 2.57 21.35
C LEU E 150 23.33 3.73 20.41
N ARG E 151 22.32 4.56 20.15
CA ARG E 151 22.40 5.55 19.11
C ARG E 151 23.28 6.74 19.46
N ASP E 152 23.84 6.80 20.67
CA ASP E 152 24.83 7.79 21.04
C ASP E 152 26.26 7.32 20.84
N LYS E 153 26.46 6.14 20.27
CA LYS E 153 27.78 5.51 20.18
C LYS E 153 28.07 5.12 18.75
N ARG E 154 29.26 5.50 18.27
CA ARG E 154 29.78 5.11 16.98
C ARG E 154 30.97 4.17 17.22
N GLU E 155 30.95 3.03 16.55
CA GLU E 155 31.89 1.94 16.82
C GLU E 155 32.59 1.53 15.54
N LYS E 156 33.89 1.23 15.66
CA LYS E 156 34.68 0.80 14.52
C LYS E 156 34.44 -0.68 14.25
N LYS E 157 34.31 -1.01 12.96
CA LYS E 157 34.19 -2.39 12.49
C LYS E 157 35.08 -2.54 11.27
N ASN E 158 35.04 -3.72 10.66
CA ASN E 158 35.66 -3.91 9.35
C ASN E 158 35.17 -5.21 8.74
N ALA E 159 35.25 -5.27 7.42
CA ALA E 159 34.86 -6.46 6.67
C ALA E 159 35.53 -6.38 5.30
N LEU E 160 35.31 -7.41 4.49
CA LEU E 160 35.92 -7.51 3.16
C LEU E 160 34.92 -7.13 2.07
N PHE E 161 35.46 -6.57 0.99
CA PHE E 161 34.68 -6.25 -0.20
C PHE E 161 35.53 -6.52 -1.44
N TYR E 162 34.87 -6.94 -2.50
CA TYR E 162 35.51 -6.99 -3.81
C TYR E 162 35.55 -5.59 -4.41
N LYS E 163 36.70 -5.25 -5.00
CA LYS E 163 36.93 -3.89 -5.45
C LYS E 163 35.97 -3.45 -6.54
N LEU E 164 35.31 -4.39 -7.23
CA LEU E 164 34.26 -4.02 -8.17
C LEU E 164 33.04 -3.43 -7.47
N ASP E 165 32.88 -3.68 -6.16
CA ASP E 165 31.85 -3.04 -5.36
C ASP E 165 32.32 -1.72 -4.76
N ILE E 166 33.52 -1.26 -5.10
CA ILE E 166 34.18 -0.14 -4.44
C ILE E 166 34.58 0.89 -5.49
N VAL E 167 34.61 2.16 -5.07
CA VAL E 167 35.10 3.25 -5.90
C VAL E 167 36.06 4.08 -5.06
N GLN E 168 37.02 4.71 -5.74
CA GLN E 168 38.10 5.44 -5.08
C GLN E 168 37.74 6.91 -5.00
N LEU E 169 37.85 7.48 -3.80
CA LEU E 169 37.72 8.91 -3.60
C LEU E 169 39.04 9.61 -3.90
N ASP E 170 38.98 10.93 -3.99
CA ASP E 170 40.18 11.70 -4.30
C ASP E 170 41.14 11.68 -3.11
N GLY E 171 42.32 12.24 -3.34
CA GLY E 171 43.32 12.30 -2.28
C GLY E 171 43.93 10.92 -2.05
N ASN E 172 44.05 10.56 -0.78
CA ASN E 172 44.59 9.24 -0.43
C ASN E 172 43.71 8.15 -1.00
N SER E 173 44.35 7.13 -1.58
CA SER E 173 43.60 5.99 -2.11
C SER E 173 42.88 5.22 -1.02
N SER E 174 43.31 5.36 0.24
CA SER E 174 42.62 4.69 1.34
C SER E 174 41.16 5.11 1.44
N GLN E 175 40.83 6.32 0.98
CA GLN E 175 39.45 6.78 1.00
C GLN E 175 38.69 6.11 -0.13
N TYR E 176 37.66 5.33 0.23
CA TYR E 176 36.76 4.71 -0.72
C TYR E 176 35.32 4.98 -0.33
N ARG E 177 34.42 4.55 -1.21
CA ARG E 177 32.99 4.70 -1.04
C ARG E 177 32.31 3.49 -1.67
N LEU E 178 31.11 3.16 -1.19
CA LEU E 178 30.31 2.19 -1.90
C LEU E 178 29.91 2.76 -3.26
N ILE E 179 29.81 1.86 -4.25
CA ILE E 179 29.72 2.31 -5.64
C ILE E 179 28.42 3.06 -5.89
N ASN E 180 27.30 2.59 -5.34
CA ASN E 180 25.99 3.16 -5.64
C ASN E 180 25.47 4.12 -4.57
N CYS E 181 26.13 4.24 -3.41
CA CYS E 181 25.51 5.00 -2.33
C CYS E 181 25.44 6.49 -2.64
N ASN E 182 26.20 6.99 -3.62
CA ASN E 182 26.00 8.36 -4.09
C ASN E 182 24.81 8.50 -5.02
N THR E 183 24.21 7.39 -5.44
CA THR E 183 23.19 7.43 -6.48
C THR E 183 21.89 6.69 -6.21
N SER E 184 21.86 5.71 -5.31
CA SER E 184 20.63 4.98 -5.03
C SER E 184 20.75 4.29 -3.68
N VAL E 185 19.59 3.92 -3.15
CA VAL E 185 19.53 3.17 -1.90
C VAL E 185 19.76 1.69 -2.18
N ILE E 186 20.51 1.04 -1.29
CA ILE E 186 20.93 -0.35 -1.46
C ILE E 186 20.21 -1.18 -0.42
N THR E 187 19.54 -2.25 -0.86
CA THR E 187 18.83 -3.18 0.01
C THR E 187 19.58 -4.50 0.03
N GLN E 188 19.95 -4.96 1.22
CA GLN E 188 20.51 -6.28 1.37
C GLN E 188 19.42 -7.32 1.11
N ALA E 189 19.76 -8.36 0.36
CA ALA E 189 18.79 -9.40 0.06
C ALA E 189 18.43 -10.16 1.34
N CYS E 190 17.15 -10.49 1.47
CA CYS E 190 16.69 -11.28 2.60
C CYS E 190 17.31 -12.67 2.55
N PRO E 191 18.28 -13.01 3.41
CA PRO E 191 18.93 -14.33 3.26
C PRO E 191 17.98 -15.49 3.46
N LYS E 192 17.01 -15.36 4.37
CA LYS E 192 16.10 -16.44 4.66
C LYS E 192 15.08 -16.67 3.56
N VAL E 193 14.97 -15.78 2.59
CA VAL E 193 14.04 -15.91 1.46
C VAL E 193 14.88 -15.86 0.20
N SER E 194 15.31 -17.03 -0.28
CA SER E 194 16.05 -17.15 -1.52
C SER E 194 15.10 -17.47 -2.66
N PHE E 195 15.23 -16.75 -3.76
CA PHE E 195 14.41 -16.96 -4.95
C PHE E 195 15.29 -17.55 -6.04
N ASP E 196 14.74 -18.54 -6.72
CA ASP E 196 15.49 -19.44 -7.59
C ASP E 196 14.64 -19.71 -8.82
N PRO E 197 15.25 -20.18 -9.92
CA PRO E 197 14.46 -20.31 -11.15
C PRO E 197 13.43 -21.42 -11.06
N ILE E 198 12.31 -21.08 -10.41
CA ILE E 198 11.19 -22.00 -10.18
C ILE E 198 10.28 -21.95 -11.40
N PRO E 199 9.91 -23.08 -12.02
CA PRO E 199 9.08 -23.00 -13.22
C PRO E 199 7.69 -22.44 -12.91
N ILE E 200 7.19 -21.62 -13.84
CA ILE E 200 5.91 -20.93 -13.71
C ILE E 200 5.05 -21.31 -14.91
N HIS E 201 3.80 -21.69 -14.64
CA HIS E 201 2.82 -21.95 -15.69
C HIS E 201 1.87 -20.77 -15.77
N TYR E 202 1.51 -20.40 -17.00
CA TYR E 202 0.61 -19.29 -17.26
C TYR E 202 -0.69 -19.79 -17.88
N CYS E 203 -1.81 -19.38 -17.29
CA CYS E 203 -3.14 -19.85 -17.66
C CYS E 203 -4.00 -18.66 -18.01
N ALA E 204 -4.69 -18.74 -19.15
CA ALA E 204 -5.60 -17.68 -19.56
C ALA E 204 -6.89 -17.75 -18.76
N PRO E 205 -7.64 -16.66 -18.67
CA PRO E 205 -8.95 -16.70 -18.01
C PRO E 205 -10.02 -17.21 -18.96
N ALA E 206 -11.22 -17.40 -18.40
CA ALA E 206 -12.34 -17.88 -19.19
C ALA E 206 -12.67 -16.90 -20.32
N GLY E 207 -13.01 -17.45 -21.47
CA GLY E 207 -13.23 -16.65 -22.67
C GLY E 207 -11.98 -16.41 -23.49
N TYR E 208 -10.81 -16.77 -22.98
CA TYR E 208 -9.54 -16.64 -23.69
C TYR E 208 -8.83 -17.98 -23.71
N ALA E 209 -8.28 -18.34 -24.86
CA ALA E 209 -7.58 -19.60 -25.06
C ALA E 209 -6.18 -19.32 -25.57
N ILE E 210 -5.23 -20.15 -25.12
CA ILE E 210 -3.83 -20.01 -25.48
C ILE E 210 -3.54 -20.98 -26.62
N LEU E 211 -3.05 -20.46 -27.74
CA LEU E 211 -2.75 -21.26 -28.93
C LEU E 211 -1.26 -21.58 -28.93
N LYS E 212 -0.96 -22.89 -28.91
CA LYS E 212 0.41 -23.40 -28.82
C LYS E 212 0.79 -24.00 -30.17
N CYS E 213 1.71 -23.35 -30.87
CA CYS E 213 2.16 -23.87 -32.16
C CYS E 213 3.07 -25.07 -31.93
N ASN E 214 2.67 -26.22 -32.46
CA ASN E 214 3.45 -27.45 -32.35
C ASN E 214 4.40 -27.65 -33.52
N ASN E 215 4.51 -26.66 -34.41
CA ASN E 215 5.39 -26.79 -35.56
C ASN E 215 6.84 -26.92 -35.10
N LYS E 216 7.57 -27.86 -35.71
CA LYS E 216 8.91 -28.20 -35.26
C LYS E 216 10.00 -27.30 -35.83
N THR E 217 9.69 -26.47 -36.82
CA THR E 217 10.70 -25.64 -37.49
C THR E 217 10.17 -24.23 -37.68
N PHE E 218 9.52 -23.69 -36.66
CA PHE E 218 8.98 -22.34 -36.73
C PHE E 218 10.06 -21.30 -36.45
N THR E 219 10.14 -20.29 -37.32
CA THR E 219 11.16 -19.26 -37.25
C THR E 219 10.75 -18.05 -36.41
N GLY E 220 9.54 -18.06 -35.84
CA GLY E 220 9.04 -16.97 -35.04
C GLY E 220 8.01 -16.10 -35.74
N THR E 221 7.95 -16.14 -37.06
CA THR E 221 6.96 -15.37 -37.81
C THR E 221 6.49 -16.21 -39.00
N GLY E 222 5.19 -16.16 -39.26
CA GLY E 222 4.59 -16.90 -40.34
C GLY E 222 3.53 -17.87 -39.83
N PRO E 223 2.82 -18.51 -40.76
CA PRO E 223 1.71 -19.38 -40.37
C PRO E 223 2.18 -20.64 -39.66
N CYS E 224 1.35 -21.10 -38.73
CA CYS E 224 1.47 -22.41 -38.11
C CYS E 224 0.29 -23.27 -38.57
N ASN E 225 0.58 -24.40 -39.21
CA ASN E 225 -0.44 -25.33 -39.67
C ASN E 225 -0.66 -26.50 -38.70
N ASN E 226 -0.01 -26.47 -37.53
CA ASN E 226 -0.07 -27.55 -36.55
C ASN E 226 -0.58 -27.04 -35.21
N VAL E 227 -1.56 -26.13 -35.26
CA VAL E 227 -2.02 -25.40 -34.08
C VAL E 227 -2.55 -26.37 -33.02
N SER E 228 -2.23 -26.08 -31.76
CA SER E 228 -2.78 -26.78 -30.61
C SER E 228 -3.12 -25.77 -29.54
N THR E 229 -3.93 -26.20 -28.57
CA THR E 229 -4.41 -25.33 -27.50
C THR E 229 -4.25 -26.03 -26.16
N VAL E 230 -4.20 -25.23 -25.08
CA VAL E 230 -3.91 -25.74 -23.74
C VAL E 230 -4.65 -24.88 -22.72
N GLN E 231 -4.87 -25.46 -21.54
CA GLN E 231 -5.28 -24.65 -20.40
C GLN E 231 -4.19 -23.68 -20.01
N CYS E 232 -2.94 -24.16 -19.96
CA CYS E 232 -1.83 -23.39 -19.41
C CYS E 232 -0.57 -23.72 -20.19
N THR E 233 0.38 -22.79 -20.14
CA THR E 233 1.72 -23.04 -20.67
C THR E 233 2.50 -23.97 -19.75
N HIS E 234 3.50 -24.63 -20.33
CA HIS E 234 4.36 -25.48 -19.54
C HIS E 234 5.15 -24.63 -18.53
N GLY E 235 5.83 -25.32 -17.62
CA GLY E 235 6.60 -24.63 -16.61
C GLY E 235 7.78 -23.89 -17.21
N ILE E 236 7.73 -22.56 -17.15
CA ILE E 236 8.81 -21.70 -17.62
C ILE E 236 9.50 -21.11 -16.40
N LYS E 237 10.84 -21.20 -16.37
CA LYS E 237 11.60 -20.67 -15.25
C LYS E 237 11.99 -19.22 -15.53
N PRO E 238 12.13 -18.37 -14.48
CA PRO E 238 12.67 -17.02 -14.72
C PRO E 238 14.20 -17.00 -14.74
N VAL E 239 14.76 -17.46 -15.87
CA VAL E 239 16.21 -17.51 -16.02
C VAL E 239 16.76 -16.09 -16.10
N VAL E 240 17.97 -15.90 -15.59
CA VAL E 240 18.59 -14.59 -15.48
C VAL E 240 20.05 -14.75 -15.91
N SER E 241 20.37 -14.29 -17.13
CA SER E 241 21.72 -14.42 -17.62
C SER E 241 21.93 -13.49 -18.80
N THR E 242 23.18 -13.42 -19.27
CA THR E 242 23.57 -12.60 -20.40
C THR E 242 24.53 -13.38 -21.28
N GLN E 243 24.48 -13.07 -22.59
CA GLN E 243 25.31 -13.65 -23.66
C GLN E 243 24.90 -15.08 -24.04
N LEU E 244 24.01 -15.70 -23.26
CA LEU E 244 23.51 -17.05 -23.47
C LEU E 244 22.59 -17.36 -22.29
N LEU E 245 21.72 -18.35 -22.47
CA LEU E 245 20.66 -18.63 -21.51
C LEU E 245 20.75 -20.09 -21.04
N LEU E 246 20.34 -20.30 -19.79
CA LEU E 246 20.65 -21.50 -19.02
C LEU E 246 19.37 -22.23 -18.62
N ASN E 247 19.43 -23.56 -18.61
CA ASN E 247 18.32 -24.43 -18.24
C ASN E 247 17.07 -24.25 -19.10
N GLY E 248 17.16 -23.59 -20.24
CA GLY E 248 15.99 -23.34 -21.05
C GLY E 248 15.47 -24.62 -21.69
N SER E 249 14.48 -24.43 -22.57
CA SER E 249 13.97 -25.53 -23.38
C SER E 249 14.96 -25.81 -24.52
N LEU E 250 14.63 -26.79 -25.36
CA LEU E 250 15.45 -27.18 -26.49
C LEU E 250 14.58 -27.30 -27.74
N ALA E 251 15.22 -27.12 -28.89
CA ALA E 251 14.52 -27.18 -30.15
C ALA E 251 14.25 -28.62 -30.56
N GLU E 252 13.29 -28.78 -31.49
CA GLU E 252 12.93 -30.09 -32.00
C GLU E 252 13.79 -30.48 -33.19
N GLY E 253 13.94 -29.58 -34.16
CA GLY E 253 14.82 -29.82 -35.28
C GLY E 253 16.27 -29.63 -34.89
N GLU E 254 17.09 -29.15 -35.81
CA GLU E 254 18.47 -28.78 -35.50
C GLU E 254 18.46 -27.41 -34.83
N ILE E 255 19.62 -26.78 -34.70
CA ILE E 255 19.70 -25.47 -34.06
C ILE E 255 18.90 -24.47 -34.88
N ILE E 256 18.00 -23.74 -34.21
CA ILE E 256 17.05 -22.85 -34.86
C ILE E 256 17.54 -21.42 -34.74
N ILE E 257 17.37 -20.65 -35.81
CA ILE E 257 17.70 -19.22 -35.84
C ILE E 257 16.39 -18.45 -35.89
N ARG E 258 16.22 -17.52 -34.95
CA ARG E 258 15.06 -16.64 -34.92
C ARG E 258 15.54 -15.19 -34.80
N SER E 259 15.03 -14.34 -35.68
CA SER E 259 15.37 -12.93 -35.67
C SER E 259 14.23 -12.17 -36.32
N GLU E 260 14.14 -10.88 -36.00
CA GLU E 260 13.16 -10.04 -36.67
C GLU E 260 13.58 -9.83 -38.12
N ASN E 261 12.59 -9.57 -38.97
CA ASN E 261 12.81 -9.52 -40.42
C ASN E 261 12.16 -8.27 -41.02
N ILE E 262 12.13 -7.16 -40.27
CA ILE E 262 11.73 -5.88 -40.85
C ILE E 262 12.88 -5.29 -41.65
N THR E 263 14.07 -5.29 -41.06
CA THR E 263 15.29 -4.83 -41.71
C THR E 263 16.45 -5.70 -41.25
N LYS E 264 17.47 -5.81 -42.10
CA LYS E 264 18.66 -6.55 -41.69
C LYS E 264 19.34 -5.91 -40.49
N ASN E 265 19.15 -4.60 -40.27
CA ASN E 265 19.76 -3.89 -39.17
C ASN E 265 19.03 -4.25 -37.87
N VAL E 266 19.25 -5.50 -37.44
CA VAL E 266 18.52 -6.05 -36.30
C VAL E 266 19.22 -5.70 -35.01
N LYS E 267 18.46 -5.77 -33.91
CA LYS E 267 19.03 -5.58 -32.59
C LYS E 267 19.69 -6.85 -32.08
N THR E 268 18.91 -7.93 -31.96
CA THR E 268 19.36 -9.19 -31.41
C THR E 268 18.90 -10.33 -32.30
N ILE E 269 19.73 -11.36 -32.41
CA ILE E 269 19.40 -12.60 -33.11
C ILE E 269 19.45 -13.73 -32.09
N ILE E 270 18.35 -14.48 -32.00
CA ILE E 270 18.24 -15.61 -31.08
C ILE E 270 18.57 -16.88 -31.84
N VAL E 271 19.56 -17.61 -31.35
CA VAL E 271 19.92 -18.93 -31.86
C VAL E 271 19.60 -19.93 -30.76
N HIS E 272 18.81 -20.95 -31.10
CA HIS E 272 18.24 -21.88 -30.13
C HIS E 272 18.79 -23.27 -30.40
N LEU E 273 19.45 -23.85 -29.39
CA LEU E 273 20.11 -25.14 -29.55
C LEU E 273 19.10 -26.29 -29.47
N ASN E 274 19.37 -27.34 -30.25
CA ASN E 274 18.72 -28.63 -30.06
C ASN E 274 19.55 -29.52 -29.14
N GLU E 275 20.86 -29.55 -29.38
CA GLU E 275 21.78 -30.35 -28.57
C GLU E 275 22.18 -29.52 -27.36
N SER E 276 21.70 -29.92 -26.18
CA SER E 276 22.09 -29.21 -24.96
C SER E 276 23.53 -29.55 -24.61
N VAL E 277 24.27 -28.52 -24.18
CA VAL E 277 25.68 -28.65 -23.83
C VAL E 277 25.87 -28.24 -22.38
N LYS E 278 26.52 -29.10 -21.61
CA LYS E 278 26.70 -28.84 -20.18
C LYS E 278 27.78 -27.80 -19.95
N ILE E 279 27.59 -27.00 -18.90
CA ILE E 279 28.58 -26.06 -18.41
C ILE E 279 28.62 -26.16 -16.89
N GLU E 280 29.81 -26.07 -16.33
CA GLU E 280 30.02 -26.22 -14.89
C GLU E 280 30.93 -25.11 -14.41
N CYS E 281 30.67 -24.65 -13.19
CA CYS E 281 31.39 -23.53 -12.61
C CYS E 281 31.61 -23.77 -11.12
N THR E 282 32.63 -23.11 -10.57
CA THR E 282 33.05 -23.33 -9.20
C THR E 282 33.55 -22.04 -8.57
N ARG E 283 33.43 -21.98 -7.25
CA ARG E 283 33.95 -20.89 -6.43
C ARG E 283 34.70 -21.55 -5.28
N PRO E 284 35.87 -22.14 -5.56
CA PRO E 284 36.44 -23.12 -4.62
C PRO E 284 36.84 -22.55 -3.27
N ASN E 285 37.03 -21.25 -3.14
CA ASN E 285 37.47 -20.71 -1.85
C ASN E 285 36.34 -20.74 -0.84
N ASN E 286 36.71 -20.88 0.43
CA ASN E 286 35.76 -20.97 1.53
C ASN E 286 35.57 -19.59 2.15
N LYS E 287 34.31 -19.13 2.17
CA LYS E 287 33.97 -17.81 2.69
C LYS E 287 33.51 -17.91 4.13
N THR E 288 33.76 -16.84 4.89
CA THR E 288 33.36 -16.75 6.29
C THR E 288 32.32 -15.64 6.42
N ARG E 289 31.09 -16.02 6.75
CA ARG E 289 30.06 -15.02 7.01
C ARG E 289 30.32 -14.33 8.35
N THR E 290 30.14 -13.01 8.37
CA THR E 290 30.18 -12.24 9.59
C THR E 290 28.98 -11.29 9.62
N SER E 291 28.54 -10.94 10.81
CA SER E 291 27.29 -10.21 11.02
C SER E 291 27.56 -8.91 11.75
N ILE E 292 26.90 -7.85 11.30
CA ILE E 292 26.85 -6.55 11.98
C ILE E 292 25.39 -6.16 12.10
N ARG E 293 25.00 -5.71 13.29
CA ARG E 293 23.63 -5.31 13.57
C ARG E 293 23.51 -3.80 13.46
N ILE E 294 22.42 -3.35 12.83
CA ILE E 294 22.15 -1.93 12.67
C ILE E 294 21.39 -1.44 13.89
N GLY E 297 18.02 -3.19 15.29
CA GLY E 297 18.42 -4.58 15.22
C GLY E 297 18.10 -5.28 13.91
N GLN E 298 18.54 -4.71 12.79
CA GLN E 298 18.59 -5.44 11.53
C GLN E 298 20.01 -5.98 11.33
N TRP E 299 20.11 -7.26 11.02
CA TRP E 299 21.40 -7.95 10.97
C TRP E 299 21.99 -7.77 9.58
N PHE E 300 22.95 -6.86 9.45
CA PHE E 300 23.71 -6.73 8.22
C PHE E 300 24.80 -7.80 8.15
N TYR E 301 24.97 -8.38 6.98
CA TYR E 301 25.93 -9.46 6.75
C TYR E 301 27.03 -8.99 5.81
N ALA E 302 28.27 -9.37 6.12
CA ALA E 302 29.43 -9.02 5.33
C ALA E 302 30.31 -10.24 5.21
N THR E 303 31.41 -10.09 4.47
CA THR E 303 32.34 -11.19 4.23
C THR E 303 33.46 -11.14 5.26
N GLY E 304 33.58 -12.20 6.06
CA GLY E 304 34.67 -12.36 7.00
C GLY E 304 35.88 -13.00 6.34
N GLN E 305 36.87 -13.30 7.18
CA GLN E 305 38.17 -13.77 6.69
C GLN E 305 38.02 -15.05 5.90
N VAL E 306 38.65 -15.09 4.73
CA VAL E 306 38.55 -16.24 3.83
C VAL E 306 39.41 -17.38 4.37
N ILE E 307 38.90 -18.60 4.23
CA ILE E 307 39.55 -19.80 4.74
C ILE E 307 40.09 -20.59 3.56
N GLY E 308 41.29 -21.13 3.73
CA GLY E 308 41.92 -21.93 2.69
C GLY E 308 42.67 -21.09 1.69
N ASP E 309 43.51 -21.76 0.90
CA ASP E 309 44.28 -21.06 -0.12
C ASP E 309 43.35 -20.62 -1.25
N ILE E 310 43.77 -19.58 -1.96
CA ILE E 310 42.88 -18.80 -2.81
C ILE E 310 43.07 -19.20 -4.27
N ARG E 311 41.95 -19.40 -4.97
CA ARG E 311 41.90 -19.61 -6.40
C ARG E 311 40.91 -18.62 -7.02
N GLU E 312 41.10 -18.32 -8.29
CA GLU E 312 40.15 -17.51 -9.03
C GLU E 312 39.02 -18.40 -9.54
N ALA E 313 37.78 -17.98 -9.31
CA ALA E 313 36.64 -18.75 -9.74
C ALA E 313 36.64 -18.88 -11.27
N TYR E 314 36.23 -20.05 -11.75
CA TYR E 314 36.34 -20.38 -13.16
C TYR E 314 35.21 -21.33 -13.54
N CYS E 315 35.22 -21.76 -14.80
CA CYS E 315 34.19 -22.63 -15.34
C CYS E 315 34.84 -23.67 -16.24
N ASN E 316 34.02 -24.55 -16.80
CA ASN E 316 34.50 -25.67 -17.59
C ASN E 316 33.54 -25.94 -18.73
N ILE E 317 34.09 -26.33 -19.88
CA ILE E 317 33.31 -26.57 -21.08
C ILE E 317 33.96 -27.70 -21.86
N ASN E 318 33.12 -28.57 -22.43
CA ASN E 318 33.61 -29.65 -23.29
C ASN E 318 34.22 -29.05 -24.56
N GLU E 319 35.50 -29.36 -24.77
CA GLU E 319 36.25 -28.81 -25.90
C GLU E 319 35.60 -29.14 -27.23
N SER E 320 35.43 -30.42 -27.51
CA SER E 320 34.93 -30.83 -28.82
C SER E 320 33.50 -30.34 -29.03
N LYS E 321 32.67 -30.49 -28.01
CA LYS E 321 31.25 -30.17 -28.13
C LYS E 321 31.04 -28.69 -28.45
N TRP E 322 31.84 -27.83 -27.84
CA TRP E 322 31.61 -26.39 -27.98
C TRP E 322 31.72 -25.95 -29.42
N ASN E 323 32.85 -26.23 -30.06
CA ASN E 323 33.00 -25.79 -31.44
C ASN E 323 32.37 -26.74 -32.44
N GLU E 324 31.98 -27.95 -32.04
CA GLU E 324 31.05 -28.71 -32.87
C GLU E 324 29.72 -27.96 -32.98
N THR E 325 29.23 -27.47 -31.83
CA THR E 325 28.00 -26.69 -31.83
C THR E 325 28.18 -25.39 -32.61
N LEU E 326 29.32 -24.72 -32.45
CA LEU E 326 29.55 -23.50 -33.21
C LEU E 326 29.63 -23.78 -34.70
N GLN E 327 30.19 -24.93 -35.09
CA GLN E 327 30.21 -25.30 -36.49
C GLN E 327 28.80 -25.47 -37.03
N ARG E 328 27.95 -26.17 -36.26
CA ARG E 328 26.55 -26.28 -36.66
C ARG E 328 25.89 -24.91 -36.77
N VAL E 329 26.18 -24.02 -35.81
CA VAL E 329 25.56 -22.71 -35.83
C VAL E 329 26.02 -21.90 -37.02
N SER E 330 27.30 -22.03 -37.40
CA SER E 330 27.80 -21.35 -38.58
C SER E 330 27.12 -21.87 -39.83
N LYS E 331 26.93 -23.19 -39.92
CA LYS E 331 26.26 -23.76 -41.07
C LYS E 331 24.82 -23.27 -41.16
N LYS E 332 24.14 -23.17 -40.02
CA LYS E 332 22.80 -22.59 -40.02
C LYS E 332 22.83 -21.12 -40.40
N LEU E 333 23.82 -20.38 -39.91
CA LEU E 333 23.79 -18.93 -40.00
C LEU E 333 24.09 -18.46 -41.41
N LYS E 334 24.98 -19.15 -42.13
CA LYS E 334 25.22 -18.77 -43.50
C LYS E 334 24.11 -19.21 -44.45
N GLU E 335 23.05 -19.86 -43.95
CA GLU E 335 21.86 -20.04 -44.76
C GLU E 335 21.18 -18.70 -45.04
N TYR E 336 20.94 -17.92 -43.99
CA TYR E 336 20.29 -16.62 -44.16
C TYR E 336 21.15 -15.70 -45.01
N PHE E 337 22.44 -15.60 -44.68
CA PHE E 337 23.34 -14.65 -45.33
C PHE E 337 24.07 -15.37 -46.45
N PRO E 338 23.94 -14.94 -47.71
CA PRO E 338 24.24 -15.84 -48.83
C PRO E 338 25.68 -16.33 -48.96
N HIS E 339 26.64 -15.40 -49.10
CA HIS E 339 27.95 -15.76 -49.63
C HIS E 339 29.08 -14.98 -48.96
N LYS E 340 28.95 -14.69 -47.67
CA LYS E 340 29.95 -13.92 -46.94
C LYS E 340 30.47 -14.70 -45.74
N ASN E 341 31.73 -14.44 -45.39
CA ASN E 341 32.37 -15.15 -44.29
C ASN E 341 31.66 -14.85 -42.97
N ILE E 342 31.78 -15.79 -42.05
CA ILE E 342 31.22 -15.67 -40.71
C ILE E 342 32.36 -15.75 -39.72
N THR E 343 32.34 -14.86 -38.73
CA THR E 343 33.41 -14.78 -37.74
C THR E 343 32.83 -14.30 -36.43
N PHE E 344 33.45 -14.74 -35.34
CA PHE E 344 33.06 -14.36 -33.99
C PHE E 344 34.21 -13.62 -33.31
N GLN E 345 33.85 -12.68 -32.45
CA GLN E 345 34.78 -12.04 -31.55
C GLN E 345 34.05 -11.75 -30.24
N PRO E 346 34.78 -11.61 -29.14
CA PRO E 346 34.12 -11.24 -27.88
C PRO E 346 33.56 -9.84 -27.96
N SER E 347 32.59 -9.58 -27.10
CA SER E 347 31.93 -8.27 -27.10
C SER E 347 32.92 -7.18 -26.72
N SER E 348 32.60 -5.97 -27.15
CA SER E 348 33.42 -4.79 -26.90
C SER E 348 32.58 -3.74 -26.21
N GLY E 349 33.18 -3.02 -25.27
CA GLY E 349 32.51 -1.95 -24.57
C GLY E 349 31.33 -2.42 -23.75
N GLY E 350 30.65 -1.49 -23.09
CA GLY E 350 29.51 -1.81 -22.26
C GLY E 350 29.91 -2.21 -20.85
N ASP E 351 28.89 -2.38 -20.02
CA ASP E 351 29.10 -2.72 -18.62
C ASP E 351 29.62 -4.14 -18.50
N LEU E 352 29.89 -4.55 -17.25
CA LEU E 352 30.32 -5.92 -17.00
C LEU E 352 29.22 -6.92 -17.36
N GLU E 353 27.97 -6.50 -17.35
CA GLU E 353 26.87 -7.42 -17.62
C GLU E 353 26.84 -7.90 -19.07
N ILE E 354 27.53 -7.22 -19.98
CA ILE E 354 27.50 -7.57 -21.40
C ILE E 354 28.90 -7.91 -21.91
N THR E 355 29.93 -7.32 -21.32
CA THR E 355 31.29 -7.71 -21.69
C THR E 355 31.59 -9.14 -21.26
N THR E 356 30.86 -9.66 -20.28
CA THR E 356 31.08 -10.97 -19.71
C THR E 356 29.77 -11.74 -19.69
N HIS E 357 29.86 -13.06 -19.81
CA HIS E 357 28.70 -13.88 -19.51
C HIS E 357 28.37 -13.76 -18.03
N SER E 358 27.09 -13.53 -17.74
CA SER E 358 26.62 -13.29 -16.38
C SER E 358 25.58 -14.34 -16.01
N PHE E 359 25.67 -14.82 -14.78
CA PHE E 359 24.72 -15.79 -14.23
C PHE E 359 25.00 -15.88 -12.74
N ASN E 360 24.31 -16.78 -12.06
CA ASN E 360 24.42 -16.91 -10.61
C ASN E 360 24.34 -18.37 -10.17
N CYS E 361 25.21 -18.74 -9.22
CA CYS E 361 25.12 -20.01 -8.51
C CYS E 361 24.52 -19.71 -7.14
N GLY E 362 23.23 -20.02 -6.98
CA GLY E 362 22.58 -19.72 -5.71
C GLY E 362 22.61 -18.24 -5.42
N GLY E 363 23.11 -17.89 -4.24
CA GLY E 363 23.18 -16.51 -3.80
C GLY E 363 24.50 -15.84 -4.12
N GLU E 364 25.06 -16.13 -5.29
CA GLU E 364 26.30 -15.50 -5.73
C GLU E 364 26.23 -15.27 -7.24
N PHE E 365 26.78 -14.14 -7.68
CA PHE E 365 26.72 -13.71 -9.07
C PHE E 365 28.09 -13.84 -9.71
N PHE E 366 28.11 -14.06 -11.03
CA PHE E 366 29.33 -14.36 -11.76
C PHE E 366 29.44 -13.50 -13.01
N TYR E 367 30.68 -13.27 -13.43
CA TYR E 367 30.99 -12.53 -14.65
C TYR E 367 32.26 -13.15 -15.25
N CYS E 368 32.10 -13.87 -16.36
CA CYS E 368 33.18 -14.67 -16.94
C CYS E 368 33.66 -14.10 -18.27
N ASN E 369 34.96 -14.23 -18.51
CA ASN E 369 35.61 -13.62 -19.68
C ASN E 369 34.95 -14.07 -20.99
N THR E 370 34.94 -15.38 -21.24
CA THR E 370 34.36 -15.96 -22.46
C THR E 370 35.06 -15.47 -23.72
N SER E 371 36.29 -14.96 -23.62
CA SER E 371 37.01 -14.52 -24.82
C SER E 371 37.33 -15.71 -25.73
N SER E 372 37.81 -16.80 -25.14
CA SER E 372 38.24 -17.95 -25.94
C SER E 372 37.07 -18.59 -26.68
N LEU E 373 35.85 -18.44 -26.16
CA LEU E 373 34.72 -19.19 -26.72
C LEU E 373 34.32 -18.66 -28.08
N PHE E 374 34.30 -17.33 -28.26
CA PHE E 374 33.77 -16.69 -29.46
C PHE E 374 34.87 -16.16 -30.37
N ASN E 375 35.97 -16.91 -30.57
CA ASN E 375 37.10 -16.44 -31.36
C ASN E 375 37.35 -17.25 -32.63
N ARG E 376 36.39 -18.04 -33.08
CA ARG E 376 36.55 -18.79 -34.31
C ARG E 376 36.31 -17.91 -35.53
N THR E 377 36.54 -18.48 -36.71
CA THR E 377 36.23 -17.84 -37.98
C THR E 377 36.00 -18.92 -39.02
N TYR E 378 35.16 -18.60 -40.01
CA TYR E 378 34.74 -19.59 -41.01
C TYR E 378 34.63 -18.92 -42.37
N MET E 379 34.44 -19.74 -43.39
CA MET E 379 34.28 -19.28 -44.76
C MET E 379 33.55 -20.34 -45.55
N ALA E 380 33.08 -19.95 -46.74
CA ALA E 380 32.35 -20.88 -47.59
C ALA E 380 33.26 -22.02 -48.05
N ASN E 381 32.75 -23.24 -47.96
CA ASN E 381 33.48 -24.44 -48.38
C ASN E 381 34.78 -24.60 -47.60
N SER E 393 34.37 -35.58 -24.91
CA SER E 393 34.51 -34.76 -23.71
C SER E 393 35.96 -34.54 -23.31
N THR E 394 36.90 -34.66 -24.25
CA THR E 394 38.33 -34.50 -23.96
C THR E 394 38.73 -33.04 -23.99
N ARG E 395 39.94 -32.76 -23.50
CA ARG E 395 40.62 -31.47 -23.69
C ARG E 395 39.84 -30.30 -23.08
N THR E 396 39.15 -30.55 -21.96
CA THR E 396 38.17 -29.64 -21.37
C THR E 396 38.67 -28.20 -21.27
N ILE E 397 37.88 -27.28 -21.83
CA ILE E 397 38.22 -25.86 -21.84
C ILE E 397 37.90 -25.27 -20.48
N THR E 398 38.70 -24.28 -20.06
CA THR E 398 38.46 -23.52 -18.84
C THR E 398 38.53 -22.04 -19.15
N ILE E 399 37.80 -21.24 -18.36
CA ILE E 399 37.72 -19.80 -18.54
C ILE E 399 37.71 -19.13 -17.17
N HIS E 400 38.44 -18.03 -17.05
CA HIS E 400 38.48 -17.28 -15.80
C HIS E 400 37.16 -16.56 -15.59
N CYS E 401 36.89 -16.20 -14.33
CA CYS E 401 35.60 -15.62 -13.99
C CYS E 401 35.71 -14.87 -12.68
N ARG E 402 34.93 -13.79 -12.57
CA ARG E 402 34.90 -12.92 -11.40
C ARG E 402 33.51 -12.89 -10.81
N ILE E 403 33.43 -12.51 -9.54
CA ILE E 403 32.18 -12.38 -8.81
C ILE E 403 32.14 -11.04 -8.09
N LYS E 404 30.94 -10.46 -8.00
CA LYS E 404 30.73 -9.21 -7.30
C LYS E 404 29.38 -9.26 -6.60
N GLN E 405 29.26 -8.45 -5.55
CA GLN E 405 28.10 -8.49 -4.66
C GLN E 405 27.04 -7.45 -5.01
N ILE E 406 27.44 -6.19 -5.16
CA ILE E 406 26.49 -5.10 -5.35
C ILE E 406 26.03 -5.13 -6.80
N ILE E 407 24.75 -5.46 -7.01
CA ILE E 407 24.18 -5.67 -8.34
C ILE E 407 23.15 -4.58 -8.59
N ASN E 408 23.38 -3.80 -9.64
CA ASN E 408 22.32 -2.94 -10.15
C ASN E 408 21.20 -3.81 -10.70
N MET E 409 19.96 -3.37 -10.49
CA MET E 409 18.83 -4.27 -10.74
C MET E 409 18.78 -4.64 -12.21
N TRP E 410 18.23 -5.83 -12.45
CA TRP E 410 18.60 -6.61 -13.63
C TRP E 410 18.17 -5.91 -14.92
N GLN E 411 17.10 -5.12 -14.87
CA GLN E 411 16.57 -4.43 -16.04
C GLN E 411 16.92 -2.95 -16.07
N GLU E 412 16.96 -2.27 -14.92
CA GLU E 412 16.88 -0.82 -14.88
C GLU E 412 17.71 -0.29 -13.72
N VAL E 413 18.61 0.66 -14.01
CA VAL E 413 19.58 1.13 -13.05
C VAL E 413 19.00 2.31 -12.29
N GLY E 414 19.57 2.58 -11.11
CA GLY E 414 19.03 3.53 -10.16
C GLY E 414 18.47 2.89 -8.91
N ARG E 415 18.39 1.56 -8.87
CA ARG E 415 18.02 0.80 -7.68
C ARG E 415 19.00 -0.36 -7.56
N ALA E 416 19.61 -0.49 -6.39
CA ALA E 416 20.72 -1.40 -6.17
C ALA E 416 20.38 -2.43 -5.10
N MET E 417 21.03 -3.59 -5.20
CA MET E 417 20.85 -4.69 -4.27
C MET E 417 22.22 -5.22 -3.87
N TYR E 418 22.33 -5.61 -2.60
CA TYR E 418 23.54 -6.21 -2.05
C TYR E 418 23.25 -7.66 -1.71
N ALA E 419 24.06 -8.57 -2.24
CA ALA E 419 23.89 -10.00 -1.98
C ALA E 419 24.81 -10.43 -0.86
N PRO E 420 24.33 -10.97 0.27
CA PRO E 420 25.24 -11.33 1.35
C PRO E 420 26.09 -12.53 0.94
N PRO E 421 27.28 -12.67 1.52
CA PRO E 421 28.17 -13.77 1.08
C PRO E 421 27.63 -15.13 1.48
N ILE E 422 27.88 -16.11 0.61
CA ILE E 422 27.56 -17.50 0.89
C ILE E 422 28.80 -18.17 1.45
N ALA E 423 28.67 -18.76 2.64
CA ALA E 423 29.82 -19.38 3.30
C ALA E 423 30.24 -20.66 2.58
N GLY E 424 31.52 -20.99 2.72
CA GLY E 424 32.08 -22.19 2.13
C GLY E 424 32.29 -22.05 0.63
N ASN E 425 32.74 -23.15 0.04
CA ASN E 425 32.97 -23.21 -1.40
C ASN E 425 31.69 -23.61 -2.13
N ILE E 426 31.58 -23.17 -3.38
CA ILE E 426 30.33 -23.26 -4.14
C ILE E 426 30.63 -23.76 -5.54
N THR E 427 29.75 -24.60 -6.05
CA THR E 427 29.71 -24.96 -7.46
C THR E 427 28.27 -25.07 -7.89
N CYS E 428 27.99 -24.74 -9.15
CA CYS E 428 26.70 -25.03 -9.74
C CYS E 428 26.93 -25.51 -11.17
N ILE E 429 26.00 -26.32 -11.65
CA ILE E 429 26.07 -26.91 -12.99
C ILE E 429 24.80 -26.55 -13.74
N SER E 430 24.97 -26.20 -15.01
CA SER E 430 23.84 -25.90 -15.88
C SER E 430 24.18 -26.40 -17.28
N ASN E 431 23.20 -26.30 -18.17
CA ASN E 431 23.37 -26.73 -19.55
C ASN E 431 22.75 -25.68 -20.46
N ILE E 432 23.59 -25.05 -21.29
CA ILE E 432 23.12 -23.96 -22.13
C ILE E 432 22.14 -24.48 -23.17
N THR E 433 21.34 -23.57 -23.72
CA THR E 433 20.29 -23.90 -24.68
C THR E 433 20.22 -22.98 -25.87
N GLY E 434 20.84 -21.81 -25.84
CA GLY E 434 20.78 -20.89 -26.96
C GLY E 434 21.77 -19.76 -26.76
N LEU E 435 21.93 -18.98 -27.82
CA LEU E 435 22.84 -17.85 -27.82
C LEU E 435 22.08 -16.59 -28.23
N LEU E 436 22.49 -15.46 -27.66
CA LEU E 436 21.96 -14.15 -28.00
C LEU E 436 23.05 -13.39 -28.73
N LEU E 437 22.94 -13.34 -30.05
CA LEU E 437 23.94 -12.74 -30.91
C LEU E 437 23.41 -11.45 -31.52
N THR E 438 24.34 -10.55 -31.85
CA THR E 438 24.03 -9.32 -32.55
C THR E 438 25.08 -9.10 -33.64
N ARG E 439 24.66 -8.57 -34.77
CA ARG E 439 25.50 -8.44 -35.94
C ARG E 439 26.07 -7.03 -36.03
N ASP E 440 27.38 -6.93 -36.25
CA ASP E 440 28.03 -5.65 -36.47
C ASP E 440 27.94 -5.29 -37.94
N GLY E 441 27.19 -4.24 -38.25
CA GLY E 441 27.07 -3.76 -39.60
C GLY E 441 28.29 -2.96 -40.00
N GLY E 442 28.11 -2.12 -41.01
CA GLY E 442 29.17 -1.23 -41.44
C GLY E 442 30.40 -1.92 -41.96
N LYS E 443 30.22 -3.08 -42.61
CA LYS E 443 31.34 -3.78 -43.22
C LYS E 443 30.82 -4.55 -44.43
N ASN E 444 31.69 -4.70 -45.43
CA ASN E 444 31.38 -5.42 -46.65
C ASN E 444 32.36 -6.58 -46.80
N ASN E 445 31.87 -7.67 -47.38
CA ASN E 445 32.64 -8.90 -47.58
C ASN E 445 33.05 -9.54 -46.26
N THR E 446 32.40 -9.18 -45.15
CA THR E 446 32.73 -9.78 -43.86
C THR E 446 31.58 -9.50 -42.90
N GLU E 447 30.91 -10.56 -42.46
CA GLU E 447 29.98 -10.47 -41.35
C GLU E 447 30.74 -10.65 -40.04
N THR E 448 30.06 -10.31 -38.95
CA THR E 448 30.67 -10.40 -37.63
C THR E 448 29.55 -10.49 -36.60
N PHE E 449 29.57 -11.55 -35.80
CA PHE E 449 28.54 -11.80 -34.80
C PHE E 449 29.21 -11.95 -33.45
N ARG E 450 28.70 -11.23 -32.45
CA ARG E 450 29.34 -11.08 -31.16
C ARG E 450 28.30 -11.21 -30.06
N PRO E 451 28.67 -11.71 -28.89
CA PRO E 451 27.67 -11.92 -27.84
C PRO E 451 27.11 -10.61 -27.33
N GLY E 452 25.83 -10.64 -26.98
CA GLY E 452 25.16 -9.45 -26.47
C GLY E 452 23.94 -9.80 -25.66
N GLY E 453 22.84 -9.09 -25.91
CA GLY E 453 21.59 -9.40 -25.25
C GLY E 453 21.59 -9.17 -23.76
N GLY E 454 22.14 -8.05 -23.31
CA GLY E 454 22.03 -7.69 -21.91
C GLY E 454 20.63 -7.37 -21.47
N ASN E 455 19.74 -7.03 -22.40
CA ASN E 455 18.36 -6.74 -22.07
C ASN E 455 17.66 -8.03 -21.64
N MET E 456 17.14 -8.03 -20.40
CA MET E 456 16.57 -9.24 -19.84
C MET E 456 15.35 -9.73 -20.60
N LYS E 457 14.63 -8.83 -21.26
CA LYS E 457 13.39 -9.22 -21.93
C LYS E 457 13.62 -10.24 -23.03
N ASP E 458 14.80 -10.24 -23.64
CA ASP E 458 15.05 -11.16 -24.75
C ASP E 458 15.11 -12.61 -24.28
N ASN E 459 15.54 -12.86 -23.05
CA ASN E 459 15.60 -14.23 -22.55
C ASN E 459 14.20 -14.85 -22.49
N TRP E 460 13.22 -14.09 -21.99
CA TRP E 460 11.84 -14.58 -21.96
C TRP E 460 11.21 -14.52 -23.35
N ARG E 461 11.65 -13.59 -24.19
CA ARG E 461 11.26 -13.58 -25.59
C ARG E 461 11.62 -14.91 -26.26
N SER E 462 12.80 -15.43 -25.97
CA SER E 462 13.27 -16.65 -26.64
C SER E 462 12.44 -17.87 -26.26
N GLU E 463 11.75 -17.85 -25.12
CA GLU E 463 10.99 -18.99 -24.63
C GLU E 463 9.50 -18.86 -24.87
N LEU E 464 8.93 -17.66 -24.78
CA LEU E 464 7.50 -17.47 -25.00
C LEU E 464 7.13 -17.33 -26.48
N TYR E 465 8.02 -17.71 -27.39
CA TYR E 465 7.68 -17.75 -28.81
C TYR E 465 6.62 -18.79 -29.12
N LYS E 466 6.42 -19.77 -28.23
CA LYS E 466 5.52 -20.87 -28.50
C LYS E 466 4.08 -20.39 -28.70
N TYR E 467 3.64 -19.46 -27.87
CA TYR E 467 2.22 -19.28 -27.59
C TYR E 467 1.65 -18.03 -28.22
N LYS E 468 0.33 -17.97 -28.23
CA LYS E 468 -0.43 -16.77 -28.52
C LYS E 468 -1.76 -16.87 -27.78
N VAL E 469 -2.37 -15.72 -27.53
CA VAL E 469 -3.63 -15.63 -26.78
C VAL E 469 -4.68 -14.97 -27.69
N VAL E 470 -5.88 -15.53 -27.68
CA VAL E 470 -6.97 -15.07 -28.54
C VAL E 470 -8.26 -14.94 -27.74
N LYS E 471 -9.02 -13.91 -28.06
CA LYS E 471 -10.35 -13.73 -27.48
C LYS E 471 -11.37 -14.55 -28.25
N ILE E 472 -12.28 -15.18 -27.51
CA ILE E 472 -13.30 -16.05 -28.11
C ILE E 472 -14.51 -15.22 -28.49
N GLU E 473 -15.15 -15.58 -29.60
CA GLU E 473 -16.31 -14.88 -30.14
C GLU E 473 -17.44 -15.87 -30.35
N PRO E 474 -18.07 -16.33 -29.27
CA PRO E 474 -18.96 -17.49 -29.38
C PRO E 474 -20.19 -17.26 -30.24
N LEU E 475 -20.60 -16.02 -30.47
CA LEU E 475 -21.90 -15.72 -31.05
C LEU E 475 -21.77 -15.44 -32.53
N GLY E 476 -22.64 -16.07 -33.33
CA GLY E 476 -22.60 -15.90 -34.76
C GLY E 476 -23.93 -16.28 -35.40
N VAL E 477 -24.02 -16.01 -36.70
CA VAL E 477 -25.20 -16.31 -37.51
C VAL E 477 -24.76 -17.06 -38.74
N ALA E 478 -25.68 -17.81 -39.34
CA ALA E 478 -25.38 -18.63 -40.51
C ALA E 478 -26.70 -19.00 -41.19
N PRO E 479 -26.67 -19.40 -42.51
CA PRO E 479 -27.94 -19.51 -43.27
C PRO E 479 -28.80 -20.77 -43.17
N THR E 480 -30.10 -20.55 -42.94
CA THR E 480 -31.11 -21.59 -42.93
C THR E 480 -32.44 -21.04 -43.47
N ARG E 481 -33.28 -21.93 -44.02
CA ARG E 481 -34.59 -21.57 -44.56
C ARG E 481 -35.69 -21.91 -43.55
N CYS E 482 -35.80 -21.09 -42.51
CA CYS E 482 -36.77 -21.32 -41.44
C CYS E 482 -36.95 -20.07 -40.61
N LYS E 483 -38.21 -19.76 -40.26
CA LYS E 483 -38.54 -18.64 -39.40
C LYS E 483 -39.32 -19.12 -38.17
N ARG E 484 -39.50 -18.21 -37.23
CA ARG E 484 -40.26 -18.48 -36.02
C ARG E 484 -41.69 -18.88 -36.36
N ARG E 485 -42.35 -19.53 -35.39
CA ARG E 485 -43.78 -19.75 -35.40
C ARG E 485 -44.43 -18.84 -34.37
N VAL E 486 -45.54 -18.22 -34.76
CA VAL E 486 -46.19 -17.22 -33.91
C VAL E 486 -46.77 -17.91 -32.67
N VAL F 14 -13.91 -29.20 -16.36
CA VAL F 14 -14.32 -29.75 -17.68
C VAL F 14 -13.56 -29.03 -18.79
N PHE F 15 -12.76 -29.79 -19.53
CA PHE F 15 -11.91 -29.21 -20.58
C PHE F 15 -11.58 -30.33 -21.56
N LEU F 16 -12.13 -30.23 -22.77
CA LEU F 16 -11.89 -31.25 -23.80
C LEU F 16 -12.32 -30.70 -25.14
N GLY F 17 -11.40 -30.64 -26.09
CA GLY F 17 -11.73 -30.20 -27.44
C GLY F 17 -12.34 -28.81 -27.47
N PHE F 18 -11.73 -27.87 -26.77
CA PHE F 18 -12.38 -26.59 -26.50
C PHE F 18 -12.68 -25.84 -27.80
N LEU F 19 -11.72 -25.83 -28.73
CA LEU F 19 -11.91 -25.26 -30.06
C LEU F 19 -11.68 -26.28 -31.17
N GLY F 20 -11.61 -27.57 -30.85
CA GLY F 20 -11.37 -28.58 -31.85
C GLY F 20 -12.46 -28.70 -32.90
N ALA F 21 -13.64 -28.13 -32.63
CA ALA F 21 -14.72 -28.15 -33.61
C ALA F 21 -14.36 -27.38 -34.88
N ALA F 22 -13.41 -26.46 -34.80
CA ALA F 22 -12.98 -25.74 -35.99
C ALA F 22 -12.43 -26.72 -37.04
N GLY F 23 -12.28 -26.23 -38.25
CA GLY F 23 -11.91 -27.08 -39.38
C GLY F 23 -13.07 -27.84 -39.99
N SER F 24 -13.87 -28.52 -39.17
CA SER F 24 -15.01 -29.26 -39.68
C SER F 24 -16.08 -28.31 -40.19
N THR F 25 -17.08 -28.90 -40.84
CA THR F 25 -18.24 -28.14 -41.30
C THR F 25 -18.93 -27.48 -40.11
N MET F 26 -19.67 -26.40 -40.40
CA MET F 26 -20.44 -25.75 -39.34
C MET F 26 -21.45 -26.70 -38.72
N GLY F 27 -22.00 -27.62 -39.50
CA GLY F 27 -23.01 -28.52 -38.96
C GLY F 27 -22.46 -29.44 -37.91
N ALA F 28 -21.32 -30.06 -38.21
CA ALA F 28 -20.66 -30.92 -37.24
C ALA F 28 -20.10 -30.11 -36.09
N ALA F 29 -19.57 -28.92 -36.38
CA ALA F 29 -19.07 -28.05 -35.33
C ALA F 29 -20.18 -27.63 -34.37
N SER F 30 -21.42 -27.55 -34.87
CA SER F 30 -22.55 -27.23 -34.02
C SER F 30 -22.88 -28.33 -33.02
N MET F 31 -22.30 -29.52 -33.17
CA MET F 31 -22.56 -30.59 -32.22
C MET F 31 -21.94 -30.29 -30.86
N THR F 32 -20.84 -29.55 -30.82
CA THR F 32 -20.01 -29.41 -29.64
C THR F 32 -20.23 -28.10 -28.90
N LEU F 33 -21.29 -27.35 -29.24
CA LEU F 33 -21.43 -25.99 -28.75
C LEU F 33 -21.57 -25.94 -27.24
N THR F 34 -22.09 -27.00 -26.63
CA THR F 34 -22.15 -27.08 -25.17
C THR F 34 -20.76 -27.02 -24.57
N VAL F 35 -19.78 -27.65 -25.22
CA VAL F 35 -18.44 -27.75 -24.66
C VAL F 35 -17.83 -26.35 -24.52
N GLN F 36 -18.05 -25.49 -25.51
CA GLN F 36 -17.62 -24.10 -25.38
C GLN F 36 -18.51 -23.34 -24.41
N ALA F 37 -19.82 -23.64 -24.42
CA ALA F 37 -20.76 -22.84 -23.64
C ALA F 37 -20.51 -22.96 -22.14
N ARG F 38 -19.99 -24.11 -21.69
CA ARG F 38 -19.86 -24.34 -20.25
C ARG F 38 -18.86 -23.40 -19.61
N ASN F 39 -17.79 -23.05 -20.31
CA ASN F 39 -16.60 -22.53 -19.63
C ASN F 39 -16.80 -21.12 -19.08
N LEU F 40 -17.22 -21.06 -17.82
CA LEU F 40 -17.10 -19.87 -16.96
C LEU F 40 -16.69 -20.45 -15.61
N LEU F 41 -15.39 -20.64 -15.41
CA LEU F 41 -14.85 -21.60 -14.47
C LEU F 41 -13.94 -20.92 -13.44
N SER F 42 -13.75 -21.63 -12.33
CA SER F 42 -12.83 -21.23 -11.27
C SER F 42 -13.18 -19.85 -10.71
N GLY F 68 -1.02 -12.88 -7.31
CA GLY F 68 -1.16 -11.66 -6.54
C GLY F 68 -2.60 -11.19 -6.44
N ILE F 69 -2.85 -10.25 -5.52
CA ILE F 69 -4.20 -9.72 -5.35
C ILE F 69 -4.61 -8.89 -6.57
N LYS F 70 -3.66 -8.39 -7.35
CA LYS F 70 -3.99 -7.60 -8.53
C LYS F 70 -4.73 -8.41 -9.59
N GLN F 71 -4.62 -9.74 -9.55
CA GLN F 71 -5.12 -10.62 -10.59
C GLN F 71 -6.62 -10.93 -10.46
N LEU F 72 -7.32 -10.28 -9.53
CA LEU F 72 -8.73 -10.60 -9.29
C LEU F 72 -9.61 -10.23 -10.48
N GLN F 73 -9.21 -9.21 -11.26
CA GLN F 73 -10.10 -8.63 -12.27
C GLN F 73 -10.42 -9.60 -13.40
N ALA F 74 -9.67 -10.69 -13.55
CA ALA F 74 -9.97 -11.66 -14.61
C ALA F 74 -11.35 -12.29 -14.39
N ARG F 75 -11.68 -12.58 -13.13
CA ARG F 75 -13.00 -13.12 -12.83
C ARG F 75 -14.10 -12.17 -13.29
N VAL F 76 -13.94 -10.88 -12.99
CA VAL F 76 -14.93 -9.88 -13.38
C VAL F 76 -15.02 -9.79 -14.90
N LEU F 77 -13.88 -9.87 -15.58
CA LEU F 77 -13.89 -9.79 -17.03
C LEU F 77 -14.66 -10.95 -17.65
N ALA F 78 -14.41 -12.17 -17.14
CA ALA F 78 -15.12 -13.34 -17.65
C ALA F 78 -16.62 -13.22 -17.40
N VAL F 79 -16.99 -12.79 -16.18
CA VAL F 79 -18.40 -12.64 -15.86
C VAL F 79 -19.04 -11.59 -16.77
N GLU F 80 -18.34 -10.49 -17.02
CA GLU F 80 -18.85 -9.45 -17.90
C GLU F 80 -19.12 -10.00 -19.29
N ARG F 81 -18.16 -10.73 -19.86
CA ARG F 81 -18.33 -11.30 -21.18
C ARG F 81 -19.56 -12.21 -21.23
N TYR F 82 -19.63 -13.15 -20.28
CA TYR F 82 -20.71 -14.13 -20.30
C TYR F 82 -22.06 -13.46 -20.16
N LEU F 83 -22.17 -12.51 -19.22
CA LEU F 83 -23.45 -11.87 -18.99
C LEU F 83 -23.87 -11.01 -20.18
N ARG F 84 -22.92 -10.32 -20.81
CA ARG F 84 -23.31 -9.50 -21.96
C ARG F 84 -23.81 -10.37 -23.10
N ASP F 85 -23.13 -11.47 -23.39
CA ASP F 85 -23.62 -12.36 -24.44
C ASP F 85 -24.99 -12.95 -24.08
N GLN F 86 -25.16 -13.35 -22.82
CA GLN F 86 -26.41 -13.97 -22.41
C GLN F 86 -27.57 -12.98 -22.50
N GLN F 87 -27.36 -11.74 -22.07
CA GLN F 87 -28.44 -10.77 -22.16
C GLN F 87 -28.74 -10.42 -23.60
N LEU F 88 -27.73 -10.40 -24.48
CA LEU F 88 -28.04 -10.15 -25.88
C LEU F 88 -28.91 -11.25 -26.46
N LEU F 89 -28.60 -12.51 -26.14
CA LEU F 89 -29.48 -13.60 -26.57
C LEU F 89 -30.87 -13.47 -25.95
N GLY F 90 -30.96 -12.95 -24.72
CA GLY F 90 -32.26 -12.70 -24.14
C GLY F 90 -33.04 -11.64 -24.90
N ILE F 91 -32.38 -10.54 -25.24
CA ILE F 91 -33.03 -9.45 -25.97
C ILE F 91 -33.50 -9.93 -27.34
N TRP F 92 -32.81 -10.91 -27.93
CA TRP F 92 -33.29 -11.51 -29.17
C TRP F 92 -34.26 -12.66 -28.93
N GLY F 93 -34.72 -12.85 -27.70
CA GLY F 93 -35.59 -13.97 -27.42
C GLY F 93 -34.94 -15.32 -27.59
N CYS F 94 -33.61 -15.39 -27.48
CA CYS F 94 -32.85 -16.61 -27.74
C CYS F 94 -32.03 -17.03 -26.52
N SER F 95 -32.49 -16.67 -25.31
CA SER F 95 -31.76 -17.07 -24.12
C SER F 95 -31.84 -18.59 -23.91
N GLY F 96 -33.00 -19.18 -24.16
CA GLY F 96 -33.27 -20.55 -23.79
C GLY F 96 -32.72 -21.62 -24.71
N LYS F 97 -31.94 -21.27 -25.74
CA LYS F 97 -31.44 -22.26 -26.68
C LYS F 97 -30.02 -21.91 -27.09
N LEU F 98 -29.28 -22.94 -27.50
CA LEU F 98 -27.99 -22.74 -28.13
C LEU F 98 -28.13 -22.40 -29.60
N ILE F 99 -29.16 -22.94 -30.26
CA ILE F 99 -29.55 -22.52 -31.59
C ILE F 99 -31.05 -22.23 -31.53
N CYS F 100 -31.44 -21.08 -32.07
CA CYS F 100 -32.85 -20.74 -32.18
C CYS F 100 -33.04 -20.08 -33.54
N CYS F 101 -34.26 -19.64 -33.78
CA CYS F 101 -34.68 -19.12 -35.07
C CYS F 101 -35.37 -17.77 -34.90
N THR F 102 -35.21 -16.89 -35.91
CA THR F 102 -35.75 -15.52 -35.85
C THR F 102 -36.26 -15.07 -37.22
N ASN F 103 -36.48 -13.76 -37.39
CA ASN F 103 -37.09 -13.15 -38.57
C ASN F 103 -36.04 -12.51 -39.47
N VAL F 104 -36.53 -11.85 -40.52
CA VAL F 104 -35.88 -10.99 -41.52
C VAL F 104 -34.86 -11.79 -42.32
N PRO F 105 -34.79 -11.64 -43.65
CA PRO F 105 -33.72 -12.36 -44.37
C PRO F 105 -32.47 -11.60 -44.80
N TRP F 106 -31.52 -12.46 -45.11
CA TRP F 106 -30.49 -12.19 -46.09
C TRP F 106 -31.09 -11.98 -47.49
N ASN F 107 -30.66 -10.89 -48.12
CA ASN F 107 -31.02 -10.58 -49.50
C ASN F 107 -29.69 -10.39 -50.22
N SER F 108 -29.73 -9.77 -51.41
CA SER F 108 -28.48 -9.48 -52.11
C SER F 108 -27.57 -8.60 -51.27
N SER F 109 -28.14 -7.70 -50.47
CA SER F 109 -27.35 -6.94 -49.51
C SER F 109 -26.78 -7.87 -48.43
N TRP F 110 -25.95 -7.31 -47.56
CA TRP F 110 -25.16 -8.07 -46.60
C TRP F 110 -24.35 -9.12 -47.37
N SER F 111 -24.24 -10.34 -46.86
CA SER F 111 -23.44 -11.35 -47.56
C SER F 111 -24.15 -11.71 -48.86
N ASN F 112 -23.67 -11.14 -49.97
CA ASN F 112 -24.22 -11.43 -51.30
C ASN F 112 -23.63 -12.77 -51.75
N ARG F 113 -24.19 -13.84 -51.19
CA ARG F 113 -23.53 -15.13 -51.21
C ARG F 113 -24.54 -16.26 -51.19
N ASN F 114 -24.10 -17.41 -51.70
CA ASN F 114 -24.71 -18.70 -51.42
C ASN F 114 -23.69 -19.52 -50.65
N LEU F 115 -24.07 -19.93 -49.44
CA LEU F 115 -23.16 -20.58 -48.50
C LEU F 115 -23.60 -21.98 -48.10
N SER F 116 -24.80 -22.42 -48.48
CA SER F 116 -25.27 -23.74 -48.07
C SER F 116 -24.38 -24.84 -48.61
N GLU F 117 -23.97 -24.73 -49.87
CA GLU F 117 -22.96 -25.65 -50.41
C GLU F 117 -21.62 -25.43 -49.73
N ILE F 118 -21.31 -24.18 -49.36
CA ILE F 118 -20.07 -23.86 -48.66
C ILE F 118 -20.18 -24.11 -47.16
N TRP F 119 -21.40 -24.33 -46.64
CA TRP F 119 -21.58 -24.75 -45.27
C TRP F 119 -20.73 -25.97 -44.91
N ASP F 120 -20.53 -26.88 -45.85
CA ASP F 120 -19.67 -28.04 -45.64
C ASP F 120 -18.24 -27.79 -46.11
N ASN F 121 -17.82 -26.51 -46.19
CA ASN F 121 -16.48 -26.16 -46.66
C ASN F 121 -15.89 -24.96 -45.91
N MET F 122 -16.56 -24.43 -44.89
CA MET F 122 -16.33 -23.06 -44.45
C MET F 122 -15.55 -22.95 -43.15
N THR F 123 -15.76 -23.88 -42.22
CA THR F 123 -15.19 -23.87 -40.86
C THR F 123 -15.27 -22.49 -40.20
N TRP F 124 -16.44 -21.87 -40.30
CA TRP F 124 -16.82 -20.70 -39.49
C TRP F 124 -15.96 -19.47 -39.68
N LEU F 125 -14.67 -19.56 -39.35
CA LEU F 125 -13.83 -18.37 -39.15
C LEU F 125 -13.87 -17.43 -40.35
N GLN F 126 -13.82 -17.98 -41.55
CA GLN F 126 -13.88 -17.12 -42.73
C GLN F 126 -15.30 -16.61 -42.98
N TRP F 127 -16.32 -17.41 -42.65
CA TRP F 127 -17.68 -16.88 -42.68
C TRP F 127 -17.84 -15.75 -41.66
N ASP F 128 -17.26 -15.92 -40.48
CA ASP F 128 -17.30 -14.87 -39.48
C ASP F 128 -16.63 -13.60 -40.00
N LYS F 129 -15.48 -13.77 -40.67
CA LYS F 129 -14.80 -12.62 -41.25
C LYS F 129 -15.69 -11.95 -42.31
N GLU F 130 -16.37 -12.76 -43.11
CA GLU F 130 -17.26 -12.22 -44.15
C GLU F 130 -18.40 -11.42 -43.53
N ILE F 131 -19.09 -11.99 -42.53
CA ILE F 131 -20.33 -11.42 -42.02
C ILE F 131 -20.10 -10.38 -40.93
N SER F 132 -18.86 -10.24 -40.43
CA SER F 132 -18.57 -9.20 -39.45
C SER F 132 -18.89 -7.82 -39.98
N ASN F 133 -18.86 -7.64 -41.30
CA ASN F 133 -19.22 -6.36 -41.89
C ASN F 133 -20.67 -5.97 -41.62
N TYR F 134 -21.54 -6.93 -41.25
CA TYR F 134 -22.97 -6.70 -41.21
C TYR F 134 -23.65 -7.21 -39.94
N THR F 135 -22.91 -7.88 -39.05
CA THR F 135 -23.47 -8.30 -37.77
C THR F 135 -24.11 -7.13 -37.02
N GLN F 136 -23.40 -6.00 -36.96
CA GLN F 136 -23.91 -4.83 -36.26
C GLN F 136 -25.22 -4.34 -36.85
N ILE F 137 -25.38 -4.46 -38.18
CA ILE F 137 -26.64 -4.09 -38.79
C ILE F 137 -27.72 -5.09 -38.41
N ILE F 138 -27.37 -6.37 -38.39
CA ILE F 138 -28.37 -7.42 -38.18
C ILE F 138 -28.96 -7.35 -36.77
N TYR F 139 -28.12 -6.99 -35.79
CA TYR F 139 -28.56 -7.08 -34.39
C TYR F 139 -29.76 -6.17 -34.10
N GLY F 140 -29.76 -4.95 -34.64
CA GLY F 140 -30.88 -4.06 -34.41
C GLY F 140 -32.18 -4.62 -34.97
N LEU F 141 -32.11 -5.20 -36.17
CA LEU F 141 -33.30 -5.82 -36.75
C LEU F 141 -33.79 -6.96 -35.88
N LEU F 142 -32.87 -7.78 -35.35
CA LEU F 142 -33.27 -8.87 -34.48
C LEU F 142 -34.00 -8.35 -33.25
N GLU F 143 -33.42 -7.33 -32.62
CA GLU F 143 -34.02 -6.77 -31.41
C GLU F 143 -35.41 -6.20 -31.67
N GLU F 144 -35.54 -5.43 -32.76
CA GLU F 144 -36.86 -4.87 -33.05
C GLU F 144 -37.85 -5.97 -33.43
N SER F 145 -37.38 -7.05 -34.06
CA SER F 145 -38.27 -8.16 -34.35
C SER F 145 -38.78 -8.80 -33.07
N GLN F 146 -37.91 -8.93 -32.06
CA GLN F 146 -38.37 -9.46 -30.78
C GLN F 146 -39.41 -8.54 -30.17
N ASN F 147 -39.20 -7.23 -30.26
CA ASN F 147 -40.22 -6.31 -29.74
C ASN F 147 -41.55 -6.45 -30.47
N GLN F 148 -41.50 -6.59 -31.79
CA GLN F 148 -42.72 -6.79 -32.57
C GLN F 148 -43.44 -8.06 -32.13
N GLN F 149 -42.69 -9.16 -31.96
CA GLN F 149 -43.31 -10.40 -31.52
C GLN F 149 -43.95 -10.24 -30.15
N GLU F 150 -43.24 -9.60 -29.22
CA GLU F 150 -43.77 -9.45 -27.87
C GLU F 150 -45.03 -8.59 -27.87
N LYS F 151 -45.03 -7.49 -28.62
CA LYS F 151 -46.20 -6.63 -28.62
C LYS F 151 -47.38 -7.28 -29.32
N ASN F 152 -47.13 -8.02 -30.40
CA ASN F 152 -48.22 -8.74 -31.05
C ASN F 152 -48.82 -9.78 -30.11
N GLU F 153 -47.97 -10.50 -29.39
CA GLU F 153 -48.46 -11.51 -28.46
C GLU F 153 -49.23 -10.86 -27.31
N GLN F 154 -48.74 -9.72 -26.83
CA GLN F 154 -49.44 -8.99 -25.77
C GLN F 154 -50.80 -8.51 -26.25
N ASP F 155 -50.86 -7.99 -27.47
CA ASP F 155 -52.14 -7.53 -28.02
C ASP F 155 -53.12 -8.69 -28.15
N LEU F 156 -52.63 -9.85 -28.60
CA LEU F 156 -53.47 -11.04 -28.59
C LEU F 156 -53.85 -11.41 -27.17
N LEU F 157 -52.92 -11.28 -26.23
CA LEU F 157 -53.24 -11.54 -24.83
C LEU F 157 -54.25 -10.53 -24.30
N ALA F 158 -54.26 -9.31 -24.84
CA ALA F 158 -55.17 -8.28 -24.33
C ALA F 158 -56.64 -8.68 -24.50
N LEU F 159 -56.94 -9.57 -25.44
CA LEU F 159 -58.31 -10.04 -25.64
C LEU F 159 -58.71 -11.15 -24.67
N ASP F 160 -57.84 -11.54 -23.74
CA ASP F 160 -58.14 -12.59 -22.78
C ASP F 160 -59.30 -12.14 -21.89
N GLN G 1 9.72 19.13 -27.83
CA GLN G 1 9.78 18.83 -26.38
C GLN G 1 11.13 18.21 -26.03
N VAL G 2 11.43 17.08 -26.66
CA VAL G 2 12.70 16.41 -26.43
C VAL G 2 13.84 17.24 -27.00
N ARG G 3 14.87 17.44 -26.19
CA ARG G 3 16.06 18.20 -26.57
C ARG G 3 17.30 17.34 -26.46
N LEU G 4 18.24 17.58 -27.37
CA LEU G 4 19.55 16.92 -27.36
C LEU G 4 20.60 18.01 -27.51
N ALA G 5 21.01 18.59 -26.38
CA ALA G 5 22.04 19.61 -26.39
C ALA G 5 23.41 18.99 -26.65
N GLN G 6 24.36 19.83 -27.00
CA GLN G 6 25.73 19.41 -27.22
C GLN G 6 26.68 20.48 -26.69
N TYR G 7 27.90 20.05 -26.38
CA TYR G 7 28.95 20.93 -25.90
C TYR G 7 30.25 20.50 -26.58
N GLY G 8 31.37 21.02 -26.10
CA GLY G 8 32.65 20.66 -26.66
C GLY G 8 32.79 21.15 -28.10
N GLY G 9 33.93 20.81 -28.68
CA GLY G 9 34.22 21.18 -30.06
C GLY G 9 35.16 22.36 -30.16
N GLY G 10 34.85 23.32 -31.03
CA GLY G 10 35.77 24.41 -31.28
C GLY G 10 36.94 23.94 -32.12
N VAL G 11 38.09 24.58 -31.92
CA VAL G 11 39.31 24.19 -32.61
C VAL G 11 39.96 23.04 -31.87
N LYS G 12 40.59 22.15 -32.63
CA LYS G 12 41.39 21.06 -32.09
C LYS G 12 42.67 20.96 -32.89
N ARG G 13 43.78 20.73 -32.21
CA ARG G 13 45.08 20.76 -32.86
C ARG G 13 45.37 19.42 -33.52
N LEU G 14 46.17 19.47 -34.57
CA LEU G 14 46.40 18.30 -35.42
C LEU G 14 47.04 17.18 -34.60
N GLY G 15 46.54 15.96 -34.81
CA GLY G 15 47.00 14.81 -34.10
C GLY G 15 46.47 14.65 -32.70
N ALA G 16 45.75 15.64 -32.18
CA ALA G 16 45.25 15.58 -30.82
C ALA G 16 44.02 14.69 -30.73
N THR G 17 43.63 14.38 -29.49
CA THR G 17 42.42 13.66 -29.19
C THR G 17 41.40 14.64 -28.63
N MET G 18 40.14 14.47 -29.02
CA MET G 18 39.08 15.41 -28.72
C MET G 18 37.87 14.67 -28.16
N THR G 19 36.99 15.42 -27.52
CA THR G 19 35.80 14.87 -26.88
C THR G 19 34.60 15.76 -27.14
N LEU G 20 33.49 15.13 -27.49
CA LEU G 20 32.18 15.77 -27.58
C LEU G 20 31.29 15.25 -26.47
N SER G 21 30.08 15.77 -26.41
CA SER G 21 29.15 15.40 -25.36
C SER G 21 27.74 15.68 -25.82
N CYS G 22 26.79 14.97 -25.21
CA CYS G 22 25.37 15.20 -25.44
C CYS G 22 24.62 14.96 -24.15
N VAL G 23 23.70 15.85 -23.84
CA VAL G 23 22.85 15.75 -22.65
C VAL G 23 21.44 15.47 -23.13
N ALA G 24 20.92 14.31 -22.76
CA ALA G 24 19.60 13.88 -23.21
C ALA G 24 18.56 14.45 -22.25
N SER G 25 17.72 15.35 -22.76
CA SER G 25 16.61 15.84 -21.97
C SER G 25 15.67 14.69 -21.64
N GLY G 26 14.77 14.93 -20.69
CA GLY G 26 13.96 13.83 -20.21
C GLY G 26 12.90 13.36 -21.17
N TYR G 27 13.15 12.22 -21.82
CA TYR G 27 12.11 11.42 -22.45
C TYR G 27 12.04 10.03 -21.84
N THR G 28 13.11 9.25 -21.92
CA THR G 28 13.35 8.03 -21.18
C THR G 28 14.75 7.61 -21.64
N PHE G 29 15.68 7.38 -20.72
CA PHE G 29 17.06 7.27 -21.17
C PHE G 29 17.42 5.88 -21.69
N ASN G 30 16.69 4.85 -21.29
CA ASN G 30 17.06 3.46 -21.58
C ASN G 30 16.40 2.91 -22.83
N ASP G 31 15.51 3.65 -23.49
CA ASP G 31 14.62 3.07 -24.49
C ASP G 31 15.05 3.33 -25.92
N TYR G 32 15.91 4.31 -26.18
CA TYR G 32 16.21 4.77 -27.53
C TYR G 32 17.71 4.71 -27.79
N TYR G 33 18.08 4.02 -28.86
CA TYR G 33 19.46 4.05 -29.32
C TYR G 33 19.83 5.45 -29.77
N ILE G 34 21.12 5.78 -29.64
CA ILE G 34 21.65 7.09 -29.99
C ILE G 34 22.77 6.88 -31.00
N HIS G 35 22.74 7.65 -32.08
CA HIS G 35 23.69 7.53 -33.17
C HIS G 35 24.46 8.82 -33.30
N TRP G 36 25.72 8.70 -33.73
CA TRP G 36 26.62 9.83 -33.94
C TRP G 36 26.90 9.93 -35.44
N VAL G 37 26.42 10.99 -36.06
CA VAL G 37 26.60 11.23 -37.49
C VAL G 37 27.27 12.58 -37.68
N ARG G 38 27.97 12.72 -38.80
CA ARG G 38 28.76 13.91 -39.08
C ARG G 38 28.57 14.32 -40.53
N GLN G 39 29.11 15.49 -40.86
CA GLN G 39 29.01 16.06 -42.20
C GLN G 39 30.29 16.82 -42.51
N ALA G 40 31.12 16.25 -43.38
CA ALA G 40 32.25 17.00 -43.89
C ALA G 40 31.74 18.17 -44.74
N PRO G 41 32.51 19.25 -44.86
CA PRO G 41 32.03 20.38 -45.65
C PRO G 41 31.92 20.03 -47.13
N GLY G 42 30.83 20.47 -47.75
CA GLY G 42 30.59 20.17 -49.15
C GLY G 42 30.46 18.70 -49.44
N GLN G 43 29.92 17.93 -48.50
CA GLN G 43 29.77 16.49 -48.66
C GLN G 43 28.47 16.05 -48.01
N GLY G 44 28.04 14.84 -48.35
CA GLY G 44 26.88 14.26 -47.71
C GLY G 44 27.22 13.67 -46.35
N PHE G 45 26.20 13.54 -45.53
CA PHE G 45 26.35 12.96 -44.21
C PHE G 45 26.88 11.53 -44.30
N GLU G 46 27.38 11.05 -43.17
CA GLU G 46 27.76 9.65 -43.01
C GLU G 46 27.71 9.32 -41.53
N LEU G 47 27.58 8.02 -41.25
CA LEU G 47 27.47 7.55 -39.88
C LEU G 47 28.83 7.10 -39.36
N LEU G 48 29.04 7.28 -38.05
CA LEU G 48 30.22 6.80 -37.35
C LEU G 48 29.91 5.55 -36.53
N GLY G 49 28.83 5.56 -35.78
CA GLY G 49 28.48 4.43 -34.95
C GLY G 49 27.29 4.78 -34.09
N TYR G 50 26.81 3.77 -33.36
CA TYR G 50 25.68 3.95 -32.46
C TYR G 50 25.99 3.28 -31.12
N ILE G 51 25.46 3.87 -30.06
CA ILE G 51 25.66 3.38 -28.69
C ILE G 51 24.29 3.21 -28.06
N ASP G 52 24.04 2.04 -27.50
CA ASP G 52 22.82 1.81 -26.75
C ASP G 52 23.00 2.43 -25.36
N PRO G 53 22.17 3.38 -24.94
CA PRO G 53 22.40 3.98 -23.62
C PRO G 53 22.24 2.99 -22.48
N ALA G 54 21.38 1.98 -22.64
CA ALA G 54 21.07 1.08 -21.53
C ALA G 54 22.30 0.31 -21.06
N ASN G 55 22.83 -0.57 -21.90
CA ASN G 55 23.97 -1.41 -21.53
C ASN G 55 25.31 -0.85 -22.00
N GLY G 56 25.31 0.24 -22.76
CA GLY G 56 26.56 0.84 -23.19
C GLY G 56 27.24 0.14 -24.34
N ARG G 57 26.55 -0.72 -25.05
CA ARG G 57 27.17 -1.43 -26.17
C ARG G 57 27.43 -0.46 -27.31
N PRO G 58 28.69 -0.29 -27.78
CA PRO G 58 28.90 0.50 -28.99
C PRO G 58 28.91 -0.36 -30.24
N ASP G 59 29.00 0.29 -31.39
CA ASP G 59 29.25 -0.38 -32.66
C ASP G 59 29.69 0.69 -33.65
N TYR G 60 30.71 0.37 -34.44
CA TYR G 60 31.48 1.39 -35.14
C TYR G 60 31.43 1.16 -36.64
N ALA G 61 31.62 2.25 -37.39
CA ALA G 61 31.84 2.12 -38.81
C ALA G 61 33.16 1.41 -39.07
N GLY G 62 33.22 0.69 -40.20
CA GLY G 62 34.37 -0.16 -40.45
C GLY G 62 35.67 0.58 -40.62
N ALA G 63 35.61 1.82 -41.08
CA ALA G 63 36.82 2.58 -41.41
C ALA G 63 37.35 3.40 -40.24
N LEU G 64 36.71 3.35 -39.07
CA LEU G 64 37.13 4.14 -37.92
C LEU G 64 37.07 3.34 -36.62
N ARG G 65 37.06 2.01 -36.70
CA ARG G 65 36.97 1.20 -35.49
C ARG G 65 38.22 1.27 -34.63
N GLU G 66 39.36 1.67 -35.22
CA GLU G 66 40.59 1.79 -34.45
C GLU G 66 40.62 3.06 -33.61
N ARG G 67 39.90 4.10 -34.05
CA ARG G 67 40.07 5.45 -33.51
C ARG G 67 38.91 5.91 -32.65
N LEU G 68 37.74 5.32 -32.77
CA LEU G 68 36.55 5.80 -32.09
C LEU G 68 36.43 5.19 -30.70
N SER G 69 35.50 5.74 -29.91
CA SER G 69 35.09 5.14 -28.65
C SER G 69 33.85 5.86 -28.12
N PHE G 70 32.83 5.11 -27.71
CA PHE G 70 31.64 5.65 -27.10
C PHE G 70 31.46 5.08 -25.70
N TYR G 71 30.84 5.87 -24.83
CA TYR G 71 30.47 5.42 -23.50
C TYR G 71 29.62 6.49 -22.85
N ARG G 72 28.92 6.11 -21.78
CA ARG G 72 27.87 6.93 -21.20
C ARG G 72 27.93 6.86 -19.69
N ASP G 73 27.19 7.77 -19.06
CA ASP G 73 27.00 7.81 -17.61
C ASP G 73 25.49 7.92 -17.42
N LYS G 74 24.85 6.79 -17.13
CA LYS G 74 23.39 6.73 -17.14
C LYS G 74 22.76 7.64 -16.09
N SER G 75 23.45 7.83 -14.95
CA SER G 75 22.86 8.65 -13.89
C SER G 75 22.68 10.09 -14.34
N MET G 76 23.65 10.61 -15.10
CA MET G 76 23.60 11.98 -15.60
C MET G 76 22.80 12.12 -16.88
N GLU G 77 22.34 11.02 -17.48
CA GLU G 77 21.70 11.05 -18.80
C GLU G 77 22.58 11.76 -19.81
N THR G 78 23.86 11.40 -19.81
CA THR G 78 24.89 12.05 -20.61
C THR G 78 25.65 11.00 -21.42
N LEU G 79 26.06 11.40 -22.63
CA LEU G 79 26.83 10.56 -23.53
C LEU G 79 28.12 11.27 -23.89
N TYR G 80 29.15 10.49 -24.24
CA TYR G 80 30.45 11.01 -24.60
C TYR G 80 30.97 10.32 -25.84
N MET G 81 31.80 11.03 -26.59
CA MET G 81 32.56 10.47 -27.70
C MET G 81 34.02 10.78 -27.45
N ASP G 82 34.89 9.85 -27.84
CA ASP G 82 36.31 10.10 -27.94
C ASP G 82 36.78 9.69 -29.33
N LEU G 83 37.37 10.63 -30.05
CA LEU G 83 38.01 10.37 -31.33
C LEU G 83 39.49 10.68 -31.19
N ARG G 84 40.34 9.70 -31.52
CA ARG G 84 41.77 9.78 -31.26
C ARG G 84 42.52 10.11 -32.54
N SER G 85 43.53 10.97 -32.42
CA SER G 85 44.45 11.28 -33.52
C SER G 85 43.69 11.89 -34.70
N LEU G 86 43.15 13.08 -34.46
CA LEU G 86 42.45 13.81 -35.51
C LEU G 86 43.34 14.03 -36.72
N ARG G 87 42.81 13.73 -37.90
CA ARG G 87 43.43 14.07 -39.17
C ARG G 87 42.74 15.30 -39.76
N TYR G 88 43.31 15.81 -40.85
CA TYR G 88 42.77 17.03 -41.44
C TYR G 88 41.35 16.82 -41.95
N ASP G 89 41.10 15.69 -42.62
CA ASP G 89 39.79 15.48 -43.25
C ASP G 89 38.65 15.39 -42.25
N ASP G 90 38.95 15.13 -40.96
CA ASP G 90 37.90 15.05 -39.97
C ASP G 90 37.33 16.41 -39.59
N THR G 91 37.82 17.50 -40.19
CA THR G 91 37.18 18.80 -40.04
C THR G 91 35.74 18.70 -40.53
N ALA G 92 34.79 18.81 -39.61
CA ALA G 92 33.39 18.55 -39.92
C ALA G 92 32.57 18.96 -38.70
N MET G 93 31.26 18.77 -38.81
CA MET G 93 30.31 19.09 -37.75
C MET G 93 29.54 17.83 -37.37
N TYR G 94 29.34 17.63 -36.07
CA TYR G 94 28.97 16.33 -35.50
C TYR G 94 27.68 16.46 -34.73
N TYR G 95 26.77 15.51 -34.94
CA TYR G 95 25.45 15.52 -34.30
C TYR G 95 25.25 14.32 -33.40
N CYS G 96 24.36 14.51 -32.42
CA CYS G 96 23.65 13.42 -31.78
C CYS G 96 22.25 13.34 -32.38
N VAL G 97 21.78 12.12 -32.63
CA VAL G 97 20.44 11.90 -33.17
C VAL G 97 19.82 10.72 -32.44
N ARG G 98 18.58 10.89 -32.01
CA ARG G 98 17.84 9.77 -31.44
C ARG G 98 17.36 8.84 -32.54
N ASN G 99 17.16 7.59 -32.18
CA ASN G 99 16.67 6.56 -33.08
C ASN G 99 15.43 5.91 -32.51
N VAL G 100 14.48 5.61 -33.38
CA VAL G 100 13.22 4.96 -33.00
C VAL G 100 13.39 3.47 -33.23
N GLY G 101 13.47 2.70 -32.15
CA GLY G 101 13.68 1.27 -32.20
C GLY G 101 12.41 0.52 -31.85
N THR G 102 12.16 -0.55 -32.60
CA THR G 102 11.04 -1.45 -32.31
C THR G 102 11.48 -2.47 -31.27
N ALA G 103 10.68 -3.50 -31.06
CA ALA G 103 11.04 -4.54 -30.09
C ALA G 103 12.26 -5.33 -30.52
N GLY G 104 12.54 -5.40 -31.82
CA GLY G 104 13.65 -6.19 -32.33
C GLY G 104 14.37 -5.60 -33.51
N SER G 105 14.16 -4.32 -33.80
CA SER G 105 14.77 -3.71 -34.97
C SER G 105 14.94 -2.22 -34.74
N LEU G 106 15.85 -1.62 -35.51
CA LEU G 106 16.11 -0.19 -35.49
C LEU G 106 15.70 0.39 -36.84
N LEU G 107 15.00 1.52 -36.83
CA LEU G 107 14.32 2.02 -38.01
C LEU G 107 14.92 3.31 -38.55
N HIS G 108 14.94 4.40 -37.80
CA HIS G 108 15.26 5.69 -38.40
C HIS G 108 15.50 6.72 -37.31
N TYR G 109 15.78 7.95 -37.73
CA TYR G 109 16.08 9.06 -36.85
C TYR G 109 14.92 10.05 -36.89
N ASP G 110 14.50 10.53 -35.72
CA ASP G 110 13.39 11.47 -35.61
C ASP G 110 13.80 12.86 -35.14
N HIS G 111 14.56 12.97 -34.06
CA HIS G 111 14.98 14.25 -33.50
C HIS G 111 16.49 14.35 -33.54
N TRP G 112 17.00 15.38 -34.20
CA TRP G 112 18.43 15.63 -34.27
C TRP G 112 18.84 16.59 -33.15
N GLY G 113 20.13 16.55 -32.83
CA GLY G 113 20.67 17.43 -31.82
C GLY G 113 21.02 18.79 -32.37
N SER G 114 21.41 19.68 -31.46
CA SER G 114 21.78 21.04 -31.85
C SER G 114 23.07 21.10 -32.66
N GLY G 115 23.85 20.03 -32.68
CA GLY G 115 25.06 19.98 -33.47
C GLY G 115 26.27 20.52 -32.73
N SER G 116 27.43 20.28 -33.31
CA SER G 116 28.70 20.72 -32.74
C SER G 116 29.74 20.86 -33.85
N PRO G 117 30.27 22.05 -34.14
CA PRO G 117 31.30 22.13 -35.16
C PRO G 117 32.67 21.77 -34.62
N VAL G 118 33.53 21.31 -35.53
CA VAL G 118 34.90 20.96 -35.21
C VAL G 118 35.78 21.37 -36.39
N ILE G 119 36.96 21.89 -36.09
CA ILE G 119 37.94 22.24 -37.10
C ILE G 119 39.30 21.72 -36.65
N VAL G 120 39.95 20.94 -37.50
CA VAL G 120 41.26 20.38 -37.21
C VAL G 120 42.30 21.29 -37.85
N SER G 121 43.15 21.90 -37.01
CA SER G 121 44.22 22.75 -37.50
C SER G 121 45.13 23.09 -36.33
N SER G 122 46.43 23.17 -36.61
CA SER G 122 47.43 23.55 -35.62
C SER G 122 47.78 25.02 -35.67
N ALA G 123 47.10 25.81 -36.51
CA ALA G 123 47.48 27.21 -36.69
C ALA G 123 47.17 28.03 -35.45
N SER G 124 48.11 28.90 -35.09
CA SER G 124 47.86 29.91 -34.09
C SER G 124 47.08 31.06 -34.70
N THR G 125 46.66 32.00 -33.86
CA THR G 125 45.97 33.18 -34.36
C THR G 125 46.92 33.97 -35.25
N LYS G 126 46.40 34.39 -36.41
CA LYS G 126 47.25 34.97 -37.45
C LYS G 126 46.37 35.73 -38.42
N GLY G 127 46.81 36.93 -38.80
CA GLY G 127 45.99 37.85 -39.56
C GLY G 127 46.14 37.68 -41.06
N PRO G 128 45.23 38.28 -41.83
CA PRO G 128 45.23 38.06 -43.27
C PRO G 128 46.35 38.81 -43.97
N SER G 129 46.63 38.35 -45.20
CA SER G 129 47.28 39.16 -46.22
C SER G 129 46.25 39.47 -47.29
N VAL G 130 46.39 40.64 -47.92
CA VAL G 130 45.44 41.13 -48.91
C VAL G 130 46.21 41.50 -50.16
N PHE G 131 45.68 41.10 -51.31
CA PHE G 131 46.31 41.31 -52.60
C PHE G 131 45.23 41.76 -53.59
N PRO G 132 45.59 42.56 -54.60
CA PRO G 132 44.58 43.03 -55.55
C PRO G 132 44.36 42.01 -56.66
N LEU G 133 43.13 41.51 -56.79
CA LEU G 133 42.75 40.80 -58.00
C LEU G 133 42.59 41.82 -59.11
N ALA G 134 43.66 42.04 -59.86
CA ALA G 134 43.74 43.22 -60.71
C ALA G 134 42.73 43.12 -61.86
N PRO G 135 42.12 44.23 -62.28
CA PRO G 135 41.19 44.18 -63.41
C PRO G 135 41.91 43.81 -64.70
N SER G 136 41.20 43.11 -65.58
CA SER G 136 41.74 42.76 -66.88
C SER G 136 41.93 44.02 -67.71
N SER G 137 43.18 44.44 -67.89
CA SER G 137 43.47 45.66 -68.62
C SER G 137 44.92 45.67 -69.10
N GLY G 143 33.47 46.47 -71.74
CA GLY G 143 33.31 47.74 -71.03
C GLY G 143 33.36 47.58 -69.53
N THR G 144 32.81 46.47 -69.04
CA THR G 144 32.76 46.16 -67.62
C THR G 144 33.79 45.08 -67.31
N ALA G 145 34.63 45.33 -66.31
CA ALA G 145 35.65 44.39 -65.87
C ALA G 145 35.60 44.26 -64.36
N ALA G 146 35.89 43.06 -63.88
CA ALA G 146 35.83 42.76 -62.45
C ALA G 146 37.16 43.03 -61.78
N LEU G 147 37.10 43.42 -60.50
CA LEU G 147 38.28 43.65 -59.70
C LEU G 147 37.95 43.34 -58.25
N GLY G 148 38.91 42.78 -57.52
CA GLY G 148 38.65 42.30 -56.18
C GLY G 148 39.90 42.19 -55.36
N CYS G 149 39.71 41.84 -54.09
CA CYS G 149 40.79 41.57 -53.14
C CYS G 149 40.77 40.11 -52.74
N LEU G 150 41.90 39.45 -52.89
CA LEU G 150 42.10 38.09 -52.41
C LEU G 150 42.65 38.17 -50.98
N VAL G 151 41.86 37.66 -50.03
CA VAL G 151 42.24 37.65 -48.62
C VAL G 151 42.79 36.27 -48.30
N LYS G 152 44.05 36.20 -47.88
CA LYS G 152 44.80 34.96 -47.78
C LYS G 152 45.33 34.72 -46.38
N ASP G 153 45.19 33.47 -45.93
CA ASP G 153 45.97 32.92 -44.83
C ASP G 153 45.75 33.70 -43.53
N TYR G 154 44.50 33.73 -43.08
CA TYR G 154 44.13 34.23 -41.77
C TYR G 154 43.58 33.09 -40.93
N PHE G 155 43.63 33.27 -39.61
CA PHE G 155 43.12 32.25 -38.71
C PHE G 155 42.93 32.88 -37.34
N PRO G 156 41.84 32.59 -36.62
CA PRO G 156 40.61 31.85 -36.97
C PRO G 156 39.54 32.76 -37.57
N GLU G 157 38.40 32.19 -37.93
CA GLU G 157 37.28 32.98 -38.40
C GLU G 157 36.75 33.87 -37.29
N PRO G 158 36.03 34.95 -37.63
CA PRO G 158 35.68 35.49 -38.94
C PRO G 158 36.70 36.48 -39.50
N VAL G 159 36.44 36.97 -40.71
CA VAL G 159 37.17 38.09 -41.29
C VAL G 159 36.15 39.06 -41.89
N THR G 160 36.42 40.36 -41.73
CA THR G 160 35.51 41.41 -42.12
C THR G 160 36.03 42.10 -43.37
N VAL G 161 35.17 42.25 -44.37
CA VAL G 161 35.53 42.91 -45.63
C VAL G 161 34.40 43.84 -46.03
N SER G 162 34.74 45.08 -46.35
CA SER G 162 33.85 46.02 -47.02
C SER G 162 34.68 46.80 -48.02
N TRP G 163 34.03 47.72 -48.74
CA TRP G 163 34.66 48.45 -49.83
C TRP G 163 34.50 49.95 -49.65
N ASN G 164 35.61 50.67 -49.88
CA ASN G 164 35.63 52.13 -49.93
C ASN G 164 35.04 52.73 -48.65
N SER G 165 35.59 52.30 -47.52
CA SER G 165 35.05 52.63 -46.19
C SER G 165 33.60 52.20 -46.08
N GLY G 166 33.26 51.08 -46.72
CA GLY G 166 31.90 50.58 -46.74
C GLY G 166 30.98 51.29 -47.70
N ALA G 167 31.45 52.31 -48.43
CA ALA G 167 30.57 53.08 -49.30
C ALA G 167 30.20 52.30 -50.55
N LEU G 168 31.17 51.63 -51.17
CA LEU G 168 30.98 51.01 -52.48
C LEU G 168 30.28 49.66 -52.28
N THR G 169 28.96 49.72 -52.15
CA THR G 169 28.13 48.52 -52.02
C THR G 169 27.63 47.98 -53.35
N SER G 170 27.87 48.69 -54.46
CA SER G 170 27.29 48.32 -55.74
C SER G 170 28.04 47.16 -56.38
N GLY G 171 27.29 46.12 -56.78
CA GLY G 171 27.87 45.02 -57.52
C GLY G 171 28.92 44.24 -56.80
N VAL G 172 28.87 44.22 -55.47
CA VAL G 172 29.90 43.59 -54.64
C VAL G 172 29.42 42.20 -54.24
N HIS G 173 30.31 41.21 -54.36
CA HIS G 173 30.09 39.87 -53.86
C HIS G 173 31.31 39.43 -53.07
N THR G 174 31.07 38.65 -52.01
CA THR G 174 32.12 38.13 -51.16
C THR G 174 31.83 36.67 -50.87
N PHE G 175 32.69 35.79 -51.37
CA PHE G 175 32.50 34.36 -51.22
C PHE G 175 32.86 33.92 -49.81
N PRO G 176 32.29 32.82 -49.32
CA PRO G 176 32.58 32.38 -47.96
C PRO G 176 34.02 31.89 -47.84
N ALA G 177 34.40 31.59 -46.60
CA ALA G 177 35.79 31.27 -46.28
C ALA G 177 36.13 29.85 -46.67
N VAL G 178 37.18 29.70 -47.49
CA VAL G 178 37.69 28.38 -47.87
C VAL G 178 38.80 28.01 -46.91
N LEU G 179 38.64 26.88 -46.23
CA LEU G 179 39.70 26.35 -45.37
C LEU G 179 40.68 25.57 -46.23
N GLN G 180 41.86 26.15 -46.47
CA GLN G 180 42.86 25.50 -47.27
C GLN G 180 43.41 24.28 -46.56
N SER G 181 44.28 23.55 -47.25
CA SER G 181 44.99 22.44 -46.63
C SER G 181 45.96 22.90 -45.55
N SER G 182 46.36 24.17 -45.57
CA SER G 182 47.33 24.70 -44.61
C SER G 182 46.75 24.94 -43.23
N GLY G 183 45.45 24.73 -43.03
CA GLY G 183 44.85 25.10 -41.76
C GLY G 183 44.61 26.58 -41.60
N LEU G 184 44.67 27.35 -42.69
CA LEU G 184 44.45 28.78 -42.67
C LEU G 184 43.34 29.13 -43.66
N TYR G 185 42.53 30.12 -43.29
CA TYR G 185 41.35 30.48 -44.07
C TYR G 185 41.68 31.54 -45.10
N SER G 186 40.77 31.72 -46.05
CA SER G 186 40.93 32.69 -47.12
C SER G 186 39.59 32.85 -47.83
N LEU G 187 39.46 33.97 -48.55
CA LEU G 187 38.28 34.23 -49.35
C LEU G 187 38.60 35.33 -50.35
N SER G 188 37.66 35.56 -51.27
CA SER G 188 37.80 36.57 -52.31
C SER G 188 36.56 37.44 -52.34
N SER G 189 36.75 38.75 -52.35
CA SER G 189 35.69 39.74 -52.51
C SER G 189 35.94 40.51 -53.79
N VAL G 190 34.91 40.63 -54.63
CA VAL G 190 35.03 41.17 -55.97
C VAL G 190 33.94 42.21 -56.19
N VAL G 191 34.16 43.06 -57.19
CA VAL G 191 33.18 44.03 -57.62
C VAL G 191 33.35 44.25 -59.12
N THR G 192 32.22 44.41 -59.82
CA THR G 192 32.20 44.66 -61.25
C THR G 192 31.88 46.13 -61.49
N VAL G 193 32.71 46.78 -62.30
CA VAL G 193 32.60 48.22 -62.55
C VAL G 193 32.87 48.50 -64.02
N PRO G 194 32.43 49.64 -64.53
CA PRO G 194 32.82 50.03 -65.90
C PRO G 194 34.32 50.28 -65.99
N SER G 195 34.86 50.08 -67.20
CA SER G 195 36.28 50.28 -67.43
C SER G 195 36.71 51.72 -67.20
N SER G 196 35.79 52.69 -67.32
CA SER G 196 36.14 54.08 -67.05
C SER G 196 36.58 54.29 -65.61
N SER G 197 36.04 53.49 -64.68
CA SER G 197 36.37 53.66 -63.27
C SER G 197 37.84 53.37 -62.99
N LEU G 198 38.48 52.54 -63.82
CA LEU G 198 39.85 52.12 -63.54
C LEU G 198 40.82 53.29 -63.54
N GLY G 199 40.63 54.23 -64.48
CA GLY G 199 41.47 55.39 -64.58
C GLY G 199 41.01 56.63 -63.84
N THR G 200 39.87 56.56 -63.14
CA THR G 200 39.25 57.74 -62.54
C THR G 200 38.91 57.59 -61.06
N GLN G 201 38.42 56.43 -60.64
CA GLN G 201 37.78 56.27 -59.35
C GLN G 201 38.68 55.57 -58.34
N THR G 202 38.49 55.91 -57.07
CA THR G 202 39.17 55.22 -55.99
C THR G 202 38.43 53.94 -55.64
N TYR G 203 39.20 52.88 -55.38
CA TYR G 203 38.63 51.60 -54.97
C TYR G 203 39.48 50.99 -53.88
N ILE G 204 38.81 50.49 -52.84
CA ILE G 204 39.43 50.01 -51.62
C ILE G 204 38.64 48.79 -51.14
N CYS G 205 39.34 47.85 -50.52
CA CYS G 205 38.73 46.84 -49.66
C CYS G 205 39.13 47.12 -48.23
N ASN G 206 38.13 47.37 -47.38
CA ASN G 206 38.38 47.57 -45.95
C ASN G 206 38.36 46.18 -45.30
N VAL G 207 39.56 45.59 -45.20
CA VAL G 207 39.73 44.26 -44.66
C VAL G 207 40.10 44.39 -43.18
N ASN G 208 39.40 43.66 -42.32
CA ASN G 208 39.69 43.63 -40.90
C ASN G 208 39.50 42.20 -40.40
N HIS G 209 40.29 41.83 -39.38
CA HIS G 209 40.32 40.47 -38.84
C HIS G 209 40.29 40.57 -37.32
N LYS G 210 39.13 40.29 -36.73
CA LYS G 210 38.93 40.53 -35.30
C LYS G 210 39.89 39.78 -34.39
N PRO G 211 40.16 38.47 -34.59
CA PRO G 211 41.06 37.77 -33.65
C PRO G 211 42.45 38.37 -33.57
N SER G 212 42.99 38.86 -34.69
CA SER G 212 44.28 39.55 -34.70
C SER G 212 44.14 41.06 -34.60
N ASN G 213 42.95 41.60 -34.87
CA ASN G 213 42.68 43.04 -34.86
C ASN G 213 43.52 43.80 -35.89
N THR G 214 44.02 43.10 -36.90
CA THR G 214 44.70 43.76 -38.01
C THR G 214 43.66 44.27 -39.01
N LYS G 215 43.86 45.48 -39.51
CA LYS G 215 42.96 46.08 -40.48
C LYS G 215 43.78 46.73 -41.58
N VAL G 216 43.39 46.49 -42.83
CA VAL G 216 44.07 47.03 -44.00
C VAL G 216 43.03 47.54 -44.99
N ASP G 217 43.21 48.77 -45.45
CA ASP G 217 42.39 49.34 -46.52
C ASP G 217 43.15 49.20 -47.85
N LYS G 218 43.19 47.97 -48.33
CA LYS G 218 44.01 47.64 -49.49
C LYS G 218 43.44 48.27 -50.76
N ARG G 219 44.31 48.88 -51.56
CA ARG G 219 43.91 49.45 -52.83
C ARG G 219 43.77 48.35 -53.89
N VAL G 220 42.88 48.57 -54.85
CA VAL G 220 42.65 47.64 -55.95
C VAL G 220 42.95 48.33 -57.28
N GLU G 221 42.79 49.65 -57.31
CA GLU G 221 43.02 50.40 -58.53
C GLU G 221 44.46 50.41 -59.06
N PRO G 222 45.55 50.25 -58.26
CA PRO G 222 46.89 50.52 -58.83
C PRO G 222 47.26 49.67 -60.05
N LYS G 223 46.90 48.40 -60.09
CA LYS G 223 47.21 47.55 -61.24
C LYS G 223 46.07 47.55 -62.25
N SER G 224 45.73 48.76 -62.70
CA SER G 224 44.83 48.94 -63.84
C SER G 224 45.66 49.00 -65.13
N CYS G 225 46.44 47.95 -65.34
CA CYS G 225 47.39 47.90 -66.45
C CYS G 225 47.63 46.46 -66.88
N GLU H 1 27.70 -0.15 -48.31
CA GLU H 1 27.48 -1.04 -49.48
C GLU H 1 26.27 -0.60 -50.29
N ILE H 2 25.28 -0.03 -49.61
CA ILE H 2 24.08 0.52 -50.24
C ILE H 2 24.29 2.02 -50.38
N VAL H 3 24.16 2.52 -51.61
CA VAL H 3 24.41 3.92 -51.93
C VAL H 3 23.13 4.52 -52.47
N LEU H 4 22.73 5.67 -51.93
CA LEU H 4 21.59 6.43 -52.40
C LEU H 4 22.08 7.58 -53.27
N THR H 5 21.71 7.54 -54.54
CA THR H 5 21.96 8.64 -55.47
C THR H 5 20.70 9.48 -55.54
N GLN H 6 20.76 10.69 -55.00
CA GLN H 6 19.63 11.60 -54.97
C GLN H 6 19.80 12.64 -56.06
N SER H 7 18.82 12.74 -56.95
CA SER H 7 18.87 13.55 -58.15
C SER H 7 17.56 14.30 -58.30
N PRO H 8 17.58 15.49 -58.92
CA PRO H 8 18.68 16.31 -59.43
C PRO H 8 19.39 17.11 -58.34
N ALA H 9 20.51 17.74 -58.70
CA ALA H 9 21.25 18.52 -57.72
C ALA H 9 20.44 19.70 -57.21
N THR H 10 19.73 20.38 -58.09
CA THR H 10 18.97 21.57 -57.73
C THR H 10 17.69 21.62 -58.54
N LEU H 11 16.61 22.08 -57.90
CA LEU H 11 15.31 22.24 -58.53
C LEU H 11 14.88 23.70 -58.44
N SER H 12 14.55 24.29 -59.59
CA SER H 12 14.07 25.66 -59.67
C SER H 12 12.55 25.65 -59.75
N ALA H 13 11.90 26.44 -58.92
CA ALA H 13 10.45 26.51 -58.91
C ALA H 13 10.02 27.85 -58.32
N SER H 14 8.74 28.15 -58.50
CA SER H 14 8.09 29.36 -58.02
C SER H 14 7.09 28.97 -56.93
N PRO H 15 6.72 29.91 -56.04
CA PRO H 15 5.90 29.52 -54.89
C PRO H 15 4.54 28.95 -55.30
N GLY H 16 4.09 27.96 -54.54
CA GLY H 16 2.79 27.35 -54.75
C GLY H 16 2.77 26.16 -55.69
N GLU H 17 3.86 25.87 -56.37
CA GLU H 17 3.89 24.78 -57.34
C GLU H 17 3.98 23.43 -56.65
N ARG H 18 3.72 22.37 -57.42
CA ARG H 18 4.07 21.02 -57.04
C ARG H 18 5.47 20.73 -57.55
N VAL H 19 6.31 20.17 -56.66
CA VAL H 19 7.70 19.88 -56.98
C VAL H 19 8.01 18.47 -56.48
N THR H 20 8.84 17.77 -57.25
CA THR H 20 9.14 16.36 -57.03
C THR H 20 10.63 16.17 -56.83
N LEU H 21 10.99 15.34 -55.85
CA LEU H 21 12.36 14.98 -55.56
C LEU H 21 12.49 13.46 -55.57
N THR H 22 13.57 12.96 -56.15
CA THR H 22 13.78 11.54 -56.38
C THR H 22 15.00 11.05 -55.61
N CYS H 23 14.94 9.78 -55.20
CA CYS H 23 16.04 9.11 -54.51
C CYS H 23 16.19 7.72 -55.10
N ARG H 24 17.35 7.46 -55.70
CA ARG H 24 17.62 6.18 -56.37
C ARG H 24 18.46 5.30 -55.47
N ALA H 25 17.99 4.07 -55.24
CA ALA H 25 18.72 3.10 -54.45
C ALA H 25 19.64 2.29 -55.34
N SER H 26 20.85 2.01 -54.84
CA SER H 26 21.79 1.19 -55.59
C SER H 26 21.22 -0.22 -55.82
N ARG H 27 20.60 -0.79 -54.80
CA ARG H 27 19.84 -2.01 -54.95
C ARG H 27 18.66 -1.95 -53.99
N SER H 28 17.94 -3.06 -53.86
CA SER H 28 16.66 -3.06 -53.15
C SER H 28 16.85 -2.71 -51.67
N VAL H 29 15.95 -1.88 -51.17
CA VAL H 29 15.92 -1.49 -49.75
C VAL H 29 14.53 -1.68 -49.18
N ARG H 30 13.72 -2.55 -49.80
CA ARG H 30 12.34 -2.75 -49.38
C ARG H 30 11.60 -1.41 -49.39
N ASN H 31 10.71 -1.18 -48.43
CA ASN H 31 10.13 0.15 -48.18
C ASN H 31 10.89 0.93 -47.13
N ASN H 32 12.10 0.50 -46.77
CA ASN H 32 12.84 1.05 -45.65
C ASN H 32 13.57 2.33 -46.08
N VAL H 33 12.79 3.42 -46.19
CA VAL H 33 13.29 4.69 -46.67
C VAL H 33 12.61 5.80 -45.87
N ALA H 34 13.28 6.95 -45.78
CA ALA H 34 12.74 8.11 -45.10
C ALA H 34 13.26 9.38 -45.77
N TRP H 35 12.64 10.51 -45.41
CA TRP H 35 13.00 11.82 -45.93
C TRP H 35 13.06 12.83 -44.81
N TYR H 36 13.93 13.83 -44.97
CA TYR H 36 14.15 14.85 -43.95
C TYR H 36 14.26 16.22 -44.60
N GLN H 37 13.85 17.24 -43.86
CA GLN H 37 14.13 18.63 -44.23
C GLN H 37 15.40 19.07 -43.54
N HIS H 38 16.22 19.82 -44.28
CA HIS H 38 17.45 20.41 -43.77
C HIS H 38 17.29 21.93 -43.82
N LYS H 39 17.04 22.53 -42.67
CA LYS H 39 16.95 23.97 -42.56
C LYS H 39 18.33 24.59 -42.84
N GLY H 40 18.36 25.90 -42.89
CA GLY H 40 19.62 26.60 -43.12
C GLY H 40 20.51 26.59 -41.89
N GLY H 41 21.55 25.75 -41.90
CA GLY H 41 22.49 25.66 -40.80
C GLY H 41 21.83 25.43 -39.46
N GLN H 42 21.23 24.26 -39.28
CA GLN H 42 20.37 24.00 -38.12
C GLN H 42 20.09 22.50 -38.09
N SER H 43 19.54 22.04 -36.97
CA SER H 43 19.19 20.64 -36.83
C SER H 43 18.21 20.23 -37.94
N PRO H 44 18.46 19.15 -38.66
CA PRO H 44 17.47 18.65 -39.61
C PRO H 44 16.17 18.26 -38.91
N ARG H 45 15.17 17.92 -39.71
CA ARG H 45 13.85 17.58 -39.21
C ARG H 45 13.27 16.46 -40.05
N LEU H 46 12.40 15.67 -39.43
CA LEU H 46 11.79 14.52 -40.08
C LEU H 46 10.56 14.93 -40.88
N LEU H 47 10.44 14.39 -42.09
CA LEU H 47 9.28 14.62 -42.94
C LEU H 47 8.47 13.35 -43.16
N ILE H 48 9.09 12.30 -43.72
CA ILE H 48 8.44 11.02 -43.97
C ILE H 48 9.39 9.94 -43.51
N TYR H 49 8.93 9.09 -42.59
CA TYR H 49 9.77 8.07 -42.00
C TYR H 49 9.57 6.68 -42.61
N ASP H 50 8.59 6.52 -43.49
CA ASP H 50 8.51 5.38 -44.38
C ASP H 50 8.44 5.91 -45.80
N ALA H 51 8.18 5.01 -46.76
CA ALA H 51 8.15 5.43 -48.15
C ALA H 51 7.04 6.44 -48.42
N SER H 52 5.94 6.37 -47.66
CA SER H 52 4.84 7.31 -47.81
C SER H 52 4.23 7.80 -46.50
N THR H 53 4.51 7.16 -45.37
CA THR H 53 3.87 7.55 -44.12
C THR H 53 4.45 8.87 -43.63
N ARG H 54 3.66 9.93 -43.72
CA ARG H 54 4.12 11.23 -43.26
C ARG H 54 4.33 11.22 -41.75
N ALA H 55 5.34 11.95 -41.31
CA ALA H 55 5.66 12.02 -39.89
C ALA H 55 4.69 12.94 -39.17
N ALA H 56 4.62 12.78 -37.84
CA ALA H 56 3.74 13.58 -37.03
C ALA H 56 4.15 15.06 -37.08
N GLY H 57 3.15 15.94 -37.05
CA GLY H 57 3.39 17.37 -37.00
C GLY H 57 3.78 18.00 -38.33
N VAL H 58 3.96 17.21 -39.39
CA VAL H 58 4.38 17.74 -40.67
C VAL H 58 3.16 18.31 -41.38
N PRO H 59 3.27 19.39 -42.16
CA PRO H 59 2.13 19.83 -42.96
C PRO H 59 1.72 18.77 -43.98
N ALA H 60 0.42 18.75 -44.31
CA ALA H 60 -0.12 17.74 -45.20
C ALA H 60 0.42 17.87 -46.62
N ARG H 61 0.94 19.03 -47.00
CA ARG H 61 1.45 19.21 -48.37
C ARG H 61 2.63 18.31 -48.68
N PHE H 62 3.33 17.81 -47.66
CA PHE H 62 4.42 16.87 -47.88
C PHE H 62 3.89 15.47 -48.12
N SER H 63 4.48 14.77 -49.08
CA SER H 63 4.01 13.44 -49.46
C SER H 63 5.10 12.72 -50.22
N GLY H 64 5.01 11.39 -50.24
CA GLY H 64 5.98 10.58 -50.95
C GLY H 64 5.38 9.25 -51.33
N SER H 65 6.00 8.62 -52.34
CA SER H 65 5.48 7.38 -52.92
C SER H 65 6.63 6.41 -53.17
N ALA H 66 6.37 5.13 -52.87
CA ALA H 66 7.30 4.07 -53.22
C ALA H 66 7.17 3.73 -54.70
N SER H 67 8.30 3.39 -55.32
CA SER H 67 8.28 2.93 -56.71
C SER H 67 9.43 1.93 -56.89
N GLY H 68 9.11 0.66 -56.69
CA GLY H 68 10.10 -0.41 -56.82
C GLY H 68 11.30 -0.19 -55.94
N THR H 69 12.43 0.13 -56.57
CA THR H 69 13.63 0.57 -55.86
C THR H 69 13.82 2.07 -55.89
N GLU H 70 13.01 2.81 -56.65
CA GLU H 70 13.03 4.26 -56.64
C GLU H 70 12.04 4.79 -55.61
N PHE H 71 12.41 5.91 -55.01
CA PHE H 71 11.62 6.56 -53.97
C PHE H 71 11.55 8.04 -54.28
N THR H 72 10.37 8.63 -54.05
CA THR H 72 10.06 9.95 -54.59
C THR H 72 9.26 10.74 -53.58
N LEU H 73 9.90 11.75 -52.98
CA LEU H 73 9.20 12.75 -52.19
C LEU H 73 8.53 13.75 -53.13
N ALA H 74 7.37 14.26 -52.71
CA ALA H 74 6.60 15.20 -53.50
C ALA H 74 5.91 16.19 -52.58
N ILE H 75 6.14 17.47 -52.82
CA ILE H 75 5.49 18.56 -52.09
C ILE H 75 4.48 19.21 -53.03
N SER H 76 3.24 19.33 -52.58
CA SER H 76 2.16 19.79 -53.45
C SER H 76 2.25 21.30 -53.70
N ASN H 77 2.51 22.08 -52.65
CA ASN H 77 2.55 23.54 -52.72
C ASN H 77 3.88 24.00 -52.14
N LEU H 78 4.89 24.09 -52.99
CA LEU H 78 6.21 24.52 -52.55
C LEU H 78 6.14 25.98 -52.13
N GLU H 79 6.18 26.25 -50.83
CA GLU H 79 6.01 27.59 -50.31
C GLU H 79 7.38 28.29 -50.24
N SER H 80 7.39 29.50 -49.69
CA SER H 80 8.64 30.26 -49.58
C SER H 80 9.63 29.56 -48.64
N GLU H 81 9.13 29.03 -47.52
CA GLU H 81 10.03 28.43 -46.54
C GLU H 81 10.68 27.15 -47.07
N ASP H 82 10.00 26.46 -47.98
CA ASP H 82 10.45 25.16 -48.44
C ASP H 82 11.59 25.23 -49.46
N PHE H 83 11.99 26.43 -49.89
CA PHE H 83 13.16 26.59 -50.75
C PHE H 83 14.40 26.37 -49.91
N THR H 84 14.72 25.10 -49.67
CA THR H 84 15.85 24.72 -48.83
C THR H 84 16.33 23.34 -49.29
N VAL H 85 17.17 22.70 -48.47
CA VAL H 85 17.80 21.44 -48.81
C VAL H 85 17.03 20.30 -48.18
N TYR H 86 16.91 19.20 -48.91
CA TYR H 86 16.27 17.97 -48.42
C TYR H 86 17.15 16.80 -48.82
N PHE H 87 17.23 15.79 -47.96
CA PHE H 87 18.02 14.60 -48.23
C PHE H 87 17.25 13.35 -47.87
N CYS H 88 17.43 12.30 -48.68
CA CYS H 88 16.80 11.01 -48.46
C CYS H 88 17.72 10.09 -47.67
N LEU H 89 17.15 8.98 -47.19
CA LEU H 89 17.83 8.09 -46.27
C LEU H 89 17.21 6.71 -46.36
N GLN H 90 18.06 5.68 -46.32
CA GLN H 90 17.61 4.30 -46.33
C GLN H 90 18.06 3.61 -45.05
N TYR H 91 17.31 2.58 -44.64
CA TYR H 91 17.61 1.86 -43.42
C TYR H 91 17.33 0.37 -43.55
N ASN H 92 17.40 -0.15 -44.77
CA ASN H 92 17.31 -1.59 -44.99
C ASN H 92 18.57 -2.32 -44.57
N ASN H 93 19.69 -1.62 -44.51
CA ASN H 93 21.00 -2.22 -44.26
C ASN H 93 21.73 -1.24 -43.34
N TRP H 94 23.06 -1.33 -43.26
CA TRP H 94 23.84 -0.27 -42.63
C TRP H 94 23.40 1.10 -43.16
N TRP H 95 23.47 2.07 -42.26
CA TRP H 95 22.87 3.37 -42.50
C TRP H 95 23.70 4.13 -43.53
N THR H 96 23.02 4.86 -44.41
CA THR H 96 23.71 5.72 -45.37
C THR H 96 22.85 6.92 -45.66
N PHE H 97 23.47 7.97 -46.20
CA PHE H 97 22.82 9.25 -46.43
C PHE H 97 23.06 9.67 -47.87
N GLY H 98 22.06 10.30 -48.47
CA GLY H 98 22.20 10.86 -49.80
C GLY H 98 22.86 12.22 -49.79
N GLN H 99 23.25 12.67 -50.98
CA GLN H 99 23.93 13.96 -51.10
C GLN H 99 23.02 15.14 -50.81
N GLY H 100 21.71 14.95 -50.76
CA GLY H 100 20.80 16.04 -50.52
C GLY H 100 20.58 16.89 -51.76
N THR H 101 19.38 17.47 -51.87
CA THR H 101 18.99 18.26 -53.02
C THR H 101 18.47 19.61 -52.57
N ARG H 102 18.92 20.67 -53.24
CA ARG H 102 18.46 22.03 -52.96
C ARG H 102 17.23 22.35 -53.80
N VAL H 103 16.33 23.13 -53.22
CA VAL H 103 15.17 23.69 -53.90
C VAL H 103 15.28 25.20 -53.79
N ASP H 104 15.24 25.88 -54.92
CA ASP H 104 15.57 27.29 -54.99
C ASP H 104 14.64 28.03 -55.93
N ILE H 105 14.73 29.36 -55.90
CA ILE H 105 13.78 30.21 -56.61
C ILE H 105 14.03 30.12 -58.10
N LYS H 106 12.95 30.17 -58.90
CA LYS H 106 13.04 30.13 -60.34
C LYS H 106 13.09 31.52 -60.93
N ARG H 107 13.73 31.64 -62.08
CA ARG H 107 13.81 32.90 -62.82
C ARG H 107 14.14 32.57 -64.27
N THR H 108 14.50 33.59 -65.04
CA THR H 108 14.99 33.40 -66.40
C THR H 108 16.43 32.89 -66.37
N VAL H 109 16.81 32.22 -67.46
CA VAL H 109 18.20 31.81 -67.61
C VAL H 109 19.07 33.04 -67.78
N ALA H 110 20.28 32.98 -67.22
CA ALA H 110 21.22 34.09 -67.28
C ALA H 110 22.64 33.54 -67.28
N ALA H 111 23.46 34.03 -68.20
CA ALA H 111 24.83 33.57 -68.31
C ALA H 111 25.73 34.30 -67.32
N PRO H 112 26.89 33.72 -66.98
CA PRO H 112 27.85 34.45 -66.14
C PRO H 112 28.69 35.41 -66.94
N SER H 113 28.99 36.55 -66.35
CA SER H 113 30.01 37.46 -66.84
C SER H 113 31.36 36.95 -66.35
N VAL H 114 32.19 36.45 -67.26
CA VAL H 114 33.38 35.68 -66.91
C VAL H 114 34.59 36.60 -66.91
N PHE H 115 35.44 36.45 -65.91
CA PHE H 115 36.70 37.19 -65.80
C PHE H 115 37.78 36.25 -65.30
N ILE H 116 39.03 36.63 -65.57
CA ILE H 116 40.20 35.89 -65.11
C ILE H 116 41.17 36.88 -64.48
N PHE H 117 41.97 36.39 -63.54
CA PHE H 117 42.88 37.20 -62.74
C PHE H 117 44.23 36.49 -62.58
N PRO H 118 45.33 37.03 -63.08
CA PRO H 118 46.64 36.44 -62.76
C PRO H 118 47.00 36.70 -61.30
N PRO H 119 48.07 36.09 -60.79
CA PRO H 119 48.51 36.42 -59.44
C PRO H 119 48.93 37.88 -59.34
N SER H 120 48.63 38.48 -58.20
CA SER H 120 49.25 39.76 -57.87
C SER H 120 50.73 39.55 -57.66
N ASP H 121 51.54 40.50 -58.15
CA ASP H 121 52.98 40.40 -57.96
C ASP H 121 53.33 40.42 -56.47
N GLU H 122 52.61 41.23 -55.69
CA GLU H 122 52.76 41.18 -54.24
C GLU H 122 52.41 39.80 -53.70
N GLN H 123 51.43 39.13 -54.31
CA GLN H 123 51.12 37.76 -53.94
C GLN H 123 52.15 36.79 -54.51
N LEU H 124 52.62 37.04 -55.73
CA LEU H 124 53.50 36.11 -56.40
C LEU H 124 54.86 36.02 -55.73
N LYS H 125 55.36 37.14 -55.21
CA LYS H 125 56.69 37.15 -54.60
C LYS H 125 56.78 36.22 -53.39
N SER H 126 55.65 35.86 -52.77
CA SER H 126 55.67 34.85 -51.73
C SER H 126 55.99 33.46 -52.27
N GLY H 127 55.86 33.25 -53.58
CA GLY H 127 56.10 31.95 -54.17
C GLY H 127 54.93 31.00 -54.14
N THR H 128 53.72 31.51 -53.92
CA THR H 128 52.50 30.72 -53.76
C THR H 128 51.43 31.22 -54.72
N ALA H 129 51.80 31.32 -56.00
CA ALA H 129 50.98 31.95 -57.02
C ALA H 129 49.56 31.41 -57.04
N SER H 130 48.60 32.33 -56.86
CA SER H 130 47.18 32.02 -56.90
C SER H 130 46.56 32.70 -58.11
N VAL H 131 45.70 31.98 -58.82
CA VAL H 131 45.03 32.48 -60.02
C VAL H 131 43.54 32.24 -59.80
N VAL H 132 42.72 33.20 -60.24
CA VAL H 132 41.31 33.26 -59.88
C VAL H 132 40.46 33.45 -61.12
N CYS H 133 39.34 32.72 -61.20
CA CYS H 133 38.26 32.99 -62.15
C CYS H 133 37.14 33.72 -61.41
N LEU H 134 36.11 34.09 -62.18
CA LEU H 134 34.93 34.67 -61.56
C LEU H 134 33.72 34.48 -62.47
N LEU H 135 32.61 34.08 -61.87
CA LEU H 135 31.30 34.01 -62.51
C LEU H 135 30.34 34.84 -61.68
N ASN H 136 29.67 35.80 -62.31
CA ASN H 136 28.80 36.73 -61.60
C ASN H 136 27.42 36.73 -62.26
N ASN H 137 26.39 36.52 -61.43
CA ASN H 137 24.99 36.70 -61.82
C ASN H 137 24.62 35.82 -63.01
N PHE H 138 24.68 34.52 -62.78
CA PHE H 138 24.22 33.52 -63.74
C PHE H 138 23.03 32.76 -63.17
N TYR H 139 22.40 31.97 -64.04
CA TYR H 139 21.29 31.13 -63.63
C TYR H 139 21.12 30.06 -64.69
N PRO H 140 20.79 28.80 -64.34
CA PRO H 140 20.56 28.14 -63.05
C PRO H 140 21.84 27.74 -62.32
N ARG H 141 21.68 27.03 -61.20
CA ARG H 141 22.82 26.61 -60.40
C ARG H 141 23.79 25.74 -61.19
N GLU H 142 23.29 25.03 -62.21
CA GLU H 142 24.14 24.15 -63.01
C GLU H 142 25.25 24.95 -63.68
N ALA H 143 26.48 24.73 -63.23
CA ALA H 143 27.63 25.44 -63.76
C ALA H 143 28.87 24.59 -63.54
N LYS H 144 29.93 24.93 -64.27
CA LYS H 144 31.20 24.22 -64.15
C LYS H 144 32.30 25.09 -64.73
N VAL H 145 33.47 25.03 -64.11
CA VAL H 145 34.63 25.81 -64.52
C VAL H 145 35.84 24.90 -64.51
N GLN H 146 36.72 25.08 -65.49
CA GLN H 146 37.93 24.27 -65.65
C GLN H 146 39.15 25.17 -65.74
N TRP H 147 40.21 24.77 -65.05
CA TRP H 147 41.48 25.46 -65.09
C TRP H 147 42.36 24.82 -66.16
N LYS H 148 42.63 25.56 -67.23
CA LYS H 148 43.47 25.09 -68.33
C LYS H 148 44.65 26.05 -68.47
N VAL H 149 45.69 25.79 -67.68
CA VAL H 149 46.97 26.49 -67.82
C VAL H 149 47.87 25.64 -68.69
N ASP H 150 48.66 26.29 -69.53
CA ASP H 150 49.35 25.60 -70.63
C ASP H 150 48.26 24.98 -71.50
N ASN H 151 48.55 23.91 -72.23
CA ASN H 151 47.51 23.16 -72.93
C ASN H 151 46.84 22.11 -72.06
N ALA H 152 47.30 21.92 -70.82
CA ALA H 152 46.84 20.82 -69.98
C ALA H 152 45.73 21.27 -69.04
N LEU H 153 44.71 20.43 -68.91
CA LEU H 153 43.67 20.63 -67.91
C LEU H 153 44.21 20.26 -66.53
N GLN H 154 44.09 21.18 -65.58
CA GLN H 154 44.60 20.98 -64.23
C GLN H 154 43.51 20.44 -63.32
N SER H 155 43.94 19.81 -62.23
CA SER H 155 43.02 19.23 -61.27
C SER H 155 43.72 19.14 -59.92
N GLY H 156 42.92 19.01 -58.87
CA GLY H 156 43.47 18.85 -57.52
C GLY H 156 43.89 20.14 -56.83
N ASN H 157 44.66 20.98 -57.52
CA ASN H 157 45.16 22.23 -56.96
C ASN H 157 44.22 23.41 -57.20
N SER H 158 42.92 23.14 -57.36
CA SER H 158 41.92 24.17 -57.59
C SER H 158 40.77 23.98 -56.62
N GLN H 159 40.13 25.10 -56.25
CA GLN H 159 38.99 25.08 -55.36
C GLN H 159 37.96 26.08 -55.87
N GLU H 160 36.76 26.02 -55.31
CA GLU H 160 35.64 26.82 -55.79
C GLU H 160 34.82 27.31 -54.61
N SER H 161 34.04 28.37 -54.87
CA SER H 161 33.08 28.88 -53.91
C SER H 161 31.91 29.48 -54.68
N VAL H 162 30.70 29.20 -54.22
CA VAL H 162 29.47 29.61 -54.90
C VAL H 162 28.57 30.31 -53.90
N THR H 163 28.04 31.45 -54.29
CA THR H 163 27.17 32.22 -53.41
C THR H 163 25.74 31.65 -53.44
N GLU H 164 24.96 32.06 -52.45
CA GLU H 164 23.52 31.88 -52.49
C GLU H 164 22.95 32.70 -53.63
N GLN H 165 21.74 32.34 -54.07
CA GLN H 165 21.03 33.21 -55.01
C GLN H 165 20.91 34.60 -54.43
N ASP H 166 21.33 35.60 -55.21
CA ASP H 166 21.20 36.98 -54.78
C ASP H 166 19.72 37.30 -54.63
N SER H 167 19.37 37.91 -53.50
CA SER H 167 17.97 38.02 -53.12
C SER H 167 17.17 38.86 -54.10
N LYS H 168 17.79 39.86 -54.72
CA LYS H 168 17.02 40.78 -55.57
C LYS H 168 16.70 40.13 -56.92
N ASP H 169 17.68 39.48 -57.54
CA ASP H 169 17.51 38.92 -58.89
C ASP H 169 17.71 37.42 -58.97
N SER H 170 17.92 36.74 -57.84
CA SER H 170 17.93 35.28 -57.75
C SER H 170 19.05 34.61 -58.52
N THR H 171 20.03 35.36 -59.01
CA THR H 171 21.15 34.79 -59.75
C THR H 171 22.30 34.43 -58.81
N TYR H 172 23.05 33.41 -59.18
CA TYR H 172 24.22 32.98 -58.43
C TYR H 172 25.46 33.74 -58.86
N SER H 173 26.51 33.61 -58.05
CA SER H 173 27.85 34.02 -58.39
C SER H 173 28.82 32.96 -57.91
N LEU H 174 29.81 32.63 -58.74
CA LEU H 174 30.75 31.56 -58.48
C LEU H 174 32.16 32.04 -58.80
N SER H 175 33.13 31.55 -58.04
CA SER H 175 34.53 31.82 -58.30
C SER H 175 35.33 30.53 -58.09
N SER H 176 36.46 30.45 -58.77
CA SER H 176 37.41 29.36 -58.62
C SER H 176 38.80 29.93 -58.40
N THR H 177 39.62 29.19 -57.65
CA THR H 177 40.94 29.64 -57.26
C THR H 177 41.95 28.52 -57.47
N LEU H 178 42.94 28.77 -58.33
CA LEU H 178 44.04 27.84 -58.53
C LEU H 178 45.16 28.16 -57.54
N THR H 179 45.96 27.13 -57.24
CA THR H 179 47.13 27.27 -56.37
C THR H 179 48.34 26.71 -57.09
N LEU H 180 49.43 27.48 -57.11
CA LEU H 180 50.64 27.08 -57.81
C LEU H 180 51.84 27.67 -57.07
N SER H 181 52.96 26.96 -57.14
CA SER H 181 54.22 27.50 -56.69
C SER H 181 54.79 28.44 -57.74
N LYS H 182 55.83 29.18 -57.36
CA LYS H 182 56.44 30.11 -58.30
C LYS H 182 57.07 29.38 -59.47
N ALA H 183 57.79 28.28 -59.20
CA ALA H 183 58.32 27.47 -60.27
C ALA H 183 57.21 26.84 -61.10
N ASP H 184 56.17 26.34 -60.43
CA ASP H 184 55.01 25.82 -61.14
C ASP H 184 54.33 26.90 -61.96
N TYR H 185 54.19 28.10 -61.37
CA TYR H 185 53.62 29.22 -62.11
C TYR H 185 54.51 29.64 -63.27
N GLU H 186 55.83 29.66 -63.06
CA GLU H 186 56.74 30.12 -64.10
C GLU H 186 56.88 29.10 -65.21
N LYS H 187 56.83 27.80 -64.89
CA LYS H 187 57.09 26.77 -65.88
C LYS H 187 56.02 26.72 -66.97
N HIS H 188 54.80 27.16 -66.68
CA HIS H 188 53.70 27.16 -67.63
C HIS H 188 53.35 28.59 -68.01
N LYS H 189 52.93 28.77 -69.27
CA LYS H 189 52.83 30.08 -69.90
C LYS H 189 51.39 30.49 -70.16
N VAL H 190 50.59 29.63 -70.79
CA VAL H 190 49.19 29.94 -71.04
C VAL H 190 48.40 29.72 -69.75
N TYR H 191 47.45 30.61 -69.49
CA TYR H 191 46.58 30.51 -68.32
C TYR H 191 45.16 30.85 -68.77
N ALA H 192 44.20 29.97 -68.46
CA ALA H 192 42.85 30.12 -68.98
C ALA H 192 41.82 29.62 -67.98
N CYS H 193 40.72 30.37 -67.89
CA CYS H 193 39.52 29.96 -67.16
C CYS H 193 38.46 29.52 -68.17
N GLU H 194 38.29 28.20 -68.32
CA GLU H 194 37.26 27.65 -69.19
C GLU H 194 35.99 27.46 -68.36
N VAL H 195 34.91 28.11 -68.78
CA VAL H 195 33.66 28.16 -68.02
C VAL H 195 32.57 27.50 -68.85
N THR H 196 31.91 26.50 -68.25
CA THR H 196 30.78 25.81 -68.85
C THR H 196 29.54 26.07 -68.00
N HIS H 197 28.48 26.55 -68.62
CA HIS H 197 27.24 26.86 -67.91
C HIS H 197 26.10 26.76 -68.90
N GLN H 198 24.93 26.34 -68.39
CA GLN H 198 23.83 25.92 -69.27
C GLN H 198 23.40 27.05 -70.19
N GLY H 199 23.40 28.28 -69.69
CA GLY H 199 23.10 29.44 -70.51
C GLY H 199 24.18 29.82 -71.50
N LEU H 200 25.32 29.13 -71.50
CA LEU H 200 26.39 29.37 -72.47
C LEU H 200 26.33 28.30 -73.55
N SER H 201 26.34 28.75 -74.81
CA SER H 201 26.31 27.81 -75.93
C SER H 201 27.55 26.94 -75.98
N SER H 202 28.72 27.54 -75.75
CA SER H 202 30.01 26.90 -75.83
C SER H 202 30.82 27.36 -74.63
N PRO H 203 31.86 26.59 -74.22
CA PRO H 203 32.63 27.02 -73.04
C PRO H 203 33.31 28.37 -73.23
N VAL H 204 32.86 29.37 -72.46
CA VAL H 204 33.45 30.70 -72.54
C VAL H 204 34.78 30.67 -71.81
N THR H 205 35.85 31.00 -72.55
CA THR H 205 37.22 30.91 -72.04
C THR H 205 37.82 32.31 -71.97
N LYS H 206 38.19 32.74 -70.76
CA LYS H 206 39.00 33.93 -70.55
C LYS H 206 40.40 33.48 -70.20
N SER H 207 41.40 34.05 -70.88
CA SER H 207 42.76 33.54 -70.76
C SER H 207 43.76 34.68 -70.90
N PHE H 208 44.99 34.38 -70.49
CA PHE H 208 46.09 35.35 -70.53
C PHE H 208 47.40 34.57 -70.60
N ASN H 209 48.48 35.31 -70.75
CA ASN H 209 49.83 34.79 -70.57
C ASN H 209 50.58 35.67 -69.58
N ARG H 210 51.58 35.09 -68.94
CA ARG H 210 52.29 35.77 -67.87
C ARG H 210 53.00 37.01 -68.39
N GLY H 211 52.88 38.11 -67.65
CA GLY H 211 53.46 39.38 -68.03
C GLY H 211 52.53 40.22 -68.88
N GLU I 26 -62.54 -4.48 -12.31
CA GLU I 26 -62.47 -5.91 -11.89
C GLU I 26 -61.73 -6.75 -12.93
N ASN I 27 -61.28 -7.92 -12.52
CA ASN I 27 -60.53 -8.85 -13.37
C ASN I 27 -59.23 -8.26 -13.90
N LEU I 28 -58.73 -7.20 -13.26
CA LEU I 28 -57.45 -6.62 -13.64
C LEU I 28 -56.35 -7.47 -13.04
N TRP I 29 -55.78 -8.33 -13.86
CA TRP I 29 -54.70 -9.20 -13.44
C TRP I 29 -53.37 -8.45 -13.39
N VAL I 30 -52.53 -8.84 -12.44
CA VAL I 30 -51.22 -8.21 -12.30
C VAL I 30 -50.39 -8.51 -13.54
N THR I 31 -49.66 -7.50 -14.01
CA THR I 31 -48.68 -7.66 -15.07
C THR I 31 -47.42 -6.90 -14.68
N VAL I 32 -46.31 -7.27 -15.31
CA VAL I 32 -44.99 -6.75 -14.98
C VAL I 32 -44.35 -6.19 -16.24
N TYR I 33 -43.50 -5.19 -16.06
CA TYR I 33 -42.80 -4.53 -17.15
C TYR I 33 -41.35 -4.33 -16.75
N TYR I 34 -40.43 -4.65 -17.66
CA TYR I 34 -39.00 -4.47 -17.49
C TYR I 34 -38.50 -3.40 -18.45
N GLY I 35 -37.35 -2.82 -18.12
CA GLY I 35 -36.82 -1.71 -18.91
C GLY I 35 -37.54 -0.41 -18.67
N VAL I 36 -38.17 -0.26 -17.51
CA VAL I 36 -39.07 0.87 -17.26
C VAL I 36 -38.26 2.16 -17.20
N PRO I 37 -38.76 3.29 -17.74
CA PRO I 37 -38.15 4.59 -17.43
C PRO I 37 -38.64 5.18 -16.12
N VAL I 38 -38.03 4.78 -15.00
CA VAL I 38 -38.30 5.40 -13.70
C VAL I 38 -37.03 5.28 -12.88
N TRP I 39 -36.76 6.32 -12.08
CA TRP I 39 -35.48 6.45 -11.40
C TRP I 39 -35.70 7.03 -10.01
N LYS I 40 -34.63 7.04 -9.22
CA LYS I 40 -34.64 7.65 -7.89
C LYS I 40 -33.27 8.22 -7.61
N GLU I 41 -33.22 9.14 -6.64
CA GLU I 41 -31.96 9.75 -6.23
C GLU I 41 -31.19 8.83 -5.31
N ALA I 42 -29.86 8.84 -5.44
CA ALA I 42 -28.99 8.04 -4.60
C ALA I 42 -27.55 8.42 -4.89
N LYS I 43 -26.68 8.13 -3.94
CA LYS I 43 -25.25 8.33 -4.13
C LYS I 43 -24.63 7.10 -4.77
N THR I 44 -23.48 7.31 -5.42
CA THR I 44 -22.75 6.21 -6.04
C THR I 44 -21.35 6.69 -6.37
N THR I 45 -20.48 5.73 -6.69
CA THR I 45 -19.09 6.01 -7.03
C THR I 45 -18.99 6.26 -8.52
N LEU I 46 -18.55 7.46 -8.90
CA LEU I 46 -18.51 7.88 -10.28
C LEU I 46 -17.13 7.66 -10.88
N PHE I 47 -17.11 7.30 -12.17
CA PHE I 47 -15.86 7.24 -12.92
C PHE I 47 -15.37 8.64 -13.25
N CYS I 48 -14.05 8.83 -13.15
CA CYS I 48 -13.41 9.97 -13.77
C CYS I 48 -13.10 9.63 -15.22
N ALA I 49 -12.49 10.57 -15.94
CA ALA I 49 -12.05 10.32 -17.30
C ALA I 49 -11.06 11.40 -17.70
N SER I 50 -9.95 10.98 -18.29
CA SER I 50 -8.83 11.85 -18.60
C SER I 50 -8.70 12.06 -20.10
N ASP I 51 -7.88 13.04 -20.45
CA ASP I 51 -7.64 13.38 -21.85
C ASP I 51 -6.78 12.28 -22.49
N ALA I 52 -6.86 12.21 -23.82
CA ALA I 52 -6.05 11.23 -24.56
C ALA I 52 -4.56 11.49 -24.38
N LYS I 53 -4.17 12.75 -24.18
CA LYS I 53 -2.79 13.14 -23.96
C LYS I 53 -2.66 13.81 -22.61
N ALA I 54 -1.52 13.61 -21.96
CA ALA I 54 -1.28 14.14 -20.63
C ALA I 54 0.23 14.30 -20.44
N TYR I 55 0.65 14.50 -19.18
CA TYR I 55 2.06 14.62 -18.87
C TYR I 55 2.84 13.34 -19.17
N THR I 65 -3.90 5.53 -13.61
CA THR I 65 -4.88 6.18 -12.75
C THR I 65 -5.45 7.42 -13.41
N HIS I 66 -4.56 8.34 -13.79
CA HIS I 66 -4.93 9.63 -14.38
C HIS I 66 -4.27 9.91 -15.72
N ALA I 67 -2.99 9.56 -15.87
CA ALA I 67 -2.25 9.99 -17.06
C ALA I 67 -2.83 9.37 -18.33
N CYS I 68 -2.99 8.05 -18.34
CA CYS I 68 -3.49 7.32 -19.50
C CYS I 68 -4.94 6.91 -19.38
N VAL I 69 -5.50 6.87 -18.17
CA VAL I 69 -6.83 6.33 -17.92
C VAL I 69 -7.59 7.26 -16.99
N PRO I 70 -8.94 7.17 -17.00
CA PRO I 70 -9.84 6.38 -17.87
C PRO I 70 -9.92 6.98 -19.29
N THR I 71 -10.52 6.22 -20.20
CA THR I 71 -10.49 6.58 -21.61
C THR I 71 -11.26 7.87 -21.87
N ASP I 72 -10.78 8.62 -22.86
CA ASP I 72 -11.41 9.88 -23.24
C ASP I 72 -12.78 9.59 -23.85
N PRO I 73 -13.90 10.11 -23.31
CA PRO I 73 -15.21 9.76 -23.87
C PRO I 73 -15.65 10.64 -25.02
N ASN I 74 -16.81 10.33 -25.59
CA ASN I 74 -17.50 11.17 -26.57
C ASN I 74 -18.94 11.31 -26.12
N PRO I 75 -19.19 12.06 -25.05
CA PRO I 75 -20.54 12.07 -24.45
C PRO I 75 -21.57 12.73 -25.36
N GLN I 76 -22.71 12.06 -25.52
CA GLN I 76 -23.85 12.59 -26.24
C GLN I 76 -24.85 13.20 -25.27
N GLU I 77 -26.00 13.62 -25.79
CA GLU I 77 -26.99 14.29 -24.95
C GLU I 77 -28.31 14.33 -25.69
N MET I 78 -29.40 14.04 -24.97
CA MET I 78 -30.77 14.24 -25.47
C MET I 78 -31.48 15.24 -24.59
N VAL I 79 -32.34 16.05 -25.21
CA VAL I 79 -33.32 16.84 -24.48
C VAL I 79 -34.57 15.98 -24.33
N LEU I 80 -35.06 15.86 -23.10
CA LEU I 80 -36.20 15.01 -22.81
C LEU I 80 -37.47 15.87 -22.80
N LYS I 81 -38.54 15.31 -23.34
CA LYS I 81 -39.74 16.08 -23.70
C LYS I 81 -40.37 16.77 -22.49
N ASN I 82 -40.90 15.99 -21.55
CA ASN I 82 -41.72 16.51 -20.46
C ASN I 82 -41.14 16.17 -19.10
N VAL I 83 -39.85 15.86 -19.03
CA VAL I 83 -39.25 15.44 -17.77
C VAL I 83 -39.10 16.64 -16.85
N THR I 84 -39.63 16.52 -15.64
CA THR I 84 -39.58 17.56 -14.62
C THR I 84 -38.85 16.99 -13.40
N GLU I 85 -37.68 17.54 -13.10
CA GLU I 85 -36.84 17.07 -12.00
C GLU I 85 -36.36 18.25 -11.18
N ASN I 86 -36.25 18.04 -9.88
CA ASN I 86 -35.73 19.05 -8.97
C ASN I 86 -34.22 18.88 -8.82
N PHE I 87 -33.54 19.99 -8.55
CA PHE I 87 -32.09 20.01 -8.39
C PHE I 87 -31.75 20.76 -7.10
N ASN I 88 -30.56 20.45 -6.56
CA ASN I 88 -30.07 21.14 -5.37
C ASN I 88 -28.55 21.06 -5.41
N MET I 89 -27.91 22.16 -5.83
CA MET I 89 -26.47 22.20 -6.00
C MET I 89 -25.72 22.26 -4.67
N TRP I 90 -26.39 22.57 -3.56
CA TRP I 90 -25.74 22.45 -2.25
C TRP I 90 -25.76 21.01 -1.74
N LYS I 91 -26.85 20.29 -1.99
CA LYS I 91 -27.05 19.00 -1.33
C LYS I 91 -26.29 17.86 -2.00
N ASN I 92 -26.07 17.93 -3.31
CA ASN I 92 -25.69 16.75 -4.07
C ASN I 92 -24.33 16.21 -3.63
N ASP I 93 -24.18 14.88 -3.74
CA ASP I 93 -23.05 14.18 -3.16
C ASP I 93 -21.77 14.35 -3.97
N MET I 94 -21.87 14.38 -5.30
CA MET I 94 -20.68 14.21 -6.14
C MET I 94 -19.66 15.33 -5.97
N VAL I 95 -20.04 16.47 -5.39
CA VAL I 95 -19.04 17.50 -5.11
C VAL I 95 -18.03 16.98 -4.11
N ASP I 96 -18.50 16.29 -3.08
CA ASP I 96 -17.60 15.69 -2.10
C ASP I 96 -16.69 14.65 -2.77
N GLN I 97 -17.23 13.90 -3.72
CA GLN I 97 -16.40 12.91 -4.41
C GLN I 97 -15.34 13.58 -5.27
N MET I 98 -15.69 14.68 -5.94
CA MET I 98 -14.69 15.50 -6.63
C MET I 98 -13.58 15.90 -5.66
N HIS I 99 -13.97 16.38 -4.49
CA HIS I 99 -13.01 16.90 -3.53
C HIS I 99 -12.06 15.78 -3.06
N GLU I 100 -12.63 14.62 -2.73
CA GLU I 100 -11.83 13.49 -2.29
C GLU I 100 -10.92 13.00 -3.40
N ASP I 101 -11.42 12.93 -4.62
CA ASP I 101 -10.59 12.47 -5.73
C ASP I 101 -9.43 13.42 -5.99
N VAL I 102 -9.68 14.72 -5.87
CA VAL I 102 -8.60 15.69 -6.06
C VAL I 102 -7.53 15.48 -5.00
N ILE I 103 -7.95 15.31 -3.74
CA ILE I 103 -6.99 15.05 -2.67
C ILE I 103 -6.19 13.79 -2.96
N SER I 104 -6.88 12.71 -3.34
CA SER I 104 -6.19 11.44 -3.54
C SER I 104 -5.20 11.52 -4.69
N LEU I 105 -5.58 12.20 -5.78
CA LEU I 105 -4.68 12.32 -6.91
C LEU I 105 -3.45 13.13 -6.53
N TRP I 106 -3.64 14.23 -5.80
CA TRP I 106 -2.48 15.01 -5.34
C TRP I 106 -1.59 14.18 -4.45
N ASP I 107 -2.17 13.37 -3.56
CA ASP I 107 -1.37 12.53 -2.68
C ASP I 107 -0.55 11.54 -3.50
N GLN I 108 -1.18 10.89 -4.47
CA GLN I 108 -0.48 9.91 -5.28
C GLN I 108 0.65 10.56 -6.06
N SER I 109 0.40 11.75 -6.63
CA SER I 109 1.44 12.43 -7.38
C SER I 109 2.60 12.85 -6.49
N LEU I 110 2.30 13.33 -5.28
CA LEU I 110 3.33 13.80 -4.38
C LEU I 110 4.09 12.68 -3.67
N LYS I 111 3.52 11.48 -3.62
CA LYS I 111 4.09 10.40 -2.83
C LYS I 111 5.54 10.06 -3.15
N PRO I 112 5.95 9.87 -4.41
CA PRO I 112 7.35 9.49 -4.67
C PRO I 112 8.35 10.62 -4.54
N CYS I 113 7.92 11.86 -4.37
CA CYS I 113 8.86 12.97 -4.34
C CYS I 113 9.69 12.96 -3.06
N VAL I 114 10.79 13.72 -3.09
CA VAL I 114 11.72 13.77 -1.97
C VAL I 114 11.08 14.47 -0.78
N LYS I 115 11.54 14.11 0.41
CA LYS I 115 11.20 14.80 1.66
C LYS I 115 12.34 15.71 2.05
N LEU I 116 12.00 16.93 2.48
CA LEU I 116 12.99 17.96 2.80
C LEU I 116 13.32 17.99 4.28
N THR I 117 13.19 16.87 4.99
CA THR I 117 13.44 16.87 6.43
C THR I 117 14.85 17.27 6.82
N PRO I 118 15.92 16.78 6.18
CA PRO I 118 17.27 17.17 6.62
C PRO I 118 17.56 18.66 6.45
N LEU I 119 16.78 19.37 5.64
CA LEU I 119 16.96 20.80 5.41
C LEU I 119 16.46 21.66 6.58
N CYS I 120 16.00 21.06 7.68
CA CYS I 120 15.40 21.79 8.78
C CYS I 120 16.40 22.49 9.68
N VAL I 121 17.68 22.46 9.36
CA VAL I 121 18.73 22.96 10.26
C VAL I 121 18.59 24.47 10.47
N THR I 122 19.27 24.98 11.49
CA THR I 122 19.24 26.40 11.78
C THR I 122 19.82 27.21 10.62
N LEU I 123 19.17 28.32 10.30
CA LEU I 123 19.61 29.23 9.25
C LEU I 123 20.28 30.44 9.88
N ASN I 124 21.46 30.80 9.37
CA ASN I 124 22.23 31.95 9.82
C ASN I 124 22.42 32.83 8.59
N CYS I 125 21.51 33.79 8.40
CA CYS I 125 21.43 34.57 7.17
C CYS I 125 21.21 36.04 7.51
N THR I 126 21.86 36.91 6.74
CA THR I 126 21.81 38.36 6.96
C THR I 126 21.20 39.13 5.79
N ASN I 127 21.29 38.62 4.57
CA ASN I 127 20.43 39.03 3.47
C ASN I 127 20.58 40.52 3.12
N ALA I 128 21.80 40.88 2.69
CA ALA I 128 22.06 42.24 2.25
C ALA I 128 23.00 42.33 1.04
N THR I 129 23.03 41.29 0.19
CA THR I 129 24.02 41.27 -0.89
C THR I 129 23.57 42.08 -2.10
N ALA I 130 22.51 41.64 -2.77
CA ALA I 130 22.05 42.33 -3.97
C ALA I 130 21.45 43.68 -3.60
N SER I 131 21.47 44.60 -4.57
CA SER I 131 21.00 45.96 -4.33
C SER I 131 19.53 45.98 -3.93
N ASN I 132 18.69 45.24 -4.65
CA ASN I 132 17.26 45.17 -4.35
C ASN I 132 16.99 44.09 -3.30
N SER I 133 17.57 44.30 -2.12
CA SER I 133 17.59 43.26 -1.10
C SER I 133 16.24 43.09 -0.43
N SER I 134 15.55 44.19 -0.14
CA SER I 134 14.48 44.18 0.86
C SER I 134 13.30 43.31 0.46
N ILE I 135 13.06 43.13 -0.84
CA ILE I 135 11.85 42.42 -1.27
C ILE I 135 11.91 40.96 -0.84
N ILE I 136 13.07 40.32 -0.96
CA ILE I 136 13.21 38.88 -0.72
C ILE I 136 13.78 38.60 0.67
N GLU I 137 14.90 39.25 1.02
CA GLU I 137 15.54 39.16 2.34
C GLU I 137 15.84 37.70 2.73
N GLY I 138 16.02 36.84 1.73
CA GLY I 138 16.73 35.59 1.93
C GLY I 138 17.76 35.48 0.83
N MET I 139 19.05 35.60 1.17
CA MET I 139 20.08 35.83 0.15
C MET I 139 21.38 35.16 0.55
N LYS I 140 22.05 34.61 -0.47
CA LYS I 140 23.37 34.02 -0.31
C LYS I 140 24.39 35.08 0.07
N CYS I 142 21.13 32.24 1.58
CA CYS I 142 20.85 32.07 3.00
C CYS I 142 21.50 30.76 3.44
N SER I 143 22.43 30.85 4.39
CA SER I 143 23.39 29.78 4.64
C SER I 143 22.87 28.78 5.67
N PHE I 144 23.43 27.57 5.60
CA PHE I 144 23.05 26.47 6.48
C PHE I 144 23.99 25.29 6.26
N ASN I 145 23.80 24.20 7.01
CA ASN I 145 24.59 22.98 6.87
C ASN I 145 23.73 21.81 6.40
N ILE I 146 24.35 20.95 5.60
CA ILE I 146 23.70 19.77 5.04
C ILE I 146 24.70 18.63 5.03
N THR I 147 24.19 17.39 5.07
CA THR I 147 25.06 16.22 5.16
C THR I 147 25.58 15.79 3.79
N THR I 148 24.75 15.90 2.76
CA THR I 148 25.07 15.70 1.32
C THR I 148 25.80 14.36 1.12
N GLU I 149 26.91 14.32 0.39
CA GLU I 149 27.38 13.08 -0.24
C GLU I 149 27.74 12.01 0.80
N LEU I 150 28.58 12.35 1.75
CA LEU I 150 29.13 11.40 2.72
C LEU I 150 28.59 11.71 4.10
N ARG I 151 28.11 10.66 4.78
CA ARG I 151 27.40 10.86 6.03
C ARG I 151 28.31 11.26 7.18
N ASP I 152 29.63 11.08 7.04
CA ASP I 152 30.56 11.66 8.01
C ASP I 152 30.78 13.15 7.78
N LYS I 153 30.53 13.63 6.57
CA LYS I 153 30.81 15.01 6.21
C LYS I 153 29.62 15.91 6.52
N ARG I 154 29.91 17.20 6.65
CA ARG I 154 28.88 18.22 6.78
C ARG I 154 29.41 19.49 6.15
N GLU I 155 28.62 20.07 5.24
CA GLU I 155 29.11 21.08 4.33
C GLU I 155 28.19 22.30 4.34
N LYS I 156 28.79 23.48 4.24
CA LYS I 156 28.05 24.72 4.16
C LYS I 156 27.53 24.95 2.75
N LYS I 157 26.33 25.48 2.64
CA LYS I 157 25.72 25.87 1.38
C LYS I 157 25.00 27.18 1.61
N ASN I 158 24.30 27.67 0.58
CA ASN I 158 23.38 28.78 0.75
C ASN I 158 22.48 28.88 -0.47
N ALA I 159 21.34 29.54 -0.27
CA ALA I 159 20.38 29.79 -1.34
C ALA I 159 19.44 30.89 -0.89
N LEU I 160 18.58 31.33 -1.79
CA LEU I 160 17.66 32.42 -1.52
C LEU I 160 16.29 31.89 -1.11
N PHE I 161 15.56 32.71 -0.36
CA PHE I 161 14.19 32.41 0.04
C PHE I 161 13.41 33.71 0.17
N TYR I 162 12.13 33.64 -0.16
CA TYR I 162 11.22 34.74 0.13
C TYR I 162 10.76 34.67 1.57
N LYS I 163 10.84 35.80 2.27
CA LYS I 163 10.74 35.83 3.73
C LYS I 163 9.42 35.29 4.25
N LEU I 164 8.38 35.24 3.41
CA LEU I 164 7.13 34.61 3.82
C LEU I 164 7.28 33.11 4.08
N ASP I 165 8.34 32.49 3.58
CA ASP I 165 8.64 31.10 3.85
C ASP I 165 9.53 30.91 5.07
N ILE I 166 9.72 31.96 5.87
CA ILE I 166 10.70 31.98 6.95
C ILE I 166 10.06 32.60 8.19
N VAL I 167 10.50 32.12 9.36
CA VAL I 167 10.12 32.70 10.64
C VAL I 167 11.39 33.01 11.42
N GLN I 168 11.30 33.99 12.30
CA GLN I 168 12.45 34.47 13.05
C GLN I 168 12.55 33.75 14.39
N LEU I 169 13.73 33.21 14.68
CA LEU I 169 14.00 32.65 15.98
C LEU I 169 14.40 33.76 16.95
N ASP I 170 14.36 33.43 18.25
CA ASP I 170 14.65 34.42 19.27
C ASP I 170 16.13 34.80 19.23
N GLY I 171 16.44 35.90 19.91
CA GLY I 171 17.83 36.35 19.98
C GLY I 171 18.22 37.11 18.73
N ASN I 172 19.38 36.77 18.18
CA ASN I 172 19.84 37.40 16.95
C ASN I 172 18.85 37.10 15.83
N SER I 173 18.53 38.13 15.05
CA SER I 173 17.61 37.96 13.93
C SER I 173 18.18 37.04 12.87
N SER I 174 19.51 36.88 12.82
CA SER I 174 20.12 35.99 11.83
C SER I 174 19.64 34.56 11.99
N GLN I 175 19.21 34.16 13.18
CA GLN I 175 18.69 32.83 13.41
C GLN I 175 17.27 32.75 12.87
N TYR I 176 17.06 31.92 11.86
CA TYR I 176 15.74 31.67 11.30
C TYR I 176 15.47 30.17 11.23
N ARG I 177 14.26 29.84 10.80
CA ARG I 177 13.79 28.48 10.67
C ARG I 177 12.79 28.42 9.52
N LEU I 178 12.67 27.25 8.90
CA LEU I 178 11.60 27.05 7.94
C LEU I 178 10.25 27.14 8.64
N ILE I 179 9.25 27.67 7.92
CA ILE I 179 8.01 28.08 8.56
C ILE I 179 7.26 26.88 9.14
N ASN I 180 7.11 25.81 8.36
CA ASN I 180 6.30 24.68 8.75
C ASN I 180 7.10 23.55 9.39
N CYS I 181 8.42 23.66 9.47
CA CYS I 181 9.22 22.51 9.86
C CYS I 181 9.04 22.15 11.32
N ASN I 182 8.59 23.08 12.17
CA ASN I 182 8.27 22.74 13.55
C ASN I 182 6.91 22.09 13.68
N THR I 183 6.14 21.95 12.60
CA THR I 183 4.79 21.42 12.67
C THR I 183 4.42 20.34 11.64
N SER I 184 5.15 20.22 10.53
CA SER I 184 4.81 19.21 9.53
C SER I 184 6.05 18.95 8.69
N VAL I 185 6.00 17.85 7.93
CA VAL I 185 7.10 17.44 7.07
C VAL I 185 6.83 17.94 5.66
N ILE I 186 7.86 18.53 5.03
CA ILE I 186 7.71 19.25 3.78
C ILE I 186 8.26 18.38 2.66
N THR I 187 7.45 18.19 1.61
CA THR I 187 7.85 17.46 0.42
C THR I 187 8.04 18.43 -0.74
N GLN I 188 9.19 18.36 -1.39
CA GLN I 188 9.41 19.13 -2.61
C GLN I 188 8.58 18.53 -3.73
N ALA I 189 7.99 19.41 -4.54
CA ALA I 189 7.20 18.93 -5.68
C ALA I 189 8.10 18.28 -6.71
N CYS I 190 7.63 17.18 -7.27
CA CYS I 190 8.35 16.50 -8.36
C CYS I 190 8.37 17.40 -9.59
N PRO I 191 9.51 17.99 -9.98
CA PRO I 191 9.48 18.91 -11.13
C PRO I 191 9.07 18.25 -12.43
N LYS I 192 9.41 16.98 -12.60
CA LYS I 192 9.09 16.27 -13.84
C LYS I 192 7.61 15.93 -13.96
N VAL I 193 6.82 16.12 -12.90
CA VAL I 193 5.44 15.68 -12.85
C VAL I 193 4.59 16.92 -12.64
N SER I 194 4.99 18.03 -13.26
CA SER I 194 4.23 19.27 -13.16
C SER I 194 2.80 19.05 -13.62
N PHE I 195 1.86 19.47 -12.77
CA PHE I 195 0.44 19.20 -12.97
C PHE I 195 -0.29 20.50 -13.26
N ASP I 196 -1.29 20.42 -14.12
CA ASP I 196 -1.98 21.57 -14.69
C ASP I 196 -3.47 21.29 -14.68
N PRO I 197 -4.31 22.34 -14.77
CA PRO I 197 -5.76 22.09 -14.71
C PRO I 197 -6.28 21.37 -15.96
N ILE I 198 -6.00 20.07 -16.03
CA ILE I 198 -6.44 19.25 -17.15
C ILE I 198 -7.94 18.99 -16.99
N PRO I 199 -8.76 19.14 -18.04
CA PRO I 199 -10.19 18.90 -17.87
C PRO I 199 -10.49 17.44 -17.59
N ILE I 200 -11.54 17.21 -16.79
CA ILE I 200 -11.95 15.88 -16.35
C ILE I 200 -13.43 15.71 -16.67
N HIS I 201 -13.78 14.58 -17.26
CA HIS I 201 -15.16 14.21 -17.52
C HIS I 201 -15.57 13.10 -16.54
N TYR I 202 -16.72 13.27 -15.91
CA TYR I 202 -17.24 12.31 -14.94
C TYR I 202 -18.38 11.51 -15.54
N CYS I 203 -18.28 10.19 -15.45
CA CYS I 203 -19.23 9.26 -16.07
C CYS I 203 -19.81 8.36 -15.00
N ALA I 204 -21.13 8.20 -15.02
CA ALA I 204 -21.79 7.30 -14.10
C ALA I 204 -21.62 5.85 -14.54
N PRO I 205 -21.79 4.89 -13.64
CA PRO I 205 -21.74 3.48 -14.03
C PRO I 205 -23.09 3.02 -14.54
N ALA I 206 -23.11 1.79 -15.06
CA ALA I 206 -24.34 1.21 -15.57
C ALA I 206 -25.38 1.11 -14.46
N GLY I 207 -26.63 1.43 -14.80
CA GLY I 207 -27.70 1.51 -13.83
C GLY I 207 -27.91 2.88 -13.23
N TYR I 208 -26.99 3.82 -13.45
CA TYR I 208 -27.10 5.19 -12.97
C TYR I 208 -26.94 6.14 -14.14
N ALA I 209 -27.78 7.17 -14.17
CA ALA I 209 -27.79 8.17 -15.23
C ALA I 209 -27.61 9.56 -14.63
N ILE I 210 -26.89 10.41 -15.34
CA ILE I 210 -26.60 11.77 -14.89
C ILE I 210 -27.61 12.71 -15.53
N LEU I 211 -28.35 13.44 -14.71
CA LEU I 211 -29.35 14.39 -15.18
C LEU I 211 -28.74 15.79 -15.21
N LYS I 212 -28.90 16.46 -16.35
CA LYS I 212 -28.25 17.74 -16.64
C LYS I 212 -29.34 18.77 -16.91
N CYS I 213 -29.48 19.74 -16.01
CA CYS I 213 -30.47 20.81 -16.19
C CYS I 213 -29.96 21.76 -17.25
N ASN I 214 -30.76 21.97 -18.30
CA ASN I 214 -30.45 22.89 -19.38
C ASN I 214 -31.10 24.26 -19.21
N ASN I 215 -31.75 24.50 -18.07
CA ASN I 215 -32.37 25.80 -17.82
C ASN I 215 -31.30 26.89 -17.80
N LYS I 216 -31.60 28.01 -18.45
CA LYS I 216 -30.63 29.09 -18.62
C LYS I 216 -30.59 30.06 -17.45
N THR I 217 -31.53 29.98 -16.51
CA THR I 217 -31.62 30.90 -15.38
C THR I 217 -31.83 30.14 -14.08
N PHE I 218 -31.10 29.03 -13.92
CA PHE I 218 -31.24 28.21 -12.73
C PHE I 218 -30.45 28.81 -11.57
N THR I 219 -31.09 28.88 -10.40
CA THR I 219 -30.56 29.57 -9.24
C THR I 219 -29.91 28.63 -8.23
N GLY I 220 -29.74 27.35 -8.58
CA GLY I 220 -29.17 26.38 -7.68
C GLY I 220 -30.19 25.54 -6.92
N THR I 221 -31.46 25.92 -6.96
CA THR I 221 -32.50 25.16 -6.28
C THR I 221 -33.82 25.38 -6.99
N GLY I 222 -34.70 24.39 -6.88
CA GLY I 222 -36.01 24.46 -7.51
C GLY I 222 -36.10 23.57 -8.73
N PRO I 223 -37.30 23.44 -9.28
CA PRO I 223 -37.50 22.52 -10.41
C PRO I 223 -36.80 22.98 -11.67
N CYS I 224 -36.38 22.00 -12.47
CA CYS I 224 -35.92 22.20 -13.83
C CYS I 224 -36.90 21.53 -14.79
N ASN I 225 -37.45 22.30 -15.71
CA ASN I 225 -38.38 21.78 -16.72
C ASN I 225 -37.70 21.45 -18.05
N ASN I 226 -36.37 21.57 -18.13
CA ASN I 226 -35.61 21.39 -19.36
C ASN I 226 -34.58 20.29 -19.22
N VAL I 227 -34.97 19.21 -18.52
CA VAL I 227 -34.03 18.16 -18.14
C VAL I 227 -33.40 17.51 -19.36
N SER I 228 -32.11 17.23 -19.29
CA SER I 228 -31.39 16.47 -20.30
C SER I 228 -30.46 15.48 -19.60
N THR I 229 -30.06 14.44 -20.33
CA THR I 229 -29.24 13.36 -19.78
C THR I 229 -28.04 13.09 -20.68
N VAL I 230 -26.97 12.57 -20.08
CA VAL I 230 -25.70 12.38 -20.77
C VAL I 230 -25.02 11.13 -20.24
N GLN I 231 -24.09 10.59 -21.05
CA GLN I 231 -23.17 9.59 -20.53
C GLN I 231 -22.25 10.19 -19.48
N CYS I 232 -21.69 11.36 -19.79
CA CYS I 232 -20.64 11.95 -18.97
C CYS I 232 -20.82 13.46 -18.94
N THR I 233 -20.26 14.08 -17.91
CA THR I 233 -20.19 15.53 -17.85
C THR I 233 -19.14 16.05 -18.82
N HIS I 234 -19.23 17.34 -19.12
CA HIS I 234 -18.19 17.99 -19.91
C HIS I 234 -16.88 18.00 -19.13
N GLY I 235 -15.84 18.53 -19.76
CA GLY I 235 -14.53 18.48 -19.15
C GLY I 235 -14.34 19.57 -18.12
N ILE I 236 -14.51 19.22 -16.85
CA ILE I 236 -14.31 20.16 -15.76
C ILE I 236 -12.84 20.17 -15.38
N LYS I 237 -12.29 21.38 -15.17
CA LYS I 237 -10.90 21.52 -14.79
C LYS I 237 -10.78 21.64 -13.26
N PRO I 238 -9.69 21.16 -12.64
CA PRO I 238 -9.51 21.38 -11.20
C PRO I 238 -8.82 22.72 -10.90
N VAL I 239 -9.58 23.80 -11.09
CA VAL I 239 -9.05 25.13 -10.81
C VAL I 239 -8.82 25.26 -9.31
N VAL I 240 -7.75 25.98 -8.95
CA VAL I 240 -7.35 26.19 -7.56
C VAL I 240 -7.10 27.68 -7.39
N SER I 241 -8.01 28.38 -6.73
CA SER I 241 -7.88 29.82 -6.56
C SER I 241 -8.77 30.25 -5.40
N THR I 242 -8.61 31.52 -5.00
CA THR I 242 -9.35 32.11 -3.90
C THR I 242 -9.86 33.49 -4.30
N GLN I 243 -11.03 33.83 -3.76
CA GLN I 243 -11.74 35.10 -3.96
C GLN I 243 -12.41 35.22 -5.32
N LEU I 244 -12.11 34.33 -6.25
CA LEU I 244 -12.62 34.34 -7.61
C LEU I 244 -11.95 33.17 -8.34
N LEU I 245 -12.56 32.76 -9.45
CA LEU I 245 -12.11 31.59 -10.21
C LEU I 245 -11.84 31.99 -11.65
N LEU I 246 -10.88 31.29 -12.27
CA LEU I 246 -10.09 31.84 -13.37
C LEU I 246 -10.33 31.19 -14.73
N ASN I 247 -10.89 29.99 -14.78
CA ASN I 247 -10.84 29.16 -15.98
C ASN I 247 -12.18 28.55 -16.38
N GLY I 248 -13.22 28.73 -15.58
CA GLY I 248 -14.42 27.92 -15.69
C GLY I 248 -15.32 28.28 -16.86
N SER I 249 -16.55 27.82 -16.78
CA SER I 249 -17.56 28.06 -17.80
C SER I 249 -18.16 29.45 -17.61
N LEU I 250 -19.23 29.75 -18.34
CA LEU I 250 -19.91 31.04 -18.27
C LEU I 250 -21.42 30.81 -18.29
N ALA I 251 -22.15 31.77 -17.73
CA ALA I 251 -23.60 31.67 -17.65
C ALA I 251 -24.24 31.91 -19.01
N GLU I 252 -25.47 31.42 -19.16
CA GLU I 252 -26.22 31.61 -20.39
C GLU I 252 -26.91 32.97 -20.41
N GLY I 253 -27.64 33.29 -19.33
CA GLY I 253 -28.26 34.60 -19.21
C GLY I 253 -27.24 35.65 -18.85
N GLU I 254 -27.65 36.65 -18.06
CA GLU I 254 -26.73 37.63 -17.53
C GLU I 254 -26.01 37.01 -16.33
N ILE I 255 -25.30 37.83 -15.55
CA ILE I 255 -24.58 37.31 -14.38
C ILE I 255 -25.59 36.70 -13.41
N ILE I 256 -25.29 35.49 -12.95
CA ILE I 256 -26.21 34.70 -12.14
C ILE I 256 -25.76 34.75 -10.69
N ILE I 257 -26.72 34.85 -9.78
CA ILE I 257 -26.48 34.79 -8.34
C ILE I 257 -26.98 33.46 -7.82
N ARG I 258 -26.12 32.72 -7.13
CA ARG I 258 -26.48 31.47 -6.50
C ARG I 258 -26.03 31.51 -5.04
N SER I 259 -26.95 31.21 -4.14
CA SER I 259 -26.66 31.15 -2.72
C SER I 259 -27.65 30.22 -2.05
N GLU I 260 -27.29 29.72 -0.88
CA GLU I 260 -28.21 28.93 -0.11
C GLU I 260 -29.30 29.82 0.46
N ASN I 261 -30.46 29.23 0.75
CA ASN I 261 -31.65 29.98 1.11
C ASN I 261 -32.34 29.39 2.33
N ILE I 262 -31.58 28.70 3.19
CA ILE I 262 -32.12 28.28 4.48
C ILE I 262 -32.26 29.48 5.39
N THR I 263 -31.23 30.31 5.46
CA THR I 263 -31.23 31.53 6.25
C THR I 263 -30.39 32.57 5.53
N LYS I 264 -30.72 33.84 5.75
CA LYS I 264 -29.92 34.93 5.19
C LYS I 264 -28.49 34.89 5.71
N ASN I 265 -28.26 34.31 6.88
CA ASN I 265 -26.92 34.24 7.47
C ASN I 265 -26.08 33.20 6.73
N VAL I 266 -25.74 33.49 5.49
CA VAL I 266 -25.11 32.51 4.60
C VAL I 266 -23.60 32.52 4.80
N LYS I 267 -22.96 31.42 4.39
CA LYS I 267 -21.50 31.33 4.42
C LYS I 267 -20.89 32.02 3.21
N THR I 268 -21.26 31.55 2.01
CA THR I 268 -20.70 32.04 0.75
C THR I 268 -21.82 32.28 -0.23
N ILE I 269 -21.65 33.31 -1.07
CA ILE I 269 -22.55 33.62 -2.17
C ILE I 269 -21.75 33.51 -3.45
N ILE I 270 -22.27 32.75 -4.41
CA ILE I 270 -21.60 32.54 -5.69
C ILE I 270 -22.23 33.47 -6.71
N VAL I 271 -21.39 34.25 -7.37
CA VAL I 271 -21.79 35.11 -8.48
C VAL I 271 -21.07 34.61 -9.72
N HIS I 272 -21.82 34.28 -10.75
CA HIS I 272 -21.31 33.61 -11.95
C HIS I 272 -21.44 34.55 -13.13
N LEU I 273 -20.32 34.85 -13.78
CA LEU I 273 -20.31 35.80 -14.89
C LEU I 273 -20.80 35.16 -16.18
N ASN I 274 -21.50 35.96 -16.99
CA ASN I 274 -21.75 35.62 -18.38
C ASN I 274 -20.67 36.21 -19.28
N GLU I 275 -20.30 37.45 -19.02
CA GLU I 275 -19.27 38.14 -19.79
C GLU I 275 -17.92 37.84 -19.16
N SER I 276 -17.13 36.99 -19.80
CA SER I 276 -15.79 36.71 -19.31
C SER I 276 -14.91 37.95 -19.42
N VAL I 277 -14.02 38.12 -18.45
CA VAL I 277 -13.13 39.27 -18.37
C VAL I 277 -11.71 38.75 -18.24
N LYS I 278 -10.80 39.26 -19.07
CA LYS I 278 -9.43 38.80 -19.08
C LYS I 278 -8.65 39.37 -17.91
N ILE I 279 -7.75 38.55 -17.36
CA ILE I 279 -6.77 38.97 -16.37
C ILE I 279 -5.41 38.43 -16.79
N GLU I 280 -4.37 39.24 -16.61
CA GLU I 280 -3.02 38.89 -17.03
C GLU I 280 -2.07 39.22 -15.91
N CYS I 281 -1.04 38.38 -15.74
CA CYS I 281 -0.10 38.53 -14.64
C CYS I 281 1.30 38.17 -15.12
N THR I 282 2.30 38.68 -14.41
CA THR I 282 3.68 38.56 -14.83
C THR I 282 4.60 38.42 -13.61
N ARG I 283 5.74 37.79 -13.85
CA ARG I 283 6.81 37.64 -12.87
C ARG I 283 8.10 38.00 -13.60
N PRO I 284 8.30 39.28 -13.92
CA PRO I 284 9.29 39.64 -14.95
C PRO I 284 10.73 39.33 -14.59
N ASN I 285 11.07 39.14 -13.32
CA ASN I 285 12.46 38.91 -12.97
C ASN I 285 12.88 37.51 -13.38
N ASN I 286 14.15 37.38 -13.78
CA ASN I 286 14.71 36.12 -14.24
C ASN I 286 15.33 35.37 -13.06
N LYS I 287 14.88 34.14 -12.84
CA LYS I 287 15.33 33.31 -11.74
C LYS I 287 16.44 32.39 -12.20
N THR I 288 17.30 31.99 -11.25
CA THR I 288 18.36 31.02 -11.47
C THR I 288 18.09 29.80 -10.59
N ARG I 289 17.96 28.64 -11.22
CA ARG I 289 17.82 27.40 -10.47
C ARG I 289 19.19 26.91 -10.01
N THR I 290 19.24 26.45 -8.76
CA THR I 290 20.43 25.79 -8.22
C THR I 290 19.99 24.51 -7.52
N SER I 291 20.91 23.55 -7.46
CA SER I 291 20.61 22.20 -7.02
C SER I 291 21.50 21.82 -5.84
N ILE I 292 20.91 21.10 -4.90
CA ILE I 292 21.62 20.48 -3.78
C ILE I 292 21.15 19.04 -3.67
N ARG I 293 22.08 18.12 -3.47
CA ARG I 293 21.77 16.71 -3.38
C ARG I 293 21.83 16.24 -1.93
N ILE I 294 20.83 15.46 -1.54
CA ILE I 294 20.81 14.82 -0.23
C ILE I 294 21.35 13.40 -0.39
N GLY I 297 21.15 10.63 -2.78
CA GLY I 297 21.13 11.34 -4.04
C GLY I 297 19.76 11.74 -4.53
N GLN I 298 18.97 12.41 -3.69
CA GLN I 298 17.78 13.11 -4.15
C GLN I 298 18.14 14.56 -4.39
N TRP I 299 17.76 15.10 -5.54
CA TRP I 299 18.19 16.42 -5.99
C TRP I 299 17.21 17.46 -5.46
N PHE I 300 17.59 18.16 -4.40
CA PHE I 300 16.84 19.31 -3.92
C PHE I 300 17.17 20.54 -4.73
N TYR I 301 16.14 21.33 -5.05
CA TYR I 301 16.27 22.53 -5.87
C TYR I 301 15.96 23.75 -5.03
N ALA I 302 16.77 24.79 -5.20
CA ALA I 302 16.62 26.05 -4.50
C ALA I 302 16.75 27.19 -5.50
N THR I 303 16.59 28.42 -5.01
CA THR I 303 16.64 29.61 -5.85
C THR I 303 18.04 30.19 -5.84
N GLY I 304 18.68 30.21 -7.00
CA GLY I 304 19.96 30.87 -7.18
C GLY I 304 19.81 32.35 -7.45
N GLN I 305 20.94 32.98 -7.77
CA GLN I 305 21.00 34.43 -7.90
C GLN I 305 20.05 34.93 -8.99
N VAL I 306 19.33 35.99 -8.69
CA VAL I 306 18.37 36.56 -9.62
C VAL I 306 19.12 37.39 -10.66
N ILE I 307 18.67 37.30 -11.90
CA ILE I 307 19.30 37.96 -13.04
C ILE I 307 18.37 39.08 -13.51
N GLY I 308 18.97 40.20 -13.90
CA GLY I 308 18.22 41.34 -14.40
C GLY I 308 17.73 42.24 -13.28
N ASP I 309 17.32 43.44 -13.66
CA ASP I 309 16.81 44.39 -12.69
C ASP I 309 15.47 43.90 -12.14
N ILE I 310 15.15 44.34 -10.93
CA ILE I 310 14.12 43.71 -10.09
C ILE I 310 12.85 44.53 -10.16
N ARG I 311 11.73 43.83 -10.35
CA ARG I 311 10.38 44.39 -10.27
C ARG I 311 9.56 43.52 -9.31
N GLU I 312 8.50 44.11 -8.77
CA GLU I 312 7.53 43.36 -8.00
C GLU I 312 6.48 42.78 -8.94
N ALA I 313 6.23 41.48 -8.81
CA ALA I 313 5.27 40.82 -9.68
C ALA I 313 3.89 41.44 -9.49
N TYR I 314 3.16 41.56 -10.59
CA TYR I 314 1.91 42.31 -10.60
C TYR I 314 0.98 41.71 -11.65
N CYS I 315 -0.19 42.32 -11.80
CA CYS I 315 -1.23 41.85 -12.71
C CYS I 315 -1.84 43.06 -13.41
N ASN I 316 -2.74 42.78 -14.35
CA ASN I 316 -3.41 43.82 -15.13
C ASN I 316 -4.86 43.44 -15.34
N ILE I 317 -5.71 44.45 -15.52
CA ILE I 317 -7.15 44.26 -15.68
C ILE I 317 -7.68 45.34 -16.61
N ASN I 318 -8.60 44.95 -17.51
CA ASN I 318 -9.32 45.91 -18.33
C ASN I 318 -10.16 46.79 -17.42
N GLU I 319 -9.77 48.06 -17.29
CA GLU I 319 -10.28 48.91 -16.23
C GLU I 319 -11.77 49.19 -16.39
N SER I 320 -12.18 49.61 -17.59
CA SER I 320 -13.60 49.89 -17.82
C SER I 320 -14.43 48.63 -17.66
N LYS I 321 -13.93 47.50 -18.18
CA LYS I 321 -14.66 46.26 -18.11
C LYS I 321 -14.92 45.84 -16.67
N TRP I 322 -13.94 46.05 -15.80
CA TRP I 322 -14.03 45.54 -14.43
C TRP I 322 -15.22 46.16 -13.70
N ASN I 323 -15.24 47.49 -13.57
CA ASN I 323 -16.33 48.12 -12.84
C ASN I 323 -17.51 48.49 -13.73
N GLU I 324 -17.51 48.06 -14.99
CA GLU I 324 -18.79 47.81 -15.67
C GLU I 324 -19.41 46.52 -15.15
N THR I 325 -18.59 45.47 -15.03
CA THR I 325 -19.08 44.20 -14.51
C THR I 325 -19.55 44.35 -13.06
N LEU I 326 -18.84 45.13 -12.26
CA LEU I 326 -19.27 45.34 -10.88
C LEU I 326 -20.61 46.06 -10.84
N GLN I 327 -20.85 47.00 -11.75
CA GLN I 327 -22.15 47.64 -11.81
C GLN I 327 -23.25 46.63 -12.14
N ARG I 328 -22.98 45.75 -13.11
CA ARG I 328 -23.96 44.70 -13.40
C ARG I 328 -24.21 43.81 -12.18
N VAL I 329 -23.14 43.44 -11.47
CA VAL I 329 -23.29 42.57 -10.32
C VAL I 329 -24.06 43.27 -9.22
N SER I 330 -23.82 44.57 -9.03
CA SER I 330 -24.58 45.33 -8.04
C SER I 330 -26.06 45.37 -8.40
N LYS I 331 -26.37 45.59 -9.67
CA LYS I 331 -27.76 45.61 -10.10
C LYS I 331 -28.42 44.27 -9.87
N LYS I 332 -27.71 43.17 -10.17
CA LYS I 332 -28.26 41.84 -9.88
C LYS I 332 -28.42 41.63 -8.38
N LEU I 333 -27.45 42.08 -7.59
CA LEU I 333 -27.42 41.74 -6.17
C LEU I 333 -28.48 42.49 -5.38
N LYS I 334 -28.78 43.73 -5.76
CA LYS I 334 -29.83 44.45 -5.06
C LYS I 334 -31.22 43.98 -5.48
N GLU I 335 -31.35 43.03 -6.40
CA GLU I 335 -32.63 42.39 -6.64
C GLU I 335 -33.07 41.59 -5.42
N TYR I 336 -32.19 40.73 -4.89
CA TYR I 336 -32.53 39.95 -3.72
C TYR I 336 -32.79 40.85 -2.53
N PHE I 337 -31.87 41.76 -2.23
CA PHE I 337 -31.96 42.60 -1.06
C PHE I 337 -32.72 43.87 -1.41
N PRO I 338 -33.90 44.13 -0.83
CA PRO I 338 -34.84 45.05 -1.47
C PRO I 338 -34.38 46.49 -1.60
N HIS I 339 -34.06 47.14 -0.48
CA HIS I 339 -33.97 48.59 -0.41
C HIS I 339 -32.80 49.03 0.46
N LYS I 340 -31.64 48.39 0.31
CA LYS I 340 -30.46 48.71 1.10
C LYS I 340 -29.26 48.86 0.19
N ASN I 341 -28.33 49.71 0.61
CA ASN I 341 -27.15 50.01 -0.19
C ASN I 341 -26.26 48.78 -0.35
N ILE I 342 -25.41 48.83 -1.36
CA ILE I 342 -24.43 47.79 -1.62
C ILE I 342 -23.06 48.43 -1.69
N THR I 343 -22.08 47.79 -1.06
CA THR I 343 -20.72 48.32 -1.00
C THR I 343 -19.75 47.16 -0.89
N PHE I 344 -18.55 47.37 -1.42
CA PHE I 344 -17.48 46.39 -1.39
C PHE I 344 -16.29 46.94 -0.63
N GLN I 345 -15.61 46.06 0.09
CA GLN I 345 -14.34 46.36 0.74
C GLN I 345 -13.47 45.12 0.65
N PRO I 346 -12.15 45.27 0.72
CA PRO I 346 -11.28 44.10 0.72
C PRO I 346 -11.48 43.30 2.00
N SER I 347 -11.12 42.02 1.93
CA SER I 347 -11.27 41.15 3.08
C SER I 347 -10.38 41.62 4.22
N SER I 348 -10.78 41.27 5.43
CA SER I 348 -10.07 41.61 6.66
C SER I 348 -9.72 40.33 7.39
N GLY I 349 -8.55 40.32 8.02
CA GLY I 349 -8.10 39.16 8.77
C GLY I 349 -7.92 37.93 7.90
N GLY I 350 -7.55 36.82 8.54
CA GLY I 350 -7.34 35.57 7.83
C GLY I 350 -5.95 35.47 7.24
N ASP I 351 -5.67 34.27 6.72
CA ASP I 351 -4.35 33.98 6.17
C ASP I 351 -4.16 34.71 4.85
N LEU I 352 -2.96 34.57 4.28
CA LEU I 352 -2.69 35.14 2.96
C LEU I 352 -3.55 34.51 1.88
N GLU I 353 -4.04 33.30 2.10
CA GLU I 353 -4.86 32.63 1.08
C GLU I 353 -6.22 33.31 0.89
N ILE I 354 -6.67 34.12 1.84
CA ILE I 354 -8.00 34.74 1.76
C ILE I 354 -7.89 36.26 1.76
N THR I 355 -6.84 36.81 2.37
CA THR I 355 -6.67 38.26 2.32
C THR I 355 -6.34 38.74 0.91
N THR I 356 -5.84 37.86 0.05
CA THR I 356 -5.45 38.20 -1.31
C THR I 356 -6.02 37.17 -2.27
N HIS I 357 -6.21 37.58 -3.51
CA HIS I 357 -6.51 36.62 -4.56
C HIS I 357 -5.30 35.72 -4.78
N SER I 358 -5.54 34.41 -4.81
CA SER I 358 -4.48 33.42 -4.92
C SER I 358 -4.70 32.56 -6.15
N PHE I 359 -3.61 32.24 -6.84
CA PHE I 359 -3.62 31.42 -8.04
C PHE I 359 -2.17 31.08 -8.36
N ASN I 360 -1.95 30.43 -9.50
CA ASN I 360 -0.62 29.95 -9.85
C ASN I 360 -0.40 30.01 -11.36
N CYS I 361 0.69 30.66 -11.77
CA CYS I 361 1.17 30.59 -13.15
C CYS I 361 2.13 29.41 -13.23
N GLY I 362 1.64 28.26 -13.70
CA GLY I 362 2.49 27.09 -13.78
C GLY I 362 2.98 26.67 -12.41
N GLY I 363 4.31 26.55 -12.28
CA GLY I 363 4.92 26.08 -11.06
C GLY I 363 5.31 27.18 -10.09
N GLU I 364 4.55 28.27 -10.07
CA GLU I 364 4.74 29.34 -9.11
C GLU I 364 3.38 29.81 -8.61
N PHE I 365 3.36 30.35 -7.39
CA PHE I 365 2.14 30.69 -6.69
C PHE I 365 2.10 32.18 -6.40
N PHE I 366 0.90 32.74 -6.41
CA PHE I 366 0.71 34.18 -6.37
C PHE I 366 -0.28 34.57 -5.27
N TYR I 367 -0.09 35.78 -4.75
CA TYR I 367 -0.97 36.37 -3.74
C TYR I 367 -1.03 37.87 -4.04
N CYS I 368 -2.13 38.31 -4.67
CA CYS I 368 -2.24 39.67 -5.19
C CYS I 368 -3.12 40.53 -4.30
N ASN I 369 -2.54 41.65 -3.86
CA ASN I 369 -3.12 42.57 -2.89
C ASN I 369 -4.28 43.29 -3.56
N THR I 370 -5.51 42.82 -3.29
CA THR I 370 -6.68 43.10 -4.11
C THR I 370 -7.50 44.28 -3.60
N SER I 371 -6.87 45.27 -2.98
CA SER I 371 -7.62 46.36 -2.37
C SER I 371 -8.39 47.16 -3.41
N SER I 372 -7.75 47.51 -4.52
CA SER I 372 -8.34 48.46 -5.45
C SER I 372 -9.60 47.90 -6.12
N LEU I 373 -9.68 46.59 -6.30
CA LEU I 373 -10.74 46.03 -7.12
C LEU I 373 -12.09 45.97 -6.41
N PHE I 374 -12.11 46.01 -5.09
CA PHE I 374 -13.34 45.82 -4.31
C PHE I 374 -13.61 47.02 -3.41
N ASN I 375 -13.54 48.25 -3.95
CA ASN I 375 -13.71 49.46 -3.14
C ASN I 375 -14.83 50.37 -3.65
N ARG I 376 -15.68 49.90 -4.56
CA ARG I 376 -16.78 50.72 -5.02
C ARG I 376 -17.89 50.76 -3.97
N THR I 377 -18.86 51.64 -4.21
CA THR I 377 -20.06 51.72 -3.40
C THR I 377 -21.21 52.18 -4.30
N TYR I 378 -22.42 51.75 -3.95
CA TYR I 378 -23.59 52.00 -4.79
C TYR I 378 -24.79 52.33 -3.89
N MET I 379 -25.84 52.85 -4.53
CA MET I 379 -27.03 53.31 -3.83
C MET I 379 -28.25 52.88 -4.63
N ALA I 380 -29.41 52.94 -3.97
CA ALA I 380 -30.67 52.63 -4.64
C ALA I 380 -30.96 53.69 -5.70
N ASN I 392 -12.96 49.63 -25.07
CA ASN I 392 -13.31 49.19 -23.73
C ASN I 392 -12.13 48.50 -23.06
N SER I 393 -10.91 49.02 -23.30
CA SER I 393 -9.71 48.47 -22.71
C SER I 393 -8.72 49.56 -22.28
N THR I 394 -9.20 50.76 -22.01
CA THR I 394 -8.34 51.88 -21.66
C THR I 394 -8.10 51.96 -20.16
N ARG I 395 -7.05 52.71 -19.78
CA ARG I 395 -6.78 53.06 -18.38
C ARG I 395 -6.50 51.83 -17.53
N THR I 396 -5.70 50.90 -18.07
CA THR I 396 -5.51 49.58 -17.47
C THR I 396 -5.08 49.64 -16.01
N ILE I 397 -5.85 48.95 -15.16
CA ILE I 397 -5.49 48.82 -13.74
C ILE I 397 -4.28 47.90 -13.63
N THR I 398 -3.44 48.18 -12.63
CA THR I 398 -2.40 47.26 -12.19
C THR I 398 -2.48 47.11 -10.68
N ILE I 399 -2.13 45.92 -10.20
CA ILE I 399 -2.21 45.57 -8.78
C ILE I 399 -0.95 44.80 -8.39
N HIS I 400 -0.41 45.14 -7.22
CA HIS I 400 0.80 44.49 -6.75
C HIS I 400 0.50 43.05 -6.33
N CYS I 401 1.55 42.23 -6.32
CA CYS I 401 1.36 40.81 -6.06
C CYS I 401 2.65 40.20 -5.55
N ARG I 402 2.52 39.26 -4.62
CA ARG I 402 3.64 38.57 -4.00
C ARG I 402 3.57 37.09 -4.33
N ILE I 403 4.72 36.43 -4.28
CA ILE I 403 4.83 34.99 -4.52
C ILE I 403 5.61 34.35 -3.39
N LYS I 404 5.19 33.15 -3.01
CA LYS I 404 5.83 32.38 -1.96
C LYS I 404 5.89 30.92 -2.38
N GLN I 405 6.89 30.21 -1.86
CA GLN I 405 7.17 28.84 -2.29
C GLN I 405 6.46 27.81 -1.42
N ILE I 406 6.60 27.91 -0.10
CA ILE I 406 6.10 26.88 0.81
C ILE I 406 4.61 27.09 0.98
N ILE I 407 3.82 26.17 0.43
CA ILE I 407 2.37 26.24 0.43
C ILE I 407 1.82 25.18 1.37
N ASN I 408 1.12 25.62 2.41
CA ASN I 408 0.24 24.73 3.14
C ASN I 408 -0.82 24.22 2.21
N MET I 409 -1.09 22.90 2.26
CA MET I 409 -1.97 22.30 1.28
C MET I 409 -3.35 22.93 1.38
N TRP I 410 -3.97 23.17 0.23
CA TRP I 410 -5.08 24.11 0.15
C TRP I 410 -6.24 23.66 1.01
N GLN I 411 -6.64 22.40 0.83
CA GLN I 411 -7.84 21.91 1.48
C GLN I 411 -7.68 21.87 3.00
N GLU I 412 -6.47 21.58 3.49
CA GLU I 412 -6.26 21.50 4.92
C GLU I 412 -4.78 21.60 5.25
N VAL I 413 -4.50 22.19 6.41
CA VAL I 413 -3.15 22.38 6.93
C VAL I 413 -2.67 21.12 7.65
N GLY I 414 -1.39 21.09 8.00
CA GLY I 414 -0.75 19.95 8.62
C GLY I 414 0.16 19.17 7.70
N ARG I 415 0.03 19.37 6.39
CA ARG I 415 0.90 18.77 5.39
C ARG I 415 1.40 19.89 4.49
N ALA I 416 2.71 19.92 4.25
CA ALA I 416 3.37 21.04 3.61
C ALA I 416 3.99 20.61 2.29
N MET I 417 4.00 21.55 1.34
CA MET I 417 4.59 21.35 0.02
C MET I 417 5.57 22.48 -0.26
N TYR I 418 6.62 22.16 -0.99
CA TYR I 418 7.61 23.15 -1.43
C TYR I 418 7.71 23.08 -2.94
N ALA I 419 7.55 24.24 -3.58
CA ALA I 419 7.59 24.33 -5.04
C ALA I 419 8.97 24.79 -5.48
N PRO I 420 9.72 24.04 -6.30
CA PRO I 420 11.04 24.52 -6.70
C PRO I 420 10.91 25.71 -7.62
N PRO I 421 11.90 26.60 -7.64
CA PRO I 421 11.77 27.81 -8.45
C PRO I 421 11.76 27.51 -9.94
N ILE I 422 11.05 28.36 -10.68
CA ILE I 422 10.97 28.28 -12.13
C ILE I 422 11.94 29.31 -12.71
N ALA I 423 12.85 28.85 -13.55
CA ALA I 423 13.87 29.73 -14.11
C ALA I 423 13.27 30.73 -15.09
N GLY I 424 13.92 31.89 -15.18
CA GLY I 424 13.50 32.90 -16.13
C GLY I 424 12.26 33.66 -15.67
N ASN I 425 11.81 34.54 -16.55
CA ASN I 425 10.61 35.34 -16.28
C ASN I 425 9.38 34.59 -16.75
N ILE I 426 8.25 34.88 -16.09
CA ILE I 426 7.02 34.11 -16.27
C ILE I 426 5.86 35.07 -16.41
N THR I 427 4.91 34.72 -17.30
CA THR I 427 3.60 35.35 -17.36
C THR I 427 2.57 34.26 -17.63
N CYS I 428 1.38 34.44 -17.08
CA CYS I 428 0.24 33.61 -17.45
C CYS I 428 -0.98 34.51 -17.60
N ILE I 429 -1.92 34.05 -18.42
CA ILE I 429 -3.14 34.80 -18.72
C ILE I 429 -4.32 33.88 -18.48
N SER I 430 -5.36 34.44 -17.86
CA SER I 430 -6.61 33.73 -17.65
C SER I 430 -7.74 34.71 -17.82
N ASN I 431 -8.96 34.16 -17.89
CA ASN I 431 -10.18 34.95 -18.03
C ASN I 431 -11.18 34.48 -16.99
N ILE I 432 -11.45 35.35 -16.02
CA ILE I 432 -12.22 34.97 -14.84
C ILE I 432 -13.66 34.75 -15.23
N THR I 433 -14.41 34.05 -14.36
CA THR I 433 -15.79 33.65 -14.67
C THR I 433 -16.77 33.88 -13.53
N GLY I 434 -16.32 34.16 -12.31
CA GLY I 434 -17.24 34.32 -11.20
C GLY I 434 -16.52 34.84 -9.99
N LEU I 435 -17.30 35.25 -9.00
CA LEU I 435 -16.80 35.77 -7.74
C LEU I 435 -17.39 34.96 -6.60
N LEU I 436 -16.60 34.85 -5.52
CA LEU I 436 -17.01 34.19 -4.29
C LEU I 436 -17.12 35.27 -3.22
N LEU I 437 -18.35 35.69 -2.94
CA LEU I 437 -18.62 36.76 -1.99
C LEU I 437 -19.23 36.20 -0.71
N THR I 438 -19.08 36.96 0.36
CA THR I 438 -19.69 36.66 1.64
C THR I 438 -20.17 37.96 2.28
N ARG I 439 -21.30 37.90 2.96
CA ARG I 439 -21.97 39.10 3.48
C ARG I 439 -21.65 39.30 4.95
N ASP I 440 -21.28 40.52 5.30
CA ASP I 440 -21.07 40.90 6.69
C ASP I 440 -22.40 41.28 7.30
N GLY I 441 -22.89 40.49 8.24
CA GLY I 441 -24.14 40.77 8.91
C GLY I 441 -23.98 41.84 9.96
N GLY I 442 -24.99 41.97 10.79
CA GLY I 442 -24.92 42.91 11.92
C GLY I 442 -25.15 44.36 11.61
N LYS I 443 -24.42 44.91 10.64
CA LYS I 443 -24.50 46.33 10.34
C LYS I 443 -25.89 46.64 9.78
N ASN I 444 -26.70 47.32 10.58
CA ASN I 444 -28.03 47.73 10.15
C ASN I 444 -27.94 48.80 9.08
N ASN I 445 -28.90 48.77 8.14
CA ASN I 445 -29.13 49.80 7.15
C ASN I 445 -28.06 49.83 6.05
N THR I 446 -27.13 48.87 6.05
CA THR I 446 -26.05 48.89 5.07
C THR I 446 -25.53 47.47 4.89
N GLU I 447 -25.76 46.89 3.71
CA GLU I 447 -25.14 45.62 3.37
C GLU I 447 -23.66 45.83 3.07
N THR I 448 -22.92 44.73 3.06
CA THR I 448 -21.49 44.78 2.78
C THR I 448 -21.07 43.40 2.31
N PHE I 449 -20.38 43.34 1.18
CA PHE I 449 -19.95 42.10 0.56
C PHE I 449 -18.46 42.19 0.29
N ARG I 450 -17.72 41.15 0.67
CA ARG I 450 -16.27 41.15 0.67
C ARG I 450 -15.76 39.82 0.14
N PRO I 451 -14.59 39.81 -0.51
CA PRO I 451 -14.15 38.58 -1.19
C PRO I 451 -13.65 37.55 -0.18
N GLY I 452 -14.30 36.39 -0.14
CA GLY I 452 -13.89 35.29 0.70
C GLY I 452 -13.57 34.05 -0.10
N GLY I 453 -14.27 32.96 0.17
CA GLY I 453 -14.13 31.76 -0.61
C GLY I 453 -12.78 31.08 -0.50
N GLY I 454 -12.23 31.00 0.72
CA GLY I 454 -11.00 30.26 0.92
C GLY I 454 -11.18 28.76 0.95
N ASN I 455 -12.38 28.28 1.29
CA ASN I 455 -12.64 26.85 1.36
C ASN I 455 -12.65 26.27 -0.06
N MET I 456 -11.73 25.35 -0.32
CA MET I 456 -11.47 24.92 -1.70
C MET I 456 -12.68 24.22 -2.32
N LYS I 457 -13.56 23.64 -1.52
CA LYS I 457 -14.68 22.90 -2.09
C LYS I 457 -15.64 23.81 -2.86
N ASP I 458 -15.68 25.09 -2.52
CA ASP I 458 -16.65 25.98 -3.15
C ASP I 458 -16.37 26.20 -4.63
N ASN I 459 -15.11 26.11 -5.05
CA ASN I 459 -14.79 26.27 -6.47
C ASN I 459 -15.49 25.22 -7.31
N TRP I 460 -15.44 23.96 -6.86
CA TRP I 460 -16.12 22.86 -7.55
C TRP I 460 -17.61 22.87 -7.28
N ARG I 461 -18.02 23.41 -6.13
CA ARG I 461 -19.45 23.63 -5.87
C ARG I 461 -20.04 24.56 -6.93
N SER I 462 -19.31 25.60 -7.30
CA SER I 462 -19.81 26.58 -8.27
C SER I 462 -19.78 26.09 -9.71
N GLU I 463 -19.27 24.89 -9.96
CA GLU I 463 -19.14 24.34 -11.30
C GLU I 463 -19.92 23.06 -11.53
N LEU I 464 -20.08 22.22 -10.50
CA LEU I 464 -20.87 21.01 -10.59
C LEU I 464 -22.35 21.23 -10.31
N TYR I 465 -22.82 22.48 -10.31
CA TYR I 465 -24.23 22.77 -10.10
C TYR I 465 -25.11 22.19 -11.20
N LYS I 466 -24.53 21.89 -12.37
CA LYS I 466 -25.33 21.45 -13.52
C LYS I 466 -26.07 20.15 -13.23
N TYR I 467 -25.40 19.19 -12.58
CA TYR I 467 -25.73 17.79 -12.70
C TYR I 467 -26.41 17.24 -11.46
N LYS I 468 -27.04 16.08 -11.65
CA LYS I 468 -27.51 15.22 -10.57
C LYS I 468 -27.44 13.78 -11.06
N VAL I 469 -27.35 12.85 -10.11
CA VAL I 469 -27.22 11.43 -10.39
C VAL I 469 -28.41 10.70 -9.77
N VAL I 470 -29.00 9.77 -10.53
CA VAL I 470 -30.19 9.04 -10.12
C VAL I 470 -30.00 7.56 -10.36
N LYS I 471 -30.49 6.76 -9.43
CA LYS I 471 -30.53 5.31 -9.59
C LYS I 471 -31.72 4.91 -10.46
N ILE I 472 -31.49 4.01 -11.41
CA ILE I 472 -32.56 3.54 -12.28
C ILE I 472 -33.33 2.45 -11.56
N GLU I 473 -34.63 2.38 -11.84
CA GLU I 473 -35.55 1.41 -11.25
C GLU I 473 -36.27 0.68 -12.37
N PRO I 474 -35.57 -0.19 -13.10
CA PRO I 474 -36.12 -0.70 -14.37
C PRO I 474 -37.37 -1.54 -14.22
N LEU I 475 -37.66 -2.04 -13.03
CA LEU I 475 -38.75 -3.00 -12.82
C LEU I 475 -39.97 -2.29 -12.24
N GLY I 476 -41.13 -2.56 -12.84
CA GLY I 476 -42.38 -1.99 -12.37
C GLY I 476 -43.53 -2.90 -12.71
N VAL I 477 -44.69 -2.62 -12.10
CA VAL I 477 -45.90 -3.41 -12.27
C VAL I 477 -47.04 -2.49 -12.66
N ALA I 478 -48.14 -3.11 -13.07
CA ALA I 478 -49.35 -2.37 -13.40
C ALA I 478 -50.51 -3.36 -13.45
N PRO I 479 -51.76 -2.90 -13.28
CA PRO I 479 -52.90 -3.78 -13.49
C PRO I 479 -53.28 -3.88 -14.96
N THR I 480 -53.73 -5.06 -15.36
CA THR I 480 -54.26 -5.27 -16.70
C THR I 480 -55.22 -6.45 -16.66
N ARG I 481 -56.05 -6.56 -17.71
CA ARG I 481 -57.16 -7.50 -17.74
C ARG I 481 -56.82 -8.82 -18.42
N CYS I 482 -55.58 -9.28 -18.31
CA CYS I 482 -55.16 -10.56 -18.88
C CYS I 482 -54.27 -11.33 -17.92
N LYS I 483 -54.49 -12.63 -17.83
CA LYS I 483 -53.73 -13.53 -16.98
C LYS I 483 -53.02 -14.59 -17.82
N ARG I 484 -52.15 -15.33 -17.13
CA ARG I 484 -51.46 -16.48 -17.71
C ARG I 484 -52.45 -17.50 -18.23
N ARG I 485 -52.00 -18.30 -19.18
CA ARG I 485 -52.66 -19.52 -19.60
C ARG I 485 -51.95 -20.72 -18.97
N VAL I 486 -52.73 -21.74 -18.63
CA VAL I 486 -52.19 -22.90 -17.93
C VAL I 486 -51.24 -23.66 -18.85
N VAL J 14 -23.68 1.48 -27.20
CA VAL J 14 -25.10 1.73 -27.57
C VAL J 14 -25.73 2.66 -26.55
N PHE J 15 -26.09 3.86 -27.01
CA PHE J 15 -26.63 4.88 -26.11
C PHE J 15 -27.44 5.86 -26.96
N LEU J 16 -28.76 5.85 -26.78
CA LEU J 16 -29.64 6.75 -27.52
C LEU J 16 -31.03 6.77 -26.89
N GLY J 17 -31.50 7.96 -26.52
CA GLY J 17 -32.82 8.07 -25.91
C GLY J 17 -32.95 7.24 -24.65
N PHE J 18 -31.93 7.26 -23.80
CA PHE J 18 -31.82 6.28 -22.72
C PHE J 18 -32.97 6.40 -21.73
N LEU J 19 -33.59 7.57 -21.62
CA LEU J 19 -34.79 7.74 -20.82
C LEU J 19 -35.80 8.65 -21.50
N GLY J 20 -35.68 8.86 -22.82
CA GLY J 20 -36.62 9.72 -23.52
C GLY J 20 -38.04 9.21 -23.51
N ALA J 21 -38.25 7.93 -23.21
CA ALA J 21 -39.60 7.38 -23.11
C ALA J 21 -40.41 8.04 -22.02
N ALA J 22 -39.77 8.64 -21.02
CA ALA J 22 -40.51 9.34 -19.97
C ALA J 22 -41.33 10.48 -20.58
N GLY J 23 -42.41 10.81 -19.90
CA GLY J 23 -43.35 11.81 -20.37
C GLY J 23 -44.50 11.25 -21.16
N SER J 24 -44.21 10.31 -22.05
CA SER J 24 -45.22 9.78 -22.96
C SER J 24 -46.14 8.80 -22.23
N THR J 25 -47.19 8.38 -22.93
CA THR J 25 -48.09 7.35 -22.43
C THR J 25 -47.33 6.06 -22.15
N MET J 26 -47.99 5.19 -21.38
CA MET J 26 -47.28 4.06 -20.78
C MET J 26 -46.89 3.05 -21.85
N GLY J 27 -47.79 2.76 -22.79
CA GLY J 27 -47.47 1.82 -23.85
C GLY J 27 -46.38 2.34 -24.77
N ALA J 28 -46.51 3.60 -25.21
CA ALA J 28 -45.49 4.22 -26.03
C ALA J 28 -44.14 4.20 -25.33
N ALA J 29 -44.14 4.43 -24.01
CA ALA J 29 -42.91 4.25 -23.24
C ALA J 29 -42.46 2.80 -23.27
N SER J 30 -43.42 1.87 -23.25
CA SER J 30 -43.11 0.45 -23.33
C SER J 30 -42.57 0.02 -24.69
N MET J 31 -42.65 0.90 -25.70
CA MET J 31 -42.04 0.57 -26.99
C MET J 31 -40.52 0.51 -26.92
N THR J 32 -39.90 1.18 -25.95
CA THR J 32 -38.47 1.43 -25.92
C THR J 32 -37.73 0.60 -24.88
N LEU J 33 -38.38 -0.41 -24.31
CA LEU J 33 -37.84 -1.05 -23.11
C LEU J 33 -36.51 -1.74 -23.38
N THR J 34 -36.29 -2.20 -24.61
CA THR J 34 -35.01 -2.79 -24.97
C THR J 34 -33.88 -1.78 -24.85
N VAL J 35 -34.17 -0.51 -25.12
CA VAL J 35 -33.14 0.53 -25.10
C VAL J 35 -32.56 0.64 -23.69
N GLN J 36 -33.40 0.58 -22.67
CA GLN J 36 -32.91 0.57 -21.30
C GLN J 36 -32.35 -0.79 -20.91
N ALA J 37 -32.94 -1.88 -21.43
CA ALA J 37 -32.56 -3.21 -20.98
C ALA J 37 -31.11 -3.54 -21.32
N ARG J 38 -30.58 -2.94 -22.39
CA ARG J 38 -29.25 -3.32 -22.85
C ARG J 38 -28.15 -2.91 -21.88
N ASN J 39 -28.39 -1.91 -21.03
CA ASN J 39 -27.28 -1.25 -20.35
C ASN J 39 -26.67 -2.08 -19.23
N LEU J 40 -25.71 -2.92 -19.60
CA LEU J 40 -24.73 -3.51 -18.68
C LEU J 40 -23.44 -3.53 -19.48
N LEU J 41 -22.67 -2.45 -19.37
CA LEU J 41 -21.68 -2.07 -20.37
C LEU J 41 -20.32 -1.84 -19.73
N SER J 42 -19.31 -1.76 -20.59
CA SER J 42 -17.94 -1.48 -20.18
C SER J 42 -17.43 -2.49 -19.17
N GLY J 68 -8.39 5.45 -11.14
CA GLY J 68 -7.85 4.83 -9.94
C GLY J 68 -8.19 3.36 -9.83
N ILE J 69 -7.34 2.61 -9.12
CA ILE J 69 -7.59 1.19 -8.92
C ILE J 69 -8.79 0.96 -8.01
N LYS J 70 -9.16 1.94 -7.19
CA LYS J 70 -10.29 1.78 -6.27
C LYS J 70 -11.63 1.73 -7.01
N GLN J 71 -11.67 2.10 -8.28
CA GLN J 71 -12.91 2.27 -9.03
C GLN J 71 -13.48 0.96 -9.57
N LEU J 72 -12.86 -0.18 -9.26
CA LEU J 72 -13.31 -1.45 -9.83
C LEU J 72 -14.71 -1.83 -9.37
N GLN J 73 -15.12 -1.37 -8.19
CA GLN J 73 -16.36 -1.87 -7.58
C GLN J 73 -17.61 -1.47 -8.35
N ALA J 74 -17.53 -0.47 -9.23
CA ALA J 74 -18.70 -0.07 -10.02
C ALA J 74 -19.17 -1.20 -10.92
N ARG J 75 -18.23 -1.94 -11.51
CA ARG J 75 -18.58 -3.10 -12.34
C ARG J 75 -19.38 -4.11 -11.53
N VAL J 76 -18.91 -4.40 -10.31
CA VAL J 76 -19.60 -5.35 -9.45
C VAL J 76 -20.99 -4.84 -9.09
N LEU J 77 -21.10 -3.54 -8.82
CA LEU J 77 -22.41 -2.98 -8.47
C LEU J 77 -23.40 -3.13 -9.61
N ALA J 78 -22.97 -2.82 -10.83
CA ALA J 78 -23.85 -2.96 -11.99
C ALA J 78 -24.27 -4.41 -12.19
N VAL J 79 -23.30 -5.33 -12.08
CA VAL J 79 -23.61 -6.74 -12.24
C VAL J 79 -24.60 -7.19 -11.17
N GLU J 80 -24.41 -6.73 -9.94
CA GLU J 80 -25.31 -7.10 -8.85
C GLU J 80 -26.73 -6.66 -9.15
N ARG J 81 -26.91 -5.40 -9.56
CA ARG J 81 -28.25 -4.90 -9.85
C ARG J 81 -28.90 -5.70 -10.97
N TYR J 82 -28.17 -5.92 -12.06
CA TYR J 82 -28.74 -6.62 -13.20
C TYR J 82 -29.13 -8.05 -12.82
N LEU J 83 -28.24 -8.75 -12.11
CA LEU J 83 -28.54 -10.14 -11.76
C LEU J 83 -29.69 -10.23 -10.78
N ARG J 84 -29.78 -9.30 -9.82
CA ARG J 84 -30.88 -9.37 -8.88
C ARG J 84 -32.22 -9.16 -9.57
N ASP J 85 -32.30 -8.18 -10.47
CA ASP J 85 -33.55 -7.98 -11.21
C ASP J 85 -33.87 -9.19 -12.07
N GLN J 86 -32.85 -9.75 -12.74
CA GLN J 86 -33.10 -10.87 -13.63
C GLN J 86 -33.59 -12.09 -12.86
N GLN J 87 -32.99 -12.38 -11.70
CA GLN J 87 -33.44 -13.53 -10.94
C GLN J 87 -34.83 -13.29 -10.36
N LEU J 88 -35.16 -12.05 -10.01
CA LEU J 88 -36.51 -11.80 -9.54
C LEU J 88 -37.54 -12.09 -10.64
N LEU J 89 -37.25 -11.64 -11.87
CA LEU J 89 -38.14 -12.00 -12.98
C LEU J 89 -38.17 -13.51 -13.19
N GLY J 90 -37.06 -14.19 -12.95
CA GLY J 90 -37.08 -15.65 -13.03
C GLY J 90 -37.99 -16.29 -12.00
N ILE J 91 -37.90 -15.81 -10.75
CA ILE J 91 -38.74 -16.33 -9.69
C ILE J 91 -40.21 -16.08 -9.99
N TRP J 92 -40.53 -14.99 -10.67
CA TRP J 92 -41.91 -14.76 -11.09
C TRP J 92 -42.24 -15.45 -12.42
N GLY J 93 -41.34 -16.28 -12.94
CA GLY J 93 -41.60 -16.94 -14.20
C GLY J 93 -41.72 -16.00 -15.38
N CYS J 94 -41.13 -14.81 -15.28
CA CYS J 94 -41.22 -13.80 -16.31
C CYS J 94 -39.83 -13.36 -16.77
N SER J 95 -38.85 -14.26 -16.71
CA SER J 95 -37.50 -13.93 -17.17
C SER J 95 -37.45 -13.80 -18.69
N GLY J 96 -38.16 -14.66 -19.41
CA GLY J 96 -38.04 -14.74 -20.84
C GLY J 96 -38.73 -13.66 -21.64
N LYS J 97 -39.31 -12.66 -20.99
CA LYS J 97 -40.05 -11.62 -21.69
C LYS J 97 -39.78 -10.26 -21.03
N LEU J 98 -40.07 -9.21 -21.79
CA LEU J 98 -40.09 -7.86 -21.25
C LEU J 98 -41.46 -7.48 -20.72
N ILE J 99 -42.52 -8.11 -21.22
CA ILE J 99 -43.88 -7.92 -20.71
C ILE J 99 -44.52 -9.29 -20.58
N CYS J 100 -45.25 -9.51 -19.48
CA CYS J 100 -45.98 -10.75 -19.28
C CYS J 100 -47.01 -10.52 -18.17
N CYS J 101 -47.88 -11.51 -18.01
CA CYS J 101 -48.98 -11.46 -17.05
C CYS J 101 -48.82 -12.56 -16.01
N THR J 102 -49.48 -12.37 -14.86
CA THR J 102 -49.50 -13.36 -13.80
C THR J 102 -50.90 -13.48 -13.20
N ASN J 103 -51.01 -14.23 -12.11
CA ASN J 103 -52.25 -14.49 -11.40
C ASN J 103 -52.49 -13.38 -10.39
N VAL J 104 -53.26 -13.65 -9.34
CA VAL J 104 -53.49 -12.77 -8.18
C VAL J 104 -54.02 -11.41 -8.61
N PRO J 105 -55.32 -11.30 -8.91
CA PRO J 105 -55.84 -10.09 -9.57
C PRO J 105 -55.67 -8.83 -8.72
N TRP J 106 -56.01 -7.71 -9.35
CA TRP J 106 -55.88 -6.42 -8.71
C TRP J 106 -56.95 -6.27 -7.64
N ASN J 107 -56.64 -5.45 -6.63
CA ASN J 107 -57.53 -5.20 -5.50
C ASN J 107 -58.02 -3.76 -5.51
N SER J 108 -59.21 -3.55 -4.94
CA SER J 108 -59.64 -2.18 -4.67
C SER J 108 -58.70 -1.50 -3.69
N SER J 109 -58.05 -2.27 -2.83
CA SER J 109 -56.93 -1.78 -2.06
C SER J 109 -55.74 -1.55 -2.97
N TRP J 110 -54.59 -1.23 -2.39
CA TRP J 110 -53.45 -0.75 -3.16
C TRP J 110 -53.90 0.57 -3.80
N SER J 111 -53.44 0.89 -5.00
CA SER J 111 -53.84 2.15 -5.63
C SER J 111 -55.26 1.99 -6.17
N ASN J 112 -56.22 2.52 -5.42
CA ASN J 112 -57.62 2.50 -5.81
C ASN J 112 -57.83 3.52 -6.94
N ARG J 113 -57.41 3.13 -8.13
CA ARG J 113 -57.29 4.02 -9.28
C ARG J 113 -58.00 3.43 -10.47
N ASN J 114 -58.56 4.33 -11.30
CA ASN J 114 -58.97 3.99 -12.66
C ASN J 114 -57.84 4.37 -13.61
N LEU J 115 -56.75 3.61 -13.48
CA LEU J 115 -55.51 3.98 -14.16
C LEU J 115 -55.65 3.93 -15.67
N SER J 116 -56.53 3.07 -16.20
CA SER J 116 -56.57 2.80 -17.63
C SER J 116 -56.92 4.05 -18.43
N GLU J 117 -57.71 4.97 -17.87
CA GLU J 117 -57.95 6.24 -18.54
C GLU J 117 -56.78 7.19 -18.33
N ILE J 118 -56.24 7.24 -17.11
CA ILE J 118 -55.06 8.07 -16.86
C ILE J 118 -53.82 7.46 -17.49
N TRP J 119 -53.87 6.17 -17.83
CA TRP J 119 -52.78 5.45 -18.49
C TRP J 119 -52.24 6.20 -19.72
N ASP J 120 -53.07 7.00 -20.37
CA ASP J 120 -52.68 7.80 -21.52
C ASP J 120 -52.32 9.24 -21.13
N ASN J 121 -51.99 9.49 -19.87
CA ASN J 121 -51.71 10.84 -19.39
C ASN J 121 -50.39 10.95 -18.62
N MET J 122 -50.05 9.92 -17.84
CA MET J 122 -49.12 10.05 -16.73
C MET J 122 -47.90 9.16 -16.93
N THR J 123 -46.76 9.66 -16.45
CA THR J 123 -45.47 9.01 -16.61
C THR J 123 -45.25 8.00 -15.49
N TRP J 124 -44.32 7.06 -15.74
CA TRP J 124 -44.03 6.01 -14.78
C TRP J 124 -43.65 6.58 -13.42
N LEU J 125 -43.03 7.76 -13.40
CA LEU J 125 -42.67 8.41 -12.14
C LEU J 125 -43.86 8.50 -11.20
N GLN J 126 -44.99 9.02 -11.70
CA GLN J 126 -46.15 9.16 -10.85
C GLN J 126 -46.74 7.79 -10.50
N TRP J 127 -46.84 6.89 -11.49
CA TRP J 127 -47.41 5.59 -11.23
C TRP J 127 -46.52 4.77 -10.29
N ASP J 128 -45.20 4.84 -10.51
CA ASP J 128 -44.29 4.13 -9.62
C ASP J 128 -44.35 4.69 -8.21
N LYS J 129 -44.44 6.03 -8.09
CA LYS J 129 -44.60 6.64 -6.78
C LYS J 129 -45.86 6.15 -6.10
N GLU J 130 -46.96 6.06 -6.87
CA GLU J 130 -48.23 5.63 -6.31
C GLU J 130 -48.15 4.18 -5.82
N ILE J 131 -47.55 3.30 -6.62
CA ILE J 131 -47.59 1.86 -6.33
C ILE J 131 -46.45 1.39 -5.43
N SER J 132 -45.44 2.23 -5.18
CA SER J 132 -44.32 1.84 -4.32
C SER J 132 -44.77 1.43 -2.93
N ASN J 133 -45.91 1.95 -2.46
CA ASN J 133 -46.43 1.55 -1.16
C ASN J 133 -46.88 0.10 -1.12
N TYR J 134 -47.02 -0.58 -2.26
CA TYR J 134 -47.64 -1.90 -2.32
C TYR J 134 -46.88 -2.90 -3.18
N THR J 135 -45.85 -2.47 -3.91
CA THR J 135 -45.02 -3.39 -4.69
C THR J 135 -44.50 -4.54 -3.83
N GLN J 136 -43.96 -4.22 -2.65
CA GLN J 136 -43.44 -5.24 -1.76
C GLN J 136 -44.51 -6.24 -1.35
N ILE J 137 -45.75 -5.80 -1.21
CA ILE J 137 -46.83 -6.74 -0.93
C ILE J 137 -47.06 -7.63 -2.16
N ILE J 138 -47.04 -7.02 -3.34
CA ILE J 138 -47.44 -7.76 -4.55
C ILE J 138 -46.43 -8.87 -4.86
N TYR J 139 -45.14 -8.62 -4.62
CA TYR J 139 -44.10 -9.54 -5.09
C TYR J 139 -44.25 -10.93 -4.49
N GLY J 140 -44.55 -11.03 -3.20
CA GLY J 140 -44.73 -12.33 -2.59
C GLY J 140 -45.87 -13.10 -3.21
N LEU J 141 -46.97 -12.41 -3.52
CA LEU J 141 -48.09 -13.06 -4.19
C LEU J 141 -47.68 -13.59 -5.55
N LEU J 142 -46.93 -12.80 -6.32
CA LEU J 142 -46.50 -13.28 -7.64
C LEU J 142 -45.61 -14.52 -7.50
N GLU J 143 -44.69 -14.50 -6.54
CA GLU J 143 -43.78 -15.62 -6.35
C GLU J 143 -44.54 -16.89 -5.95
N GLU J 144 -45.49 -16.76 -5.03
CA GLU J 144 -46.26 -17.94 -4.64
C GLU J 144 -47.16 -18.41 -5.78
N SER J 145 -47.64 -17.48 -6.61
CA SER J 145 -48.38 -17.89 -7.79
C SER J 145 -47.53 -18.73 -8.72
N GLN J 146 -46.26 -18.34 -8.91
CA GLN J 146 -45.36 -19.14 -9.72
C GLN J 146 -45.17 -20.53 -9.12
N ASN J 147 -45.06 -20.60 -7.80
CA ASN J 147 -44.93 -21.92 -7.17
C ASN J 147 -46.18 -22.77 -7.41
N GLN J 148 -47.36 -22.17 -7.30
CA GLN J 148 -48.59 -22.90 -7.55
C GLN J 148 -48.64 -23.40 -8.99
N GLN J 149 -48.28 -22.55 -9.94
CA GLN J 149 -48.26 -22.96 -11.34
C GLN J 149 -47.31 -24.12 -11.55
N GLU J 150 -46.10 -24.02 -10.98
CA GLU J 150 -45.11 -25.07 -11.19
C GLU J 150 -45.56 -26.39 -10.56
N LYS J 151 -46.13 -26.34 -9.36
CA LYS J 151 -46.57 -27.60 -8.73
C LYS J 151 -47.74 -28.21 -9.48
N ASN J 152 -48.70 -27.39 -9.94
CA ASN J 152 -49.80 -27.92 -10.72
C ASN J 152 -49.31 -28.56 -12.00
N GLU J 153 -48.37 -27.89 -12.68
CA GLU J 153 -47.85 -28.44 -13.93
C GLU J 153 -47.06 -29.72 -13.68
N GLN J 154 -46.30 -29.76 -12.59
CA GLN J 154 -45.56 -30.96 -12.24
C GLN J 154 -46.50 -32.12 -11.91
N ASP J 155 -47.58 -31.84 -11.19
CA ASP J 155 -48.56 -32.88 -10.89
C ASP J 155 -49.20 -33.40 -12.17
N LEU J 156 -49.52 -32.51 -13.10
CA LEU J 156 -50.08 -32.92 -14.38
C LEU J 156 -49.06 -33.79 -15.13
N LEU J 157 -47.79 -33.39 -15.13
CA LEU J 157 -46.76 -34.19 -15.77
C LEU J 157 -46.60 -35.56 -15.11
N ALA J 158 -46.85 -35.65 -13.80
CA ALA J 158 -46.65 -36.90 -13.08
C ALA J 158 -47.54 -38.01 -13.60
N LEU J 159 -48.63 -37.68 -14.28
CA LEU J 159 -49.48 -38.67 -14.93
C LEU J 159 -48.88 -39.23 -16.21
N ASP J 160 -47.74 -38.70 -16.66
CA ASP J 160 -47.07 -39.19 -17.86
C ASP J 160 -46.73 -40.67 -17.74
N GLN K 1 -18.91 15.14 25.51
CA GLN K 1 -17.55 14.70 25.10
C GLN K 1 -16.73 15.91 24.69
N VAL K 2 -17.27 16.71 23.77
CA VAL K 2 -16.58 17.91 23.31
C VAL K 2 -16.53 18.93 24.44
N ARG K 3 -15.36 19.55 24.61
CA ARG K 3 -15.13 20.55 25.64
C ARG K 3 -14.53 21.80 25.02
N LEU K 4 -14.89 22.94 25.59
CA LEU K 4 -14.37 24.25 25.19
C LEU K 4 -13.92 24.95 26.46
N ALA K 5 -12.69 24.68 26.88
CA ALA K 5 -12.14 25.35 28.05
C ALA K 5 -11.83 26.80 27.72
N GLN K 6 -11.67 27.61 28.78
CA GLN K 6 -11.32 29.01 28.64
C GLN K 6 -10.33 29.39 29.73
N TYR K 7 -9.58 30.46 29.47
CA TYR K 7 -8.61 30.99 30.43
C TYR K 7 -8.70 32.51 30.36
N GLY K 8 -7.73 33.18 30.96
CA GLY K 8 -7.70 34.62 30.96
C GLY K 8 -8.86 35.22 31.72
N GLY K 9 -8.87 36.54 31.78
CA GLY K 9 -9.92 37.27 32.46
C GLY K 9 -9.47 37.88 33.77
N GLY K 10 -10.27 37.72 34.82
CA GLY K 10 -9.97 38.40 36.06
C GLY K 10 -10.24 39.90 35.94
N VAL K 11 -9.56 40.66 36.77
CA VAL K 11 -9.70 42.11 36.74
C VAL K 11 -8.85 42.68 35.61
N LYS K 12 -9.34 43.73 34.98
CA LYS K 12 -8.60 44.47 33.97
C LYS K 12 -8.78 45.96 34.25
N ARG K 13 -7.70 46.72 34.12
CA ARG K 13 -7.74 48.12 34.48
C ARG K 13 -8.34 48.94 33.34
N LEU K 14 -8.91 50.09 33.72
CA LEU K 14 -9.67 50.89 32.77
C LEU K 14 -8.79 51.38 31.63
N GLY K 15 -9.31 51.29 30.41
CA GLY K 15 -8.58 51.68 29.23
C GLY K 15 -7.57 50.66 28.74
N ALA K 16 -7.36 49.57 29.48
CA ALA K 16 -6.37 48.59 29.09
C ALA K 16 -6.88 47.72 27.95
N THR K 17 -6.00 46.86 27.45
CA THR K 17 -6.32 45.86 26.44
C THR K 17 -6.16 44.48 27.07
N MET K 18 -7.06 43.58 26.74
CA MET K 18 -7.17 42.29 27.41
C MET K 18 -7.31 41.19 26.36
N THR K 19 -6.93 39.97 26.75
CA THR K 19 -6.88 38.82 25.86
C THR K 19 -7.49 37.61 26.53
N LEU K 20 -8.53 37.05 25.92
CA LEU K 20 -9.10 35.77 26.30
C LEU K 20 -8.60 34.68 25.37
N SER K 21 -9.02 33.45 25.65
CA SER K 21 -8.64 32.34 24.80
C SER K 21 -9.54 31.17 25.11
N CYS K 22 -9.68 30.30 24.12
CA CYS K 22 -10.41 29.05 24.26
C CYS K 22 -9.62 27.94 23.60
N VAL K 23 -9.57 26.78 24.25
CA VAL K 23 -8.85 25.61 23.76
C VAL K 23 -9.89 24.60 23.32
N ALA K 24 -9.88 24.27 22.03
CA ALA K 24 -10.87 23.36 21.47
C ALA K 24 -10.42 21.93 21.70
N SER K 25 -11.19 21.19 22.49
CA SER K 25 -10.96 19.76 22.62
C SER K 25 -11.16 19.08 21.26
N GLY K 26 -10.76 17.82 21.18
CA GLY K 26 -10.75 17.17 19.89
C GLY K 26 -12.12 16.75 19.40
N TYR K 27 -12.69 17.52 18.49
CA TYR K 27 -13.80 17.08 17.65
C TYR K 27 -13.42 17.12 16.18
N THR K 28 -13.09 18.29 15.64
CA THR K 28 -12.42 18.52 14.38
C THR K 28 -12.27 20.04 14.33
N PHE K 29 -11.07 20.56 14.14
CA PHE K 29 -10.90 21.99 14.35
C PHE K 29 -11.49 22.82 13.21
N ASN K 30 -11.56 22.27 12.01
CA ASN K 30 -11.81 23.04 10.80
C ASN K 30 -13.26 23.03 10.34
N ASP K 31 -14.15 22.30 11.00
CA ASP K 31 -15.49 22.06 10.48
C ASP K 31 -16.56 22.96 11.09
N TYR K 32 -16.27 23.65 12.19
CA TYR K 32 -17.28 24.34 12.96
C TYR K 32 -16.85 25.78 13.21
N TYR K 33 -17.71 26.72 12.82
CA TYR K 33 -17.50 28.11 13.15
C TYR K 33 -17.61 28.31 14.67
N ILE K 34 -16.84 29.27 15.18
CA ILE K 34 -16.79 29.60 16.59
C ILE K 34 -17.24 31.04 16.75
N HIS K 35 -18.12 31.29 17.71
CA HIS K 35 -18.66 32.61 17.99
C HIS K 35 -18.27 33.04 19.39
N TRP K 36 -18.09 34.35 19.55
CA TRP K 36 -17.78 34.97 20.84
C TRP K 36 -19.00 35.78 21.27
N VAL K 37 -19.68 35.31 22.31
CA VAL K 37 -20.88 35.96 22.82
C VAL K 37 -20.65 36.30 24.28
N ARG K 38 -21.33 37.34 24.75
CA ARG K 38 -21.11 37.87 26.09
C ARG K 38 -22.45 38.20 26.74
N GLN K 39 -22.38 38.54 28.02
CA GLN K 39 -23.56 38.87 28.81
C GLN K 39 -23.18 39.91 29.83
N ALA K 40 -23.67 41.13 29.66
CA ALA K 40 -23.56 42.13 30.70
C ALA K 40 -24.44 41.71 31.88
N PRO K 41 -24.13 42.16 33.10
CA PRO K 41 -24.96 41.78 34.24
C PRO K 41 -26.34 42.40 34.15
N GLY K 42 -27.35 41.61 34.52
CA GLY K 42 -28.72 42.08 34.46
C GLY K 42 -29.20 42.41 33.06
N GLN K 43 -28.62 41.76 32.04
CA GLN K 43 -28.98 42.00 30.65
C GLN K 43 -28.98 40.69 29.90
N GLY K 44 -29.63 40.70 28.74
CA GLY K 44 -29.59 39.55 27.87
C GLY K 44 -28.30 39.47 27.09
N PHE K 45 -28.02 38.25 26.60
CA PHE K 45 -26.82 38.02 25.82
C PHE K 45 -26.82 38.87 24.55
N GLU K 46 -25.63 39.00 23.96
CA GLU K 46 -25.47 39.60 22.65
C GLU K 46 -24.20 39.04 22.02
N LEU K 47 -24.13 39.11 20.70
CA LEU K 47 -23.01 38.57 19.95
C LEU K 47 -21.99 39.66 19.66
N LEU K 48 -20.72 39.27 19.66
CA LEU K 48 -19.61 40.12 19.26
C LEU K 48 -19.15 39.85 17.83
N GLY K 49 -18.95 38.57 17.50
CA GLY K 49 -18.49 38.20 16.19
C GLY K 49 -18.20 36.73 16.13
N TYR K 50 -17.84 36.27 14.93
CA TYR K 50 -17.52 34.87 14.72
C TYR K 50 -16.26 34.77 13.86
N ILE K 51 -15.47 33.75 14.13
CA ILE K 51 -14.21 33.49 13.45
C ILE K 51 -14.24 32.07 12.91
N ASP K 52 -13.98 31.93 11.61
CA ASP K 52 -13.87 30.60 11.02
C ASP K 52 -12.50 30.05 11.38
N PRO K 53 -12.39 28.92 12.08
CA PRO K 53 -11.06 28.43 12.45
C PRO K 53 -10.20 28.06 11.27
N ALA K 54 -10.80 27.59 10.18
CA ALA K 54 -10.02 27.08 9.06
C ALA K 54 -9.14 28.15 8.43
N ASN K 55 -9.77 29.16 7.83
CA ASN K 55 -9.04 30.23 7.15
C ASN K 55 -8.82 31.46 8.02
N GLY K 56 -9.42 31.52 9.21
CA GLY K 56 -9.22 32.64 10.10
C GLY K 56 -10.01 33.88 9.77
N ARG K 57 -11.04 33.78 8.94
CA ARG K 57 -11.82 34.96 8.58
C ARG K 57 -12.63 35.42 9.80
N PRO K 58 -12.47 36.67 10.27
CA PRO K 58 -13.37 37.16 11.32
C PRO K 58 -14.56 37.89 10.74
N ASP K 59 -15.48 38.28 11.62
CA ASP K 59 -16.58 39.19 11.29
C ASP K 59 -17.19 39.66 12.59
N TYR K 60 -17.50 40.95 12.65
CA TYR K 60 -17.76 41.63 13.93
C TYR K 60 -19.13 42.29 13.90
N ALA K 61 -19.66 42.53 15.09
CA ALA K 61 -20.84 43.38 15.22
C ALA K 61 -20.48 44.81 14.85
N GLY K 62 -21.48 45.54 14.37
CA GLY K 62 -21.22 46.88 13.85
C GLY K 62 -20.74 47.86 14.89
N ALA K 63 -21.11 47.66 16.14
CA ALA K 63 -20.80 48.62 17.20
C ALA K 63 -19.42 48.42 17.82
N LEU K 64 -18.66 47.40 17.40
CA LEU K 64 -17.36 47.11 18.00
C LEU K 64 -16.31 46.73 16.95
N ARG K 65 -16.53 47.09 15.68
CA ARG K 65 -15.59 46.70 14.64
C ARG K 65 -14.27 47.44 14.74
N GLU K 66 -14.21 48.54 15.49
CA GLU K 66 -12.96 49.26 15.67
C GLU K 66 -12.10 48.66 16.78
N ARG K 67 -12.73 47.99 17.74
CA ARG K 67 -12.09 47.58 18.98
C ARG K 67 -11.75 46.10 19.05
N LEU K 68 -12.43 45.26 18.28
CA LEU K 68 -12.28 43.81 18.40
C LEU K 68 -11.15 43.31 17.50
N SER K 69 -10.78 42.06 17.73
CA SER K 69 -9.87 41.34 16.84
C SER K 69 -9.83 39.86 17.20
N PHE K 70 -10.04 38.99 16.22
CA PHE K 70 -9.97 37.55 16.41
C PHE K 70 -8.87 36.97 15.53
N TYR K 71 -8.26 35.89 16.01
CA TYR K 71 -7.29 35.13 15.23
C TYR K 71 -6.97 33.85 15.98
N ARG K 72 -6.38 32.90 15.27
CA ARG K 72 -6.23 31.53 15.76
C ARG K 72 -4.85 31.01 15.42
N ASP K 73 -4.53 29.86 16.03
CA ASP K 73 -3.30 29.11 15.76
C ASP K 73 -3.78 27.68 15.57
N LYS K 74 -3.88 27.25 14.30
CA LYS K 74 -4.54 25.98 14.00
C LYS K 74 -3.79 24.79 14.59
N SER K 75 -2.47 24.88 14.70
CA SER K 75 -1.70 23.75 15.18
C SER K 75 -2.06 23.40 16.62
N MET K 76 -2.24 24.42 17.47
CA MET K 76 -2.56 24.22 18.86
C MET K 76 -4.05 24.02 19.11
N GLU K 77 -4.89 24.12 18.08
CA GLU K 77 -6.34 24.08 18.22
C GLU K 77 -6.79 25.12 19.25
N THR K 78 -6.25 26.32 19.12
CA THR K 78 -6.43 27.39 20.10
C THR K 78 -6.94 28.63 19.39
N LEU K 79 -7.76 29.40 20.10
CA LEU K 79 -8.33 30.64 19.60
C LEU K 79 -7.99 31.77 20.55
N TYR K 80 -8.03 33.00 20.04
CA TYR K 80 -7.74 34.18 20.84
C TYR K 80 -8.72 35.27 20.47
N MET K 81 -8.94 36.18 21.41
CA MET K 81 -9.74 37.37 21.18
C MET K 81 -9.04 38.53 21.86
N ASP K 82 -8.92 39.65 21.15
CA ASP K 82 -8.34 40.88 21.70
C ASP K 82 -9.39 41.97 21.64
N LEU K 83 -9.67 42.58 22.78
CA LEU K 83 -10.54 43.74 22.89
C LEU K 83 -9.72 44.90 23.41
N ARG K 84 -9.75 46.02 22.68
CA ARG K 84 -8.90 47.17 22.98
C ARG K 84 -9.68 48.25 23.70
N SER K 85 -9.03 48.88 24.68
CA SER K 85 -9.57 50.03 25.38
C SER K 85 -10.90 49.70 26.06
N LEU K 86 -10.81 48.82 27.06
CA LEU K 86 -11.97 48.45 27.84
C LEU K 86 -12.61 49.68 28.47
N ARG K 87 -13.92 49.79 28.34
CA ARG K 87 -14.72 50.79 29.02
C ARG K 87 -15.46 50.14 30.18
N TYR K 88 -16.15 50.97 30.97
CA TYR K 88 -16.77 50.46 32.18
C TYR K 88 -17.87 49.46 31.86
N ASP K 89 -18.70 49.75 30.86
CA ASP K 89 -19.85 48.91 30.58
C ASP K 89 -19.46 47.52 30.09
N ASP K 90 -18.23 47.34 29.62
CA ASP K 90 -17.79 46.03 29.15
C ASP K 90 -17.56 45.04 30.28
N THR K 91 -17.73 45.44 31.54
CA THR K 91 -17.74 44.48 32.64
C THR K 91 -18.83 43.45 32.39
N ALA K 92 -18.43 42.21 32.11
CA ALA K 92 -19.37 41.20 31.64
C ALA K 92 -18.63 39.86 31.55
N MET K 93 -19.39 38.80 31.32
CA MET K 93 -18.87 37.45 31.14
C MET K 93 -18.84 37.11 29.65
N TYR K 94 -17.75 36.48 29.21
CA TYR K 94 -17.49 36.23 27.80
C TYR K 94 -17.37 34.73 27.54
N TYR K 95 -18.09 34.25 26.53
CA TYR K 95 -18.23 32.83 26.23
C TYR K 95 -17.73 32.53 24.83
N CYS K 96 -17.08 31.38 24.68
CA CYS K 96 -16.97 30.69 23.39
C CYS K 96 -18.12 29.72 23.20
N VAL K 97 -18.50 29.49 21.95
CA VAL K 97 -19.60 28.60 21.62
C VAL K 97 -19.36 28.03 20.24
N ARG K 98 -19.52 26.71 20.11
CA ARG K 98 -19.42 26.07 18.81
C ARG K 98 -20.70 26.27 18.04
N ASN K 99 -20.57 26.36 16.71
CA ASN K 99 -21.70 26.56 15.81
C ASN K 99 -21.83 25.38 14.87
N VAL K 100 -23.06 24.95 14.65
CA VAL K 100 -23.36 23.85 13.75
C VAL K 100 -23.63 24.45 12.38
N GLY K 101 -22.74 24.19 11.43
CA GLY K 101 -22.81 24.76 10.10
C GLY K 101 -23.11 23.69 9.07
N THR K 102 -23.96 24.03 8.11
CA THR K 102 -24.27 23.15 6.99
C THR K 102 -23.27 23.41 5.87
N ALA K 103 -23.54 22.87 4.68
CA ALA K 103 -22.64 23.07 3.56
C ALA K 103 -22.60 24.52 3.09
N GLY K 104 -23.65 25.29 3.35
CA GLY K 104 -23.72 26.65 2.86
C GLY K 104 -24.40 27.63 3.79
N SER K 105 -24.64 27.25 5.05
CA SER K 105 -25.34 28.13 5.97
C SER K 105 -24.91 27.82 7.40
N LEU K 106 -25.14 28.78 8.28
CA LEU K 106 -24.85 28.66 9.71
C LEU K 106 -26.17 28.69 10.45
N LEU K 107 -26.34 27.78 11.41
CA LEU K 107 -27.65 27.52 12.01
C LEU K 107 -27.74 27.95 13.48
N HIS K 108 -26.94 27.40 14.38
CA HIS K 108 -27.19 27.66 15.80
C HIS K 108 -25.99 27.17 16.61
N TYR K 109 -26.11 27.31 17.93
CA TYR K 109 -25.08 26.95 18.89
C TYR K 109 -25.53 25.71 19.65
N ASP K 110 -24.63 24.76 19.83
CA ASP K 110 -24.93 23.51 20.53
C ASP K 110 -24.18 23.35 21.83
N HIS K 111 -22.87 23.57 21.85
CA HIS K 111 -22.04 23.41 23.04
C HIS K 111 -21.40 24.74 23.40
N TRP K 112 -21.65 25.20 24.61
CA TRP K 112 -21.08 26.45 25.10
C TRP K 112 -19.80 26.17 25.89
N GLY K 113 -19.00 27.21 26.05
CA GLY K 113 -17.77 27.11 26.79
C GLY K 113 -17.99 27.18 28.29
N SER K 114 -16.89 27.05 29.02
CA SER K 114 -16.96 27.07 30.48
C SER K 114 -17.07 28.47 31.06
N GLY K 115 -17.00 29.52 30.23
CA GLY K 115 -17.15 30.88 30.70
C GLY K 115 -15.83 31.54 31.06
N SER K 116 -15.87 32.86 31.12
CA SER K 116 -14.69 33.66 31.43
C SER K 116 -15.11 35.01 31.98
N PRO K 117 -15.28 35.18 33.28
CA PRO K 117 -15.71 36.49 33.79
C PRO K 117 -14.62 37.53 33.64
N VAL K 118 -15.06 38.77 33.45
CA VAL K 118 -14.17 39.92 33.31
C VAL K 118 -14.82 41.11 34.01
N ILE K 119 -14.02 41.91 34.69
CA ILE K 119 -14.48 43.11 35.37
C ILE K 119 -13.53 44.25 35.02
N VAL K 120 -14.10 45.37 34.59
CA VAL K 120 -13.34 46.56 34.24
C VAL K 120 -13.38 47.50 35.44
N SER K 121 -12.21 47.79 36.00
CA SER K 121 -12.10 48.71 37.12
C SER K 121 -10.64 49.00 37.38
N SER K 122 -10.35 50.25 37.73
CA SER K 122 -9.00 50.68 38.07
C SER K 122 -8.71 50.62 39.56
N ALA K 123 -9.65 50.13 40.37
CA ALA K 123 -9.50 50.18 41.81
C ALA K 123 -8.41 49.25 42.30
N SER K 124 -7.62 49.73 43.25
CA SER K 124 -6.71 48.87 43.99
C SER K 124 -7.48 48.12 45.08
N THR K 125 -6.78 47.24 45.78
CA THR K 125 -7.40 46.55 46.90
C THR K 125 -7.75 47.55 47.98
N LYS K 126 -8.97 47.44 48.52
CA LYS K 126 -9.50 48.46 49.41
C LYS K 126 -10.65 47.85 50.20
N GLY K 127 -10.67 48.11 51.51
CA GLY K 127 -11.61 47.48 52.40
C GLY K 127 -12.89 48.27 52.60
N PRO K 128 -13.93 47.61 53.11
CA PRO K 128 -15.25 48.26 53.19
C PRO K 128 -15.30 49.34 54.26
N SER K 129 -16.27 50.23 54.08
CA SER K 129 -16.84 51.02 55.15
C SER K 129 -18.21 50.43 55.48
N VAL K 130 -18.61 50.57 56.75
CA VAL K 130 -19.85 50.01 57.26
C VAL K 130 -20.60 51.12 57.99
N PHE K 131 -21.91 51.17 57.78
CA PHE K 131 -22.77 52.19 58.35
C PHE K 131 -24.06 51.54 58.83
N PRO K 132 -24.71 52.09 59.87
CA PRO K 132 -25.97 51.50 60.32
C PRO K 132 -27.18 52.01 59.56
N LEU K 133 -27.89 51.13 58.87
CA LEU K 133 -29.22 51.48 58.36
C LEU K 133 -30.16 51.53 59.55
N ALA K 134 -30.34 52.72 60.11
CA ALA K 134 -30.94 52.84 61.43
C ALA K 134 -32.40 52.40 61.40
N PRO K 135 -32.90 51.75 62.46
CA PRO K 135 -34.32 51.38 62.47
C PRO K 135 -35.21 52.60 62.49
N SER K 136 -36.37 52.48 61.83
CA SER K 136 -37.35 53.55 61.81
C SER K 136 -37.86 53.82 63.23
N SER K 137 -37.52 54.98 63.76
CA SER K 137 -37.90 55.33 65.13
C SER K 137 -37.80 56.83 65.36
N GLY K 143 -45.02 47.46 64.67
CA GLY K 143 -44.36 46.75 65.73
C GLY K 143 -42.99 46.22 65.34
N THR K 144 -42.88 45.80 64.08
CA THR K 144 -41.63 45.25 63.54
C THR K 144 -40.99 46.31 62.64
N ALA K 145 -39.71 46.60 62.91
CA ALA K 145 -38.94 47.57 62.15
C ALA K 145 -37.64 46.92 61.69
N ALA K 146 -37.23 47.24 60.47
CA ALA K 146 -36.03 46.67 59.88
C ALA K 146 -34.81 47.49 60.23
N LEU K 147 -33.67 46.82 60.31
CA LEU K 147 -32.39 47.47 60.58
C LEU K 147 -31.29 46.66 59.91
N GLY K 148 -30.32 47.36 59.32
CA GLY K 148 -29.32 46.72 58.50
C GLY K 148 -28.03 47.48 58.45
N CYS K 149 -27.09 46.96 57.66
CA CYS K 149 -25.77 47.55 57.49
C CYS K 149 -25.49 47.72 56.00
N LEU K 150 -25.23 48.97 55.61
CA LEU K 150 -24.85 49.28 54.23
C LEU K 150 -23.34 49.21 54.13
N VAL K 151 -22.84 48.15 53.51
CA VAL K 151 -21.41 47.95 53.34
C VAL K 151 -20.99 48.61 52.04
N LYS K 152 -20.07 49.57 52.13
CA LYS K 152 -19.76 50.48 51.03
C LYS K 152 -18.29 50.40 50.64
N ASP K 153 -18.06 50.43 49.32
CA ASP K 153 -16.78 50.79 48.72
C ASP K 153 -15.66 49.86 49.20
N TYR K 154 -15.78 48.60 48.78
CA TYR K 154 -14.75 47.60 48.98
C TYR K 154 -14.36 47.00 47.64
N PHE K 155 -13.12 46.54 47.54
CA PHE K 155 -12.62 45.96 46.31
C PHE K 155 -11.43 45.09 46.63
N PRO K 156 -11.27 43.90 46.02
CA PRO K 156 -12.18 43.13 45.16
C PRO K 156 -13.12 42.23 45.96
N GLU K 157 -14.00 41.52 45.27
CA GLU K 157 -14.85 40.53 45.91
C GLU K 157 -14.00 39.38 46.46
N PRO K 158 -14.52 38.62 47.44
CA PRO K 158 -15.81 38.70 48.14
C PRO K 158 -15.77 39.60 49.38
N VAL K 159 -16.91 39.72 50.06
CA VAL K 159 -16.99 40.31 51.38
C VAL K 159 -17.82 39.38 52.26
N THR K 160 -17.47 39.35 53.55
CA THR K 160 -18.10 38.45 54.51
C THR K 160 -18.91 39.28 55.50
N VAL K 161 -20.15 38.86 55.74
CA VAL K 161 -21.05 39.55 56.66
C VAL K 161 -21.81 38.51 57.48
N SER K 162 -21.89 38.74 58.79
CA SER K 162 -22.78 38.00 59.66
C SER K 162 -23.19 38.93 60.79
N TRP K 163 -24.09 38.45 61.66
CA TRP K 163 -24.69 39.27 62.70
C TRP K 163 -24.43 38.69 64.08
N ASN K 164 -24.04 39.57 65.01
CA ASN K 164 -23.93 39.25 66.43
C ASN K 164 -23.00 38.05 66.65
N SER K 165 -21.77 38.20 66.16
CA SER K 165 -20.79 37.11 66.13
C SER K 165 -21.34 35.90 65.38
N GLY K 166 -22.17 36.14 64.37
CA GLY K 166 -22.81 35.07 63.63
C GLY K 166 -23.99 34.43 64.33
N ALA K 167 -24.30 34.83 65.56
CA ALA K 167 -25.38 34.18 66.30
C ALA K 167 -26.74 34.57 65.74
N LEU K 168 -26.96 35.84 65.47
CA LEU K 168 -28.27 36.34 65.06
C LEU K 168 -28.52 35.91 63.61
N THR K 169 -29.30 34.84 63.45
CA THR K 169 -29.63 34.29 62.14
C THR K 169 -31.07 34.53 61.72
N SER K 170 -31.95 34.93 62.64
CA SER K 170 -33.37 35.03 62.36
C SER K 170 -33.67 36.25 61.50
N GLY K 171 -34.45 36.04 60.44
CA GLY K 171 -34.92 37.15 59.62
C GLY K 171 -33.85 37.93 58.91
N VAL K 172 -32.68 37.32 58.68
CA VAL K 172 -31.53 38.01 58.10
C VAL K 172 -31.50 37.74 56.60
N HIS K 173 -31.29 38.80 55.82
CA HIS K 173 -31.05 38.69 54.39
C HIS K 173 -29.86 39.57 54.03
N THR K 174 -29.11 39.12 53.02
CA THR K 174 -27.94 39.84 52.52
C THR K 174 -27.99 39.82 51.00
N PHE K 175 -28.10 40.99 50.40
CA PHE K 175 -28.24 41.10 48.96
C PHE K 175 -26.88 40.95 48.28
N PRO K 176 -26.83 40.51 47.02
CA PRO K 176 -25.54 40.32 46.36
C PRO K 176 -24.83 41.65 46.13
N ALA K 177 -23.59 41.54 45.67
CA ALA K 177 -22.72 42.71 45.56
C ALA K 177 -23.08 43.54 44.34
N VAL K 178 -23.30 44.83 44.56
CA VAL K 178 -23.54 45.78 43.48
C VAL K 178 -22.22 46.43 43.10
N LEU K 179 -21.84 46.32 41.83
CA LEU K 179 -20.68 47.03 41.31
C LEU K 179 -21.10 48.44 40.93
N GLN K 180 -20.69 49.42 41.74
CA GLN K 180 -21.05 50.79 41.46
C GLN K 180 -20.32 51.30 40.22
N SER K 181 -20.62 52.54 39.84
CA SER K 181 -19.87 53.20 38.79
C SER K 181 -18.44 53.50 39.17
N SER K 182 -18.13 53.52 40.47
CA SER K 182 -16.80 53.85 40.96
C SER K 182 -15.80 52.70 40.85
N GLY K 183 -16.20 51.55 40.31
CA GLY K 183 -15.32 50.41 40.33
C GLY K 183 -15.14 49.78 41.68
N LEU K 184 -16.03 50.08 42.63
CA LEU K 184 -16.00 49.54 43.98
C LEU K 184 -17.33 48.88 44.30
N TYR K 185 -17.27 47.82 45.08
CA TYR K 185 -18.42 46.99 45.39
C TYR K 185 -19.09 47.43 46.68
N SER K 186 -20.34 47.00 46.85
CA SER K 186 -21.13 47.31 48.03
C SER K 186 -22.33 46.38 48.08
N LEU K 187 -22.91 46.28 49.28
CA LEU K 187 -24.12 45.49 49.47
C LEU K 187 -24.77 45.93 50.78
N SER K 188 -25.97 45.40 51.02
CA SER K 188 -26.75 45.70 52.22
C SER K 188 -27.23 44.41 52.84
N SER K 189 -27.05 44.29 54.16
CA SER K 189 -27.56 43.17 54.94
C SER K 189 -28.53 43.72 55.98
N VAL K 190 -29.72 43.13 56.06
CA VAL K 190 -30.81 43.65 56.87
C VAL K 190 -31.37 42.54 57.75
N VAL K 191 -32.06 42.95 58.80
CA VAL K 191 -32.79 42.03 59.68
C VAL K 191 -34.01 42.76 60.22
N THR K 192 -35.11 42.02 60.36
CA THR K 192 -36.37 42.54 60.86
C THR K 192 -36.61 41.98 62.26
N VAL K 193 -36.90 42.87 63.21
CA VAL K 193 -37.10 42.49 64.60
C VAL K 193 -38.24 43.31 65.19
N PRO K 194 -38.83 42.86 66.30
CA PRO K 194 -39.85 43.69 66.97
C PRO K 194 -39.26 44.99 67.49
N SER K 195 -40.12 45.99 67.64
CA SER K 195 -39.68 47.30 68.13
C SER K 195 -39.15 47.21 69.55
N SER K 196 -39.68 46.31 70.37
CA SER K 196 -39.22 46.18 71.74
C SER K 196 -37.76 45.77 71.79
N SER K 197 -37.34 44.88 70.90
CA SER K 197 -35.96 44.41 70.89
C SER K 197 -34.96 45.52 70.56
N LEU K 198 -35.42 46.63 69.95
CA LEU K 198 -34.50 47.72 69.63
C LEU K 198 -33.91 48.33 70.90
N GLY K 199 -34.73 48.51 71.93
CA GLY K 199 -34.29 49.10 73.18
C GLY K 199 -33.60 48.18 74.15
N THR K 200 -33.51 46.87 73.84
CA THR K 200 -32.98 45.89 74.77
C THR K 200 -31.84 45.05 74.20
N GLN K 201 -31.92 44.64 72.94
CA GLN K 201 -31.02 43.64 72.39
C GLN K 201 -29.79 44.27 71.76
N THR K 202 -28.71 43.49 71.73
CA THR K 202 -27.50 43.88 71.02
C THR K 202 -27.60 43.49 69.56
N TYR K 203 -27.13 44.39 68.68
CA TYR K 203 -27.09 44.14 67.25
C TYR K 203 -25.72 44.51 66.69
N ILE K 204 -25.18 43.63 65.86
CA ILE K 204 -23.86 43.78 65.27
C ILE K 204 -23.92 43.25 63.85
N CYS K 205 -23.11 43.83 62.96
CA CYS K 205 -22.77 43.22 61.68
C CYS K 205 -21.29 42.87 61.72
N ASN K 206 -20.99 41.57 61.76
CA ASN K 206 -19.62 41.09 61.72
C ASN K 206 -19.17 41.12 60.26
N VAL K 207 -18.64 42.27 59.85
CA VAL K 207 -18.20 42.50 58.47
C VAL K 207 -16.72 42.18 58.39
N ASN K 208 -16.33 41.39 57.39
CA ASN K 208 -14.94 41.07 57.15
C ASN K 208 -14.71 41.00 55.64
N HIS K 209 -13.53 41.46 55.20
CA HIS K 209 -13.18 41.57 53.78
C HIS K 209 -11.82 40.91 53.58
N LYS K 210 -11.83 39.71 53.01
CA LYS K 210 -10.62 38.90 52.94
C LYS K 210 -9.47 39.56 52.17
N PRO K 211 -9.66 40.18 51.01
CA PRO K 211 -8.50 40.75 50.30
C PRO K 211 -7.74 41.80 51.10
N SER K 212 -8.46 42.62 51.88
CA SER K 212 -7.82 43.60 52.76
C SER K 212 -7.65 43.09 54.19
N ASN K 213 -8.34 42.00 54.55
CA ASN K 213 -8.31 41.43 55.91
C ASN K 213 -8.77 42.42 56.97
N THR K 214 -9.56 43.42 56.58
CA THR K 214 -10.18 44.32 57.53
C THR K 214 -11.48 43.71 58.04
N LYS K 215 -11.70 43.82 59.35
CA LYS K 215 -12.90 43.27 59.98
C LYS K 215 -13.47 44.29 60.94
N VAL K 216 -14.79 44.51 60.87
CA VAL K 216 -15.49 45.46 61.72
C VAL K 216 -16.77 44.82 62.22
N ASP K 217 -16.98 44.88 63.54
CA ASP K 217 -18.23 44.45 64.17
C ASP K 217 -19.09 45.68 64.45
N LYS K 218 -19.64 46.24 63.38
CA LYS K 218 -20.32 47.52 63.46
C LYS K 218 -21.65 47.40 64.21
N ARG K 219 -21.89 48.31 65.14
CA ARG K 219 -23.14 48.34 65.88
C ARG K 219 -24.26 48.91 65.02
N VAL K 220 -25.47 48.39 65.23
CA VAL K 220 -26.65 48.81 64.48
C VAL K 220 -27.67 49.40 65.44
N GLU K 221 -27.65 48.93 66.68
CA GLU K 221 -28.58 49.44 67.69
C GLU K 221 -28.53 50.95 67.95
N PRO K 222 -27.35 51.64 67.96
CA PRO K 222 -27.31 52.96 68.64
C PRO K 222 -28.32 54.00 68.17
N LYS K 223 -28.59 54.10 66.87
CA LYS K 223 -29.59 55.05 66.38
C LYS K 223 -30.98 54.41 66.33
N SER K 224 -31.44 53.99 67.52
CA SER K 224 -32.83 53.60 67.72
C SER K 224 -33.65 54.79 68.19
N CYS K 225 -33.58 55.88 67.42
CA CYS K 225 -34.19 57.14 67.79
C CYS K 225 -34.64 57.91 66.55
N GLU L 1 -31.24 44.04 14.31
CA GLU L 1 -32.45 44.54 13.62
C GLU L 1 -33.67 43.69 13.98
N ILE L 2 -33.45 42.41 14.24
CA ILE L 2 -34.48 41.47 14.67
C ILE L 2 -34.38 41.33 16.18
N VAL L 3 -35.47 41.61 16.88
CA VAL L 3 -35.51 41.62 18.34
C VAL L 3 -36.49 40.55 18.80
N LEU L 4 -36.06 39.70 19.70
CA LEU L 4 -36.90 38.68 20.32
C LEU L 4 -37.36 39.18 21.68
N THR L 5 -38.65 39.46 21.81
CA THR L 5 -39.26 39.77 23.08
C THR L 5 -39.79 38.47 23.69
N GLN L 6 -39.15 38.03 24.76
CA GLN L 6 -39.54 36.79 25.44
C GLN L 6 -40.37 37.13 26.67
N SER L 7 -41.57 36.57 26.74
CA SER L 7 -42.56 36.90 27.74
C SER L 7 -43.17 35.61 28.28
N PRO L 8 -43.61 35.58 29.56
CA PRO L 8 -43.52 36.59 30.62
C PRO L 8 -42.18 36.60 31.33
N ALA L 9 -41.99 37.56 32.23
CA ALA L 9 -40.72 37.66 32.94
C ALA L 9 -40.48 36.44 33.82
N THR L 10 -41.52 35.95 34.48
CA THR L 10 -41.37 34.86 35.44
C THR L 10 -42.64 34.03 35.44
N LEU L 11 -42.48 32.72 35.61
CA LEU L 11 -43.58 31.76 35.62
C LEU L 11 -43.51 30.95 36.90
N SER L 12 -44.53 31.10 37.75
CA SER L 12 -44.64 30.32 38.97
C SER L 12 -45.39 29.03 38.69
N ALA L 13 -44.90 27.94 39.26
CA ALA L 13 -45.51 26.63 39.07
C ALA L 13 -45.05 25.69 40.17
N SER L 14 -45.69 24.53 40.23
CA SER L 14 -45.41 23.47 41.18
C SER L 14 -44.94 22.23 40.42
N PRO L 15 -44.22 21.32 41.08
CA PRO L 15 -43.60 20.21 40.34
C PRO L 15 -44.64 19.32 39.64
N GLY L 16 -44.26 18.85 38.45
CA GLY L 16 -45.09 17.95 37.68
C GLY L 16 -46.05 18.62 36.72
N GLU L 17 -46.20 19.94 36.77
CA GLU L 17 -47.17 20.63 35.93
C GLU L 17 -46.66 20.77 34.50
N ARG L 18 -47.58 21.11 33.61
CA ARG L 18 -47.23 21.61 32.28
C ARG L 18 -47.08 23.12 32.35
N VAL L 19 -45.98 23.63 31.78
CA VAL L 19 -45.65 25.04 31.80
C VAL L 19 -45.24 25.46 30.40
N THR L 20 -45.63 26.66 30.00
CA THR L 20 -45.44 27.16 28.64
C THR L 20 -44.65 28.46 28.68
N LEU L 21 -43.72 28.60 27.73
CA LEU L 21 -42.93 29.79 27.54
C LEU L 21 -43.06 30.25 26.09
N THR L 22 -43.05 31.56 25.88
CA THR L 22 -43.33 32.15 24.58
C THR L 22 -42.18 33.08 24.18
N CYS L 23 -41.92 33.13 22.88
CA CYS L 23 -40.93 34.01 22.29
C CYS L 23 -41.56 34.71 21.10
N ARG L 24 -41.53 36.04 21.11
CA ARG L 24 -42.16 36.87 20.09
C ARG L 24 -41.08 37.47 19.20
N ALA L 25 -41.21 37.26 17.89
CA ALA L 25 -40.28 37.83 16.92
C ALA L 25 -40.79 39.20 16.48
N SER L 26 -39.86 40.15 16.34
CA SER L 26 -40.24 41.47 15.84
C SER L 26 -40.80 41.39 14.43
N ARG L 27 -40.20 40.57 13.59
CA ARG L 27 -40.77 40.23 12.29
C ARG L 27 -40.40 38.79 11.98
N SER L 28 -40.77 38.34 10.78
CA SER L 28 -40.69 36.93 10.45
C SER L 28 -39.26 36.40 10.51
N VAL L 29 -39.11 35.19 11.04
CA VAL L 29 -37.82 34.53 11.14
C VAL L 29 -37.92 33.10 10.61
N ARG L 30 -38.92 32.83 9.77
CA ARG L 30 -39.17 31.48 9.27
C ARG L 30 -39.32 30.51 10.45
N ASN L 31 -38.83 29.27 10.31
CA ASN L 31 -38.73 28.35 11.42
C ASN L 31 -37.36 28.41 12.10
N ASN L 32 -36.59 29.47 11.85
CA ASN L 32 -35.19 29.55 12.28
C ASN L 32 -35.12 30.06 13.73
N VAL L 33 -35.51 29.18 14.66
CA VAL L 33 -35.59 29.51 16.08
C VAL L 33 -35.04 28.34 16.87
N ALA L 34 -34.58 28.62 18.10
CA ALA L 34 -34.07 27.59 18.99
C ALA L 34 -34.37 27.99 20.43
N TRP L 35 -34.12 27.05 21.34
CA TRP L 35 -34.32 27.24 22.77
C TRP L 35 -33.17 26.60 23.53
N TYR L 36 -32.85 27.16 24.69
CA TYR L 36 -31.75 26.68 25.52
C TYR L 36 -32.14 26.69 26.98
N GLN L 37 -31.48 25.81 27.74
CA GLN L 37 -31.55 25.85 29.20
C GLN L 37 -30.33 26.59 29.73
N HIS L 38 -30.55 27.36 30.80
CA HIS L 38 -29.49 28.11 31.48
C HIS L 38 -29.48 27.67 32.93
N LYS L 39 -28.38 27.05 33.35
CA LYS L 39 -28.25 26.53 34.69
C LYS L 39 -27.96 27.69 35.65
N GLY L 40 -27.63 27.37 36.90
CA GLY L 40 -27.28 28.39 37.86
C GLY L 40 -25.86 28.88 37.66
N GLY L 41 -25.63 29.63 36.60
CA GLY L 41 -24.31 30.15 36.31
C GLY L 41 -23.36 29.09 35.81
N GLN L 42 -23.69 28.47 34.68
CA GLN L 42 -22.84 27.47 34.07
C GLN L 42 -22.99 27.62 32.55
N SER L 43 -22.45 26.66 31.82
CA SER L 43 -22.62 26.65 30.38
C SER L 43 -24.10 26.46 30.05
N PRO L 44 -24.71 27.32 29.24
CA PRO L 44 -26.04 27.01 28.73
C PRO L 44 -26.04 25.72 27.95
N ARG L 45 -27.24 25.15 27.77
CA ARG L 45 -27.40 23.85 27.15
C ARG L 45 -28.54 23.90 26.14
N LEU L 46 -28.41 23.09 25.10
CA LEU L 46 -29.37 23.09 24.00
C LEU L 46 -30.57 22.22 24.33
N LEU L 47 -31.77 22.73 24.05
CA LEU L 47 -33.01 21.99 24.23
C LEU L 47 -33.70 21.72 22.90
N ILE L 48 -34.03 22.76 22.14
CA ILE L 48 -34.76 22.65 20.88
C ILE L 48 -34.09 23.60 19.90
N TYR L 49 -33.63 23.08 18.77
CA TYR L 49 -32.74 23.80 17.87
C TYR L 49 -33.39 24.27 16.58
N ASP L 50 -34.39 23.55 16.06
CA ASP L 50 -35.34 24.11 15.11
C ASP L 50 -36.60 24.51 15.86
N ALA L 51 -37.63 24.93 15.12
CA ALA L 51 -38.81 25.50 15.76
C ALA L 51 -39.50 24.50 16.67
N SER L 52 -39.40 23.20 16.36
CA SER L 52 -40.05 22.17 17.16
C SER L 52 -39.13 20.99 17.48
N THR L 53 -38.13 20.75 16.65
CA THR L 53 -37.32 19.54 16.78
C THR L 53 -36.49 19.58 18.06
N ARG L 54 -36.66 18.58 18.91
CA ARG L 54 -35.89 18.50 20.14
C ARG L 54 -34.46 18.07 19.84
N ALA L 55 -33.52 18.60 20.61
CA ALA L 55 -32.12 18.28 20.43
C ALA L 55 -31.81 16.91 21.04
N ALA L 56 -30.69 16.35 20.60
CA ALA L 56 -30.28 15.03 21.06
C ALA L 56 -29.96 15.06 22.55
N GLY L 57 -30.28 13.96 23.24
CA GLY L 57 -29.97 13.81 24.64
C GLY L 57 -30.90 14.54 25.59
N VAL L 58 -31.83 15.33 25.08
CA VAL L 58 -32.74 16.10 25.92
C VAL L 58 -33.84 15.15 26.41
N PRO L 59 -34.37 15.31 27.63
CA PRO L 59 -35.53 14.50 28.02
C PRO L 59 -36.74 14.80 27.14
N ALA L 60 -37.58 13.78 26.96
CA ALA L 60 -38.73 13.90 26.08
C ALA L 60 -39.76 14.91 26.58
N ARG L 61 -39.75 15.23 27.87
CA ARG L 61 -40.73 16.17 28.41
C ARG L 61 -40.60 17.57 27.81
N PHE L 62 -39.45 17.91 27.24
CA PHE L 62 -39.28 19.20 26.58
C PHE L 62 -39.89 19.17 25.19
N SER L 63 -40.56 20.26 24.82
CA SER L 63 -41.25 20.31 23.55
C SER L 63 -41.49 21.77 23.17
N GLY L 64 -41.72 21.99 21.88
CA GLY L 64 -42.03 23.30 21.36
C GLY L 64 -42.56 23.20 19.96
N SER L 65 -43.12 24.30 19.47
CA SER L 65 -43.76 24.31 18.17
C SER L 65 -43.78 25.72 17.61
N ALA L 66 -43.84 25.81 16.29
CA ALA L 66 -43.98 27.09 15.61
C ALA L 66 -45.42 27.56 15.65
N SER L 67 -45.59 28.88 15.71
CA SER L 67 -46.91 29.51 15.72
C SER L 67 -46.90 30.71 14.78
N GLY L 68 -46.35 30.53 13.58
CA GLY L 68 -46.20 31.61 12.64
C GLY L 68 -44.97 32.44 12.93
N THR L 69 -45.16 33.64 13.49
CA THR L 69 -44.07 34.45 14.00
C THR L 69 -43.87 34.29 15.50
N GLU L 70 -44.87 33.81 16.22
CA GLU L 70 -44.70 33.44 17.62
C GLU L 70 -44.11 32.03 17.71
N PHE L 71 -43.31 31.81 18.75
CA PHE L 71 -42.68 30.52 19.01
C PHE L 71 -42.85 30.19 20.48
N THR L 72 -43.06 28.91 20.77
CA THR L 72 -43.51 28.50 22.09
C THR L 72 -42.78 27.24 22.52
N LEU L 73 -42.21 27.28 23.72
CA LEU L 73 -41.60 26.13 24.37
C LEU L 73 -42.54 25.62 25.45
N ALA L 74 -42.81 24.32 25.44
CA ALA L 74 -43.71 23.68 26.39
C ALA L 74 -42.99 22.51 27.04
N ILE L 75 -42.96 22.50 28.37
CA ILE L 75 -42.45 21.38 29.15
C ILE L 75 -43.64 20.69 29.81
N SER L 76 -43.75 19.38 29.59
CA SER L 76 -44.93 18.66 30.04
C SER L 76 -44.98 18.51 31.56
N ASN L 77 -43.86 18.10 32.15
CA ASN L 77 -43.75 17.83 33.59
C ASN L 77 -42.60 18.66 34.14
N LEU L 78 -42.92 19.87 34.60
CA LEU L 78 -41.90 20.76 35.14
C LEU L 78 -41.36 20.16 36.43
N GLU L 79 -40.15 19.61 36.37
CA GLU L 79 -39.56 18.91 37.50
C GLU L 79 -38.91 19.91 38.46
N SER L 80 -38.32 19.38 39.53
CA SER L 80 -37.64 20.23 40.50
C SER L 80 -36.43 20.92 39.87
N GLU L 81 -35.68 20.20 39.04
CA GLU L 81 -34.47 20.77 38.48
C GLU L 81 -34.76 21.84 37.45
N ASP L 82 -35.93 21.82 36.82
CA ASP L 82 -36.25 22.72 35.72
C ASP L 82 -36.66 24.12 36.19
N PHE L 83 -36.74 24.37 37.50
CA PHE L 83 -37.02 25.70 38.01
C PHE L 83 -35.76 26.55 37.85
N THR L 84 -35.54 27.01 36.62
CA THR L 84 -34.35 27.78 36.29
C THR L 84 -34.70 28.70 35.11
N VAL L 85 -33.67 29.28 34.49
CA VAL L 85 -33.83 30.28 33.45
C VAL L 85 -33.71 29.63 32.09
N TYR L 86 -34.54 30.09 31.15
CA TYR L 86 -34.50 29.64 29.76
C TYR L 86 -34.61 30.86 28.86
N PHE L 87 -33.93 30.80 27.72
CA PHE L 87 -33.95 31.91 26.76
C PHE L 87 -34.08 31.37 25.35
N CYS L 88 -34.82 32.12 24.52
CA CYS L 88 -35.02 31.78 23.12
C CYS L 88 -33.97 32.48 22.24
N LEU L 89 -33.93 32.08 20.98
CA LEU L 89 -32.89 32.52 20.06
C LEU L 89 -33.38 32.34 18.64
N GLN L 90 -33.08 33.33 17.78
CA GLN L 90 -33.43 33.27 16.37
C GLN L 90 -32.16 33.34 15.54
N TYR L 91 -32.21 32.75 14.34
CA TYR L 91 -31.06 32.71 13.46
C TYR L 91 -31.46 32.87 12.00
N ASN L 92 -32.60 33.51 11.73
CA ASN L 92 -32.96 33.85 10.37
C ASN L 92 -32.12 34.99 9.80
N ASN L 93 -31.49 35.78 10.66
CA ASN L 93 -30.76 36.98 10.27
C ASN L 93 -29.53 37.01 11.17
N TRP L 94 -28.89 38.17 11.31
CA TRP L 94 -27.88 38.34 12.35
C TRP L 94 -28.39 37.84 13.69
N TRP L 95 -27.46 37.31 14.47
CA TRP L 95 -27.78 36.55 15.67
C TRP L 95 -28.28 37.52 16.74
N THR L 96 -29.29 37.10 17.51
CA THR L 96 -29.75 37.89 18.63
C THR L 96 -30.28 36.95 19.71
N PHE L 97 -30.41 37.49 20.92
CA PHE L 97 -30.79 36.72 22.09
C PHE L 97 -31.93 37.42 22.81
N GLY L 98 -32.83 36.62 23.37
CA GLY L 98 -33.90 37.16 24.19
C GLY L 98 -33.46 37.38 25.62
N GLN L 99 -34.30 38.11 26.37
CA GLN L 99 -33.97 38.43 27.75
C GLN L 99 -33.96 37.20 28.65
N GLY L 100 -34.61 36.12 28.25
CA GLY L 100 -34.72 34.94 29.08
C GLY L 100 -35.83 35.05 30.11
N THR L 101 -36.31 33.90 30.54
CA THR L 101 -37.43 33.80 31.48
C THR L 101 -37.09 32.80 32.58
N ARG L 102 -37.38 33.18 33.82
CA ARG L 102 -37.17 32.32 34.97
C ARG L 102 -38.43 31.51 35.26
N VAL L 103 -38.24 30.29 35.72
CA VAL L 103 -39.31 29.42 36.21
C VAL L 103 -39.01 29.11 37.67
N ASP L 104 -39.98 29.36 38.54
CA ASP L 104 -39.74 29.36 39.98
C ASP L 104 -40.90 28.71 40.70
N ILE L 105 -40.69 28.47 42.00
CA ILE L 105 -41.65 27.72 42.80
C ILE L 105 -42.88 28.58 43.06
N LYS L 106 -44.06 27.94 43.04
CA LYS L 106 -45.31 28.62 43.29
C LYS L 106 -45.67 28.58 44.78
N ARG L 107 -46.43 29.59 45.19
CA ARG L 107 -46.93 29.67 46.56
C ARG L 107 -48.12 30.64 46.58
N THR L 108 -48.54 31.03 47.78
CA THR L 108 -49.55 32.04 47.93
C THR L 108 -48.96 33.43 47.69
N VAL L 109 -49.84 34.36 47.31
CA VAL L 109 -49.43 35.75 47.14
C VAL L 109 -49.14 36.35 48.50
N ALA L 110 -48.13 37.22 48.58
CA ALA L 110 -47.74 37.85 49.83
C ALA L 110 -47.07 39.18 49.52
N ALA L 111 -47.51 40.23 50.20
CA ALA L 111 -46.99 41.55 49.98
C ALA L 111 -45.66 41.74 50.73
N PRO L 112 -44.85 42.73 50.32
CA PRO L 112 -43.62 43.01 51.08
C PRO L 112 -43.89 43.80 52.35
N SER L 113 -43.05 43.54 53.34
CA SER L 113 -42.95 44.41 54.51
C SER L 113 -42.02 45.55 54.14
N VAL L 114 -42.58 46.76 54.03
CA VAL L 114 -41.87 47.89 53.43
C VAL L 114 -41.22 48.71 54.53
N PHE L 115 -39.97 49.09 54.31
CA PHE L 115 -39.23 49.95 55.23
C PHE L 115 -38.41 50.95 54.42
N ILE L 116 -38.05 52.05 55.08
CA ILE L 116 -37.21 53.09 54.50
C ILE L 116 -36.12 53.43 55.49
N PHE L 117 -34.98 53.89 54.97
CA PHE L 117 -33.82 54.26 55.77
C PHE L 117 -33.20 55.55 55.26
N PRO L 118 -33.04 56.59 56.08
CA PRO L 118 -32.25 57.74 55.64
C PRO L 118 -30.78 57.41 55.61
N PRO L 119 -29.92 58.30 55.09
CA PRO L 119 -28.48 58.05 55.17
C PRO L 119 -28.02 58.03 56.61
N SER L 120 -27.02 57.19 56.88
CA SER L 120 -26.35 57.26 58.17
C SER L 120 -25.66 58.60 58.30
N ASP L 121 -25.85 59.26 59.44
CA ASP L 121 -25.14 60.51 59.69
C ASP L 121 -23.64 60.26 59.76
N GLU L 122 -23.23 59.05 60.15
CA GLU L 122 -21.83 58.67 60.02
C GLU L 122 -21.41 58.65 58.57
N GLN L 123 -22.30 58.20 57.68
CA GLN L 123 -21.99 58.24 56.25
C GLN L 123 -22.08 59.66 55.70
N LEU L 124 -23.05 60.44 56.18
CA LEU L 124 -23.37 61.71 55.55
C LEU L 124 -22.23 62.72 55.66
N LYS L 125 -21.36 62.58 56.66
CA LYS L 125 -20.24 63.51 56.80
C LYS L 125 -19.31 63.43 55.60
N SER L 126 -19.13 62.23 55.03
CA SER L 126 -18.35 62.09 53.80
C SER L 126 -19.11 62.59 52.57
N GLY L 127 -20.40 62.85 52.67
CA GLY L 127 -21.20 63.31 51.56
C GLY L 127 -21.71 62.22 50.64
N THR L 128 -21.42 60.96 50.91
CA THR L 128 -21.92 59.84 50.11
C THR L 128 -23.31 59.44 50.60
N ALA L 129 -24.24 60.38 50.50
CA ALA L 129 -25.59 60.18 51.01
C ALA L 129 -26.29 59.05 50.26
N SER L 130 -26.54 57.94 50.94
CA SER L 130 -27.22 56.78 50.38
C SER L 130 -28.53 56.58 51.13
N VAL L 131 -29.62 56.44 50.38
CA VAL L 131 -30.95 56.26 50.93
C VAL L 131 -31.44 54.90 50.43
N VAL L 132 -32.07 54.13 51.31
CA VAL L 132 -32.32 52.71 51.09
C VAL L 132 -33.79 52.39 51.38
N CYS L 133 -34.38 51.53 50.54
CA CYS L 133 -35.67 50.91 50.81
C CYS L 133 -35.44 49.46 51.24
N LEU L 134 -36.53 48.77 51.54
CA LEU L 134 -36.48 47.32 51.75
C LEU L 134 -37.87 46.75 51.49
N LEU L 135 -37.91 45.67 50.71
CA LEU L 135 -39.15 44.96 50.36
C LEU L 135 -38.90 43.48 50.66
N ASN L 136 -39.27 43.06 51.86
CA ASN L 136 -38.86 41.78 52.41
C ASN L 136 -40.02 40.79 52.41
N ASN L 137 -39.76 39.58 51.89
CA ASN L 137 -40.68 38.45 51.98
C ASN L 137 -42.03 38.77 51.30
N PHE L 138 -41.95 38.95 49.98
CA PHE L 138 -43.12 39.15 49.14
C PHE L 138 -43.21 38.03 48.12
N TYR L 139 -44.35 37.99 47.42
CA TYR L 139 -44.56 37.04 46.34
C TYR L 139 -45.70 37.56 45.48
N PRO L 140 -45.63 37.44 44.14
CA PRO L 140 -44.63 36.87 43.22
C PRO L 140 -43.49 37.83 42.89
N ARG L 141 -42.64 37.43 41.93
CA ARG L 141 -41.47 38.22 41.56
C ARG L 141 -41.86 39.61 41.09
N GLU L 142 -43.04 39.76 40.50
CA GLU L 142 -43.46 41.04 39.93
C GLU L 142 -43.49 42.13 41.00
N ALA L 143 -42.60 43.11 40.87
CA ALA L 143 -42.52 44.20 41.83
C ALA L 143 -41.80 45.37 41.19
N LYS L 144 -41.97 46.55 41.79
CA LYS L 144 -41.22 47.73 41.39
C LYS L 144 -41.15 48.67 42.58
N VAL L 145 -40.13 49.52 42.56
CA VAL L 145 -39.92 50.54 43.58
C VAL L 145 -39.57 51.84 42.88
N GLN L 146 -40.18 52.94 43.34
CA GLN L 146 -39.97 54.27 42.78
C GLN L 146 -39.45 55.18 43.87
N TRP L 147 -38.28 55.79 43.62
CA TRP L 147 -37.71 56.76 44.54
C TRP L 147 -38.36 58.11 44.32
N LYS L 148 -39.06 58.61 45.34
CA LYS L 148 -39.71 59.91 45.29
C LYS L 148 -39.18 60.74 46.46
N VAL L 149 -38.31 61.70 46.14
CA VAL L 149 -37.79 62.66 47.12
C VAL L 149 -38.30 64.03 46.71
N ASP L 150 -38.42 64.92 47.68
CA ASP L 150 -39.09 66.21 47.46
C ASP L 150 -40.51 65.86 47.00
N ASN L 151 -41.07 66.59 46.03
CA ASN L 151 -42.35 66.25 45.41
C ASN L 151 -42.18 65.60 44.04
N ALA L 152 -40.97 65.14 43.71
CA ALA L 152 -40.61 64.71 42.37
C ALA L 152 -40.11 63.28 42.37
N LEU L 153 -40.49 62.53 41.34
CA LEU L 153 -39.91 61.22 41.10
C LEU L 153 -38.44 61.35 40.73
N GLN L 154 -37.67 60.30 41.06
CA GLN L 154 -36.25 60.26 40.80
C GLN L 154 -35.90 59.01 40.00
N SER L 155 -34.87 59.13 39.16
CA SER L 155 -34.47 58.04 38.27
C SER L 155 -32.98 58.20 37.94
N GLY L 156 -32.41 57.12 37.45
CA GLY L 156 -31.00 57.14 37.03
C GLY L 156 -29.99 56.93 38.12
N ASN L 157 -30.11 57.68 39.23
CA ASN L 157 -29.17 57.61 40.33
C ASN L 157 -29.59 56.61 41.41
N SER L 158 -30.29 55.55 41.02
CA SER L 158 -30.77 54.53 41.95
C SER L 158 -30.43 53.15 41.40
N GLN L 159 -30.44 52.17 42.30
CA GLN L 159 -30.12 50.79 41.93
C GLN L 159 -30.86 49.85 42.88
N GLU L 160 -31.11 48.64 42.39
CA GLU L 160 -31.91 47.64 43.10
C GLU L 160 -31.14 46.33 43.21
N SER L 161 -31.62 45.47 44.10
CA SER L 161 -31.09 44.13 44.26
C SER L 161 -32.20 43.23 44.78
N VAL L 162 -32.27 42.00 44.25
CA VAL L 162 -33.35 41.06 44.54
C VAL L 162 -32.73 39.71 44.87
N THR L 163 -33.23 39.10 45.94
CA THR L 163 -32.74 37.79 46.37
C THR L 163 -33.45 36.68 45.59
N GLU L 164 -32.89 35.49 45.68
CA GLU L 164 -33.59 34.28 45.28
C GLU L 164 -34.77 34.05 46.22
N GLN L 165 -35.75 33.28 45.76
CA GLN L 165 -36.82 32.87 46.65
C GLN L 165 -36.23 32.17 47.88
N ASP L 166 -36.63 32.62 49.06
CA ASP L 166 -36.16 31.99 50.28
C ASP L 166 -36.63 30.54 50.29
N SER L 167 -35.69 29.63 50.59
CA SER L 167 -35.93 28.21 50.39
C SER L 167 -37.09 27.69 51.23
N LYS L 168 -37.34 28.31 52.40
CA LYS L 168 -38.33 27.78 53.32
C LYS L 168 -39.75 28.17 52.90
N ASP L 169 -39.98 29.47 52.67
CA ASP L 169 -41.31 30.00 52.36
C ASP L 169 -41.43 30.58 50.95
N SER L 170 -40.39 30.47 50.12
CA SER L 170 -40.46 30.79 48.70
C SER L 170 -40.82 32.26 48.43
N THR L 171 -40.57 33.17 49.36
CA THR L 171 -40.83 34.59 49.16
C THR L 171 -39.53 35.32 48.83
N TYR L 172 -39.62 36.26 47.88
CA TYR L 172 -38.48 37.08 47.52
C TYR L 172 -38.25 38.17 48.56
N SER L 173 -37.06 38.78 48.48
CA SER L 173 -36.74 39.99 49.22
C SER L 173 -35.99 40.92 48.28
N LEU L 174 -36.37 42.20 48.30
CA LEU L 174 -35.84 43.21 47.39
C LEU L 174 -35.43 44.44 48.19
N SER L 175 -34.34 45.07 47.78
CA SER L 175 -33.91 46.35 48.32
C SER L 175 -33.53 47.28 47.18
N SER L 176 -33.74 48.58 47.42
CA SER L 176 -33.38 49.63 46.47
C SER L 176 -32.53 50.66 47.18
N THR L 177 -31.67 51.31 46.41
CA THR L 177 -30.74 52.31 46.91
C THR L 177 -30.81 53.54 46.01
N LEU L 178 -30.65 54.72 46.63
CA LEU L 178 -30.54 55.99 45.93
C LEU L 178 -29.20 56.62 46.29
N THR L 179 -28.50 57.13 45.28
CA THR L 179 -27.20 57.74 45.45
C THR L 179 -27.36 59.25 45.37
N LEU L 180 -26.85 59.96 46.38
CA LEU L 180 -26.95 61.41 46.46
C LEU L 180 -25.68 61.97 47.07
N SER L 181 -25.29 63.17 46.60
CA SER L 181 -24.23 63.92 47.24
C SER L 181 -24.78 64.65 48.46
N LYS L 182 -23.87 65.26 49.23
CA LYS L 182 -24.28 65.98 50.43
C LYS L 182 -25.17 67.17 50.05
N ALA L 183 -24.77 67.93 49.05
CA ALA L 183 -25.62 69.02 48.56
C ALA L 183 -26.90 68.47 47.97
N ASP L 184 -26.81 67.36 47.24
CA ASP L 184 -28.00 66.72 46.67
C ASP L 184 -28.94 66.27 47.78
N TYR L 185 -28.40 65.68 48.85
CA TYR L 185 -29.23 65.28 49.97
C TYR L 185 -29.86 66.48 50.67
N GLU L 186 -29.10 67.56 50.82
CA GLU L 186 -29.60 68.72 51.56
C GLU L 186 -30.63 69.50 50.76
N LYS L 187 -30.47 69.56 49.43
CA LYS L 187 -31.34 70.38 48.60
C LYS L 187 -32.79 69.89 48.62
N HIS L 188 -33.02 68.60 48.84
CA HIS L 188 -34.34 68.01 48.89
C HIS L 188 -34.69 67.60 50.31
N LYS L 189 -35.98 67.72 50.64
CA LYS L 189 -36.47 67.62 52.01
C LYS L 189 -37.30 66.36 52.24
N VAL L 190 -38.31 66.13 51.42
CA VAL L 190 -39.12 64.92 51.53
C VAL L 190 -38.37 63.77 50.90
N TYR L 191 -38.47 62.59 51.52
CA TYR L 191 -37.84 61.38 51.02
C TYR L 191 -38.82 60.23 51.20
N ALA L 192 -39.01 59.42 50.15
CA ALA L 192 -40.04 58.39 50.17
C ALA L 192 -39.65 57.21 49.29
N CYS L 193 -39.97 56.01 49.79
CA CYS L 193 -39.93 54.78 49.01
C CYS L 193 -41.35 54.40 48.64
N GLU L 194 -41.68 54.51 47.35
CA GLU L 194 -42.99 54.14 46.85
C GLU L 194 -42.90 52.72 46.30
N VAL L 195 -43.73 51.83 46.83
CA VAL L 195 -43.68 50.40 46.55
C VAL L 195 -44.98 50.00 45.87
N THR L 196 -44.87 49.38 44.69
CA THR L 196 -45.99 48.79 43.98
C THR L 196 -45.69 47.32 43.74
N HIS L 197 -46.54 46.45 44.27
CA HIS L 197 -46.37 45.01 44.17
C HIS L 197 -47.74 44.37 44.05
N GLN L 198 -47.79 43.26 43.30
CA GLN L 198 -49.08 42.70 42.87
C GLN L 198 -49.96 42.33 44.06
N GLY L 199 -49.36 41.86 45.15
CA GLY L 199 -50.09 41.60 46.38
C GLY L 199 -50.53 42.83 47.14
N LEU L 200 -50.17 44.03 46.67
CA LEU L 200 -50.60 45.29 47.26
C LEU L 200 -51.56 46.00 46.32
N SER L 201 -52.66 46.51 46.87
CA SER L 201 -53.70 47.11 46.03
C SER L 201 -53.26 48.45 45.47
N SER L 202 -52.67 49.29 46.30
CA SER L 202 -52.29 50.65 45.97
C SER L 202 -50.85 50.85 46.38
N PRO L 203 -50.15 51.86 45.80
CA PRO L 203 -48.73 52.02 46.16
C PRO L 203 -48.51 52.36 47.62
N VAL L 204 -47.91 51.42 48.35
CA VAL L 204 -47.57 51.63 49.75
C VAL L 204 -46.29 52.44 49.82
N THR L 205 -46.33 53.55 50.54
CA THR L 205 -45.22 54.52 50.59
C THR L 205 -44.73 54.65 52.02
N LYS L 206 -43.45 54.41 52.23
CA LYS L 206 -42.75 54.72 53.47
C LYS L 206 -41.88 55.94 53.21
N SER L 207 -41.99 56.95 54.08
CA SER L 207 -41.37 58.23 53.82
C SER L 207 -40.92 58.87 55.13
N PHE L 208 -40.07 59.89 54.98
CA PHE L 208 -39.51 60.62 56.11
C PHE L 208 -39.10 61.99 55.63
N ASN L 209 -38.62 62.80 56.57
CA ASN L 209 -37.96 64.06 56.27
C ASN L 209 -36.64 64.11 57.02
N ARG L 210 -35.70 64.90 56.49
CA ARG L 210 -34.36 64.95 57.05
C ARG L 210 -34.38 65.50 58.47
N GLY L 211 -33.64 64.85 59.36
CA GLY L 211 -33.58 65.23 60.75
C GLY L 211 -34.64 64.53 61.58
C1 NAG M . -6.41 28.86 -17.25
C2 NAG M . -6.29 29.58 -18.58
C3 NAG M . -5.01 29.11 -19.27
C4 NAG M . -3.80 29.13 -18.35
C5 NAG M . -4.10 28.72 -16.90
C6 NAG M . -3.06 29.23 -15.92
C7 NAG M . -7.67 30.04 -20.54
C8 NAG M . -8.91 29.68 -21.30
N2 NAG M . -7.45 29.35 -19.42
O3 NAG M . -4.75 29.95 -20.40
O4 NAG M . -2.87 28.15 -18.85
O5 NAG M . -5.36 29.23 -16.44
O6 NAG M . -3.59 29.28 -14.60
O7 NAG M . -6.91 30.92 -20.93
C1 NAG M . -1.53 28.62 -19.10
C2 NAG M . -0.64 27.38 -19.21
C3 NAG M . 0.80 27.78 -19.52
C4 NAG M . 0.84 28.66 -20.76
C5 NAG M . -0.12 29.84 -20.60
C6 NAG M . -0.24 30.67 -21.86
C7 NAG M . -0.31 26.95 -16.80
C8 NAG M . -0.46 25.94 -15.70
N2 NAG M . -0.71 26.55 -18.02
O3 NAG M . 1.57 26.60 -19.73
O4 NAG M . 2.16 29.18 -20.94
O5 NAG M . -1.44 29.38 -20.30
O6 NAG M . -1.34 31.55 -21.80
O7 NAG M . 0.12 28.08 -16.60
C1 BMA M . 3.00 28.32 -21.74
C2 BMA M . 4.32 29.10 -21.95
C3 BMA M . 5.39 28.23 -22.59
C4 BMA M . 5.51 26.90 -21.85
C5 BMA M . 4.15 26.21 -21.87
C6 BMA M . 4.17 24.83 -21.23
O2 BMA M . 4.84 29.53 -20.71
O3 BMA M . 6.66 28.88 -22.63
O4 BMA M . 6.47 26.07 -22.50
O5 BMA M . 3.23 27.05 -21.13
O6 BMA M . 4.98 24.88 -20.06
C1 NAG N . 5.48 26.41 15.06
C2 NAG N . 4.51 26.32 16.23
C3 NAG N . 3.42 27.38 16.10
C4 NAG N . 4.04 28.76 15.94
C5 NAG N . 5.03 28.75 14.78
C6 NAG N . 5.78 30.06 14.64
C7 NAG N . 3.41 24.49 17.44
C8 NAG N . 2.84 23.11 17.34
N2 NAG N . 3.92 24.99 16.30
O3 NAG N . 2.59 27.35 17.24
O4 NAG N . 3.03 29.72 15.69
O5 NAG N . 6.02 27.74 14.98
O6 NAG N . 6.91 29.91 13.79
O7 NAG N . 3.41 25.12 18.48
C1 NAG N . 2.95 30.77 16.67
C2 NAG N . 2.24 31.95 16.04
C3 NAG N . 2.09 33.09 17.04
C4 NAG N . 1.43 32.60 18.32
C5 NAG N . 2.16 31.37 18.85
C6 NAG N . 1.46 30.74 20.02
C7 NAG N . 2.38 32.58 13.65
C8 NAG N . 3.28 33.05 12.56
N2 NAG N . 2.96 32.41 14.85
O3 NAG N . 1.30 34.13 16.46
O4 NAG N . 1.52 33.61 19.32
O5 NAG N . 2.24 30.36 17.83
O6 NAG N . 1.53 29.31 19.98
O7 NAG N . 1.19 32.36 13.46
C1 BMA N . 0.40 34.52 19.43
C2 BMA N . 0.18 34.71 20.92
C3 BMA N . -0.87 35.78 21.19
C4 BMA N . -0.60 37.04 20.38
C5 BMA N . -0.36 36.71 18.90
C6 BMA N . 0.06 37.95 18.10
O2 BMA N . 1.37 35.14 21.54
O3 BMA N . -0.91 36.16 22.59
O4 BMA N . -1.72 37.91 20.47
O5 BMA N . 0.70 35.75 18.81
O6 BMA N . 0.70 37.52 16.90
C1 MAN N . -1.53 35.18 23.45
C2 MAN N . -1.97 35.92 24.74
C3 MAN N . -0.76 36.28 25.57
C4 MAN N . 0.08 35.04 25.86
C5 MAN N . 0.51 34.40 24.54
C6 MAN N . 1.29 33.12 24.73
O2 MAN N . -2.78 35.09 25.57
O3 MAN N . -1.12 36.92 26.79
O4 MAN N . 1.24 35.40 26.61
O5 MAN N . -0.66 34.09 23.76
O6 MAN N . 1.83 32.74 23.47
C1 NAG O . -15.92 -5.61 29.45
C2 NAG O . -14.66 -4.84 29.72
C3 NAG O . -14.98 -3.60 30.56
C4 NAG O . -16.14 -2.80 30.00
C5 NAG O . -17.30 -3.71 29.56
C6 NAG O . -18.35 -2.99 28.75
C7 NAG O . -12.42 -5.29 30.65
C8 NAG O . -11.56 -6.29 31.37
N2 NAG O . -13.68 -5.68 30.40
O3 NAG O . -13.82 -2.77 30.60
O4 NAG O . -16.72 -2.03 31.05
O5 NAG O . -16.83 -4.80 28.75
O6 NAG O . -19.64 -3.14 29.34
O7 NAG O . -12.01 -4.19 30.33
C1 NAG O . -16.56 -0.57 31.34
C2 NAG O . -15.09 -0.19 31.38
C3 NAG O . -14.95 1.18 32.00
C4 NAG O . -15.89 2.19 31.34
C5 NAG O . -17.27 1.64 30.92
C6 NAG O . -17.93 2.49 29.85
C7 NAG O . -14.61 -1.81 33.20
C8 NAG O . -13.66 -2.86 33.66
N2 NAG O . -14.28 -1.18 32.07
O3 NAG O . -13.61 1.63 31.87
O4 NAG O . -16.15 3.20 32.32
O5 NAG O . -17.24 0.30 30.41
O6 NAG O . -16.98 3.35 29.22
O7 NAG O . -15.63 -1.53 33.85
C1 BMA O . -16.08 4.56 31.86
C2 BMA O . -15.30 5.33 32.96
C3 BMA O . -15.04 6.78 32.53
C4 BMA O . -14.47 6.85 31.13
C5 BMA O . -15.39 6.08 30.17
C6 BMA O . -14.92 6.13 28.73
O2 BMA O . -14.04 4.74 33.18
O3 BMA O . -14.16 7.44 33.44
O4 BMA O . -14.36 8.20 30.71
O5 BMA O . -15.45 4.71 30.59
O6 BMA O . -13.50 5.99 28.74
C1 NAG P . 3.28 -14.12 43.70
C2 NAG P . 4.68 -14.32 43.13
C3 NAG P . 5.43 -15.39 43.92
C4 NAG P . 5.39 -15.10 45.41
C5 NAG P . 3.95 -14.88 45.86
C6 NAG P . 3.84 -14.46 47.30
C7 NAG P . 4.49 -13.77 40.74
C8 NAG P . 4.45 -14.31 39.35
N2 NAG P . 4.62 -14.67 41.72
O3 NAG P . 6.78 -15.44 43.47
O4 NAG P . 5.91 -16.21 46.13
O5 NAG P . 3.35 -13.84 45.08
O6 NAG P . 2.59 -13.86 47.57
O7 NAG P . 4.40 -12.57 40.97
C1 NAG P . 7.12 -15.89 46.84
C2 NAG P . 7.44 -17.09 47.73
C3 NAG P . 8.75 -16.86 48.47
C4 NAG P . 9.86 -16.53 47.49
C5 NAG P . 9.45 -15.34 46.65
C6 NAG P . 10.46 -14.99 45.57
C7 NAG P . 5.40 -18.26 48.46
C8 NAG P . 4.37 -18.39 49.53
N2 NAG P . 6.36 -17.35 48.67
O3 NAG P . 9.08 -18.03 49.22
O4 NAG P . 11.07 -16.24 48.19
O5 NAG P . 8.21 -15.63 45.97
O6 NAG P . 11.72 -14.66 46.14
O7 NAG P . 5.36 -18.94 47.43
C1 BMA P . 11.95 -17.39 48.27
C2 BMA P . 12.84 -17.39 47.02
C3 BMA P . 13.87 -18.51 47.11
C4 BMA P . 14.60 -18.49 48.46
C5 BMA P . 13.60 -18.47 49.61
C6 BMA P . 14.27 -18.36 50.99
O2 BMA P . 13.57 -16.18 46.92
O3 BMA P . 14.80 -18.45 46.04
O4 BMA P . 15.44 -19.63 48.56
O5 BMA P . 12.74 -17.32 49.44
O6 BMA P . 13.36 -18.84 51.96
C1 NAG Q . 18.31 -7.62 23.90
C2 NAG Q . 18.92 -8.93 23.40
C3 NAG Q . 18.44 -10.10 24.25
C4 NAG Q . 18.73 -9.83 25.72
C5 NAG Q . 18.10 -8.50 26.12
C6 NAG Q . 18.43 -8.11 27.54
C7 NAG Q . 19.40 -9.82 21.17
C8 NAG Q . 18.90 -9.97 19.75
N2 NAG Q . 18.60 -9.15 22.00
O3 NAG Q . 19.12 -11.29 23.84
O4 NAG Q . 18.16 -10.86 26.53
O5 NAG Q . 18.61 -7.45 25.28
O6 NAG Q . 18.25 -6.71 27.73
O7 NAG Q . 20.46 -10.30 21.54
C1 NAG Q . 19.14 -11.57 27.31
C2 NAG Q . 18.41 -12.28 28.44
C3 NAG Q . 19.39 -13.09 29.27
C4 NAG Q . 20.19 -14.04 28.38
C5 NAG Q . 20.82 -13.27 27.23
C6 NAG Q . 21.50 -14.18 26.22
C7 NAG Q . 16.41 -11.06 29.21
C8 NAG Q . 15.88 -10.03 30.15
N2 NAG Q . 17.72 -11.31 29.29
O3 NAG Q . 18.68 -13.83 30.25
O4 NAG Q . 21.22 -14.65 29.14
O5 NAG Q . 19.82 -12.54 26.51
O6 NAG Q . 21.19 -13.81 24.89
O7 NAG Q . 15.68 -11.66 28.42
C1 BMA Q . 20.94 -15.96 29.68
C2 BMA Q . 22.21 -16.76 29.48
C3 BMA Q . 22.04 -18.18 30.07
C4 BMA Q . 21.52 -18.09 31.52
C5 BMA Q . 20.29 -17.18 31.62
C6 BMA Q . 19.85 -16.95 33.06
O2 BMA Q . 23.29 -16.18 30.18
O3 BMA Q . 23.24 -18.96 30.04
O4 BMA Q . 21.18 -19.39 31.96
O5 BMA Q . 20.61 -15.90 31.05
O6 BMA Q . 18.58 -16.31 33.05
C1 MAN Q . 23.76 -19.14 28.70
C2 MAN Q . 24.34 -20.57 28.57
C3 MAN Q . 25.59 -20.69 29.43
C4 MAN Q . 26.58 -19.58 29.08
C5 MAN Q . 25.92 -18.22 29.25
C6 MAN Q . 26.81 -17.07 28.83
O2 MAN Q . 24.76 -20.85 27.24
O3 MAN Q . 26.21 -21.96 29.26
O4 MAN Q . 27.71 -19.66 29.95
O5 MAN Q . 24.74 -18.16 28.42
O6 MAN Q . 25.99 -15.95 28.53
C1 NAG R . 38.48 -11.24 -21.90
C2 NAG R . 38.72 -9.95 -21.13
C3 NAG R . 39.69 -9.05 -21.89
C4 NAG R . 40.95 -9.81 -22.28
C5 NAG R . 40.60 -11.12 -22.98
C6 NAG R . 41.80 -11.98 -23.25
C7 NAG R . 36.79 -9.29 -19.75
C8 NAG R . 35.53 -8.49 -19.69
N2 NAG R . 37.46 -9.24 -20.90
O3 NAG R . 40.03 -7.93 -21.08
O4 NAG R . 41.73 -9.05 -23.19
O5 NAG R . 39.72 -11.88 -22.16
O6 NAG R . 41.42 -13.26 -23.72
O7 NAG R . 37.19 -9.96 -18.78
C1 NAG R . 42.83 -8.30 -22.62
C2 NAG R . 43.82 -8.03 -23.75
C3 NAG R . 44.97 -7.18 -23.24
C4 NAG R . 44.45 -5.91 -22.60
C5 NAG R . 43.44 -6.27 -21.51
C6 NAG R . 42.79 -5.05 -20.89
C7 NAG R . 44.06 -9.68 -25.56
C8 NAG R . 44.66 -11.00 -25.95
N2 NAG R . 44.31 -9.29 -24.31
O3 NAG R . 45.84 -6.86 -24.32
O4 NAG R . 45.51 -5.16 -22.04
O5 NAG R . 42.38 -7.07 -22.07
O6 NAG R . 43.75 -4.14 -20.40
O7 NAG R . 43.40 -9.01 -26.34
C1 BMA R . 45.79 -3.99 -22.85
C2 BMA R . 46.97 -3.24 -22.19
C3 BMA R . 47.38 -2.07 -23.07
C4 BMA R . 47.60 -2.51 -24.52
C5 BMA R . 46.37 -3.26 -25.04
C6 BMA R . 46.56 -3.78 -26.45
O2 BMA R . 48.10 -4.08 -22.07
O3 BMA R . 48.53 -1.41 -22.57
O4 BMA R . 47.86 -1.38 -25.35
O5 BMA R . 46.11 -4.37 -24.18
O6 BMA R . 45.41 -4.55 -26.79
C1 NAG S . 37.86 -26.72 -30.76
C2 NAG S . 38.57 -27.15 -32.04
C3 NAG S . 40.03 -27.51 -31.76
C4 NAG S . 40.72 -26.34 -31.08
C5 NAG S . 40.00 -26.04 -29.78
C6 NAG S . 40.59 -24.87 -29.03
C7 NAG S . 38.00 -28.54 -33.97
C8 NAG S . 37.22 -29.73 -34.46
N2 NAG S . 37.88 -28.26 -32.67
O3 NAG S . 40.69 -27.82 -32.98
O4 NAG S . 42.09 -26.66 -30.84
O5 NAG S . 38.64 -25.70 -30.06
O6 NAG S . 40.82 -23.76 -29.90
O7 NAG S . 38.70 -27.88 -34.73
C1 NAG S . 43.08 -25.84 -31.55
C2 NAG S . 44.28 -26.74 -31.83
C3 NAG S . 45.37 -25.97 -32.56
C4 NAG S . 44.80 -25.31 -33.81
C5 NAG S . 43.59 -24.45 -33.45
C6 NAG S . 42.91 -23.83 -34.64
C7 NAG S . 45.30 -26.62 -29.57
C8 NAG S . 45.81 -27.42 -28.41
N2 NAG S . 44.82 -27.33 -30.60
O3 NAG S . 46.42 -26.85 -32.93
O4 NAG S . 45.78 -24.48 -34.43
O5 NAG S . 42.61 -25.27 -32.79
O6 NAG S . 41.96 -22.86 -34.25
O7 NAG S . 45.33 -25.40 -29.58
C1 NAG T . 19.63 -24.79 -13.37
C2 NAG T . 20.13 -26.21 -13.29
C3 NAG T . 20.42 -26.57 -11.84
C4 NAG T . 21.17 -25.46 -11.09
C5 NAG T . 20.87 -24.03 -11.57
C6 NAG T . 22.00 -23.07 -11.26
C7 NAG T . 17.91 -27.30 -13.46
C8 NAG T . 17.09 -28.31 -14.19
N2 NAG T . 19.17 -27.15 -13.88
O3 NAG T . 21.18 -27.77 -11.80
O4 NAG T . 20.68 -25.53 -9.76
O5 NAG T . 20.65 -23.94 -12.98
O6 NAG T . 21.78 -21.80 -11.86
O7 NAG T . 17.45 -26.63 -12.53
C1 NAG T . 21.63 -25.68 -8.70
C2 NAG T . 20.81 -25.34 -7.46
C3 NAG T . 21.68 -25.45 -6.21
C4 NAG T . 22.29 -26.84 -6.13
C5 NAG T . 23.05 -27.15 -7.43
C6 NAG T . 23.59 -28.55 -7.48
C7 NAG T . 20.90 -22.89 -7.70
C8 NAG T . 20.07 -21.64 -7.80
N2 NAG T . 20.21 -24.02 -7.56
O3 NAG T . 20.87 -25.21 -5.07
O4 NAG T . 23.18 -26.94 -5.03
O5 NAG T . 22.18 -26.99 -8.56
O6 NAG T . 23.93 -28.93 -8.81
O7 NAG T . 22.12 -22.85 -7.75
C1 BMA T . 22.51 -27.35 -3.81
C2 BMA T . 23.62 -27.59 -2.76
C3 BMA T . 23.01 -27.83 -1.39
C4 BMA T . 22.01 -26.74 -1.03
C5 BMA T . 20.94 -26.66 -2.12
C6 BMA T . 19.91 -25.57 -1.85
O2 BMA T . 24.45 -26.44 -2.64
O3 BMA T . 24.00 -27.92 -0.38
O4 BMA T . 21.39 -27.01 0.21
O5 BMA T . 21.59 -26.36 -3.37
O6 BMA T . 19.71 -25.50 -0.44
C1 NAG U . 28.30 8.49 -8.45
C2 NAG U . 28.10 9.61 -9.48
C3 NAG U . 28.50 9.13 -10.87
C4 NAG U . 29.91 8.55 -10.84
C5 NAG U . 30.00 7.47 -9.78
C6 NAG U . 31.39 6.91 -9.62
C7 NAG U . 26.33 11.21 -10.08
C8 NAG U . 24.88 11.54 -9.98
N2 NAG U . 26.72 10.08 -9.48
O3 NAG U . 28.45 10.21 -11.79
O4 NAG U . 30.23 7.99 -12.11
O5 NAG U . 29.63 8.01 -8.51
O6 NAG U . 31.57 6.34 -8.34
O7 NAG U . 27.12 11.92 -10.68
C1 NAG U . 31.30 8.68 -12.80
C2 NAG U . 31.86 7.74 -13.84
C3 NAG U . 32.98 8.42 -14.63
C4 NAG U . 32.50 9.75 -15.19
C5 NAG U . 31.89 10.61 -14.09
C6 NAG U . 31.26 11.87 -14.61
C7 NAG U . 31.91 5.29 -13.56
C8 NAG U . 32.53 4.15 -12.81
N2 NAG U . 32.35 6.51 -13.24
O3 NAG U . 33.40 7.57 -15.69
O4 NAG U . 33.61 10.47 -15.72
O5 NAG U . 30.84 9.87 -13.42
O6 NAG U . 30.00 12.13 -13.99
O7 NAG U . 31.06 5.11 -14.42
C1 BMA U . 33.93 10.22 -17.11
C2 BMA U . 34.19 11.60 -17.71
C3 BMA U . 34.71 11.48 -19.14
C4 BMA U . 35.81 10.42 -19.27
C5 BMA U . 35.42 9.10 -18.58
C6 BMA U . 36.56 8.10 -18.57
O2 BMA U . 35.19 12.27 -16.98
O3 BMA U . 35.22 12.72 -19.64
O4 BMA U . 36.05 10.15 -20.65
O5 BMA U . 35.06 9.40 -17.22
O6 BMA U . 36.32 7.17 -17.51
C1 MAN U . 34.24 13.78 -19.65
C2 MAN U . 34.49 14.64 -20.90
C3 MAN U . 35.80 15.39 -20.76
C4 MAN U . 35.82 16.19 -19.45
C5 MAN U . 35.57 15.26 -18.26
C6 MAN U . 35.45 16.01 -16.94
O2 MAN U . 33.49 15.66 -21.04
O3 MAN U . 36.04 16.25 -21.86
O4 MAN U . 37.08 16.82 -19.28
O5 MAN U . 34.32 14.55 -18.46
O6 MAN U . 34.66 15.23 -16.06
C1 NAG V . -4.02 45.45 0.20
C2 NAG V . -3.33 45.21 1.54
C3 NAG V . -3.73 46.28 2.54
C4 NAG V . -3.43 47.67 1.98
C5 NAG V . -4.13 47.84 0.63
C6 NAG V . -3.76 49.14 -0.05
C7 NAG V . -2.85 42.83 1.93
C8 NAG V . -3.35 41.56 2.54
N2 NAG V . -3.65 43.89 2.06
O3 NAG V . -3.00 46.09 3.74
O4 NAG V . -3.96 48.66 2.86
O5 NAG V . -3.75 46.79 -0.26
O6 NAG V . -4.79 49.59 -0.91
O7 NAG V . -1.76 42.90 1.36
C1 NAG V . -2.96 49.37 3.61
C2 NAG V . -3.68 50.60 4.19
C3 NAG V . -2.73 51.37 5.09
C4 NAG V . -2.15 50.46 6.16
C5 NAG V . -1.46 49.28 5.48
C6 NAG V . -0.91 48.27 6.46
C7 NAG V . -5.49 51.64 2.90
C8 NAG V . -5.82 52.57 1.76
N2 NAG V . -4.19 51.45 3.13
O3 NAG V . -3.44 52.45 5.71
O4 NAG V . -1.21 51.18 6.96
O5 NAG V . -2.41 48.59 4.66
O6 NAG V . 0.25 48.76 7.12
O7 NAG V . -6.36 51.12 3.58
C1 BMA V . -1.81 51.68 8.19
C2 BMA V . -1.61 50.60 9.27
C3 BMA V . -2.09 51.12 10.63
C4 BMA V . -1.51 52.51 10.93
C5 BMA V . -1.79 53.46 9.77
C6 BMA V . -1.19 54.84 9.97
O2 BMA V . -0.24 50.28 9.42
O3 BMA V . -1.76 50.22 11.68
O4 BMA V . -2.09 53.03 12.12
O5 BMA V . -1.20 52.89 8.59
O6 BMA V . -1.78 55.73 9.03
C1 NAG W . -14.38 52.50 -13.58
C2 NAG W . -15.52 53.54 -13.80
C3 NAG W . -14.99 54.97 -13.79
C4 NAG W . -14.21 55.23 -12.50
C5 NAG W . -13.03 54.28 -12.48
C6 NAG W . -12.15 54.42 -11.27
C7 NAG W . -17.51 53.20 -15.21
C8 NAG W . -18.01 52.92 -16.59
N2 NAG W . -16.19 53.27 -15.07
O3 NAG W . -16.08 55.87 -13.88
O4 NAG W . -13.80 56.58 -12.45
O5 NAG W . -13.53 52.94 -12.47
O6 NAG W . -12.92 54.55 -10.08
O7 NAG W . -18.29 53.35 -14.26
C1 NAG W . -13.72 57.21 -11.13
C2 NAG W . -13.77 58.74 -11.34
C3 NAG W . -13.68 59.47 -10.00
C4 NAG W . -14.74 58.95 -9.04
C5 NAG W . -14.66 57.43 -8.92
C6 NAG W . -15.75 56.84 -8.06
C7 NAG W . -11.42 59.04 -12.02
C8 NAG W . -10.51 59.58 -13.09
N2 NAG W . -12.73 59.19 -12.26
O3 NAG W . -13.86 60.86 -10.22
O4 NAG W . -14.56 59.53 -7.76
O5 NAG W . -14.78 56.83 -10.22
O6 NAG W . -15.76 55.42 -8.15
O7 NAG W . -10.99 58.50 -11.02
C1 NAG X . -12.88 -20.54 52.13
C2 NAG X . -13.03 -22.03 52.42
C3 NAG X . -12.27 -22.39 53.71
C4 NAG X . -10.85 -21.86 53.69
C5 NAG X . -10.83 -20.38 53.33
C6 NAG X . -9.44 -19.81 53.18
C7 NAG X . -14.87 -23.64 52.68
C8 NAG X . -16.35 -23.81 52.79
N2 NAG X . -14.43 -22.39 52.54
O3 NAG X . -12.23 -23.81 53.89
O4 NAG X . -10.23 -22.04 54.96
O5 NAG X . -11.49 -20.19 52.07
O6 NAG X . -8.89 -19.47 54.44
O7 NAG X . -14.10 -24.60 52.72
C1 NAG Y . 24.03 14.92 29.09
C2 NAG Y . 24.18 13.43 28.85
C3 NAG Y . 25.64 13.01 29.02
C4 NAG Y . 26.55 13.88 28.15
C5 NAG Y . 26.29 15.34 28.44
C6 NAG Y . 27.08 16.28 27.56
C7 NAG Y . 22.08 12.29 29.44
C8 NAG Y . 21.36 11.52 30.50
N2 NAG Y . 23.33 12.67 29.75
O3 NAG Y . 25.78 11.64 28.65
O4 NAG Y . 27.91 13.58 28.43
O5 NAG Y . 24.90 15.64 28.22
O6 NAG Y . 28.22 16.78 28.24
O7 NAG Y . 21.56 12.58 28.37
C1 NAG Z . -27.24 -32.70 24.95
C2 NAG Z . -28.74 -32.92 24.76
C3 NAG Z . -29.20 -34.18 25.48
C4 NAG Z . -28.34 -35.36 25.09
C5 NAG Z . -26.86 -35.03 25.25
C6 NAG Z . -25.95 -36.13 24.74
C7 NAG Z . -29.55 -31.36 26.48
C8 NAG Z . -30.38 -30.15 26.75
N2 NAG Z . -29.50 -31.76 25.21
O3 NAG Z . -30.56 -34.43 25.18
O4 NAG Z . -28.65 -36.48 25.91
O5 NAG Z . -26.53 -33.85 24.51
O6 NAG Z . -25.91 -37.23 25.63
O7 NAG Z . -28.94 -31.95 27.37
C1 NAG AA . -34.12 -24.63 20.46
C2 NAG AA . -34.78 -25.45 21.55
C3 NAG AA . -36.05 -24.76 22.05
C4 NAG AA . -35.73 -23.34 22.47
C5 NAG AA . -35.02 -22.60 21.34
C6 NAG AA . -34.57 -21.21 21.72
C7 NAG AA . -34.73 -27.90 21.77
C8 NAG AA . -34.00 -27.68 23.06
N2 NAG AA . -35.08 -26.80 21.09
O3 NAG AA . -36.58 -25.48 23.15
O4 NAG AA . -36.93 -22.64 22.80
O5 NAG AA . -33.85 -23.32 20.94
O6 NAG AA . -35.67 -20.33 21.87
O7 NAG AA . -34.99 -29.02 21.36
C1 NAG BA . -0.46 -22.50 49.70
C2 NAG BA . 0.77 -21.62 49.58
C3 NAG BA . 1.91 -22.19 50.41
C4 NAG BA . 1.46 -22.43 51.84
C5 NAG BA . 0.20 -23.28 51.87
C6 NAG BA . -0.37 -23.46 53.25
C7 NAG BA . 0.69 -20.51 47.39
C8 NAG BA . 1.22 -20.50 45.99
N2 NAG BA . 1.17 -21.47 48.19
O3 NAG BA . 3.01 -21.28 50.38
O4 NAG BA . 2.49 -23.09 52.56
O5 NAG BA . -0.82 -22.66 51.08
O6 NAG BA . 0.66 -23.51 54.22
O7 NAG BA . -0.13 -19.68 47.78
C1 MAN CA . 15.12 -16.86 32.88
C2 MAN CA . 13.76 -16.46 32.28
C3 MAN CA . 13.96 -15.41 31.19
C4 MAN CA . 14.83 -14.26 31.69
C5 MAN CA . 16.17 -14.82 32.20
C6 MAN CA . 17.06 -13.76 32.79
O2 MAN CA . 12.93 -15.83 33.25
O3 MAN CA . 12.71 -14.90 30.71
O4 MAN CA . 15.08 -13.36 30.63
O5 MAN CA . 15.91 -15.76 33.24
O6 MAN CA . 17.95 -14.41 33.69
C1 NAG DA . 37.80 6.78 12.71
C2 NAG DA . 37.41 6.98 11.23
C3 NAG DA . 38.43 7.88 10.51
C4 NAG DA . 38.63 9.17 11.29
C5 NAG DA . 38.99 8.86 12.75
C6 NAG DA . 39.12 10.09 13.60
C7 NAG DA . 38.11 4.74 10.31
C8 NAG DA . 39.49 4.96 10.85
N2 NAG DA . 37.20 5.73 10.52
O3 NAG DA . 37.94 8.17 9.21
O4 NAG DA . 39.68 9.93 10.70
O5 NAG DA . 37.96 8.05 13.33
O6 NAG DA . 39.94 9.84 14.74
O7 NAG DA . 37.82 3.74 9.68
C1 NAG EA . 0.78 -32.29 -33.69
C2 NAG EA . 1.32 -33.20 -34.80
C3 NAG EA . 1.21 -34.66 -34.38
C4 NAG EA . 1.88 -34.88 -33.04
C5 NAG EA . 1.34 -33.89 -32.01
C6 NAG EA . 2.06 -33.97 -30.67
C7 NAG EA . 1.27 -32.64 -37.18
C8 NAG EA . 2.75 -32.53 -37.10
N2 NAG EA . 0.63 -32.97 -36.05
O3 NAG EA . 1.82 -35.48 -35.36
O4 NAG EA . 1.65 -36.20 -32.58
O5 NAG EA . 1.48 -32.54 -32.48
O6 NAG EA . 1.86 -35.23 -30.05
O7 NAG EA . 0.66 -32.47 -38.24
C1 NAG FA . 7.21 -26.04 -41.13
C2 NAG FA . 5.97 -26.78 -41.63
C3 NAG FA . 6.16 -27.18 -43.09
C4 NAG FA . 6.53 -25.96 -43.93
C5 NAG FA . 7.73 -25.25 -43.33
C6 NAG FA . 8.08 -23.97 -44.03
C7 NAG FA . 6.52 -28.96 -40.66
C8 NAG FA . 6.04 -30.08 -39.77
N2 NAG FA . 5.68 -27.93 -40.80
O3 NAG FA . 4.95 -27.75 -43.57
O4 NAG FA . 6.84 -26.37 -45.25
O5 NAG FA . 7.47 -24.91 -41.95
O6 NAG FA . 8.43 -24.21 -45.39
O7 NAG FA . 7.61 -28.99 -41.21
C1 NAG GA . 41.77 -15.07 -31.47
C2 NAG GA . 42.35 -14.22 -30.34
C3 NAG GA . 43.52 -13.40 -30.85
C4 NAG GA . 44.55 -14.32 -31.52
C5 NAG GA . 43.88 -15.15 -32.60
C6 NAG GA . 44.81 -16.15 -33.24
C7 NAG GA . 40.66 -13.60 -28.65
C8 NAG GA . 39.66 -12.58 -28.22
N2 NAG GA . 41.33 -13.34 -29.78
O3 NAG GA . 44.13 -12.71 -29.77
O4 NAG GA . 45.59 -13.53 -32.11
O5 NAG GA . 42.79 -15.90 -32.02
O6 NAG GA . 46.13 -15.63 -33.34
O7 NAG GA . 40.85 -14.64 -28.01
C1 MAN HA . 35.06 2.91 -17.30
C2 MAN HA . 35.41 4.04 -18.28
C3 MAN HA . 34.34 5.12 -18.25
C4 MAN HA . 32.94 4.52 -18.36
C5 MAN HA . 32.73 3.48 -17.28
C6 MAN HA . 31.38 2.80 -17.37
O2 MAN HA . 35.44 3.58 -19.62
O3 MAN HA . 34.55 6.06 -19.29
O4 MAN HA . 31.97 5.54 -18.21
O5 MAN HA . 33.73 2.46 -17.45
O6 MAN HA . 31.35 2.07 -18.58
C1 NAG IA . 28.42 26.44 10.22
C2 NAG IA . 27.02 26.60 10.82
C3 NAG IA . 27.07 27.42 12.11
C4 NAG IA . 28.08 26.83 13.08
C5 NAG IA . 29.44 26.68 12.38
C6 NAG IA . 30.48 26.02 13.24
C7 NAG IA . 26.09 28.35 9.26
C8 NAG IA . 27.26 29.25 9.58
N2 NAG IA . 26.06 27.15 9.87
O3 NAG IA . 25.78 27.43 12.72
O4 NAG IA . 28.23 27.67 14.21
O5 NAG IA . 29.30 25.87 11.20
O6 NAG IA . 31.71 26.74 13.20
O7 NAG IA . 25.21 28.70 8.47
C1 NAG JA . -36.45 29.66 -15.97
C2 NAG JA . -37.45 28.86 -16.80
C3 NAG JA . -38.82 29.53 -16.76
C4 NAG JA . -39.25 29.73 -15.31
C5 NAG JA . -38.18 30.47 -14.53
C6 NAG JA . -38.49 30.58 -13.05
C7 NAG JA . -36.56 27.57 -18.69
C8 NAG JA . -36.13 27.61 -20.12
N2 NAG JA . -36.99 28.73 -18.18
O3 NAG JA . -39.76 28.73 -17.45
O4 NAG JA . -40.46 30.48 -15.27
O5 NAG JA . -36.93 29.76 -14.63
O6 NAG JA . -39.76 31.17 -12.84
O7 NAG JA . -36.53 26.54 -18.03
C1 NAG KA . -33.15 22.19 -24.35
C2 NAG KA . -34.01 23.29 -24.95
C3 NAG KA . -33.83 23.33 -26.46
C4 NAG KA . -32.35 23.48 -26.82
C5 NAG KA . -31.54 22.38 -26.12
C6 NAG KA . -30.05 22.55 -26.31
C7 NAG KA . -36.12 24.03 -23.95
C8 NAG KA . -35.39 25.27 -23.54
N2 NAG KA . -35.42 23.12 -24.61
O3 NAG KA . -34.56 24.42 -27.01
O4 NAG KA . -32.17 23.37 -28.22
O5 NAG KA . -31.78 22.41 -24.70
O6 NAG KA . -29.68 22.38 -27.66
O7 NAG KA . -37.31 23.85 -23.68
C1 NAG LA . -11.66 53.33 -1.02
C2 NAG LA . -10.37 53.15 -0.21
C3 NAG LA . -10.28 54.22 0.86
C4 NAG LA . -10.45 55.61 0.26
C5 NAG LA . -11.73 55.67 -0.55
C6 NAG LA . -11.91 56.99 -1.27
C7 NAG LA . -9.59 50.82 -0.18
C8 NAG LA . -9.62 49.52 0.57
N2 NAG LA . -10.29 51.83 0.36
O3 NAG LA . -9.01 54.12 1.52
O4 NAG LA . -10.50 56.58 1.30
O5 NAG LA . -11.72 54.65 -1.56
O6 NAG LA . -11.64 58.09 -0.41
O7 NAG LA . -8.97 50.95 -1.23
C1 MAN MA . -1.39 37.67 12.04
C2 MAN MA . -0.98 37.77 13.53
C3 MAN MA . -0.33 36.47 14.01
C4 MAN MA . -1.16 35.26 13.57
C5 MAN MA . -1.31 35.28 12.06
C6 MAN MA . -2.10 34.11 11.53
O2 MAN MA . -2.11 37.96 14.37
O3 MAN MA . -0.19 36.46 15.42
O4 MAN MA . -0.51 34.08 13.96
O5 MAN MA . -2.03 36.47 11.70
O6 MAN MA . -3.45 34.51 11.43
#